data_1NBM
#
_entry.id   1NBM
#
_cell.length_a   281.000
_cell.length_b   106.600
_cell.length_c   138.800
_cell.angle_alpha   90.00
_cell.angle_beta   90.00
_cell.angle_gamma   90.00
#
_symmetry.space_group_name_H-M   'P 21 21 21'
#
loop_
_entity.id
_entity.type
_entity.pdbx_description
1 polymer F1-ATPASE
2 polymer F1-ATPASE
3 polymer F1-ATPASE
4 polymer F1-ATPASE
5 non-polymer 'MAGNESIUM ION'
6 non-polymer "ADENOSINE-5'-TRIPHOSPHATE"
7 non-polymer "ADENOSINE-5'-DIPHOSPHATE"
8 non-polymer 'PHOSPHATE ION'
9 water water
#
loop_
_entity_poly.entity_id
_entity_poly.type
_entity_poly.pdbx_seq_one_letter_code
_entity_poly.pdbx_strand_id
1 'polypeptide(L)'
;QKTGTAEVSSILEERILGADTSVDLEETGRVLSIGDGIARVHGLRNVQAEEMVEFSSGLKGMSLNLEPDNVGVVVFGNDK
LIKEGDIVKRTGAIVDVPVGEELLGRVVDALGNAIDGKGPIGSKARRRVGLKAPGIIPRISVREPMQTGIKAVDSLVPIG
RGQRELIIGDRQTGKTSIAIDTIINQKRFNDGTDEKKKLYCIYVAIGQKRSTVAQLVKRLTDADAMKYTIVVSATASDAA
PLQYLAPYSGCSMGEYFRDNGKHALIIYDDLSKQAVAYRQMSLLLRRPPGREAYPGDVFYLHSRLLERAAKMNDAFGGGS
LTALPVIETQAGDVSAYIPTNVISITDGQIFLETELFYKGIRPAINVGLSVSRVGSAAQTRAMKQVAGTMKLELAQYREV
AAFAQFGSDLDAATQQLLSRGVRLTELLKQGQYSPMAIEEQVAVIYAGVRGYLDKLEPSKITKFENAFLSHVISQHQALL
GKIRTDGKISEESDAKLKEIVTNFLAGFEA
;
A,B,C
2 'polypeptide(L)'
;AAQASPSPKAGATTGRIVAVIGAVVDVQFDEGLPPILNALEVQGRETRLVLEVAQHLGESTVRTIAMDGTEGLVRGQKVL
DSGAPIRIPVGPETLGRIMNVIGEPIDERGPIKTKQFAAIHAEAPEFVEMSVEQEILVTGIKVVDLLAPYAKGGKIGLFG
GAGVGKTVLIMELINNVAKAHGGYSVFAGVGERTREGNDLYHEMIESGVINLKDATSKVALVYGQMNEPPGARARVALTG
LTVAEYFRDQEGQDVLLFIDNIFRFTQAGSEVSALLGRIPSAVGYQPTLATDMGTMQERITTTKKGSITSVQAIYVPADD
LTDPAPATTFAHLDATTVLSRAIAELGIYPAVDPLDSTSRIMDPNIVGSEHYDVARGVQKILQDYKSLQDIIAILGMDEL
SEEDKLTVSRARKIQRFLSQPFQVAEVFTGHLGKLVPLKETIKGFQQILAGEYDHLPEQAFYMVGPIEEAVAKADKLAEE
;
D,F
3 'polypeptide(L)'
;AAQASPSPKAGATTGRIVAVIGAVVDVQFDEGLPPILNALEVQGRETRLVLEVAQHLGESTVRTIAMDGTEGLVRGQKVL
DSGAPIRIPVGPETLGRIMNVIGEPIDERGPIKTKQFAAIHAEAPEFVEMSVEQEILVTGIKVVDLLAPYAKGGKIGLFG
GAGVGKTVLIMELINNVAKAHGGYSVFAGVGERTREGNDLYHEMIESGVINLKDATSKVALVYGQMNEPPGARARVALTG
LTVAEYFRDQEGQDVLLFIDNIFRFTQAGSEVSALLGRIPSAVGYQPTLATDMGTMQERITTTKKGSITSVQAI(TYN)V
PADDLTDPAPATTFAHLDATTVLSRAIAELGIYPAVDPLDSTSRIMDPNIVGSEHYDVARGVQKILQDYKSLQDIIAILG
MDELSEEDKLTVSRARKIQRFLSQPFQVAEVFTGHLGKLVPLKETIKGFQQILAGEYDHLPEQAFYMVGPIEEAVAKADK
LAEE
;
E
4 'polypeptide(L)'
;ATLKDITRRLKSIKNIQKITKSMKMVAAAKYARAERELKPARVYGVGSLALYEKADIKTPEDKKKHLIIGVSSDRGLCGA
IHSSVAKQMKSEAANLAAAGKEVKIIGVGDKIRSILHRTHSDQFLVTFKEVGRRPPTFGDASVIALELLNSGYEFDEGSI
IFNRFRSVISYKTEEKPIFSLDTISSAESMSIYDDIDADVLRNYQEYSLANIIYYSLKESTTSEQSARMTAMDNASKNAS
EMIDKLTLTFNRTRQAVITKELIEIISGAAAL
;
G
#
loop_
_chem_comp.id
_chem_comp.type
_chem_comp.name
_chem_comp.formula
ADP non-polymer ADENOSINE-5'-DIPHOSPHATE 'C10 H15 N5 O10 P2'
ATP non-polymer ADENOSINE-5'-TRIPHOSPHATE 'C10 H16 N5 O13 P3'
MG non-polymer 'MAGNESIUM ION' 'Mg 2'
PO4 non-polymer 'PHOSPHATE ION' 'O4 P -3'
#
# COMPACT_ATOMS: atom_id res chain seq x y z
N ASP A 24 35.63 -2.63 38.43
CA ASP A 24 35.06 -1.70 39.44
C ASP A 24 33.76 -1.14 38.89
N LEU A 25 32.64 -1.82 39.17
CA LEU A 25 31.32 -1.41 38.72
C LEU A 25 31.03 -0.05 39.34
N GLU A 26 31.55 1.00 38.72
CA GLU A 26 31.36 2.36 39.21
C GLU A 26 31.91 3.30 38.15
N GLU A 27 33.23 3.25 37.96
CA GLU A 27 33.89 4.10 36.97
C GLU A 27 34.36 3.22 35.81
N THR A 28 34.35 1.91 36.02
CA THR A 28 34.77 0.98 34.98
C THR A 28 33.66 -0.05 34.77
N GLY A 29 33.84 -0.88 33.74
CA GLY A 29 32.88 -1.91 33.42
C GLY A 29 33.54 -2.94 32.55
N ARG A 30 32.85 -4.05 32.28
CA ARG A 30 33.39 -5.08 31.43
C ARG A 30 32.36 -5.38 30.33
N VAL A 31 32.82 -5.44 29.09
CA VAL A 31 31.94 -5.71 27.96
C VAL A 31 31.36 -7.12 28.08
N LEU A 32 30.04 -7.20 28.14
CA LEU A 32 29.33 -8.48 28.23
C LEU A 32 29.28 -9.07 26.83
N SER A 33 28.85 -8.26 25.88
CA SER A 33 28.73 -8.70 24.51
C SER A 33 29.04 -7.53 23.59
N ILE A 34 29.51 -7.84 22.38
CA ILE A 34 29.85 -6.83 21.39
C ILE A 34 29.48 -7.39 20.02
N GLY A 35 28.81 -6.57 19.22
CA GLY A 35 28.41 -6.97 17.89
C GLY A 35 27.54 -5.91 17.25
N ASP A 36 27.75 -5.67 15.96
CA ASP A 36 26.98 -4.69 15.20
C ASP A 36 27.12 -3.31 15.87
N GLY A 37 28.34 -2.99 16.32
CA GLY A 37 28.58 -1.71 16.94
C GLY A 37 28.01 -1.49 18.34
N ILE A 38 27.19 -2.42 18.82
CA ILE A 38 26.62 -2.29 20.14
C ILE A 38 27.48 -3.10 21.09
N ALA A 39 27.85 -2.48 22.21
CA ALA A 39 28.67 -3.14 23.22
C ALA A 39 27.92 -3.01 24.54
N ARG A 40 27.43 -4.14 25.05
CA ARG A 40 26.68 -4.14 26.31
C ARG A 40 27.71 -4.16 27.44
N VAL A 41 28.11 -2.99 27.90
CA VAL A 41 29.07 -2.90 28.98
C VAL A 41 28.35 -3.20 30.29
N HIS A 42 29.02 -3.95 31.17
CA HIS A 42 28.46 -4.32 32.46
C HIS A 42 29.18 -3.49 33.52
N GLY A 43 28.42 -2.61 34.19
CA GLY A 43 28.99 -1.76 35.22
C GLY A 43 28.69 -0.31 34.92
N LEU A 44 29.70 0.54 35.02
CA LEU A 44 29.59 1.98 34.75
C LEU A 44 28.33 2.54 35.41
N ARG A 45 28.13 2.20 36.68
CA ARG A 45 26.94 2.64 37.42
C ARG A 45 26.96 4.15 37.67
N ASN A 46 27.99 4.84 37.21
CA ASN A 46 28.06 6.29 37.42
C ASN A 46 28.14 7.03 36.10
N VAL A 47 27.88 6.34 34.99
CA VAL A 47 27.91 7.01 33.69
C VAL A 47 26.64 7.81 33.53
N GLN A 48 26.70 8.83 32.70
CA GLN A 48 25.56 9.68 32.43
C GLN A 48 25.07 9.29 31.05
N ALA A 49 23.81 9.60 30.76
CA ALA A 49 23.23 9.28 29.47
C ALA A 49 23.95 10.12 28.41
N GLU A 50 24.39 9.43 27.34
CA GLU A 50 25.07 10.06 26.20
C GLU A 50 26.50 10.45 26.57
N GLU A 51 27.09 9.77 27.56
CA GLU A 51 28.46 10.10 27.98
C GLU A 51 29.45 9.28 27.14
N MET A 52 30.63 9.85 26.90
CA MET A 52 31.68 9.19 26.13
C MET A 52 32.48 8.29 27.07
N VAL A 53 32.80 7.09 26.60
CA VAL A 53 33.57 6.13 27.37
C VAL A 53 34.69 5.64 26.46
N GLU A 54 35.71 5.01 27.04
CA GLU A 54 36.83 4.50 26.27
C GLU A 54 36.97 3.01 26.55
N PHE A 55 37.18 2.24 25.49
CA PHE A 55 37.34 0.80 25.60
C PHE A 55 38.83 0.53 25.82
N SER A 56 39.17 -0.74 26.07
CA SER A 56 40.55 -1.14 26.30
C SER A 56 41.39 -0.87 25.04
N SER A 57 40.75 -0.89 23.88
CA SER A 57 41.44 -0.65 22.62
C SER A 57 41.65 0.85 22.41
N GLY A 58 41.11 1.67 23.31
CA GLY A 58 41.24 3.10 23.19
C GLY A 58 40.14 3.73 22.36
N LEU A 59 39.28 2.89 21.79
CA LEU A 59 38.17 3.38 20.97
C LEU A 59 37.17 4.08 21.89
N LYS A 60 36.54 5.11 21.37
CA LYS A 60 35.56 5.87 22.11
C LYS A 60 34.19 5.22 21.87
N GLY A 61 33.23 5.58 22.71
CA GLY A 61 31.89 5.06 22.60
C GLY A 61 30.94 5.98 23.33
N MET A 62 29.64 5.86 23.06
CA MET A 62 28.66 6.72 23.72
C MET A 62 27.58 5.83 24.33
N SER A 63 27.37 6.00 25.64
CA SER A 63 26.38 5.23 26.38
C SER A 63 25.00 5.82 26.06
N LEU A 64 24.36 5.28 25.02
CA LEU A 64 23.04 5.75 24.61
C LEU A 64 21.97 5.08 25.45
N ASN A 65 22.19 3.83 25.84
CA ASN A 65 21.21 3.10 26.63
C ASN A 65 21.74 2.85 28.03
N LEU A 66 20.95 3.26 29.03
CA LEU A 66 21.30 3.05 30.42
C LEU A 66 20.26 2.06 30.94
N GLU A 67 20.60 0.77 30.91
CA GLU A 67 19.70 -0.26 31.35
C GLU A 67 20.18 -0.77 32.72
N PRO A 68 19.25 -1.30 33.53
CA PRO A 68 19.51 -1.82 34.87
C PRO A 68 20.72 -2.73 35.05
N ASP A 69 21.00 -3.59 34.07
CA ASP A 69 22.12 -4.53 34.21
C ASP A 69 23.20 -4.28 33.16
N ASN A 70 23.03 -3.28 32.30
CA ASN A 70 24.03 -3.05 31.25
C ASN A 70 23.89 -1.64 30.71
N VAL A 71 24.96 -1.17 30.09
CA VAL A 71 25.02 0.15 29.49
C VAL A 71 25.21 -0.08 28.00
N GLY A 72 24.19 0.20 27.21
CA GLY A 72 24.27 0.02 25.77
C GLY A 72 25.15 1.11 25.18
N VAL A 73 26.38 0.76 24.85
CA VAL A 73 27.33 1.72 24.30
C VAL A 73 27.45 1.52 22.79
N VAL A 74 27.42 2.64 22.07
CA VAL A 74 27.54 2.63 20.62
C VAL A 74 29.02 2.91 20.30
N VAL A 75 29.65 1.97 19.61
CA VAL A 75 31.07 2.06 19.26
C VAL A 75 31.29 3.12 18.19
N PHE A 76 32.30 3.97 18.42
CA PHE A 76 32.66 5.01 17.48
C PHE A 76 33.79 4.46 16.61
N GLY A 77 33.55 3.31 15.99
CA GLY A 77 34.57 2.72 15.15
C GLY A 77 34.40 1.23 14.93
N ASN A 78 35.37 0.62 14.26
CA ASN A 78 35.34 -0.81 13.96
C ASN A 78 35.44 -1.54 15.29
N ASP A 79 34.38 -2.24 15.67
CA ASP A 79 34.34 -2.95 16.93
C ASP A 79 35.18 -4.24 16.88
N LYS A 80 36.04 -4.36 15.86
CA LYS A 80 36.92 -5.52 15.73
C LYS A 80 37.85 -5.51 16.94
N LEU A 81 38.19 -4.30 17.39
CA LEU A 81 39.09 -4.10 18.51
C LEU A 81 38.30 -4.12 19.83
N ILE A 82 37.21 -4.88 19.88
CA ILE A 82 36.42 -4.97 21.10
C ILE A 82 36.01 -6.42 21.31
N LYS A 83 36.26 -6.93 22.51
CA LYS A 83 35.92 -8.31 22.84
C LYS A 83 35.20 -8.32 24.18
N GLU A 84 34.88 -9.52 24.66
CA GLU A 84 34.19 -9.70 25.91
C GLU A 84 35.22 -9.44 27.01
N GLY A 85 34.78 -8.86 28.12
CA GLY A 85 35.68 -8.58 29.23
C GLY A 85 36.53 -7.34 29.02
N ASP A 86 36.32 -6.63 27.92
CA ASP A 86 37.08 -5.41 27.64
C ASP A 86 36.72 -4.39 28.71
N ILE A 87 37.73 -3.91 29.42
CA ILE A 87 37.54 -2.94 30.47
C ILE A 87 37.19 -1.61 29.80
N VAL A 88 36.04 -1.06 30.18
CA VAL A 88 35.59 0.21 29.66
C VAL A 88 35.67 1.18 30.83
N LYS A 89 36.23 2.36 30.59
CA LYS A 89 36.38 3.36 31.65
C LYS A 89 35.72 4.64 31.18
N ARG A 90 35.30 5.46 32.15
CA ARG A 90 34.66 6.74 31.85
C ARG A 90 35.77 7.73 31.53
N THR A 91 35.54 8.56 30.51
CA THR A 91 36.50 9.58 30.12
C THR A 91 36.20 10.83 30.95
N GLY A 92 34.92 11.15 31.05
CA GLY A 92 34.50 12.31 31.82
C GLY A 92 33.93 13.41 30.94
N ALA A 93 34.70 13.82 29.93
CA ALA A 93 34.27 14.87 29.02
C ALA A 93 33.21 14.32 28.08
N ILE A 94 32.22 15.15 27.75
CA ILE A 94 31.15 14.75 26.84
C ILE A 94 31.60 15.16 25.44
N VAL A 95 30.78 14.83 24.44
CA VAL A 95 31.10 15.12 23.05
C VAL A 95 31.07 16.63 22.82
N ASP A 96 32.24 17.19 22.49
CA ASP A 96 32.38 18.61 22.21
C ASP A 96 33.44 18.71 21.12
N VAL A 97 33.28 19.69 20.22
CA VAL A 97 34.21 19.87 19.12
C VAL A 97 34.79 21.27 19.15
N PRO A 98 36.05 21.43 18.68
CA PRO A 98 36.72 22.73 18.66
C PRO A 98 36.02 23.64 17.65
N VAL A 99 35.99 24.93 17.92
CA VAL A 99 35.34 25.86 17.02
C VAL A 99 36.13 27.17 17.00
N GLY A 100 36.18 27.78 15.82
CA GLY A 100 36.88 29.03 15.64
C GLY A 100 37.18 29.27 14.17
N GLU A 101 37.66 30.46 13.84
CA GLU A 101 37.99 30.79 12.45
C GLU A 101 39.17 29.95 11.98
N GLU A 102 39.85 29.30 12.92
CA GLU A 102 41.02 28.46 12.60
C GLU A 102 40.54 27.18 11.90
N LEU A 103 39.23 27.03 11.71
CA LEU A 103 38.68 25.85 11.05
C LEU A 103 38.32 26.21 9.61
N LEU A 104 38.32 27.49 9.28
CA LEU A 104 37.99 27.95 7.93
C LEU A 104 39.04 27.40 6.98
N GLY A 105 38.58 26.80 5.89
CA GLY A 105 39.49 26.23 4.91
C GLY A 105 40.06 24.90 5.35
N ARG A 106 39.41 24.27 6.32
CA ARG A 106 39.86 22.99 6.83
C ARG A 106 38.75 21.96 6.67
N VAL A 107 39.17 20.72 6.46
CA VAL A 107 38.24 19.60 6.33
C VAL A 107 38.42 18.80 7.61
N VAL A 108 37.36 18.68 8.39
CA VAL A 108 37.41 17.97 9.66
C VAL A 108 36.32 16.90 9.67
N ASP A 109 36.52 15.88 10.50
CA ASP A 109 35.55 14.81 10.61
C ASP A 109 34.44 15.26 11.57
N ALA A 110 33.54 14.34 11.89
CA ALA A 110 32.42 14.62 12.78
C ALA A 110 32.91 15.10 14.14
N LEU A 111 34.09 14.65 14.56
CA LEU A 111 34.63 15.05 15.86
C LEU A 111 35.64 16.19 15.70
N GLY A 112 35.48 17.01 14.65
CA GLY A 112 36.39 18.12 14.45
C GLY A 112 37.85 17.82 14.11
N ASN A 113 38.27 16.57 14.27
CA ASN A 113 39.65 16.17 13.98
C ASN A 113 39.94 16.46 12.50
N ALA A 114 41.04 17.16 12.24
CA ALA A 114 41.45 17.53 10.90
C ALA A 114 41.72 16.26 10.11
N ILE A 115 41.14 16.18 8.91
CA ILE A 115 41.32 15.01 8.05
C ILE A 115 41.88 15.47 6.70
N ASP A 116 42.21 16.76 6.59
CA ASP A 116 42.74 17.30 5.34
C ASP A 116 44.28 17.18 5.36
N GLY A 117 44.80 16.56 6.42
CA GLY A 117 46.23 16.36 6.52
C GLY A 117 47.15 17.57 6.68
N LYS A 118 46.64 18.78 6.48
CA LYS A 118 47.44 19.99 6.60
C LYS A 118 47.61 20.33 8.09
N GLY A 119 48.32 19.46 8.80
CA GLY A 119 48.56 19.66 10.23
C GLY A 119 47.32 19.75 11.08
N PRO A 120 47.48 19.99 12.39
CA PRO A 120 46.36 20.10 13.33
C PRO A 120 45.76 21.51 13.29
N ILE A 121 44.49 21.62 13.70
CA ILE A 121 43.81 22.90 13.73
C ILE A 121 44.09 23.53 15.09
N GLY A 122 44.09 24.87 15.13
CA GLY A 122 44.33 25.56 16.37
C GLY A 122 43.13 25.49 17.30
N SER A 123 42.96 24.35 17.96
CA SER A 123 41.84 24.15 18.88
C SER A 123 41.99 25.12 20.05
N LYS A 124 41.43 26.31 19.91
CA LYS A 124 41.50 27.33 20.95
C LYS A 124 40.22 27.25 21.77
N ALA A 125 39.09 27.46 21.11
CA ALA A 125 37.80 27.40 21.78
C ALA A 125 37.16 26.09 21.40
N ARG A 126 36.34 25.53 22.29
CA ARG A 126 35.66 24.27 22.03
C ARG A 126 34.24 24.41 22.54
N ARG A 127 33.28 24.01 21.72
CA ARG A 127 31.87 24.09 22.06
C ARG A 127 31.29 22.69 22.04
N ARG A 128 30.27 22.44 22.85
CA ARG A 128 29.63 21.13 22.91
C ARG A 128 28.76 20.95 21.68
N VAL A 129 28.68 19.72 21.19
CA VAL A 129 27.88 19.41 20.02
C VAL A 129 26.41 19.45 20.42
N GLY A 130 26.11 19.01 21.65
CA GLY A 130 24.74 18.99 22.12
C GLY A 130 24.41 20.18 23.01
N LEU A 131 23.76 21.18 22.43
CA LEU A 131 23.37 22.38 23.15
C LEU A 131 21.95 22.73 22.75
N LYS A 132 21.21 23.34 23.66
CA LYS A 132 19.83 23.73 23.42
C LYS A 132 19.84 24.91 22.45
N ALA A 133 18.81 24.99 21.61
CA ALA A 133 18.71 26.08 20.63
C ALA A 133 18.47 27.37 21.40
N PRO A 134 18.88 28.51 20.81
CA PRO A 134 18.70 29.80 21.48
C PRO A 134 17.22 30.06 21.78
N GLY A 135 16.97 30.75 22.89
CA GLY A 135 15.62 31.04 23.32
C GLY A 135 14.71 31.71 22.30
N ILE A 136 13.41 31.74 22.63
CA ILE A 136 12.40 32.34 21.78
C ILE A 136 12.54 33.87 21.77
N ILE A 137 12.80 34.47 22.93
CA ILE A 137 12.94 35.93 23.04
C ILE A 137 14.25 36.42 22.42
N PRO A 138 15.39 35.73 22.67
CA PRO A 138 16.69 36.12 22.12
C PRO A 138 16.82 36.22 20.59
N ARG A 139 15.71 36.17 19.88
CA ARG A 139 15.73 36.22 18.42
C ARG A 139 14.98 37.46 17.95
N ILE A 140 15.08 37.74 16.66
CA ILE A 140 14.40 38.88 16.05
C ILE A 140 13.93 38.43 14.67
N SER A 141 12.99 39.17 14.09
CA SER A 141 12.46 38.85 12.78
C SER A 141 13.59 38.86 11.74
N VAL A 142 13.57 37.86 10.86
CA VAL A 142 14.57 37.72 9.82
C VAL A 142 14.40 38.89 8.85
N ARG A 143 15.51 39.51 8.49
CA ARG A 143 15.48 40.67 7.60
C ARG A 143 16.64 40.55 6.62
N GLU A 144 17.85 40.56 7.16
CA GLU A 144 19.08 40.48 6.36
C GLU A 144 18.97 39.34 5.36
N PRO A 145 19.00 39.67 4.06
CA PRO A 145 18.91 38.70 2.97
C PRO A 145 20.14 37.80 2.88
N MET A 146 19.91 36.54 2.50
CA MET A 146 20.99 35.57 2.34
C MET A 146 21.03 35.28 0.83
N GLN A 147 21.71 36.16 0.09
CA GLN A 147 21.83 36.05 -1.37
C GLN A 147 22.54 34.76 -1.73
N THR A 148 21.81 33.84 -2.35
CA THR A 148 22.37 32.56 -2.76
C THR A 148 23.19 32.76 -4.03
N GLY A 149 22.67 33.54 -4.96
CA GLY A 149 23.37 33.80 -6.21
C GLY A 149 22.57 33.29 -7.38
N ILE A 150 21.66 32.37 -7.09
CA ILE A 150 20.79 31.79 -8.09
C ILE A 150 19.58 32.73 -8.19
N LYS A 151 19.42 33.36 -9.34
CA LYS A 151 18.33 34.33 -9.54
C LYS A 151 16.97 33.65 -9.31
N ALA A 152 16.87 32.38 -9.66
CA ALA A 152 15.62 31.63 -9.49
C ALA A 152 15.23 31.60 -8.01
N VAL A 153 16.22 31.58 -7.13
CA VAL A 153 15.96 31.52 -5.70
C VAL A 153 15.78 32.94 -5.16
N ASP A 154 16.79 33.78 -5.31
CA ASP A 154 16.77 35.15 -4.79
C ASP A 154 15.53 35.94 -5.24
N SER A 155 14.95 35.62 -6.39
CA SER A 155 13.79 36.38 -6.88
C SER A 155 12.46 35.77 -6.43
N LEU A 156 12.27 34.48 -6.70
CA LEU A 156 11.01 33.81 -6.37
C LEU A 156 11.03 33.07 -5.03
N VAL A 157 12.19 32.59 -4.58
CA VAL A 157 12.27 31.88 -3.30
C VAL A 157 13.38 32.52 -2.45
N PRO A 158 13.19 33.78 -2.02
CA PRO A 158 14.20 34.47 -1.21
C PRO A 158 14.47 33.79 0.12
N ILE A 159 15.73 33.79 0.55
CA ILE A 159 16.15 33.18 1.82
C ILE A 159 16.74 34.29 2.67
N GLY A 160 16.51 34.22 3.98
CA GLY A 160 17.03 35.21 4.89
C GLY A 160 17.99 34.62 5.89
N ARG A 161 18.77 35.49 6.53
CA ARG A 161 19.74 35.04 7.51
C ARG A 161 18.99 34.75 8.81
N GLY A 162 19.00 33.49 9.20
CA GLY A 162 18.30 33.05 10.40
C GLY A 162 17.06 32.29 9.99
N GLN A 163 17.16 31.53 8.89
CA GLN A 163 16.05 30.78 8.36
C GLN A 163 16.56 29.40 7.97
N ARG A 164 15.67 28.41 8.04
CA ARG A 164 15.99 27.04 7.66
C ARG A 164 15.27 26.80 6.34
N GLU A 165 16.03 26.72 5.25
CA GLU A 165 15.44 26.48 3.93
C GLU A 165 15.83 25.07 3.54
N LEU A 166 14.84 24.24 3.24
CA LEU A 166 15.08 22.86 2.88
C LEU A 166 15.26 22.74 1.37
N ILE A 167 16.29 21.97 0.98
CA ILE A 167 16.57 21.68 -0.41
C ILE A 167 16.13 20.22 -0.52
N ILE A 168 14.96 20.01 -1.12
CA ILE A 168 14.39 18.67 -1.21
C ILE A 168 14.21 18.26 -2.68
N GLY A 169 14.58 17.03 -2.97
CA GLY A 169 14.46 16.49 -4.32
C GLY A 169 14.94 15.06 -4.35
N ASP A 170 14.84 14.43 -5.52
CA ASP A 170 15.26 13.04 -5.71
C ASP A 170 16.76 13.04 -5.98
N ARG A 171 17.27 11.86 -6.35
CA ARG A 171 18.69 11.70 -6.66
C ARG A 171 18.97 12.39 -8.00
N GLN A 172 20.13 13.04 -8.08
CA GLN A 172 20.60 13.73 -9.28
C GLN A 172 19.62 14.81 -9.77
N THR A 173 19.09 15.60 -8.84
CA THR A 173 18.17 16.67 -9.20
C THR A 173 18.95 17.98 -9.20
N GLY A 174 19.95 18.07 -8.33
CA GLY A 174 20.77 19.26 -8.24
C GLY A 174 20.85 19.84 -6.83
N LYS A 175 20.33 19.09 -5.86
CA LYS A 175 20.28 19.51 -4.45
C LYS A 175 21.60 20.13 -4.00
N THR A 176 22.65 19.31 -3.96
CA THR A 176 23.98 19.74 -3.51
C THR A 176 24.47 20.96 -4.28
N SER A 177 24.22 21.00 -5.58
CA SER A 177 24.67 22.11 -6.43
C SER A 177 24.09 23.44 -5.95
N ILE A 178 22.82 23.44 -5.54
CA ILE A 178 22.16 24.66 -5.06
C ILE A 178 22.94 25.19 -3.86
N ALA A 179 23.40 24.29 -3.01
CA ALA A 179 24.14 24.65 -1.80
C ALA A 179 25.49 25.25 -2.19
N ILE A 180 26.25 24.53 -3.00
CA ILE A 180 27.60 24.95 -3.42
C ILE A 180 27.59 26.37 -4.00
N ASP A 181 26.77 26.62 -5.01
CA ASP A 181 26.71 27.95 -5.63
C ASP A 181 26.44 29.01 -4.57
N THR A 182 25.56 28.69 -3.63
CA THR A 182 25.22 29.63 -2.56
C THR A 182 26.48 29.99 -1.78
N ILE A 183 27.28 28.98 -1.48
CA ILE A 183 28.53 29.17 -0.74
C ILE A 183 29.49 30.00 -1.58
N ILE A 184 29.56 29.74 -2.88
CA ILE A 184 30.45 30.45 -3.79
C ILE A 184 30.12 31.95 -3.77
N ASN A 185 28.86 32.28 -4.02
CA ASN A 185 28.38 33.67 -4.08
C ASN A 185 28.84 34.48 -2.86
N GLN A 186 28.95 33.84 -1.71
CA GLN A 186 29.33 34.54 -0.48
C GLN A 186 30.71 35.19 -0.60
N LYS A 187 31.54 34.68 -1.51
CA LYS A 187 32.89 35.22 -1.72
C LYS A 187 32.82 36.73 -1.97
N ARG A 188 31.78 37.18 -2.66
CA ARG A 188 31.59 38.60 -2.98
C ARG A 188 31.74 39.44 -1.71
N PHE A 189 30.82 39.22 -0.78
CA PHE A 189 30.76 39.96 0.48
C PHE A 189 32.02 39.67 1.31
N ASN A 190 32.48 38.43 1.27
CA ASN A 190 33.64 37.99 2.04
C ASN A 190 34.93 38.61 1.51
N ASP A 191 34.91 39.22 0.33
CA ASP A 191 36.09 39.85 -0.24
C ASP A 191 35.99 41.36 -0.06
N GLY A 192 34.79 41.83 0.23
CA GLY A 192 34.58 43.26 0.42
C GLY A 192 34.81 43.71 1.84
N THR A 193 34.52 44.99 2.09
CA THR A 193 34.69 45.57 3.42
C THR A 193 33.33 45.56 4.12
N ASP A 194 32.34 44.88 3.55
CA ASP A 194 31.01 44.84 4.15
C ASP A 194 30.99 43.71 5.17
N GLU A 195 31.42 44.02 6.40
CA GLU A 195 31.48 43.04 7.49
C GLU A 195 30.09 42.50 7.83
N LYS A 196 29.06 43.32 7.69
CA LYS A 196 27.69 42.88 8.02
C LYS A 196 27.17 41.88 6.98
N LYS A 197 27.68 41.92 5.77
CA LYS A 197 27.23 41.01 4.71
C LYS A 197 28.07 39.74 4.69
N LYS A 198 29.27 39.78 5.25
CA LYS A 198 30.13 38.61 5.25
C LYS A 198 29.40 37.42 5.85
N LEU A 199 29.44 36.29 5.15
CA LEU A 199 28.76 35.08 5.60
C LEU A 199 29.74 33.91 5.48
N TYR A 200 30.03 33.30 6.62
CA TYR A 200 30.93 32.15 6.65
C TYR A 200 30.06 30.95 6.32
N CYS A 201 30.65 29.88 5.79
CA CYS A 201 29.85 28.72 5.43
C CYS A 201 30.48 27.46 5.99
N ILE A 202 29.62 26.47 6.26
CA ILE A 202 30.04 25.17 6.79
C ILE A 202 29.24 24.13 5.99
N TYR A 203 29.93 23.14 5.45
CA TYR A 203 29.28 22.09 4.67
C TYR A 203 29.50 20.78 5.42
N VAL A 204 28.39 20.12 5.77
CA VAL A 204 28.45 18.85 6.49
C VAL A 204 28.09 17.74 5.52
N ALA A 205 28.91 16.70 5.47
CA ALA A 205 28.70 15.57 4.57
C ALA A 205 28.40 14.35 5.42
N ILE A 206 27.29 13.68 5.13
CA ILE A 206 26.87 12.49 5.86
C ILE A 206 26.55 11.41 4.84
N GLY A 207 27.16 10.24 4.98
CA GLY A 207 26.92 9.14 4.06
C GLY A 207 27.58 9.21 2.71
N GLN A 208 27.89 10.41 2.23
CA GLN A 208 28.52 10.60 0.91
C GLN A 208 29.89 9.91 0.91
N LYS A 209 30.40 9.62 -0.28
CA LYS A 209 31.70 8.97 -0.41
C LYS A 209 32.79 10.05 -0.44
N ARG A 210 33.97 9.68 0.02
CA ARG A 210 35.12 10.58 0.08
C ARG A 210 35.46 11.10 -1.30
N SER A 211 35.25 10.29 -2.33
CA SER A 211 35.54 10.67 -3.72
C SER A 211 34.81 11.97 -4.05
N THR A 212 33.51 12.01 -3.75
CA THR A 212 32.68 13.19 -4.02
C THR A 212 33.12 14.35 -3.12
N VAL A 213 33.33 14.07 -1.84
CA VAL A 213 33.73 15.10 -0.88
C VAL A 213 35.07 15.70 -1.34
N ALA A 214 35.92 14.89 -1.96
CA ALA A 214 37.22 15.34 -2.45
C ALA A 214 37.00 16.31 -3.61
N GLN A 215 36.21 15.89 -4.59
CA GLN A 215 35.92 16.72 -5.76
C GLN A 215 35.29 18.02 -5.26
N LEU A 216 34.52 17.90 -4.18
CA LEU A 216 33.79 19.00 -3.58
C LEU A 216 34.77 20.06 -3.06
N VAL A 217 35.60 19.70 -2.09
CA VAL A 217 36.56 20.64 -1.52
C VAL A 217 37.46 21.19 -2.63
N LYS A 218 37.80 20.35 -3.60
CA LYS A 218 38.66 20.75 -4.71
C LYS A 218 37.95 21.85 -5.49
N ARG A 219 36.64 21.68 -5.70
CA ARG A 219 35.84 22.65 -6.44
C ARG A 219 35.82 23.96 -5.66
N LEU A 220 35.54 23.88 -4.36
CA LEU A 220 35.48 25.07 -3.52
C LEU A 220 36.84 25.77 -3.51
N THR A 221 37.92 25.00 -3.56
CA THR A 221 39.25 25.59 -3.57
C THR A 221 39.47 26.31 -4.91
N ASP A 222 39.00 25.70 -6.00
CA ASP A 222 39.13 26.30 -7.33
C ASP A 222 38.39 27.63 -7.34
N ALA A 223 37.27 27.67 -6.60
CA ALA A 223 36.45 28.87 -6.52
C ALA A 223 37.01 29.77 -5.41
N ASP A 224 37.97 29.25 -4.65
CA ASP A 224 38.62 29.96 -3.56
C ASP A 224 37.60 30.27 -2.44
N ALA A 225 36.46 29.60 -2.48
CA ALA A 225 35.42 29.80 -1.48
C ALA A 225 35.85 29.13 -0.17
N MET A 226 36.68 28.11 -0.29
CA MET A 226 37.17 27.34 0.87
C MET A 226 37.78 28.24 1.95
N LYS A 227 38.34 29.39 1.56
CA LYS A 227 38.99 30.28 2.53
C LYS A 227 38.04 30.73 3.65
N TYR A 228 36.74 30.46 3.50
CA TYR A 228 35.77 30.83 4.53
C TYR A 228 34.75 29.71 4.70
N THR A 229 35.13 28.50 4.29
CA THR A 229 34.23 27.37 4.38
C THR A 229 34.88 26.26 5.21
N ILE A 230 34.11 25.73 6.15
CA ILE A 230 34.56 24.63 7.00
C ILE A 230 33.85 23.41 6.45
N VAL A 231 34.55 22.29 6.30
CA VAL A 231 33.90 21.10 5.75
C VAL A 231 33.97 19.95 6.75
N VAL A 232 32.82 19.58 7.30
CA VAL A 232 32.70 18.47 8.25
C VAL A 232 32.28 17.28 7.41
N SER A 233 33.03 16.19 7.45
CA SER A 233 32.70 15.03 6.64
C SER A 233 32.54 13.80 7.53
N ALA A 234 31.53 13.01 7.18
CA ALA A 234 31.20 11.76 7.86
C ALA A 234 30.74 10.82 6.75
N THR A 235 31.71 10.21 6.09
CA THR A 235 31.46 9.31 4.98
C THR A 235 30.82 8.01 5.46
N ALA A 236 30.44 7.17 4.50
CA ALA A 236 29.79 5.89 4.74
C ALA A 236 30.70 4.94 5.52
N SER A 237 32.01 5.09 5.40
CA SER A 237 32.94 4.21 6.10
C SER A 237 32.99 4.61 7.59
N ASP A 238 32.37 5.73 7.93
CA ASP A 238 32.37 6.19 9.31
C ASP A 238 31.19 5.55 10.04
N ALA A 239 31.42 5.25 11.32
CA ALA A 239 30.42 4.63 12.17
C ALA A 239 29.16 5.48 12.17
N ALA A 240 28.02 4.83 12.38
CA ALA A 240 26.72 5.51 12.40
C ALA A 240 26.75 6.70 13.37
N PRO A 241 27.25 6.50 14.61
CA PRO A 241 27.29 7.61 15.56
C PRO A 241 28.05 8.85 15.07
N LEU A 242 29.10 8.65 14.29
CA LEU A 242 29.88 9.77 13.76
C LEU A 242 29.01 10.51 12.74
N GLN A 243 28.35 9.76 11.87
CA GLN A 243 27.47 10.34 10.85
C GLN A 243 26.30 11.02 11.54
N TYR A 244 25.99 10.55 12.75
CA TYR A 244 24.90 11.06 13.56
C TYR A 244 25.32 12.39 14.20
N LEU A 245 26.59 12.50 14.60
CA LEU A 245 27.09 13.70 15.26
C LEU A 245 27.50 14.78 14.26
N ALA A 246 28.03 14.38 13.10
CA ALA A 246 28.52 15.30 12.06
C ALA A 246 27.69 16.59 11.93
N PRO A 247 26.35 16.48 11.75
CA PRO A 247 25.55 17.69 11.62
C PRO A 247 25.44 18.55 12.88
N TYR A 248 25.54 17.92 14.05
CA TYR A 248 25.45 18.65 15.31
C TYR A 248 26.75 19.41 15.54
N SER A 249 27.88 18.73 15.40
CA SER A 249 29.19 19.34 15.60
C SER A 249 29.33 20.50 14.63
N GLY A 250 28.97 20.27 13.37
CA GLY A 250 29.03 21.33 12.37
C GLY A 250 28.17 22.52 12.76
N CYS A 251 27.03 22.23 13.37
CA CYS A 251 26.09 23.26 13.80
C CYS A 251 26.76 24.12 14.87
N SER A 252 27.34 23.48 15.88
CA SER A 252 28.01 24.18 16.97
C SER A 252 29.12 25.06 16.41
N MET A 253 29.85 24.55 15.41
CA MET A 253 30.93 25.29 14.79
C MET A 253 30.37 26.58 14.18
N GLY A 254 29.11 26.54 13.77
CA GLY A 254 28.49 27.72 13.18
C GLY A 254 27.88 28.63 14.23
N GLU A 255 27.37 28.04 15.32
CA GLU A 255 26.73 28.81 16.39
C GLU A 255 27.73 29.79 17.01
N TYR A 256 29.01 29.45 16.97
CA TYR A 256 30.06 30.29 17.52
C TYR A 256 29.98 31.66 16.83
N PHE A 257 29.95 31.64 15.51
CA PHE A 257 29.87 32.87 14.71
C PHE A 257 28.60 33.62 15.07
N ARG A 258 27.49 32.91 15.03
CA ARG A 258 26.16 33.46 15.31
C ARG A 258 26.16 34.22 16.63
N ASP A 259 26.63 33.58 17.70
CA ASP A 259 26.65 34.21 19.01
C ASP A 259 27.58 35.42 19.02
N ASN A 260 28.73 35.30 18.36
CA ASN A 260 29.69 36.41 18.32
C ASN A 260 29.30 37.42 17.24
N GLY A 261 28.00 37.58 16.97
CA GLY A 261 27.55 38.55 15.98
C GLY A 261 27.85 38.25 14.53
N LYS A 262 28.79 37.33 14.26
CA LYS A 262 29.13 36.99 12.89
C LYS A 262 27.96 36.21 12.30
N HIS A 263 27.92 36.10 10.97
CA HIS A 263 26.86 35.38 10.29
C HIS A 263 27.46 34.11 9.71
N ALA A 264 26.77 32.97 9.88
CA ALA A 264 27.26 31.69 9.37
C ALA A 264 26.14 30.98 8.62
N LEU A 265 26.54 30.11 7.70
CA LEU A 265 25.62 29.33 6.87
C LEU A 265 26.08 27.88 6.99
N ILE A 266 25.14 26.94 7.03
CA ILE A 266 25.48 25.54 7.15
C ILE A 266 24.50 24.71 6.32
N ILE A 267 25.04 23.71 5.62
CA ILE A 267 24.24 22.82 4.80
C ILE A 267 24.39 21.42 5.39
N TYR A 268 23.27 20.72 5.54
CA TYR A 268 23.28 19.37 6.07
C TYR A 268 23.00 18.44 4.90
N ASP A 269 24.05 17.83 4.37
CA ASP A 269 23.94 16.95 3.22
C ASP A 269 24.42 15.56 3.63
N ASP A 270 23.51 14.62 3.88
CA ASP A 270 22.06 14.81 3.82
C ASP A 270 21.51 14.37 5.18
N LEU A 271 20.34 14.87 5.54
CA LEU A 271 19.71 14.50 6.82
C LEU A 271 19.05 13.13 6.65
N SER A 272 18.74 12.76 5.42
CA SER A 272 18.12 11.47 5.14
C SER A 272 19.13 10.39 5.52
N LYS A 273 20.35 10.53 5.01
CA LYS A 273 21.43 9.58 5.28
C LYS A 273 21.73 9.55 6.77
N GLN A 274 21.61 10.69 7.45
CA GLN A 274 21.87 10.74 8.90
C GLN A 274 20.79 9.94 9.62
N ALA A 275 19.54 10.14 9.23
CA ALA A 275 18.41 9.45 9.85
C ALA A 275 18.61 7.95 9.68
N VAL A 276 19.01 7.53 8.48
CA VAL A 276 19.24 6.10 8.20
C VAL A 276 20.29 5.56 9.16
N ALA A 277 21.37 6.31 9.37
CA ALA A 277 22.45 5.89 10.26
C ALA A 277 21.97 5.87 11.71
N TYR A 278 21.09 6.80 12.08
CA TYR A 278 20.58 6.85 13.44
C TYR A 278 19.63 5.68 13.69
N ARG A 279 18.81 5.36 12.69
CA ARG A 279 17.86 4.27 12.79
C ARG A 279 18.65 2.99 13.10
N GLN A 280 19.82 2.88 12.50
CA GLN A 280 20.69 1.73 12.69
C GLN A 280 20.97 1.55 14.18
N MET A 281 21.39 2.62 14.84
CA MET A 281 21.71 2.56 16.25
C MET A 281 20.48 2.13 17.07
N SER A 282 19.34 2.77 16.82
CA SER A 282 18.10 2.46 17.54
C SER A 282 17.70 0.99 17.38
N LEU A 283 17.56 0.53 16.14
CA LEU A 283 17.16 -0.85 15.86
C LEU A 283 18.11 -1.84 16.51
N LEU A 284 19.41 -1.55 16.47
CA LEU A 284 20.40 -2.44 17.05
C LEU A 284 20.29 -2.39 18.57
N LEU A 285 19.92 -1.24 19.12
CA LEU A 285 19.77 -1.10 20.57
C LEU A 285 18.44 -1.74 20.98
N ARG A 286 17.73 -2.29 20.00
CA ARG A 286 16.46 -2.96 20.19
C ARG A 286 15.39 -1.99 20.68
N ARG A 287 15.46 -0.76 20.20
CA ARG A 287 14.48 0.27 20.56
C ARG A 287 13.31 0.09 19.59
N PRO A 288 12.07 0.19 20.09
CA PRO A 288 10.84 0.04 19.30
C PRO A 288 10.81 0.80 17.97
N PRO A 289 10.74 0.06 16.84
CA PRO A 289 10.69 0.64 15.50
C PRO A 289 9.29 1.13 15.12
N GLY A 290 9.23 2.28 14.46
CA GLY A 290 7.97 2.82 14.04
C GLY A 290 7.81 2.73 12.54
N ARG A 291 7.25 3.77 11.93
CA ARG A 291 7.03 3.80 10.49
C ARG A 291 8.39 3.75 9.79
N GLU A 292 8.51 2.82 8.85
CA GLU A 292 9.75 2.64 8.08
C GLU A 292 10.87 2.20 9.03
N ALA A 293 10.48 1.69 10.20
CA ALA A 293 11.40 1.19 11.24
C ALA A 293 12.09 2.34 11.97
N TYR A 294 11.85 3.58 11.55
CA TYR A 294 12.49 4.73 12.21
C TYR A 294 11.91 4.86 13.62
N PRO A 295 12.78 5.20 14.59
CA PRO A 295 12.35 5.37 15.99
C PRO A 295 11.41 6.57 16.17
N GLY A 296 10.64 6.55 17.25
CA GLY A 296 9.69 7.62 17.51
C GLY A 296 10.27 8.98 17.86
N ASP A 297 11.59 9.11 17.90
CA ASP A 297 12.23 10.39 18.24
C ASP A 297 13.10 10.85 17.06
N VAL A 298 12.84 10.31 15.86
CA VAL A 298 13.61 10.68 14.67
C VAL A 298 13.25 12.13 14.30
N PHE A 299 12.05 12.56 14.68
CA PHE A 299 11.61 13.93 14.41
C PHE A 299 12.42 14.81 15.36
N TYR A 300 12.39 14.45 16.63
CA TYR A 300 13.10 15.15 17.71
C TYR A 300 14.56 15.35 17.28
N LEU A 301 15.10 14.38 16.55
CA LEU A 301 16.48 14.41 16.07
C LEU A 301 16.73 15.66 15.21
N HIS A 302 15.93 15.83 14.18
CA HIS A 302 16.11 16.95 13.25
C HIS A 302 15.56 18.25 13.81
N SER A 303 14.45 18.21 14.54
CA SER A 303 13.83 19.41 15.07
C SER A 303 14.83 20.19 15.92
N ARG A 304 15.37 19.56 16.96
CA ARG A 304 16.29 20.25 17.86
C ARG A 304 17.54 20.72 17.10
N LEU A 305 17.86 20.10 15.98
CA LEU A 305 19.04 20.50 15.20
C LEU A 305 18.70 21.78 14.42
N LEU A 306 17.65 21.70 13.61
CA LEU A 306 17.24 22.82 12.76
C LEU A 306 16.78 24.03 13.57
N GLU A 307 16.24 23.81 14.76
CA GLU A 307 15.76 24.94 15.57
C GLU A 307 16.93 25.79 16.08
N ARG A 308 18.14 25.23 16.05
CA ARG A 308 19.33 25.95 16.52
C ARG A 308 19.63 27.13 15.59
N ALA A 309 19.25 27.01 14.33
CA ALA A 309 19.47 28.07 13.35
C ALA A 309 18.54 29.21 13.76
N ALA A 310 19.05 30.42 13.83
CA ALA A 310 18.22 31.55 14.25
C ALA A 310 18.91 32.87 13.96
N LYS A 311 18.15 33.95 14.11
CA LYS A 311 18.63 35.31 13.93
C LYS A 311 18.56 35.94 15.33
N MET A 312 19.73 36.11 15.95
CA MET A 312 19.82 36.67 17.29
C MET A 312 19.55 38.17 17.24
N ASN A 313 19.05 38.72 18.34
CA ASN A 313 18.78 40.16 18.41
C ASN A 313 20.09 40.87 18.75
N ASP A 314 20.11 42.19 18.63
CA ASP A 314 21.31 43.00 18.89
C ASP A 314 21.86 42.73 20.30
N ALA A 315 20.97 42.53 21.26
CA ALA A 315 21.38 42.29 22.65
C ALA A 315 22.16 40.98 22.75
N PHE A 316 21.87 40.04 21.86
CA PHE A 316 22.54 38.75 21.86
C PHE A 316 23.48 38.68 20.66
N GLY A 317 24.34 39.68 20.53
CA GLY A 317 25.30 39.71 19.44
C GLY A 317 24.76 40.21 18.11
N GLY A 318 23.69 39.60 17.63
CA GLY A 318 23.11 40.00 16.37
C GLY A 318 23.49 39.06 15.24
N GLY A 319 24.10 37.92 15.58
CA GLY A 319 24.50 36.96 14.57
C GLY A 319 23.32 36.16 14.06
N SER A 320 23.59 35.27 13.11
CA SER A 320 22.53 34.45 12.52
C SER A 320 23.19 33.22 11.91
N LEU A 321 22.51 32.08 12.04
CA LEU A 321 22.99 30.82 11.48
C LEU A 321 21.90 30.31 10.56
N THR A 322 22.13 30.42 9.25
CA THR A 322 21.15 29.98 8.27
C THR A 322 21.50 28.54 7.90
N ALA A 323 20.49 27.68 7.86
CA ALA A 323 20.72 26.27 7.53
C ALA A 323 19.97 25.94 6.25
N LEU A 324 20.63 25.15 5.40
CA LEU A 324 20.05 24.69 4.15
C LEU A 324 20.20 23.17 4.12
N PRO A 325 19.36 22.45 4.89
CA PRO A 325 19.42 20.99 4.92
C PRO A 325 18.96 20.36 3.61
N VAL A 326 19.48 19.18 3.30
CA VAL A 326 19.13 18.49 2.07
C VAL A 326 18.46 17.18 2.45
N ILE A 327 17.34 16.89 1.78
CA ILE A 327 16.59 15.67 2.00
C ILE A 327 16.38 15.03 0.63
N GLU A 328 16.72 13.75 0.52
CA GLU A 328 16.58 13.01 -0.72
C GLU A 328 15.25 12.29 -0.64
N THR A 329 14.34 12.59 -1.57
CA THR A 329 13.04 11.95 -1.60
C THR A 329 13.11 10.75 -2.52
N GLN A 330 12.20 9.80 -2.34
CA GLN A 330 12.16 8.61 -3.17
C GLN A 330 10.91 8.70 -4.05
N ALA A 331 11.13 8.83 -5.36
CA ALA A 331 10.04 8.93 -6.33
C ALA A 331 9.18 10.14 -6.02
N GLY A 332 9.79 11.18 -5.44
CA GLY A 332 9.06 12.39 -5.10
C GLY A 332 8.07 12.28 -3.96
N ASP A 333 8.08 11.17 -3.24
CA ASP A 333 7.16 10.98 -2.12
C ASP A 333 7.61 11.88 -0.97
N VAL A 334 7.13 13.12 -0.96
CA VAL A 334 7.46 14.08 0.08
C VAL A 334 6.73 13.72 1.37
N SER A 335 5.68 12.91 1.24
CA SER A 335 4.87 12.50 2.39
C SER A 335 5.57 11.38 3.16
N ALA A 336 6.80 11.05 2.79
CA ALA A 336 7.55 10.00 3.49
C ALA A 336 7.83 10.53 4.89
N TYR A 337 8.11 9.62 5.82
CA TYR A 337 8.36 9.96 7.22
C TYR A 337 9.37 11.11 7.35
N ILE A 338 10.65 10.84 7.09
CA ILE A 338 11.71 11.86 7.23
C ILE A 338 11.40 13.14 6.44
N PRO A 339 11.06 13.05 5.15
CA PRO A 339 10.77 14.28 4.40
C PRO A 339 9.68 15.12 5.07
N THR A 340 8.63 14.46 5.55
CA THR A 340 7.53 15.16 6.22
C THR A 340 8.10 15.87 7.45
N ASN A 341 8.91 15.16 8.22
CA ASN A 341 9.52 15.68 9.44
C ASN A 341 10.28 16.97 9.17
N VAL A 342 11.21 16.94 8.22
CA VAL A 342 12.02 18.12 7.93
C VAL A 342 11.22 19.24 7.27
N ILE A 343 10.29 18.90 6.37
CA ILE A 343 9.49 19.92 5.71
C ILE A 343 8.71 20.74 6.74
N SER A 344 8.20 20.06 7.77
CA SER A 344 7.41 20.71 8.80
C SER A 344 8.29 21.51 9.78
N ILE A 345 9.58 21.20 9.82
CA ILE A 345 10.49 21.89 10.72
C ILE A 345 11.14 23.09 10.02
N THR A 346 11.19 23.05 8.69
CA THR A 346 11.81 24.13 7.94
C THR A 346 10.83 25.29 7.68
N ASP A 347 11.38 26.38 7.15
CA ASP A 347 10.60 27.58 6.84
C ASP A 347 10.49 27.73 5.33
N GLY A 348 10.86 26.68 4.60
CA GLY A 348 10.78 26.73 3.15
C GLY A 348 11.31 25.46 2.51
N GLN A 349 10.93 25.22 1.27
CA GLN A 349 11.37 24.03 0.54
C GLN A 349 11.65 24.42 -0.91
N ILE A 350 12.78 23.94 -1.43
CA ILE A 350 13.16 24.21 -2.82
C ILE A 350 13.04 22.86 -3.52
N PHE A 351 11.93 22.67 -4.24
CA PHE A 351 11.67 21.42 -4.95
C PHE A 351 12.43 21.40 -6.26
N LEU A 352 13.11 20.28 -6.51
CA LEU A 352 13.87 20.09 -7.73
C LEU A 352 13.30 18.85 -8.42
N GLU A 353 12.86 19.01 -9.67
CA GLU A 353 12.28 17.90 -10.43
C GLU A 353 13.20 17.54 -11.58
N THR A 354 13.58 16.28 -11.65
CA THR A 354 14.47 15.75 -12.69
C THR A 354 13.86 16.01 -14.07
N GLU A 355 12.52 16.02 -14.13
CA GLU A 355 11.79 16.23 -15.39
C GLU A 355 12.21 17.59 -15.96
N LEU A 356 12.22 18.61 -15.11
CA LEU A 356 12.58 19.97 -15.51
C LEU A 356 14.03 19.97 -16.00
N PHE A 357 14.88 19.21 -15.33
CA PHE A 357 16.29 19.13 -15.66
C PHE A 357 16.48 18.72 -17.11
N TYR A 358 15.94 17.57 -17.50
CA TYR A 358 16.08 17.09 -18.87
C TYR A 358 15.38 18.02 -19.85
N LYS A 359 14.34 18.71 -19.40
CA LYS A 359 13.60 19.65 -20.26
C LYS A 359 14.50 20.84 -20.59
N GLY A 360 15.56 21.02 -19.81
CA GLY A 360 16.47 22.13 -20.06
C GLY A 360 16.47 23.15 -18.94
N ILE A 361 15.52 23.02 -18.01
CA ILE A 361 15.41 23.94 -16.90
C ILE A 361 16.54 23.61 -15.92
N ARG A 362 17.56 24.46 -15.91
CA ARG A 362 18.71 24.28 -15.02
C ARG A 362 19.00 25.64 -14.40
N PRO A 363 18.92 25.75 -13.07
CA PRO A 363 18.56 24.69 -12.13
C PRO A 363 17.10 24.23 -12.28
N ALA A 364 16.84 22.97 -11.98
CA ALA A 364 15.51 22.40 -12.10
C ALA A 364 14.71 22.73 -10.84
N ILE A 365 14.64 24.02 -10.52
CA ILE A 365 13.92 24.47 -9.33
C ILE A 365 12.47 24.72 -9.72
N ASN A 366 11.58 23.85 -9.26
CA ASN A 366 10.15 23.99 -9.53
C ASN A 366 9.69 25.15 -8.66
N VAL A 367 9.67 26.35 -9.24
CA VAL A 367 9.25 27.56 -8.55
C VAL A 367 7.80 27.43 -8.10
N GLY A 368 6.97 26.83 -8.96
CA GLY A 368 5.56 26.67 -8.64
C GLY A 368 5.24 25.99 -7.32
N LEU A 369 6.16 25.18 -6.81
CA LEU A 369 5.94 24.46 -5.55
C LEU A 369 6.88 25.00 -4.48
N SER A 370 8.08 25.43 -4.87
CA SER A 370 9.05 25.95 -3.91
C SER A 370 8.43 27.16 -3.21
N VAL A 371 8.67 27.27 -1.90
CA VAL A 371 8.12 28.37 -1.12
C VAL A 371 9.11 28.77 -0.05
N SER A 372 8.82 29.89 0.60
CA SER A 372 9.63 30.43 1.67
C SER A 372 8.66 31.24 2.53
N ARG A 373 8.37 30.73 3.73
CA ARG A 373 7.44 31.37 4.66
C ARG A 373 7.94 32.75 5.06
N VAL A 374 9.19 33.07 4.72
CA VAL A 374 9.76 34.37 5.05
C VAL A 374 9.40 35.33 3.93
N GLY A 375 9.71 34.94 2.69
CA GLY A 375 9.40 35.77 1.54
C GLY A 375 10.15 37.08 1.44
N SER A 376 9.46 38.11 0.93
CA SER A 376 10.02 39.44 0.73
C SER A 376 10.65 39.98 2.02
N ALA A 377 10.21 39.46 3.15
CA ALA A 377 10.72 39.90 4.46
C ALA A 377 12.25 39.89 4.47
N ALA A 378 12.85 38.99 3.71
CA ALA A 378 14.30 38.92 3.66
C ALA A 378 14.73 38.99 2.19
N GLN A 379 14.23 39.99 1.49
CA GLN A 379 14.55 40.17 0.09
C GLN A 379 14.96 41.64 -0.11
N THR A 380 15.95 41.86 -0.95
CA THR A 380 16.43 43.20 -1.24
C THR A 380 15.30 43.95 -1.93
N ARG A 381 15.05 45.18 -1.51
CA ARG A 381 13.99 46.02 -2.07
C ARG A 381 14.08 46.04 -3.60
N ALA A 382 15.30 46.16 -4.11
CA ALA A 382 15.54 46.20 -5.56
C ALA A 382 14.96 44.95 -6.22
N MET A 383 15.14 43.80 -5.58
CA MET A 383 14.64 42.55 -6.14
C MET A 383 13.12 42.50 -6.05
N LYS A 384 12.58 42.84 -4.88
CA LYS A 384 11.12 42.83 -4.64
C LYS A 384 10.39 43.44 -5.83
N GLN A 385 10.88 44.60 -6.26
CA GLN A 385 10.31 45.37 -7.37
C GLN A 385 10.05 44.48 -8.59
N VAL A 386 11.08 43.80 -9.07
CA VAL A 386 10.96 42.96 -10.27
C VAL A 386 10.54 41.52 -9.95
N ALA A 387 10.69 41.11 -8.69
CA ALA A 387 10.35 39.74 -8.29
C ALA A 387 8.83 39.54 -8.38
N GLY A 388 8.09 40.49 -7.84
CA GLY A 388 6.64 40.40 -7.84
C GLY A 388 5.96 40.24 -9.20
N THR A 389 6.34 41.08 -10.16
CA THR A 389 5.76 41.05 -11.50
C THR A 389 6.06 39.71 -12.17
N MET A 390 7.31 39.28 -12.09
CA MET A 390 7.73 38.02 -12.69
C MET A 390 6.87 36.88 -12.14
N LYS A 391 6.80 36.80 -10.81
CA LYS A 391 6.04 35.76 -10.11
C LYS A 391 4.60 35.71 -10.63
N LEU A 392 3.94 36.86 -10.68
CA LEU A 392 2.56 36.95 -11.14
C LEU A 392 2.45 36.42 -12.58
N GLU A 393 3.31 36.94 -13.47
CA GLU A 393 3.31 36.55 -14.87
C GLU A 393 3.49 35.05 -15.01
N LEU A 394 4.43 34.48 -14.25
CA LEU A 394 4.71 33.05 -14.30
C LEU A 394 3.48 32.25 -13.87
N ALA A 395 2.78 32.74 -12.85
CA ALA A 395 1.59 32.06 -12.35
C ALA A 395 0.59 31.93 -13.50
N GLN A 396 0.24 33.07 -14.10
CA GLN A 396 -0.72 33.13 -15.20
C GLN A 396 -0.27 32.15 -16.30
N TYR A 397 1.03 32.12 -16.57
CA TYR A 397 1.58 31.23 -17.58
C TYR A 397 1.19 29.80 -17.25
N ARG A 398 1.51 29.36 -16.05
CA ARG A 398 1.23 27.99 -15.61
C ARG A 398 -0.27 27.69 -15.74
N GLU A 399 -1.11 28.67 -15.43
CA GLU A 399 -2.57 28.49 -15.51
C GLU A 399 -2.99 28.15 -16.94
N VAL A 400 -2.21 28.57 -17.93
CA VAL A 400 -2.57 28.33 -19.34
C VAL A 400 -1.50 27.48 -20.02
N ALA A 401 -0.46 27.10 -19.29
CA ALA A 401 0.67 26.32 -19.82
C ALA A 401 0.20 25.16 -20.72
N ALA A 402 -0.77 24.39 -20.24
CA ALA A 402 -1.27 23.23 -20.98
C ALA A 402 -1.86 23.63 -22.34
N PHE A 403 -2.52 24.79 -22.38
CA PHE A 403 -3.17 25.26 -23.61
C PHE A 403 -2.13 25.67 -24.66
N ALA A 404 -0.88 25.84 -24.25
CA ALA A 404 0.19 26.25 -25.16
C ALA A 404 0.42 25.19 -26.23
N GLN A 405 0.74 23.97 -25.81
CA GLN A 405 1.04 22.88 -26.74
C GLN A 405 -0.17 22.52 -27.59
N PHE A 406 -1.34 23.05 -27.26
CA PHE A 406 -2.55 22.78 -28.04
C PHE A 406 -3.12 24.09 -28.52
N GLY A 407 -2.23 25.04 -28.84
CA GLY A 407 -2.67 26.34 -29.30
C GLY A 407 -3.11 26.35 -30.76
N SER A 408 -4.18 25.61 -31.05
CA SER A 408 -4.71 25.53 -32.41
C SER A 408 -5.34 26.89 -32.73
N ASP A 409 -6.08 27.44 -31.77
CA ASP A 409 -6.74 28.73 -31.94
C ASP A 409 -6.84 29.31 -30.54
N LEU A 410 -6.08 30.37 -30.28
CA LEU A 410 -6.10 31.01 -28.98
C LEU A 410 -6.18 32.52 -29.17
N ASP A 411 -6.62 33.22 -28.13
CA ASP A 411 -6.73 34.67 -28.18
C ASP A 411 -5.36 35.26 -27.85
N ALA A 412 -5.05 36.40 -28.46
CA ALA A 412 -3.77 37.08 -28.27
C ALA A 412 -3.39 37.18 -26.80
N ALA A 413 -4.38 37.38 -25.92
CA ALA A 413 -4.13 37.51 -24.49
C ALA A 413 -3.45 36.26 -23.94
N THR A 414 -4.07 35.09 -24.13
CA THR A 414 -3.51 33.83 -23.63
C THR A 414 -2.14 33.58 -24.26
N GLN A 415 -2.04 33.87 -25.56
CA GLN A 415 -0.80 33.68 -26.29
C GLN A 415 0.30 34.53 -25.64
N GLN A 416 -0.01 35.79 -25.36
CA GLN A 416 0.94 36.71 -24.75
C GLN A 416 1.41 36.15 -23.40
N LEU A 417 0.48 35.59 -22.63
CA LEU A 417 0.80 35.02 -21.32
C LEU A 417 1.84 33.92 -21.50
N LEU A 418 1.67 33.12 -22.55
CA LEU A 418 2.57 32.02 -22.85
C LEU A 418 3.92 32.61 -23.28
N SER A 419 3.88 33.70 -24.04
CA SER A 419 5.09 34.37 -24.52
C SER A 419 5.93 34.83 -23.34
N ARG A 420 5.35 35.65 -22.47
CA ARG A 420 6.05 36.17 -21.28
C ARG A 420 6.53 34.97 -20.46
N GLY A 421 5.65 33.98 -20.30
CA GLY A 421 5.98 32.80 -19.52
C GLY A 421 7.27 32.09 -19.91
N VAL A 422 7.34 31.63 -21.15
CA VAL A 422 8.51 30.91 -21.64
C VAL A 422 9.78 31.76 -21.53
N ARG A 423 9.68 33.06 -21.85
CA ARG A 423 10.84 33.94 -21.78
C ARG A 423 11.37 34.03 -20.35
N LEU A 424 10.46 34.27 -19.40
CA LEU A 424 10.85 34.38 -17.99
C LEU A 424 11.47 33.05 -17.52
N THR A 425 10.93 31.94 -18.03
CA THR A 425 11.41 30.62 -17.68
C THR A 425 12.87 30.48 -18.11
N GLU A 426 13.18 31.02 -19.29
CA GLU A 426 14.53 30.96 -19.86
C GLU A 426 15.46 31.82 -19.01
N LEU A 427 14.95 32.94 -18.49
CA LEU A 427 15.75 33.87 -17.68
C LEU A 427 16.09 33.25 -16.34
N LEU A 428 15.27 32.31 -15.88
CA LEU A 428 15.49 31.65 -14.59
C LEU A 428 16.62 30.61 -14.71
N LYS A 429 17.09 30.36 -15.93
CA LYS A 429 18.17 29.40 -16.14
C LYS A 429 19.47 30.09 -15.75
N GLN A 430 20.37 29.34 -15.12
CA GLN A 430 21.64 29.90 -14.68
C GLN A 430 22.68 28.78 -14.66
N GLY A 431 23.87 29.10 -15.18
CA GLY A 431 24.95 28.13 -15.22
C GLY A 431 25.41 27.79 -13.82
N GLN A 432 25.98 26.60 -13.67
CA GLN A 432 26.46 26.16 -12.37
C GLN A 432 27.82 26.81 -12.13
N TYR A 433 28.15 26.99 -10.86
CA TYR A 433 29.42 27.59 -10.42
C TYR A 433 29.49 29.07 -10.83
N SER A 434 28.36 29.67 -11.21
CA SER A 434 28.39 31.08 -11.60
C SER A 434 27.22 31.85 -10.99
N PRO A 435 27.30 32.14 -9.67
CA PRO A 435 26.26 32.88 -8.96
C PRO A 435 26.40 34.37 -9.29
N MET A 436 25.33 34.98 -9.80
CA MET A 436 25.39 36.39 -10.18
C MET A 436 24.88 37.29 -9.05
N ALA A 437 25.32 38.54 -9.08
CA ALA A 437 24.96 39.54 -8.07
C ALA A 437 23.50 39.95 -8.26
N ILE A 438 22.91 40.46 -7.18
CA ILE A 438 21.51 40.89 -7.16
C ILE A 438 21.23 41.96 -8.22
N GLU A 439 22.18 42.88 -8.44
CA GLU A 439 21.99 43.94 -9.43
C GLU A 439 21.92 43.30 -10.82
N GLU A 440 22.75 42.30 -11.04
CA GLU A 440 22.81 41.59 -12.31
C GLU A 440 21.51 40.82 -12.52
N GLN A 441 21.01 40.23 -11.45
CA GLN A 441 19.77 39.44 -11.49
C GLN A 441 18.61 40.34 -11.90
N VAL A 442 18.43 41.47 -11.20
CA VAL A 442 17.33 42.39 -11.50
C VAL A 442 17.47 42.94 -12.92
N ALA A 443 18.70 43.08 -13.40
CA ALA A 443 18.97 43.60 -14.73
C ALA A 443 18.37 42.65 -15.77
N VAL A 444 18.71 41.37 -15.70
CA VAL A 444 18.22 40.38 -16.67
C VAL A 444 16.71 40.19 -16.50
N ILE A 445 16.21 40.30 -15.27
CA ILE A 445 14.78 40.15 -15.01
C ILE A 445 14.05 41.28 -15.71
N TYR A 446 14.64 42.49 -15.67
CA TYR A 446 14.07 43.69 -16.29
C TYR A 446 13.77 43.42 -17.76
N ALA A 447 14.74 42.84 -18.47
CA ALA A 447 14.63 42.53 -19.89
C ALA A 447 13.35 41.76 -20.18
N GLY A 448 13.15 40.64 -19.49
CA GLY A 448 11.97 39.82 -19.73
C GLY A 448 10.65 40.38 -19.23
N VAL A 449 10.64 40.80 -17.97
CA VAL A 449 9.43 41.35 -17.33
C VAL A 449 8.87 42.52 -18.13
N ARG A 450 9.73 43.43 -18.57
CA ARG A 450 9.29 44.59 -19.32
C ARG A 450 8.89 44.21 -20.75
N GLY A 451 9.08 42.94 -21.11
CA GLY A 451 8.70 42.45 -22.41
C GLY A 451 9.66 42.62 -23.56
N TYR A 452 10.91 42.96 -23.28
CA TYR A 452 11.92 43.13 -24.34
C TYR A 452 12.44 41.77 -24.79
N LEU A 453 11.60 40.74 -24.75
CA LEU A 453 12.00 39.39 -25.16
C LEU A 453 10.78 38.62 -25.64
N ASP A 454 9.60 39.23 -25.56
CA ASP A 454 8.35 38.56 -25.97
C ASP A 454 8.39 38.19 -27.45
N LYS A 455 9.13 38.94 -28.26
CA LYS A 455 9.22 38.69 -29.68
C LYS A 455 10.37 37.73 -30.01
N LEU A 456 11.46 37.86 -29.26
CA LEU A 456 12.65 37.02 -29.48
C LEU A 456 12.27 35.56 -29.24
N GLU A 457 12.74 34.69 -30.11
CA GLU A 457 12.45 33.25 -30.01
C GLU A 457 13.07 32.73 -28.72
N PRO A 458 12.32 31.89 -27.97
CA PRO A 458 12.76 31.31 -26.70
C PRO A 458 14.17 30.74 -26.72
N SER A 459 14.53 30.10 -27.83
CA SER A 459 15.84 29.48 -27.96
C SER A 459 16.94 30.53 -27.90
N LYS A 460 16.68 31.71 -28.46
CA LYS A 460 17.68 32.78 -28.49
C LYS A 460 17.73 33.54 -27.16
N ILE A 461 16.67 33.43 -26.36
CA ILE A 461 16.60 34.15 -25.07
C ILE A 461 17.82 33.79 -24.20
N THR A 462 18.15 32.52 -24.13
CA THR A 462 19.28 32.05 -23.33
C THR A 462 20.57 32.75 -23.82
N LYS A 463 20.69 32.92 -25.13
CA LYS A 463 21.87 33.57 -25.71
C LYS A 463 21.86 35.06 -25.38
N PHE A 464 20.68 35.68 -25.49
CA PHE A 464 20.50 37.10 -25.23
C PHE A 464 20.94 37.42 -23.81
N GLU A 465 20.43 36.68 -22.83
CA GLU A 465 20.74 36.90 -21.41
C GLU A 465 22.26 36.99 -21.24
N ASN A 466 22.98 36.06 -21.82
CA ASN A 466 24.43 36.00 -21.72
C ASN A 466 25.06 37.29 -22.28
N ALA A 467 24.76 37.59 -23.53
CA ALA A 467 25.32 38.76 -24.22
C ALA A 467 24.92 40.07 -23.51
N PHE A 468 23.67 40.18 -23.11
CA PHE A 468 23.17 41.38 -22.46
C PHE A 468 23.87 41.60 -21.12
N LEU A 469 23.79 40.61 -20.23
CA LEU A 469 24.37 40.71 -18.91
C LEU A 469 25.85 41.05 -19.01
N SER A 470 26.59 40.30 -19.82
CA SER A 470 28.02 40.52 -19.99
C SER A 470 28.28 41.94 -20.51
N HIS A 471 27.35 42.46 -21.32
CA HIS A 471 27.49 43.80 -21.90
C HIS A 471 27.36 44.88 -20.82
N VAL A 472 26.32 44.79 -19.99
CA VAL A 472 26.10 45.80 -18.95
C VAL A 472 27.19 45.74 -17.90
N ILE A 473 27.63 44.53 -17.55
CA ILE A 473 28.68 44.35 -16.54
C ILE A 473 29.97 45.02 -17.04
N SER A 474 30.06 45.24 -18.33
CA SER A 474 31.24 45.85 -18.92
C SER A 474 31.06 47.37 -18.99
N GLN A 475 30.49 47.84 -20.09
CA GLN A 475 30.31 49.27 -20.34
C GLN A 475 29.09 49.84 -19.59
N HIS A 476 28.74 49.30 -18.43
CA HIS A 476 27.59 49.84 -17.70
C HIS A 476 27.62 49.45 -16.23
N GLN A 477 28.82 49.30 -15.67
CA GLN A 477 28.99 48.95 -14.26
C GLN A 477 28.30 50.00 -13.39
N ALA A 478 28.29 51.24 -13.89
CA ALA A 478 27.68 52.36 -13.17
C ALA A 478 26.20 52.11 -12.95
N LEU A 479 25.50 51.64 -13.98
CA LEU A 479 24.05 51.40 -13.89
C LEU A 479 23.79 50.32 -12.85
N LEU A 480 24.48 49.19 -12.97
CA LEU A 480 24.31 48.08 -12.04
C LEU A 480 24.57 48.62 -10.63
N GLY A 481 25.63 49.42 -10.49
CA GLY A 481 25.98 49.99 -9.20
C GLY A 481 24.93 50.93 -8.66
N LYS A 482 24.35 51.75 -9.53
CA LYS A 482 23.32 52.73 -9.13
C LYS A 482 22.13 51.98 -8.55
N ILE A 483 21.78 50.85 -9.16
CA ILE A 483 20.65 50.04 -8.72
C ILE A 483 20.85 49.71 -7.24
N ARG A 484 22.06 49.31 -6.90
CA ARG A 484 22.42 48.94 -5.53
C ARG A 484 22.35 50.19 -4.65
N THR A 485 23.02 51.26 -5.08
CA THR A 485 23.07 52.52 -4.34
C THR A 485 21.65 53.00 -4.03
N ASP A 486 20.77 52.96 -5.03
CA ASP A 486 19.39 53.42 -4.86
C ASP A 486 18.57 52.34 -4.18
N GLY A 487 19.09 51.11 -4.17
CA GLY A 487 18.38 50.00 -3.54
C GLY A 487 17.16 49.55 -4.32
N LYS A 488 16.96 50.09 -5.52
CA LYS A 488 15.83 49.74 -6.37
C LYS A 488 16.09 50.31 -7.76
N ILE A 489 15.19 50.05 -8.69
CA ILE A 489 15.33 50.55 -10.05
C ILE A 489 14.76 51.96 -10.07
N SER A 490 15.65 52.95 -10.04
CA SER A 490 15.27 54.36 -10.07
C SER A 490 14.74 54.69 -11.47
N GLU A 491 13.95 55.75 -11.57
CA GLU A 491 13.35 56.18 -12.84
C GLU A 491 14.44 56.43 -13.88
N GLU A 492 15.54 57.05 -13.47
CA GLU A 492 16.64 57.34 -14.39
C GLU A 492 17.19 56.02 -14.95
N SER A 493 17.60 55.13 -14.06
CA SER A 493 18.17 53.84 -14.44
C SER A 493 17.13 53.05 -15.26
N ASP A 494 15.85 53.27 -14.98
CA ASP A 494 14.78 52.57 -15.69
C ASP A 494 14.79 53.03 -17.15
N ALA A 495 15.01 54.34 -17.35
CA ALA A 495 15.03 54.92 -18.68
C ALA A 495 16.32 54.52 -19.39
N LYS A 496 17.42 54.48 -18.63
CA LYS A 496 18.71 54.12 -19.20
C LYS A 496 18.65 52.67 -19.69
N LEU A 497 18.21 51.76 -18.83
CA LEU A 497 18.10 50.35 -19.18
C LEU A 497 17.19 50.19 -20.39
N LYS A 498 16.16 51.03 -20.47
CA LYS A 498 15.22 50.98 -21.58
C LYS A 498 15.97 51.22 -22.89
N GLU A 499 16.82 52.24 -22.92
CA GLU A 499 17.57 52.59 -24.12
C GLU A 499 18.59 51.48 -24.44
N ILE A 500 19.12 50.84 -23.41
CA ILE A 500 20.11 49.77 -23.60
C ILE A 500 19.45 48.54 -24.21
N VAL A 501 18.39 48.06 -23.57
CA VAL A 501 17.69 46.85 -24.03
C VAL A 501 17.14 47.02 -25.45
N THR A 502 16.57 48.18 -25.76
CA THR A 502 15.99 48.41 -27.09
C THR A 502 17.08 48.41 -28.15
N ASN A 503 18.16 49.16 -27.90
CA ASN A 503 19.27 49.25 -28.84
C ASN A 503 19.97 47.89 -28.95
N PHE A 504 20.08 47.18 -27.84
CA PHE A 504 20.75 45.88 -27.82
C PHE A 504 19.91 44.88 -28.62
N LEU A 505 18.60 44.92 -28.42
CA LEU A 505 17.68 44.02 -29.13
C LEU A 505 17.92 44.09 -30.63
N ALA A 506 17.87 45.30 -31.18
CA ALA A 506 18.08 45.49 -32.62
C ALA A 506 19.44 44.92 -33.01
N GLY A 507 20.45 45.20 -32.21
CA GLY A 507 21.78 44.70 -32.51
C GLY A 507 21.86 43.19 -32.47
N PHE A 508 20.98 42.58 -31.68
CA PHE A 508 20.94 41.14 -31.52
C PHE A 508 20.25 40.52 -32.73
N GLU A 509 19.20 41.17 -33.23
CA GLU A 509 18.46 40.67 -34.38
C GLU A 509 18.73 41.59 -35.58
N ALA A 510 19.89 41.42 -36.18
CA ALA A 510 20.28 42.24 -37.34
C ALA A 510 21.34 41.46 -38.11
N ASP B 24 -5.29 -13.65 51.41
CA ASP B 24 -6.24 -14.52 50.67
C ASP B 24 -6.04 -14.32 49.17
N LEU B 25 -5.81 -15.41 48.47
CA LEU B 25 -5.60 -15.35 47.02
C LEU B 25 -6.62 -16.26 46.35
N GLU B 26 -7.59 -16.74 47.12
CA GLU B 26 -8.63 -17.61 46.58
C GLU B 26 -9.75 -16.73 46.02
N GLU B 27 -10.00 -15.60 46.68
CA GLU B 27 -11.05 -14.68 46.27
C GLU B 27 -10.49 -13.27 46.12
N THR B 28 -9.17 -13.13 46.23
CA THR B 28 -8.53 -11.82 46.12
C THR B 28 -7.23 -11.99 45.36
N GLY B 29 -6.71 -10.87 44.86
CA GLY B 29 -5.46 -10.87 44.13
C GLY B 29 -4.84 -9.49 44.25
N ARG B 30 -3.56 -9.36 43.91
CA ARG B 30 -2.86 -8.09 43.99
C ARG B 30 -2.28 -7.79 42.61
N VAL B 31 -2.42 -6.56 42.16
CA VAL B 31 -1.91 -6.16 40.86
C VAL B 31 -0.38 -6.20 40.90
N LEU B 32 0.20 -7.02 40.03
CA LEU B 32 1.65 -7.15 39.93
C LEU B 32 2.16 -5.98 39.11
N SER B 33 1.41 -5.62 38.07
CA SER B 33 1.79 -4.52 37.20
C SER B 33 0.55 -4.03 36.45
N ILE B 34 0.60 -2.78 36.02
CA ILE B 34 -0.49 -2.16 35.28
C ILE B 34 0.12 -1.23 34.25
N GLY B 35 -0.32 -1.37 33.00
CA GLY B 35 0.18 -0.54 31.92
C GLY B 35 -0.44 -0.97 30.61
N ASP B 36 -0.51 -0.05 29.65
CA ASP B 36 -1.11 -0.33 28.34
C ASP B 36 -2.53 -0.82 28.56
N GLY B 37 -3.15 -0.36 29.65
CA GLY B 37 -4.51 -0.75 29.98
C GLY B 37 -4.67 -2.17 30.49
N ILE B 38 -3.58 -2.93 30.52
CA ILE B 38 -3.62 -4.32 30.98
C ILE B 38 -3.17 -4.33 32.45
N ALA B 39 -3.89 -5.09 33.26
CA ALA B 39 -3.55 -5.20 34.68
C ALA B 39 -3.30 -6.68 34.96
N ARG B 40 -2.04 -7.04 35.19
CA ARG B 40 -1.68 -8.42 35.47
C ARG B 40 -1.86 -8.63 36.97
N VAL B 41 -2.99 -9.24 37.35
CA VAL B 41 -3.30 -9.51 38.74
C VAL B 41 -2.62 -10.81 39.16
N HIS B 42 -2.23 -10.88 40.44
CA HIS B 42 -1.59 -12.05 40.99
C HIS B 42 -2.53 -12.66 42.02
N GLY B 43 -2.92 -13.90 41.80
CA GLY B 43 -3.82 -14.56 42.71
C GLY B 43 -5.14 -14.82 42.01
N LEU B 44 -6.25 -14.57 42.70
CA LEU B 44 -7.59 -14.77 42.11
C LEU B 44 -7.64 -16.17 41.52
N ARG B 45 -7.09 -17.14 42.24
CA ARG B 45 -7.01 -18.54 41.81
C ARG B 45 -8.34 -19.03 41.25
N ASN B 46 -9.41 -18.89 42.03
CA ASN B 46 -10.72 -19.39 41.63
C ASN B 46 -11.53 -18.41 40.77
N VAL B 47 -10.89 -17.65 39.89
CA VAL B 47 -11.67 -16.74 39.03
C VAL B 47 -12.13 -17.52 37.82
N GLN B 48 -13.29 -17.14 37.30
CA GLN B 48 -13.87 -17.78 36.14
C GLN B 48 -13.47 -16.95 34.92
N ALA B 49 -13.43 -17.60 33.76
CA ALA B 49 -13.08 -16.92 32.54
C ALA B 49 -14.25 -15.97 32.22
N GLU B 50 -13.93 -14.70 32.00
CA GLU B 50 -14.92 -13.66 31.68
C GLU B 50 -15.73 -13.29 32.91
N GLU B 51 -15.11 -13.39 34.09
CA GLU B 51 -15.78 -13.04 35.33
C GLU B 51 -15.43 -11.60 35.66
N MET B 52 -16.34 -10.90 36.33
CA MET B 52 -16.09 -9.52 36.73
C MET B 52 -15.25 -9.55 38.00
N VAL B 53 -14.40 -8.53 38.15
CA VAL B 53 -13.55 -8.40 39.32
C VAL B 53 -13.64 -6.92 39.72
N GLU B 54 -13.38 -6.62 40.98
CA GLU B 54 -13.44 -5.24 41.46
C GLU B 54 -12.06 -4.86 41.97
N PHE B 55 -11.73 -3.59 41.84
CA PHE B 55 -10.46 -3.08 42.30
C PHE B 55 -10.73 -2.24 43.54
N SER B 56 -9.69 -2.00 44.32
CA SER B 56 -9.79 -1.21 45.56
C SER B 56 -10.46 0.12 45.24
N SER B 57 -10.16 0.66 44.07
CA SER B 57 -10.70 1.94 43.62
C SER B 57 -12.16 1.80 43.16
N GLY B 58 -12.78 0.66 43.44
CA GLY B 58 -14.16 0.44 43.03
C GLY B 58 -14.35 0.14 41.55
N LEU B 59 -13.29 0.29 40.76
CA LEU B 59 -13.36 0.02 39.33
C LEU B 59 -13.63 -1.46 39.11
N LYS B 60 -14.40 -1.78 38.08
CA LYS B 60 -14.73 -3.16 37.77
C LYS B 60 -13.92 -3.57 36.55
N GLY B 61 -13.66 -4.87 36.44
CA GLY B 61 -12.90 -5.39 35.32
C GLY B 61 -13.39 -6.77 34.93
N MET B 62 -12.61 -7.48 34.12
CA MET B 62 -12.98 -8.81 33.67
C MET B 62 -11.72 -9.65 33.52
N SER B 63 -11.76 -10.89 34.03
CA SER B 63 -10.64 -11.81 33.93
C SER B 63 -10.65 -12.36 32.51
N LEU B 64 -9.69 -11.92 31.70
CA LEU B 64 -9.60 -12.34 30.31
C LEU B 64 -8.55 -13.45 30.16
N ASN B 65 -7.33 -13.18 30.61
CA ASN B 65 -6.25 -14.15 30.50
C ASN B 65 -6.09 -14.84 31.83
N LEU B 66 -6.28 -16.16 31.84
CA LEU B 66 -6.09 -16.94 33.05
C LEU B 66 -4.81 -17.74 32.85
N GLU B 67 -3.67 -17.14 33.18
CA GLU B 67 -2.39 -17.79 33.04
C GLU B 67 -2.04 -18.47 34.35
N PRO B 68 -1.12 -19.45 34.31
CA PRO B 68 -0.69 -20.21 35.49
C PRO B 68 0.13 -19.40 36.51
N ASP B 69 -0.09 -18.09 36.60
CA ASP B 69 0.67 -17.28 37.56
C ASP B 69 0.08 -15.87 37.65
N ASN B 70 -0.71 -15.47 36.66
CA ASN B 70 -1.30 -14.13 36.67
C ASN B 70 -2.64 -14.17 35.95
N VAL B 71 -3.40 -13.09 36.07
CA VAL B 71 -4.70 -12.98 35.44
C VAL B 71 -4.75 -11.63 34.73
N GLY B 72 -4.92 -11.65 33.42
CA GLY B 72 -5.02 -10.42 32.67
C GLY B 72 -6.43 -9.90 32.86
N VAL B 73 -6.58 -8.74 33.47
CA VAL B 73 -7.89 -8.17 33.72
C VAL B 73 -8.14 -6.97 32.81
N VAL B 74 -9.21 -7.04 32.03
CA VAL B 74 -9.61 -5.95 31.14
C VAL B 74 -10.35 -4.97 32.04
N VAL B 75 -9.92 -3.71 32.02
CA VAL B 75 -10.52 -2.70 32.88
C VAL B 75 -11.56 -1.89 32.11
N PHE B 76 -12.78 -1.85 32.64
CA PHE B 76 -13.87 -1.11 32.03
C PHE B 76 -13.91 0.28 32.66
N GLY B 77 -12.77 0.96 32.66
CA GLY B 77 -12.71 2.29 33.25
C GLY B 77 -11.31 2.86 33.20
N ASN B 78 -11.09 3.94 33.95
CA ASN B 78 -9.79 4.60 34.00
C ASN B 78 -8.79 3.66 34.66
N ASP B 79 -8.21 2.79 33.84
CA ASP B 79 -7.22 1.80 34.28
C ASP B 79 -5.96 2.48 34.81
N LYS B 80 -5.83 3.79 34.59
CA LYS B 80 -4.65 4.53 35.04
C LYS B 80 -4.71 4.70 36.54
N LEU B 81 -5.89 4.46 37.12
CA LEU B 81 -6.09 4.59 38.56
C LEU B 81 -5.50 3.37 39.27
N ILE B 82 -5.38 2.26 38.55
CA ILE B 82 -4.86 1.03 39.11
C ILE B 82 -3.37 1.20 39.36
N LYS B 83 -2.91 0.69 40.50
CA LYS B 83 -1.52 0.78 40.87
C LYS B 83 -1.08 -0.61 41.31
N GLU B 84 0.23 -0.82 41.35
CA GLU B 84 0.81 -2.09 41.77
C GLU B 84 0.45 -2.29 43.24
N GLY B 85 0.01 -3.49 43.58
CA GLY B 85 -0.35 -3.79 44.97
C GLY B 85 -1.82 -3.61 45.27
N ASP B 86 -2.56 -3.02 44.33
CA ASP B 86 -3.99 -2.79 44.52
C ASP B 86 -4.69 -4.14 44.67
N ILE B 87 -5.69 -4.16 45.55
CA ILE B 87 -6.44 -5.37 45.83
C ILE B 87 -7.52 -5.53 44.76
N VAL B 88 -7.69 -6.76 44.31
CA VAL B 88 -8.68 -7.12 43.30
C VAL B 88 -9.52 -8.23 43.92
N LYS B 89 -10.84 -8.05 43.92
CA LYS B 89 -11.75 -9.03 44.51
C LYS B 89 -12.61 -9.63 43.41
N ARG B 90 -13.16 -10.81 43.68
CA ARG B 90 -14.01 -11.51 42.73
C ARG B 90 -15.45 -11.08 42.97
N THR B 91 -16.24 -11.04 41.90
CA THR B 91 -17.66 -10.70 42.02
C THR B 91 -18.40 -12.02 42.06
N GLY B 92 -17.85 -13.01 41.35
CA GLY B 92 -18.44 -14.32 41.29
C GLY B 92 -19.57 -14.45 40.28
N ALA B 93 -19.64 -13.48 39.37
CA ALA B 93 -20.68 -13.49 38.35
C ALA B 93 -20.04 -13.08 37.04
N ILE B 94 -20.42 -13.79 35.97
CA ILE B 94 -19.90 -13.50 34.65
C ILE B 94 -20.41 -12.09 34.31
N VAL B 95 -19.64 -11.35 33.52
CA VAL B 95 -19.99 -9.97 33.15
C VAL B 95 -21.46 -9.92 32.72
N ASP B 96 -22.26 -9.27 33.57
CA ASP B 96 -23.69 -9.12 33.34
C ASP B 96 -24.05 -7.67 33.65
N VAL B 97 -25.09 -7.16 33.00
CA VAL B 97 -25.50 -5.78 33.20
C VAL B 97 -26.96 -5.76 33.62
N PRO B 98 -27.41 -4.64 34.24
CA PRO B 98 -28.79 -4.49 34.70
C PRO B 98 -29.71 -4.57 33.50
N VAL B 99 -30.80 -5.33 33.65
CA VAL B 99 -31.75 -5.50 32.56
C VAL B 99 -33.15 -5.37 33.14
N GLY B 100 -34.05 -4.75 32.39
CA GLY B 100 -35.42 -4.60 32.85
C GLY B 100 -36.10 -3.39 32.25
N GLU B 101 -37.43 -3.35 32.36
CA GLU B 101 -38.20 -2.23 31.82
C GLU B 101 -37.87 -0.95 32.59
N GLU B 102 -37.25 -1.11 33.77
CA GLU B 102 -36.89 0.03 34.61
C GLU B 102 -35.70 0.79 34.00
N LEU B 103 -35.19 0.34 32.86
CA LEU B 103 -34.07 1.01 32.22
C LEU B 103 -34.59 1.99 31.18
N LEU B 104 -35.89 1.94 30.90
CA LEU B 104 -36.49 2.83 29.92
C LEU B 104 -36.32 4.26 30.40
N GLY B 105 -36.04 5.16 29.46
CA GLY B 105 -35.86 6.56 29.79
C GLY B 105 -34.64 6.87 30.63
N ARG B 106 -33.77 5.89 30.84
CA ARG B 106 -32.59 6.10 31.64
C ARG B 106 -31.36 6.02 30.74
N VAL B 107 -30.46 6.97 30.92
CA VAL B 107 -29.21 7.01 30.18
C VAL B 107 -28.20 6.30 31.07
N VAL B 108 -27.67 5.18 30.61
CA VAL B 108 -26.72 4.41 31.40
C VAL B 108 -25.43 4.25 30.62
N ASP B 109 -24.36 3.91 31.33
CA ASP B 109 -23.06 3.70 30.71
C ASP B 109 -22.99 2.24 30.26
N ALA B 110 -21.83 1.83 29.76
CA ALA B 110 -21.63 0.46 29.28
C ALA B 110 -21.88 -0.55 30.41
N LEU B 111 -21.56 -0.18 31.65
CA LEU B 111 -21.74 -1.06 32.81
C LEU B 111 -23.20 -1.10 33.25
N GLY B 112 -24.01 -0.17 32.74
CA GLY B 112 -25.41 -0.13 33.11
C GLY B 112 -25.75 0.92 34.15
N ASN B 113 -24.73 1.47 34.82
CA ASN B 113 -24.93 2.50 35.84
C ASN B 113 -25.50 3.73 35.15
N ALA B 114 -26.48 4.37 35.78
CA ALA B 114 -27.12 5.56 35.24
C ALA B 114 -26.11 6.70 35.30
N ILE B 115 -26.24 7.64 34.36
CA ILE B 115 -25.35 8.80 34.30
C ILE B 115 -26.20 10.05 34.10
N ASP B 116 -27.51 9.92 34.37
CA ASP B 116 -28.44 11.04 34.21
C ASP B 116 -28.94 11.50 35.58
N GLY B 117 -28.42 10.88 36.64
CA GLY B 117 -28.81 11.25 37.99
C GLY B 117 -30.31 11.16 38.26
N LYS B 118 -30.85 9.94 38.30
CA LYS B 118 -32.28 9.74 38.55
C LYS B 118 -32.46 8.41 39.29
N GLY B 119 -31.77 8.25 40.42
CA GLY B 119 -31.92 7.01 41.18
C GLY B 119 -30.80 6.01 40.98
N PRO B 120 -30.33 5.37 42.07
CA PRO B 120 -29.26 4.37 42.13
C PRO B 120 -29.57 2.98 41.54
N ILE B 121 -29.81 2.94 40.23
CA ILE B 121 -30.09 1.71 39.48
C ILE B 121 -31.12 0.83 40.20
N GLY B 122 -32.39 1.04 39.87
CA GLY B 122 -33.45 0.26 40.48
C GLY B 122 -33.92 -0.80 39.51
N SER B 123 -33.16 -1.87 39.36
CA SER B 123 -33.51 -2.96 38.46
C SER B 123 -33.88 -4.17 39.30
N LYS B 124 -34.43 -5.19 38.66
CA LYS B 124 -34.83 -6.41 39.36
C LYS B 124 -34.17 -7.63 38.71
N ALA B 125 -33.38 -7.43 37.67
CA ALA B 125 -32.73 -8.55 37.01
C ALA B 125 -31.44 -8.10 36.36
N ARG B 126 -30.58 -9.06 36.05
CA ARG B 126 -29.29 -8.81 35.42
C ARG B 126 -29.14 -9.89 34.34
N ARG B 127 -28.55 -9.52 33.21
CA ARG B 127 -28.37 -10.47 32.11
C ARG B 127 -26.93 -10.39 31.64
N ARG B 128 -26.37 -11.54 31.27
CA ARG B 128 -24.99 -11.62 30.79
C ARG B 128 -24.88 -10.90 29.46
N VAL B 129 -23.72 -10.32 29.20
CA VAL B 129 -23.46 -9.59 27.97
C VAL B 129 -22.95 -10.57 26.90
N GLY B 130 -22.59 -11.77 27.33
CA GLY B 130 -22.07 -12.77 26.39
C GLY B 130 -22.98 -13.95 26.08
N LEU B 131 -24.29 -13.79 26.29
CA LEU B 131 -25.22 -14.87 26.00
C LEU B 131 -25.18 -15.13 24.50
N LYS B 132 -25.14 -16.40 24.13
CA LYS B 132 -25.06 -16.77 22.71
C LYS B 132 -26.40 -16.50 22.03
N ALA B 133 -26.32 -16.31 20.71
CA ALA B 133 -27.49 -16.02 19.89
C ALA B 133 -28.38 -17.26 19.81
N PRO B 134 -29.70 -17.05 19.70
CA PRO B 134 -30.70 -18.12 19.62
C PRO B 134 -30.38 -19.06 18.46
N GLY B 135 -30.72 -20.34 18.63
CA GLY B 135 -30.45 -21.32 17.59
C GLY B 135 -31.40 -21.24 16.41
N ILE B 136 -31.35 -22.27 15.58
CA ILE B 136 -32.18 -22.38 14.39
C ILE B 136 -33.66 -22.53 14.77
N ILE B 137 -33.94 -23.52 15.61
CA ILE B 137 -35.30 -23.86 16.07
C ILE B 137 -36.09 -22.67 16.64
N PRO B 138 -35.53 -21.93 17.62
CA PRO B 138 -36.26 -20.79 18.19
C PRO B 138 -36.63 -19.65 17.24
N ARG B 139 -35.93 -19.54 16.12
CA ARG B 139 -36.16 -18.46 15.17
C ARG B 139 -37.27 -18.83 14.19
N ILE B 140 -37.80 -17.82 13.51
CA ILE B 140 -38.86 -17.98 12.52
C ILE B 140 -38.72 -16.82 11.53
N SER B 141 -39.30 -16.97 10.34
CA SER B 141 -39.25 -15.95 9.31
C SER B 141 -39.86 -14.67 9.84
N VAL B 142 -39.29 -13.52 9.46
CA VAL B 142 -39.79 -12.21 9.89
C VAL B 142 -41.11 -11.96 9.17
N ARG B 143 -41.99 -11.18 9.79
CA ARG B 143 -43.29 -10.87 9.20
C ARG B 143 -43.82 -9.57 9.78
N GLU B 144 -43.61 -9.37 11.07
CA GLU B 144 -44.08 -8.16 11.76
C GLU B 144 -43.30 -6.97 11.20
N PRO B 145 -44.00 -6.01 10.59
CA PRO B 145 -43.35 -4.82 10.01
C PRO B 145 -42.75 -3.88 11.05
N MET B 146 -41.52 -3.47 10.82
CA MET B 146 -40.82 -2.54 11.70
C MET B 146 -40.89 -1.19 10.99
N GLN B 147 -41.97 -0.45 11.26
CA GLN B 147 -42.21 0.85 10.63
C GLN B 147 -41.21 1.89 11.13
N THR B 148 -40.38 2.37 10.21
CA THR B 148 -39.38 3.37 10.54
C THR B 148 -40.02 4.75 10.42
N GLY B 149 -41.10 4.83 9.65
CA GLY B 149 -41.78 6.11 9.46
C GLY B 149 -41.17 6.92 8.34
N ILE B 150 -40.11 6.39 7.75
CA ILE B 150 -39.41 7.06 6.65
C ILE B 150 -39.91 6.41 5.37
N LYS B 151 -40.51 7.23 4.50
CA LYS B 151 -41.05 6.79 3.22
C LYS B 151 -40.04 5.96 2.44
N ALA B 152 -38.93 6.59 2.04
CA ALA B 152 -37.88 5.94 1.25
C ALA B 152 -37.57 4.54 1.78
N VAL B 153 -37.43 4.41 3.10
CA VAL B 153 -37.09 3.12 3.71
C VAL B 153 -38.26 2.14 3.64
N ASP B 154 -39.34 2.41 4.38
CA ASP B 154 -40.50 1.50 4.43
C ASP B 154 -41.02 1.11 3.04
N SER B 155 -40.80 1.96 2.04
CA SER B 155 -41.30 1.65 0.70
C SER B 155 -40.31 0.80 -0.09
N LEU B 156 -39.06 1.25 -0.18
CA LEU B 156 -38.04 0.56 -0.95
C LEU B 156 -37.31 -0.50 -0.15
N VAL B 157 -36.87 -0.16 1.06
CA VAL B 157 -36.13 -1.12 1.89
C VAL B 157 -36.93 -1.40 3.18
N PRO B 158 -37.93 -2.29 3.10
CA PRO B 158 -38.76 -2.63 4.26
C PRO B 158 -37.94 -3.34 5.33
N ILE B 159 -38.17 -2.98 6.59
CA ILE B 159 -37.47 -3.60 7.70
C ILE B 159 -38.50 -4.43 8.46
N GLY B 160 -38.07 -5.60 8.93
CA GLY B 160 -38.95 -6.48 9.67
C GLY B 160 -38.46 -6.65 11.09
N ARG B 161 -39.37 -6.85 12.03
CA ARG B 161 -39.01 -7.03 13.43
C ARG B 161 -38.26 -8.34 13.57
N GLY B 162 -36.98 -8.24 13.90
CA GLY B 162 -36.14 -9.42 14.04
C GLY B 162 -35.15 -9.52 12.91
N GLN B 163 -34.98 -8.42 12.18
CA GLN B 163 -34.07 -8.37 11.05
C GLN B 163 -32.90 -7.46 11.43
N ARG B 164 -31.76 -7.67 10.79
CA ARG B 164 -30.59 -6.84 11.02
C ARG B 164 -30.41 -6.01 9.75
N GLU B 165 -30.66 -4.71 9.85
CA GLU B 165 -30.50 -3.83 8.70
C GLU B 165 -29.37 -2.88 9.03
N LEU B 166 -28.42 -2.76 8.12
CA LEU B 166 -27.25 -1.92 8.33
C LEU B 166 -27.48 -0.55 7.71
N ILE B 167 -27.15 0.49 8.47
CA ILE B 167 -27.23 1.87 7.99
C ILE B 167 -25.77 2.19 7.72
N ILE B 168 -25.36 2.18 6.46
CA ILE B 168 -23.96 2.42 6.10
C ILE B 168 -23.83 3.69 5.29
N GLY B 169 -22.78 4.46 5.57
CA GLY B 169 -22.53 5.69 4.84
C GLY B 169 -21.32 6.40 5.40
N ASP B 170 -20.95 7.52 4.79
CA ASP B 170 -19.80 8.31 5.24
C ASP B 170 -20.30 9.22 6.35
N ARG B 171 -19.44 10.09 6.84
CA ARG B 171 -19.83 11.03 7.89
C ARG B 171 -20.77 12.06 7.26
N GLN B 172 -21.70 12.56 8.07
CA GLN B 172 -22.66 13.58 7.66
C GLN B 172 -23.56 13.10 6.52
N THR B 173 -23.85 11.80 6.46
CA THR B 173 -24.73 11.29 5.39
C THR B 173 -26.17 11.18 5.89
N GLY B 174 -26.40 11.47 7.17
CA GLY B 174 -27.74 11.40 7.71
C GLY B 174 -28.18 10.05 8.26
N LYS B 175 -27.21 9.20 8.58
CA LYS B 175 -27.48 7.86 9.11
C LYS B 175 -28.21 7.94 10.45
N THR B 176 -27.54 8.53 11.45
CA THR B 176 -28.08 8.66 12.80
C THR B 176 -29.51 9.22 12.77
N SER B 177 -29.77 10.14 11.85
CA SER B 177 -31.08 10.79 11.70
C SER B 177 -32.16 9.74 11.41
N ILE B 178 -31.84 8.79 10.54
CA ILE B 178 -32.79 7.74 10.19
C ILE B 178 -33.17 7.00 11.47
N ALA B 179 -32.16 6.63 12.25
CA ALA B 179 -32.36 5.90 13.51
C ALA B 179 -33.33 6.66 14.42
N ILE B 180 -33.10 7.95 14.60
CA ILE B 180 -33.93 8.77 15.48
C ILE B 180 -35.38 8.80 14.98
N ASP B 181 -35.56 8.96 13.66
CA ASP B 181 -36.92 9.01 13.10
C ASP B 181 -37.63 7.69 13.38
N THR B 182 -36.91 6.58 13.27
CA THR B 182 -37.49 5.27 13.52
C THR B 182 -37.96 5.19 14.97
N ILE B 183 -37.14 5.66 15.89
CA ILE B 183 -37.47 5.63 17.32
C ILE B 183 -38.71 6.49 17.55
N ILE B 184 -38.64 7.78 17.19
CA ILE B 184 -39.74 8.72 17.38
C ILE B 184 -41.06 8.14 16.84
N ASN B 185 -41.02 7.64 15.61
CA ASN B 185 -42.20 7.06 14.95
C ASN B 185 -42.87 6.02 15.84
N GLN B 186 -42.08 5.21 16.51
CA GLN B 186 -42.57 4.13 17.37
C GLN B 186 -43.52 4.62 18.46
N LYS B 187 -43.48 5.91 18.79
CA LYS B 187 -44.35 6.45 19.84
C LYS B 187 -45.81 6.17 19.52
N ARG B 188 -46.19 6.28 18.25
CA ARG B 188 -47.58 6.08 17.83
C ARG B 188 -48.06 4.68 18.25
N PHE B 189 -47.16 3.69 18.17
CA PHE B 189 -47.52 2.32 18.52
C PHE B 189 -47.45 2.16 20.05
N ASN B 190 -46.36 2.61 20.65
CA ASN B 190 -46.13 2.50 22.09
C ASN B 190 -47.27 3.16 22.87
N ASP B 191 -47.93 4.14 22.27
CA ASP B 191 -49.05 4.82 22.95
C ASP B 191 -50.35 4.19 22.47
N GLY B 192 -50.32 2.89 22.23
CA GLY B 192 -51.50 2.18 21.77
C GLY B 192 -52.01 1.21 22.81
N THR B 193 -52.76 0.21 22.35
CA THR B 193 -53.33 -0.79 23.26
C THR B 193 -52.69 -2.15 22.95
N ASP B 194 -52.45 -2.40 21.67
CA ASP B 194 -51.87 -3.68 21.23
C ASP B 194 -50.38 -3.69 21.61
N GLU B 195 -50.07 -4.40 22.68
CA GLU B 195 -48.70 -4.51 23.18
C GLU B 195 -47.82 -5.15 22.11
N LYS B 196 -48.43 -5.95 21.24
CA LYS B 196 -47.71 -6.66 20.18
C LYS B 196 -47.21 -5.70 19.10
N LYS B 197 -47.76 -4.48 19.05
CA LYS B 197 -47.34 -3.50 18.05
C LYS B 197 -46.28 -2.58 18.63
N LYS B 198 -46.21 -2.50 19.96
CA LYS B 198 -45.24 -1.64 20.62
C LYS B 198 -43.84 -2.16 20.31
N LEU B 199 -42.89 -1.24 20.27
CA LEU B 199 -41.50 -1.57 19.97
C LEU B 199 -40.65 -0.69 20.87
N TYR B 200 -39.98 -1.31 21.84
CA TYR B 200 -39.11 -0.60 22.77
C TYR B 200 -37.81 -0.37 22.04
N CYS B 201 -37.21 0.80 22.24
CA CYS B 201 -35.97 1.13 21.54
C CYS B 201 -34.81 1.23 22.54
N ILE B 202 -33.62 0.90 22.03
CA ILE B 202 -32.38 0.95 22.80
C ILE B 202 -31.35 1.57 21.87
N TYR B 203 -30.85 2.75 22.22
CA TYR B 203 -29.85 3.43 21.40
C TYR B 203 -28.50 3.29 22.11
N VAL B 204 -27.53 2.71 21.42
CA VAL B 204 -26.20 2.52 21.98
C VAL B 204 -25.26 3.50 21.28
N ALA B 205 -24.71 4.43 22.05
CA ALA B 205 -23.80 5.44 21.57
C ALA B 205 -22.38 4.93 21.80
N ILE B 206 -21.68 4.63 20.71
CA ILE B 206 -20.31 4.12 20.79
C ILE B 206 -19.37 5.17 20.21
N GLY B 207 -18.43 5.63 21.04
CA GLY B 207 -17.46 6.61 20.63
C GLY B 207 -17.93 7.97 20.18
N GLN B 208 -19.22 8.27 20.33
CA GLN B 208 -19.74 9.57 19.92
C GLN B 208 -19.38 10.60 21.00
N LYS B 209 -19.72 11.86 20.76
CA LYS B 209 -19.42 12.93 21.70
C LYS B 209 -20.55 13.01 22.73
N ARG B 210 -20.19 13.36 23.97
CA ARG B 210 -21.15 13.49 25.07
C ARG B 210 -22.22 14.47 24.64
N SER B 211 -21.80 15.54 23.98
CA SER B 211 -22.68 16.59 23.51
C SER B 211 -23.79 15.97 22.67
N THR B 212 -23.40 15.19 21.67
CA THR B 212 -24.34 14.56 20.76
C THR B 212 -25.31 13.66 21.53
N VAL B 213 -24.78 12.82 22.40
CA VAL B 213 -25.61 11.88 23.15
C VAL B 213 -26.59 12.65 24.06
N ALA B 214 -26.14 13.76 24.65
CA ALA B 214 -26.97 14.57 25.54
C ALA B 214 -28.10 15.19 24.72
N GLN B 215 -27.75 15.80 23.61
CA GLN B 215 -28.72 16.45 22.74
C GLN B 215 -29.62 15.38 22.11
N LEU B 216 -29.09 14.16 22.02
CA LEU B 216 -29.84 13.04 21.45
C LEU B 216 -30.99 12.68 22.38
N VAL B 217 -30.69 12.42 23.64
CA VAL B 217 -31.72 12.05 24.60
C VAL B 217 -32.71 13.20 24.74
N LYS B 218 -32.22 14.44 24.74
CA LYS B 218 -33.08 15.61 24.88
C LYS B 218 -34.07 15.62 23.72
N ARG B 219 -33.59 15.34 22.51
CA ARG B 219 -34.43 15.32 21.33
C ARG B 219 -35.54 14.29 21.55
N LEU B 220 -35.16 13.12 22.04
CA LEU B 220 -36.11 12.05 22.29
C LEU B 220 -37.08 12.48 23.38
N THR B 221 -36.61 13.28 24.34
CA THR B 221 -37.46 13.75 25.43
C THR B 221 -38.50 14.72 24.85
N ASP B 222 -38.08 15.58 23.92
CA ASP B 222 -38.98 16.55 23.29
C ASP B 222 -40.04 15.79 22.51
N ALA B 223 -39.63 14.69 21.88
CA ALA B 223 -40.54 13.86 21.10
C ALA B 223 -41.30 12.94 22.05
N ASP B 224 -40.89 12.92 23.31
CA ASP B 224 -41.52 12.08 24.35
C ASP B 224 -41.24 10.61 24.04
N ALA B 225 -40.29 10.37 23.14
CA ALA B 225 -39.91 9.03 22.72
C ALA B 225 -38.97 8.39 23.75
N MET B 226 -38.39 9.21 24.62
CA MET B 226 -37.44 8.72 25.62
C MET B 226 -38.10 7.72 26.57
N LYS B 227 -39.39 7.88 26.83
CA LYS B 227 -40.12 7.01 27.75
C LYS B 227 -39.90 5.53 27.42
N TYR B 228 -39.76 5.19 26.16
CA TYR B 228 -39.58 3.79 25.77
C TYR B 228 -38.21 3.56 25.15
N THR B 229 -37.23 4.41 25.47
CA THR B 229 -35.90 4.25 24.90
C THR B 229 -34.86 4.16 26.01
N ILE B 230 -33.99 3.16 25.90
CA ILE B 230 -32.89 2.96 26.85
C ILE B 230 -31.67 3.43 26.08
N VAL B 231 -30.85 4.29 26.69
CA VAL B 231 -29.68 4.81 25.99
C VAL B 231 -28.41 4.37 26.71
N VAL B 232 -27.60 3.57 26.04
CA VAL B 232 -26.32 3.10 26.57
C VAL B 232 -25.28 4.01 25.94
N SER B 233 -24.57 4.77 26.75
CA SER B 233 -23.59 5.71 26.22
C SER B 233 -22.17 5.29 26.56
N ALA B 234 -21.29 5.40 25.57
CA ALA B 234 -19.86 5.08 25.70
C ALA B 234 -19.17 6.07 24.76
N THR B 235 -19.19 7.34 25.16
CA THR B 235 -18.61 8.42 24.38
C THR B 235 -17.11 8.23 24.19
N ALA B 236 -16.56 8.93 23.20
CA ALA B 236 -15.14 8.86 22.87
C ALA B 236 -14.37 9.59 23.97
N SER B 237 -14.37 9.00 25.16
CA SER B 237 -13.72 9.57 26.32
C SER B 237 -13.58 8.43 27.33
N ASP B 238 -14.56 7.54 27.34
CA ASP B 238 -14.54 6.40 28.24
C ASP B 238 -13.50 5.45 27.70
N ALA B 239 -12.93 4.65 28.59
CA ALA B 239 -11.90 3.68 28.23
C ALA B 239 -12.41 2.81 27.08
N ALA B 240 -11.49 2.46 26.18
CA ALA B 240 -11.79 1.65 25.00
C ALA B 240 -12.68 0.45 25.38
N PRO B 241 -12.30 -0.33 26.40
CA PRO B 241 -13.12 -1.49 26.78
C PRO B 241 -14.61 -1.19 27.01
N LEU B 242 -14.92 0.02 27.48
CA LEU B 242 -16.30 0.41 27.72
C LEU B 242 -17.02 0.55 26.40
N GLN B 243 -16.35 1.15 25.41
CA GLN B 243 -16.92 1.33 24.08
C GLN B 243 -17.14 -0.03 23.44
N TYR B 244 -16.22 -0.96 23.71
CA TYR B 244 -16.29 -2.31 23.18
C TYR B 244 -17.47 -3.07 23.82
N LEU B 245 -17.66 -2.89 25.12
CA LEU B 245 -18.73 -3.59 25.85
C LEU B 245 -20.10 -2.98 25.58
N ALA B 246 -20.14 -1.65 25.43
CA ALA B 246 -21.39 -0.89 25.22
C ALA B 246 -22.42 -1.62 24.33
N PRO B 247 -22.04 -2.02 23.10
CA PRO B 247 -23.02 -2.70 22.25
C PRO B 247 -23.61 -4.00 22.81
N TYR B 248 -22.79 -4.82 23.45
CA TYR B 248 -23.24 -6.10 24.00
C TYR B 248 -24.21 -5.83 25.15
N SER B 249 -23.82 -4.97 26.08
CA SER B 249 -24.64 -4.62 27.25
C SER B 249 -26.03 -4.21 26.76
N GLY B 250 -26.08 -3.29 25.81
CA GLY B 250 -27.35 -2.83 25.28
C GLY B 250 -28.14 -3.97 24.64
N CYS B 251 -27.42 -4.86 23.97
CA CYS B 251 -28.01 -6.00 23.29
C CYS B 251 -28.74 -6.87 24.32
N SER B 252 -28.05 -7.18 25.42
CA SER B 252 -28.61 -8.00 26.48
C SER B 252 -29.92 -7.40 26.96
N MET B 253 -29.90 -6.09 27.23
CA MET B 253 -31.09 -5.36 27.70
C MET B 253 -32.25 -5.60 26.74
N GLY B 254 -31.94 -5.66 25.44
CA GLY B 254 -32.98 -5.89 24.44
C GLY B 254 -33.46 -7.32 24.41
N GLU B 255 -32.57 -8.27 24.68
CA GLU B 255 -32.92 -9.69 24.67
C GLU B 255 -34.00 -9.98 25.72
N TYR B 256 -34.14 -9.08 26.69
CA TYR B 256 -35.13 -9.21 27.75
C TYR B 256 -36.51 -9.23 27.10
N PHE B 257 -36.85 -8.15 26.42
CA PHE B 257 -38.14 -7.99 25.76
C PHE B 257 -38.34 -9.14 24.76
N ARG B 258 -37.30 -9.46 24.01
CA ARG B 258 -37.34 -10.52 23.00
C ARG B 258 -37.81 -11.83 23.64
N ASP B 259 -37.17 -12.23 24.73
CA ASP B 259 -37.50 -13.48 25.39
C ASP B 259 -38.70 -13.30 26.34
N ASN B 260 -39.42 -12.19 26.19
CA ASN B 260 -40.58 -11.93 27.04
C ASN B 260 -41.78 -11.64 26.13
N GLY B 261 -41.69 -12.10 24.88
CA GLY B 261 -42.79 -11.90 23.94
C GLY B 261 -42.96 -10.49 23.43
N LYS B 262 -42.10 -9.58 23.88
CA LYS B 262 -42.15 -8.19 23.47
C LYS B 262 -41.21 -8.00 22.30
N HIS B 263 -41.26 -6.82 21.68
CA HIS B 263 -40.40 -6.53 20.53
C HIS B 263 -39.54 -5.33 20.90
N ALA B 264 -38.25 -5.42 20.59
CA ALA B 264 -37.31 -4.36 20.90
C ALA B 264 -36.52 -4.03 19.64
N LEU B 265 -35.92 -2.84 19.65
CA LEU B 265 -35.11 -2.34 18.55
C LEU B 265 -33.84 -1.78 19.19
N ILE B 266 -32.69 -2.18 18.67
CA ILE B 266 -31.42 -1.70 19.20
C ILE B 266 -30.63 -1.13 18.05
N ILE B 267 -30.08 0.06 18.27
CA ILE B 267 -29.30 0.75 17.25
C ILE B 267 -27.87 0.87 17.77
N TYR B 268 -26.92 0.41 16.96
CA TYR B 268 -25.51 0.47 17.33
C TYR B 268 -24.92 1.62 16.53
N ASP B 269 -24.70 2.75 17.19
CA ASP B 269 -24.16 3.93 16.53
C ASP B 269 -22.85 4.29 17.22
N ASP B 270 -21.72 3.82 16.69
CA ASP B 270 -21.67 2.99 15.48
C ASP B 270 -20.69 1.85 15.73
N LEU B 271 -20.81 0.79 14.94
CA LEU B 271 -19.95 -0.38 15.08
C LEU B 271 -18.55 -0.10 14.54
N SER B 272 -18.38 0.97 13.78
CA SER B 272 -17.06 1.31 13.23
C SER B 272 -16.13 1.74 14.37
N LYS B 273 -16.64 2.59 15.26
CA LYS B 273 -15.85 3.08 16.38
C LYS B 273 -15.58 1.95 17.37
N GLN B 274 -16.52 1.03 17.52
CA GLN B 274 -16.33 -0.10 18.43
C GLN B 274 -15.15 -0.90 17.90
N ALA B 275 -15.13 -1.14 16.60
CA ALA B 275 -14.08 -1.92 15.95
C ALA B 275 -12.71 -1.28 16.25
N VAL B 276 -12.61 0.03 16.15
CA VAL B 276 -11.33 0.69 16.40
C VAL B 276 -10.97 0.54 17.88
N ALA B 277 -11.97 0.64 18.76
CA ALA B 277 -11.75 0.51 20.20
C ALA B 277 -11.23 -0.89 20.51
N TYR B 278 -11.81 -1.90 19.87
CA TYR B 278 -11.39 -3.27 20.07
C TYR B 278 -9.98 -3.44 19.50
N ARG B 279 -9.67 -2.68 18.45
CA ARG B 279 -8.35 -2.75 17.82
C ARG B 279 -7.30 -2.19 18.79
N GLN B 280 -7.62 -1.09 19.44
CA GLN B 280 -6.73 -0.47 20.41
C GLN B 280 -6.36 -1.53 21.45
N MET B 281 -7.38 -2.21 21.96
CA MET B 281 -7.21 -3.25 22.98
C MET B 281 -6.32 -4.37 22.45
N SER B 282 -6.68 -4.91 21.30
CA SER B 282 -5.94 -6.02 20.69
C SER B 282 -4.46 -5.68 20.52
N LEU B 283 -4.18 -4.51 19.94
CA LEU B 283 -2.80 -4.08 19.68
C LEU B 283 -2.04 -3.90 21.00
N LEU B 284 -2.71 -3.40 22.02
CA LEU B 284 -2.05 -3.22 23.31
C LEU B 284 -1.75 -4.63 23.86
N LEU B 285 -2.67 -5.56 23.59
CA LEU B 285 -2.53 -6.96 24.03
C LEU B 285 -1.45 -7.63 23.18
N ARG B 286 -0.94 -6.90 22.20
CA ARG B 286 0.09 -7.38 21.28
C ARG B 286 -0.46 -8.50 20.40
N ARG B 287 -1.77 -8.50 20.17
CA ARG B 287 -2.39 -9.49 19.32
C ARG B 287 -2.02 -9.12 17.88
N PRO B 288 -1.63 -10.12 17.06
CA PRO B 288 -1.22 -9.94 15.66
C PRO B 288 -2.17 -9.12 14.78
N PRO B 289 -1.69 -7.96 14.29
CA PRO B 289 -2.45 -7.05 13.44
C PRO B 289 -2.65 -7.60 12.03
N GLY B 290 -3.91 -7.67 11.60
CA GLY B 290 -4.21 -8.17 10.27
C GLY B 290 -4.44 -7.04 9.29
N ARG B 291 -5.42 -7.22 8.41
CA ARG B 291 -5.74 -6.22 7.41
C ARG B 291 -6.18 -4.96 8.15
N GLU B 292 -5.54 -3.83 7.80
CA GLU B 292 -5.82 -2.54 8.42
C GLU B 292 -5.44 -2.58 9.89
N ALA B 293 -4.50 -3.47 10.23
CA ALA B 293 -4.00 -3.65 11.59
C ALA B 293 -5.13 -4.08 12.53
N TYR B 294 -6.25 -4.50 11.98
CA TYR B 294 -7.38 -4.94 12.79
C TYR B 294 -7.14 -6.38 13.21
N PRO B 295 -7.50 -6.74 14.45
CA PRO B 295 -7.30 -8.11 14.93
C PRO B 295 -8.15 -9.07 14.10
N GLY B 296 -7.60 -10.24 13.82
CA GLY B 296 -8.30 -11.23 13.01
C GLY B 296 -9.57 -11.84 13.59
N ASP B 297 -10.32 -11.09 14.39
CA ASP B 297 -11.56 -11.60 14.96
C ASP B 297 -12.59 -10.48 15.04
N VAL B 298 -12.32 -9.35 14.40
CA VAL B 298 -13.26 -8.22 14.41
C VAL B 298 -14.57 -8.67 13.78
N PHE B 299 -14.50 -9.67 12.90
CA PHE B 299 -15.69 -10.19 12.26
C PHE B 299 -16.56 -10.81 13.34
N TYR B 300 -16.00 -11.83 14.00
CA TYR B 300 -16.69 -12.56 15.07
C TYR B 300 -17.19 -11.56 16.11
N LEU B 301 -16.46 -10.48 16.30
CA LEU B 301 -16.82 -9.44 17.26
C LEU B 301 -18.21 -8.91 16.90
N HIS B 302 -18.43 -8.66 15.61
CA HIS B 302 -19.70 -8.12 15.12
C HIS B 302 -20.70 -9.23 14.81
N SER B 303 -20.22 -10.42 14.46
CA SER B 303 -21.10 -11.54 14.11
C SER B 303 -21.88 -12.00 15.33
N ARG B 304 -21.16 -12.30 16.42
CA ARG B 304 -21.81 -12.77 17.64
C ARG B 304 -22.83 -11.74 18.13
N LEU B 305 -22.49 -10.46 17.97
CA LEU B 305 -23.36 -9.37 18.41
C LEU B 305 -24.66 -9.34 17.60
N LEU B 306 -24.53 -9.12 16.30
CA LEU B 306 -25.69 -9.03 15.42
C LEU B 306 -26.48 -10.33 15.37
N GLU B 307 -25.81 -11.45 15.55
CA GLU B 307 -26.46 -12.76 15.52
C GLU B 307 -27.60 -12.83 16.54
N ARG B 308 -27.45 -12.09 17.64
CA ARG B 308 -28.47 -12.09 18.70
C ARG B 308 -29.79 -11.54 18.18
N ALA B 309 -29.75 -10.53 17.35
CA ALA B 309 -30.97 -9.95 16.79
C ALA B 309 -31.65 -11.07 16.01
N ALA B 310 -32.83 -11.48 16.45
CA ALA B 310 -33.54 -12.56 15.78
C ALA B 310 -35.03 -12.42 16.04
N LYS B 311 -35.81 -13.24 15.34
CA LYS B 311 -37.25 -13.26 15.46
C LYS B 311 -37.61 -14.63 16.05
N MET B 312 -38.10 -14.62 17.28
CA MET B 312 -38.48 -15.84 17.99
C MET B 312 -39.86 -16.26 17.50
N ASN B 313 -40.11 -17.57 17.43
CA ASN B 313 -41.40 -18.06 16.99
C ASN B 313 -42.35 -18.03 18.19
N ASP B 314 -43.64 -18.25 17.93
CA ASP B 314 -44.68 -18.21 18.95
C ASP B 314 -44.33 -19.10 20.14
N ALA B 315 -43.84 -20.31 19.89
CA ALA B 315 -43.48 -21.24 20.97
C ALA B 315 -42.52 -20.57 21.95
N PHE B 316 -41.62 -19.74 21.43
CA PHE B 316 -40.67 -19.04 22.27
C PHE B 316 -41.12 -17.60 22.46
N GLY B 317 -42.40 -17.43 22.80
CA GLY B 317 -42.94 -16.12 23.05
C GLY B 317 -43.31 -15.27 21.85
N GLY B 318 -42.58 -15.43 20.74
CA GLY B 318 -42.86 -14.64 19.55
C GLY B 318 -42.25 -13.26 19.64
N GLY B 319 -41.22 -13.13 20.47
CA GLY B 319 -40.54 -11.85 20.62
C GLY B 319 -39.60 -11.60 19.46
N SER B 320 -38.90 -10.47 19.47
CA SER B 320 -37.97 -10.16 18.38
C SER B 320 -37.07 -8.99 18.79
N LEU B 321 -35.88 -8.96 18.22
CA LEU B 321 -34.92 -7.90 18.47
C LEU B 321 -34.39 -7.49 17.10
N THR B 322 -34.78 -6.30 16.66
CA THR B 322 -34.35 -5.77 15.37
C THR B 322 -33.08 -4.96 15.64
N ALA B 323 -32.07 -5.13 14.80
CA ALA B 323 -30.82 -4.41 14.99
C ALA B 323 -30.59 -3.49 13.81
N LEU B 324 -30.11 -2.29 14.11
CA LEU B 324 -29.80 -1.30 13.08
C LEU B 324 -28.39 -0.79 13.38
N PRO B 325 -27.37 -1.54 12.95
CA PRO B 325 -25.99 -1.12 13.18
C PRO B 325 -25.61 -0.02 12.18
N VAL B 326 -24.73 0.87 12.59
CA VAL B 326 -24.30 1.96 11.72
C VAL B 326 -22.82 1.74 11.43
N ILE B 327 -22.42 1.98 10.19
CA ILE B 327 -21.03 1.83 9.76
C ILE B 327 -20.63 3.08 8.97
N GLU B 328 -19.48 3.63 9.31
CA GLU B 328 -18.93 4.83 8.68
C GLU B 328 -17.86 4.40 7.70
N THR B 329 -18.09 4.66 6.42
CA THR B 329 -17.14 4.30 5.36
C THR B 329 -16.20 5.47 5.10
N GLN B 330 -15.24 5.23 4.21
CA GLN B 330 -14.26 6.23 3.83
C GLN B 330 -14.31 6.35 2.31
N ALA B 331 -14.54 7.57 1.81
CA ALA B 331 -14.60 7.84 0.37
C ALA B 331 -15.62 6.92 -0.29
N GLY B 332 -16.61 6.47 0.49
CA GLY B 332 -17.65 5.60 -0.04
C GLY B 332 -17.17 4.21 -0.42
N ASP B 333 -16.01 3.80 0.09
CA ASP B 333 -15.49 2.47 -0.23
C ASP B 333 -16.28 1.47 0.60
N VAL B 334 -17.28 0.87 -0.01
CA VAL B 334 -18.12 -0.11 0.64
C VAL B 334 -17.53 -1.50 0.39
N SER B 335 -16.22 -1.54 0.14
CA SER B 335 -15.51 -2.79 -0.11
C SER B 335 -14.41 -2.94 0.94
N ALA B 336 -14.33 -1.99 1.87
CA ALA B 336 -13.33 -2.04 2.94
C ALA B 336 -13.67 -3.21 3.85
N TYR B 337 -12.67 -3.71 4.58
CA TYR B 337 -12.82 -4.86 5.46
C TYR B 337 -14.04 -4.73 6.38
N ILE B 338 -14.00 -3.77 7.31
CA ILE B 338 -15.09 -3.59 8.27
C ILE B 338 -16.46 -3.55 7.56
N PRO B 339 -16.65 -2.63 6.59
CA PRO B 339 -17.93 -2.57 5.88
C PRO B 339 -18.42 -3.92 5.35
N THR B 340 -17.62 -4.55 4.50
CA THR B 340 -17.99 -5.83 3.90
C THR B 340 -18.28 -6.86 4.99
N ASN B 341 -17.51 -6.83 6.08
CA ASN B 341 -17.70 -7.78 7.18
C ASN B 341 -19.11 -7.63 7.74
N VAL B 342 -19.50 -6.41 8.08
CA VAL B 342 -20.82 -6.15 8.63
C VAL B 342 -21.86 -6.51 7.56
N ILE B 343 -21.55 -6.25 6.30
CA ILE B 343 -22.46 -6.55 5.18
C ILE B 343 -22.67 -8.07 5.10
N SER B 344 -21.65 -8.84 5.48
CA SER B 344 -21.75 -10.29 5.42
C SER B 344 -22.35 -10.84 6.72
N ILE B 345 -23.00 -9.96 7.50
CA ILE B 345 -23.61 -10.37 8.76
C ILE B 345 -25.07 -9.92 8.76
N THR B 346 -25.32 -8.67 8.36
CA THR B 346 -26.68 -8.14 8.35
C THR B 346 -27.47 -8.76 7.20
N ASP B 347 -28.75 -8.39 7.10
CA ASP B 347 -29.61 -8.93 6.07
C ASP B 347 -29.95 -7.80 5.08
N GLY B 348 -29.07 -6.81 5.01
CA GLY B 348 -29.29 -5.69 4.10
C GLY B 348 -28.68 -4.41 4.63
N GLN B 349 -28.53 -3.41 3.76
CA GLN B 349 -27.94 -2.14 4.15
C GLN B 349 -28.70 -1.03 3.45
N ILE B 350 -28.47 0.19 3.92
CA ILE B 350 -29.05 1.39 3.36
C ILE B 350 -27.85 2.29 3.10
N PHE B 351 -27.45 2.38 1.83
CA PHE B 351 -26.30 3.19 1.45
C PHE B 351 -26.71 4.64 1.34
N LEU B 352 -26.05 5.51 2.10
CA LEU B 352 -26.33 6.94 2.06
C LEU B 352 -25.15 7.61 1.36
N GLU B 353 -25.35 8.01 0.12
CA GLU B 353 -24.30 8.65 -0.69
C GLU B 353 -24.13 10.10 -0.28
N THR B 354 -22.87 10.53 -0.19
CA THR B 354 -22.53 11.90 0.18
C THR B 354 -23.04 12.84 -0.91
N GLU B 355 -22.81 12.46 -2.17
CA GLU B 355 -23.22 13.27 -3.31
C GLU B 355 -24.69 13.59 -3.21
N LEU B 356 -25.51 12.58 -2.97
CA LEU B 356 -26.96 12.77 -2.87
C LEU B 356 -27.29 13.73 -1.74
N PHE B 357 -26.56 13.64 -0.63
CA PHE B 357 -26.81 14.50 0.51
C PHE B 357 -26.60 15.96 0.11
N TYR B 358 -25.46 16.25 -0.51
CA TYR B 358 -25.12 17.62 -0.95
C TYR B 358 -26.05 18.01 -2.09
N LYS B 359 -26.51 17.00 -2.82
CA LYS B 359 -27.40 17.18 -3.97
C LYS B 359 -28.82 17.49 -3.49
N GLY B 360 -29.04 17.44 -2.18
CA GLY B 360 -30.35 17.73 -1.64
C GLY B 360 -31.24 16.52 -1.43
N ILE B 361 -30.83 15.38 -1.98
CA ILE B 361 -31.60 14.14 -1.84
C ILE B 361 -31.45 13.68 -0.39
N ARG B 362 -32.51 13.84 0.39
CA ARG B 362 -32.50 13.45 1.80
C ARG B 362 -33.82 12.76 2.12
N PRO B 363 -33.76 11.51 2.63
CA PRO B 363 -32.54 10.74 2.91
C PRO B 363 -31.82 10.30 1.63
N ALA B 364 -30.50 10.41 1.64
CA ALA B 364 -29.67 10.06 0.49
C ALA B 364 -29.54 8.54 0.39
N ILE B 365 -30.65 7.86 0.13
CA ILE B 365 -30.64 6.41 0.04
C ILE B 365 -30.45 5.98 -1.42
N ASN B 366 -29.29 5.37 -1.69
CA ASN B 366 -28.98 4.87 -3.02
C ASN B 366 -29.88 3.64 -3.19
N VAL B 367 -31.01 3.84 -3.86
CA VAL B 367 -32.01 2.79 -4.09
C VAL B 367 -31.44 1.64 -4.94
N GLY B 368 -30.21 1.79 -5.42
CA GLY B 368 -29.62 0.74 -6.24
C GLY B 368 -28.67 -0.18 -5.50
N LEU B 369 -28.15 0.27 -4.36
CA LEU B 369 -27.21 -0.56 -3.60
C LEU B 369 -27.88 -1.05 -2.31
N SER B 370 -28.80 -0.26 -1.78
CA SER B 370 -29.51 -0.63 -0.55
C SER B 370 -30.38 -1.84 -0.86
N VAL B 371 -30.36 -2.83 0.03
CA VAL B 371 -31.16 -4.06 -0.18
C VAL B 371 -31.67 -4.56 1.17
N SER B 372 -32.74 -5.33 1.14
CA SER B 372 -33.34 -5.94 2.32
C SER B 372 -33.66 -7.37 1.92
N ARG B 373 -32.78 -8.28 2.30
CA ARG B 373 -32.91 -9.70 1.97
C ARG B 373 -34.18 -10.28 2.57
N VAL B 374 -34.37 -10.10 3.88
CA VAL B 374 -35.55 -10.64 4.55
C VAL B 374 -36.31 -9.51 5.23
N GLY B 375 -37.15 -8.84 4.46
CA GLY B 375 -37.93 -7.73 4.99
C GLY B 375 -39.16 -7.42 4.15
N SER B 376 -39.09 -7.76 2.86
CA SER B 376 -40.19 -7.53 1.94
C SER B 376 -41.43 -8.28 2.43
N ALA B 377 -41.23 -9.47 2.98
CA ALA B 377 -42.33 -10.29 3.48
C ALA B 377 -42.97 -9.65 4.71
N ALA B 378 -42.32 -8.62 5.24
CA ALA B 378 -42.82 -7.92 6.43
C ALA B 378 -43.43 -6.58 5.98
N GLN B 379 -43.28 -6.25 4.71
CA GLN B 379 -43.81 -4.99 4.19
C GLN B 379 -45.33 -5.09 4.15
N THR B 380 -45.99 -4.02 4.58
CA THR B 380 -47.44 -3.95 4.62
C THR B 380 -47.97 -4.11 3.19
N ARG B 381 -49.07 -4.86 3.05
CA ARG B 381 -49.69 -5.12 1.75
C ARG B 381 -49.96 -3.81 1.02
N ALA B 382 -50.49 -2.82 1.75
CA ALA B 382 -50.81 -1.51 1.18
C ALA B 382 -49.58 -0.96 0.45
N MET B 383 -48.40 -1.18 1.01
CA MET B 383 -47.15 -0.70 0.40
C MET B 383 -46.92 -1.41 -0.92
N LYS B 384 -47.08 -2.73 -0.94
CA LYS B 384 -46.87 -3.50 -2.18
C LYS B 384 -47.75 -2.94 -3.29
N GLN B 385 -48.97 -2.52 -2.93
CA GLN B 385 -49.94 -2.00 -3.88
C GLN B 385 -49.53 -0.64 -4.46
N VAL B 386 -48.55 0.04 -3.85
CA VAL B 386 -48.12 1.34 -4.37
C VAL B 386 -46.60 1.38 -4.54
N ALA B 387 -45.86 1.07 -3.48
CA ALA B 387 -44.39 1.08 -3.51
C ALA B 387 -43.91 0.01 -4.49
N GLY B 388 -44.63 -1.10 -4.58
CA GLY B 388 -44.26 -2.17 -5.47
C GLY B 388 -44.10 -1.71 -6.91
N THR B 389 -45.07 -0.95 -7.40
CA THR B 389 -45.03 -0.43 -8.76
C THR B 389 -44.10 0.79 -8.81
N MET B 390 -43.91 1.43 -7.66
CA MET B 390 -43.05 2.62 -7.58
C MET B 390 -41.60 2.24 -7.89
N LYS B 391 -41.06 1.23 -7.20
CA LYS B 391 -39.68 0.84 -7.41
C LYS B 391 -39.47 0.41 -8.86
N LEU B 392 -40.52 -0.13 -9.48
CA LEU B 392 -40.44 -0.56 -10.89
C LEU B 392 -40.17 0.67 -11.74
N GLU B 393 -40.91 1.74 -11.47
CA GLU B 393 -40.78 2.99 -12.19
C GLU B 393 -39.39 3.59 -11.89
N LEU B 394 -38.99 3.57 -10.62
CA LEU B 394 -37.69 4.11 -10.20
C LEU B 394 -36.56 3.29 -10.82
N ALA B 395 -36.84 2.03 -11.14
CA ALA B 395 -35.83 1.17 -11.75
C ALA B 395 -35.60 1.68 -13.16
N GLN B 396 -36.69 1.90 -13.88
CA GLN B 396 -36.65 2.37 -15.27
C GLN B 396 -35.95 3.73 -15.33
N TYR B 397 -36.32 4.63 -14.42
CA TYR B 397 -35.73 5.97 -14.37
C TYR B 397 -34.23 5.86 -14.15
N ARG B 398 -33.82 5.02 -13.21
CA ARG B 398 -32.42 4.83 -12.87
C ARG B 398 -31.67 4.32 -14.10
N GLU B 399 -32.33 3.44 -14.86
CA GLU B 399 -31.73 2.87 -16.06
C GLU B 399 -31.43 3.97 -17.09
N VAL B 400 -32.39 4.87 -17.29
CA VAL B 400 -32.22 5.96 -18.25
C VAL B 400 -31.50 7.11 -17.54
N ALA B 401 -30.22 6.93 -17.25
CA ALA B 401 -29.43 7.97 -16.58
C ALA B 401 -27.97 7.82 -17.02
N ALA B 402 -27.20 8.88 -16.81
CA ALA B 402 -25.79 8.90 -17.18
C ALA B 402 -25.16 10.09 -16.47
N PHE B 403 -23.82 10.07 -16.35
CA PHE B 403 -23.08 11.15 -15.69
C PHE B 403 -23.18 12.41 -16.55
N ALA B 404 -23.24 12.21 -17.87
CA ALA B 404 -23.35 13.33 -18.80
C ALA B 404 -24.76 13.90 -18.68
N GLN B 405 -24.94 14.83 -17.75
CA GLN B 405 -26.23 15.46 -17.50
C GLN B 405 -26.68 16.22 -18.75
N PHE B 406 -25.72 16.77 -19.49
CA PHE B 406 -26.03 17.52 -20.71
C PHE B 406 -26.23 16.51 -21.83
N GLY B 407 -27.40 15.88 -21.84
CA GLY B 407 -27.73 14.91 -22.87
C GLY B 407 -29.14 15.09 -23.37
N SER B 408 -29.28 15.45 -24.65
CA SER B 408 -30.58 15.65 -25.26
C SER B 408 -31.21 14.29 -25.52
N ASP B 409 -32.06 13.85 -24.59
CA ASP B 409 -32.75 12.57 -24.72
C ASP B 409 -34.20 12.85 -25.02
N LEU B 410 -34.87 11.93 -25.72
CA LEU B 410 -36.27 12.09 -26.08
C LEU B 410 -36.95 10.72 -26.00
N ASP B 411 -37.90 10.47 -26.88
CA ASP B 411 -38.67 9.21 -26.95
C ASP B 411 -39.66 9.20 -25.79
N ALA B 412 -40.93 9.43 -26.12
CA ALA B 412 -42.04 9.50 -25.17
C ALA B 412 -41.92 8.43 -24.08
N ALA B 413 -41.59 7.20 -24.47
CA ALA B 413 -41.45 6.09 -23.52
C ALA B 413 -40.44 6.45 -22.42
N THR B 414 -39.19 6.65 -22.80
CA THR B 414 -38.13 6.98 -21.85
C THR B 414 -38.43 8.32 -21.17
N GLN B 415 -39.09 9.22 -21.88
CA GLN B 415 -39.44 10.53 -21.36
C GLN B 415 -40.32 10.36 -20.13
N GLN B 416 -41.34 9.52 -20.23
CA GLN B 416 -42.27 9.29 -19.12
C GLN B 416 -41.52 8.65 -17.96
N LEU B 417 -40.56 7.77 -18.27
CA LEU B 417 -39.77 7.09 -17.25
C LEU B 417 -39.02 8.14 -16.43
N LEU B 418 -38.52 9.17 -17.12
CA LEU B 418 -37.77 10.24 -16.47
C LEU B 418 -38.73 11.13 -15.69
N SER B 419 -39.84 11.50 -16.31
CA SER B 419 -40.85 12.35 -15.69
C SER B 419 -41.29 11.74 -14.37
N ARG B 420 -41.67 10.47 -14.40
CA ARG B 420 -42.11 9.77 -13.20
C ARG B 420 -40.96 9.75 -12.20
N GLY B 421 -39.80 9.29 -12.65
CA GLY B 421 -38.63 9.21 -11.79
C GLY B 421 -38.33 10.42 -10.93
N VAL B 422 -38.20 11.58 -11.55
CA VAL B 422 -37.88 12.81 -10.83
C VAL B 422 -38.98 13.15 -9.80
N ARG B 423 -40.24 12.92 -10.18
CA ARG B 423 -41.37 13.23 -9.29
C ARG B 423 -41.32 12.29 -8.09
N LEU B 424 -41.13 11.00 -8.36
CA LEU B 424 -41.08 9.99 -7.31
C LEU B 424 -39.94 10.32 -6.34
N THR B 425 -38.81 10.74 -6.88
CA THR B 425 -37.64 11.09 -6.07
C THR B 425 -38.03 12.22 -5.11
N GLU B 426 -38.75 13.22 -5.63
CA GLU B 426 -39.19 14.36 -4.83
C GLU B 426 -40.18 13.88 -3.76
N LEU B 427 -40.93 12.83 -4.06
CA LEU B 427 -41.92 12.28 -3.13
C LEU B 427 -41.19 11.57 -2.00
N LEU B 428 -40.07 10.94 -2.29
CA LEU B 428 -39.33 10.19 -1.29
C LEU B 428 -38.54 11.11 -0.36
N LYS B 429 -38.42 12.39 -0.71
CA LYS B 429 -37.68 13.33 0.14
C LYS B 429 -38.50 13.51 1.42
N GLN B 430 -37.82 13.46 2.57
CA GLN B 430 -38.52 13.60 3.84
C GLN B 430 -37.57 14.26 4.84
N GLY B 431 -38.14 15.08 5.72
CA GLY B 431 -37.34 15.77 6.72
C GLY B 431 -37.14 14.97 7.99
N GLN B 432 -36.28 15.47 8.87
CA GLN B 432 -35.99 14.80 10.13
C GLN B 432 -37.09 15.14 11.15
N TYR B 433 -37.22 14.27 12.13
CA TYR B 433 -38.18 14.42 13.24
C TYR B 433 -39.63 14.38 12.79
N SER B 434 -39.88 14.08 11.52
CA SER B 434 -41.25 14.03 11.04
C SER B 434 -41.54 12.68 10.39
N PRO B 435 -41.75 11.63 11.20
CA PRO B 435 -42.05 10.30 10.64
C PRO B 435 -43.48 10.31 10.12
N MET B 436 -43.80 9.39 9.21
CA MET B 436 -45.13 9.34 8.63
C MET B 436 -45.74 7.96 8.87
N ALA B 437 -47.04 7.94 9.15
CA ALA B 437 -47.77 6.70 9.37
C ALA B 437 -47.81 5.98 8.02
N ILE B 438 -47.86 4.65 8.06
CA ILE B 438 -47.87 3.83 6.86
C ILE B 438 -49.02 4.22 5.92
N GLU B 439 -50.21 4.44 6.49
CA GLU B 439 -51.39 4.79 5.68
C GLU B 439 -51.15 6.11 4.95
N GLU B 440 -50.50 7.05 5.59
CA GLU B 440 -50.21 8.35 4.99
C GLU B 440 -49.18 8.16 3.88
N GLN B 441 -48.24 7.24 4.09
CA GLN B 441 -47.19 6.97 3.12
C GLN B 441 -47.81 6.45 1.83
N VAL B 442 -48.61 5.39 1.92
CA VAL B 442 -49.23 4.80 0.73
C VAL B 442 -50.07 5.84 -0.01
N ALA B 443 -50.65 6.78 0.72
CA ALA B 443 -51.49 7.82 0.12
C ALA B 443 -50.64 8.75 -0.74
N VAL B 444 -49.59 9.32 -0.16
CA VAL B 444 -48.73 10.25 -0.90
C VAL B 444 -48.02 9.51 -2.04
N ILE B 445 -47.67 8.26 -1.83
CA ILE B 445 -46.98 7.45 -2.84
C ILE B 445 -47.97 7.17 -3.99
N TYR B 446 -49.22 6.89 -3.63
CA TYR B 446 -50.28 6.58 -4.59
C TYR B 446 -50.37 7.71 -5.62
N ALA B 447 -50.29 8.94 -5.14
CA ALA B 447 -50.37 10.13 -5.99
C ALA B 447 -49.39 10.01 -7.16
N GLY B 448 -48.10 9.89 -6.84
CA GLY B 448 -47.09 9.79 -7.88
C GLY B 448 -47.15 8.56 -8.76
N VAL B 449 -47.31 7.39 -8.14
CA VAL B 449 -47.36 6.12 -8.85
C VAL B 449 -48.46 6.15 -9.92
N ARG B 450 -49.66 6.58 -9.54
CA ARG B 450 -50.79 6.62 -10.47
C ARG B 450 -50.60 7.77 -11.47
N GLY B 451 -49.64 8.65 -11.20
CA GLY B 451 -49.37 9.75 -12.11
C GLY B 451 -50.12 11.05 -11.91
N TYR B 452 -50.68 11.26 -10.72
CA TYR B 452 -51.41 12.49 -10.43
C TYR B 452 -50.41 13.65 -10.30
N LEU B 453 -49.12 13.34 -10.40
CA LEU B 453 -48.08 14.37 -10.28
C LEU B 453 -47.38 14.58 -11.61
N ASP B 454 -47.75 13.79 -12.62
CA ASP B 454 -47.13 13.91 -13.94
C ASP B 454 -47.46 15.26 -14.55
N LYS B 455 -48.67 15.74 -14.31
CA LYS B 455 -49.08 17.03 -14.85
C LYS B 455 -48.87 18.08 -13.75
N LEU B 456 -47.63 18.17 -13.26
CA LEU B 456 -47.30 19.12 -12.21
C LEU B 456 -45.78 19.36 -12.27
N GLU B 457 -45.38 20.58 -11.92
CA GLU B 457 -43.96 20.96 -11.94
C GLU B 457 -43.25 20.22 -10.81
N PRO B 458 -42.05 19.68 -11.09
CA PRO B 458 -41.23 18.93 -10.13
C PRO B 458 -41.03 19.63 -8.80
N SER B 459 -40.92 20.96 -8.84
CA SER B 459 -40.71 21.76 -7.64
C SER B 459 -41.98 21.71 -6.78
N LYS B 460 -43.13 21.80 -7.43
CA LYS B 460 -44.42 21.80 -6.73
C LYS B 460 -44.73 20.44 -6.11
N ILE B 461 -44.02 19.39 -6.51
CA ILE B 461 -44.26 18.04 -5.99
C ILE B 461 -44.12 18.04 -4.47
N THR B 462 -43.03 18.61 -3.97
CA THR B 462 -42.77 18.66 -2.54
C THR B 462 -43.92 19.41 -1.87
N LYS B 463 -44.27 20.56 -2.44
CA LYS B 463 -45.34 21.41 -1.91
C LYS B 463 -46.65 20.61 -1.93
N PHE B 464 -46.83 19.78 -2.95
CA PHE B 464 -48.01 18.96 -3.10
C PHE B 464 -48.12 18.05 -1.88
N GLU B 465 -47.00 17.46 -1.48
CA GLU B 465 -46.98 16.55 -0.35
C GLU B 465 -47.36 17.34 0.91
N ASN B 466 -46.72 18.49 1.11
CA ASN B 466 -46.98 19.35 2.27
C ASN B 466 -48.24 20.18 2.03
N ALA B 467 -49.32 19.52 1.61
CA ALA B 467 -50.60 20.18 1.35
C ALA B 467 -51.65 19.08 1.19
N PHE B 468 -51.34 18.13 0.31
CA PHE B 468 -52.23 17.00 0.02
C PHE B 468 -52.29 16.09 1.24
N LEU B 469 -51.15 15.93 1.92
CA LEU B 469 -51.05 15.06 3.09
C LEU B 469 -52.03 15.55 4.15
N SER B 470 -51.88 16.79 4.61
CA SER B 470 -52.76 17.36 5.63
C SER B 470 -54.21 17.33 5.12
N HIS B 471 -54.37 17.43 3.80
CA HIS B 471 -55.67 17.42 3.16
C HIS B 471 -56.37 16.06 3.38
N VAL B 472 -55.63 14.97 3.26
CA VAL B 472 -56.21 13.64 3.45
C VAL B 472 -56.25 13.27 4.93
N ILE B 473 -55.33 13.84 5.71
CA ILE B 473 -55.29 13.56 7.14
C ILE B 473 -56.55 14.14 7.78
N SER B 474 -56.86 15.39 7.42
CA SER B 474 -58.01 16.08 7.97
C SER B 474 -59.33 15.54 7.40
N GLN B 475 -59.66 15.97 6.18
CA GLN B 475 -60.92 15.62 5.54
C GLN B 475 -60.96 14.19 5.01
N HIS B 476 -60.15 13.27 5.53
CA HIS B 476 -60.19 11.89 5.02
C HIS B 476 -59.67 10.89 6.06
N GLN B 477 -59.94 11.17 7.34
CA GLN B 477 -59.51 10.28 8.41
C GLN B 477 -60.12 8.90 8.20
N ALA B 478 -61.33 8.86 7.63
CA ALA B 478 -62.04 7.60 7.38
C ALA B 478 -61.28 6.73 6.39
N LEU B 479 -60.85 7.33 5.27
CA LEU B 479 -60.13 6.58 4.24
C LEU B 479 -58.82 6.04 4.81
N LEU B 480 -58.03 6.92 5.41
CA LEU B 480 -56.74 6.53 6.00
C LEU B 480 -56.98 5.42 7.02
N GLY B 481 -58.01 5.58 7.85
CA GLY B 481 -58.32 4.58 8.85
C GLY B 481 -58.64 3.22 8.26
N LYS B 482 -59.32 3.21 7.11
CA LYS B 482 -59.68 1.97 6.44
C LYS B 482 -58.39 1.25 6.04
N ILE B 483 -57.56 1.93 5.26
CA ILE B 483 -56.30 1.37 4.77
C ILE B 483 -55.44 0.91 5.95
N ARG B 484 -55.49 1.66 7.05
CA ARG B 484 -54.69 1.35 8.24
C ARG B 484 -55.17 0.03 8.86
N THR B 485 -56.48 -0.12 9.02
CA THR B 485 -57.05 -1.32 9.63
C THR B 485 -56.92 -2.53 8.70
N ASP B 486 -57.35 -2.39 7.46
CA ASP B 486 -57.31 -3.49 6.49
C ASP B 486 -55.86 -3.79 6.13
N GLY B 487 -55.02 -2.76 6.09
CA GLY B 487 -53.62 -2.95 5.73
C GLY B 487 -53.49 -3.29 4.26
N LYS B 488 -54.61 -3.16 3.56
CA LYS B 488 -54.70 -3.45 2.14
C LYS B 488 -55.71 -2.46 1.56
N ILE B 489 -55.35 -1.79 0.49
CA ILE B 489 -56.25 -0.82 -0.14
C ILE B 489 -57.26 -1.61 -0.96
N SER B 490 -58.51 -1.61 -0.53
CA SER B 490 -59.57 -2.33 -1.24
C SER B 490 -59.92 -1.52 -2.48
N GLU B 491 -60.62 -2.15 -3.42
CA GLU B 491 -61.03 -1.49 -4.67
C GLU B 491 -61.87 -0.26 -4.32
N GLU B 492 -62.70 -0.40 -3.28
CA GLU B 492 -63.56 0.68 -2.83
C GLU B 492 -62.67 1.85 -2.40
N SER B 493 -61.74 1.58 -1.50
CA SER B 493 -60.84 2.60 -0.98
C SER B 493 -59.95 3.13 -2.11
N ASP B 494 -59.64 2.29 -3.09
CA ASP B 494 -58.78 2.69 -4.22
C ASP B 494 -59.50 3.74 -5.05
N ALA B 495 -60.68 3.40 -5.56
CA ALA B 495 -61.47 4.30 -6.39
C ALA B 495 -61.81 5.54 -5.56
N LYS B 496 -62.01 5.34 -4.28
CA LYS B 496 -62.33 6.42 -3.34
C LYS B 496 -61.15 7.40 -3.32
N LEU B 497 -59.95 6.87 -3.16
CA LEU B 497 -58.74 7.68 -3.12
C LEU B 497 -58.52 8.34 -4.48
N LYS B 498 -58.95 7.68 -5.54
CA LYS B 498 -58.82 8.22 -6.90
C LYS B 498 -59.56 9.55 -6.97
N GLU B 499 -60.77 9.58 -6.42
CA GLU B 499 -61.58 10.79 -6.42
C GLU B 499 -60.90 11.83 -5.53
N ILE B 500 -60.53 11.40 -4.32
CA ILE B 500 -59.89 12.25 -3.31
C ILE B 500 -58.75 13.06 -3.93
N VAL B 501 -57.80 12.37 -4.56
CA VAL B 501 -56.64 13.04 -5.16
C VAL B 501 -57.09 13.95 -6.31
N THR B 502 -57.99 13.47 -7.16
CA THR B 502 -58.47 14.24 -8.30
C THR B 502 -59.07 15.56 -7.83
N ASN B 503 -59.93 15.50 -6.81
CA ASN B 503 -60.58 16.69 -6.27
C ASN B 503 -59.52 17.70 -5.83
N PHE B 504 -58.43 17.19 -5.25
CA PHE B 504 -57.35 18.04 -4.77
C PHE B 504 -56.60 18.65 -5.97
N LEU B 505 -56.35 17.84 -6.99
CA LEU B 505 -55.65 18.30 -8.19
C LEU B 505 -56.43 19.46 -8.84
N ALA B 506 -57.75 19.36 -8.83
CA ALA B 506 -58.59 20.38 -9.43
C ALA B 506 -58.54 21.68 -8.60
N GLY B 507 -58.04 21.59 -7.38
CA GLY B 507 -57.98 22.78 -6.53
C GLY B 507 -56.63 23.09 -5.92
N PHE B 508 -55.59 22.37 -6.34
CA PHE B 508 -54.26 22.61 -5.79
C PHE B 508 -53.73 23.91 -6.35
N GLU B 509 -53.58 24.91 -5.48
CA GLU B 509 -53.07 26.21 -5.88
C GLU B 509 -51.55 26.10 -5.85
N ALA B 510 -50.89 26.81 -6.76
CA ALA B 510 -49.44 26.80 -6.84
C ALA B 510 -48.95 28.24 -6.76
N ALA C 19 23.28 -53.91 31.72
CA ALA C 19 22.22 -52.88 31.86
C ALA C 19 21.80 -52.42 30.46
N ASP C 20 20.58 -51.92 30.35
CA ASP C 20 20.06 -51.46 29.07
C ASP C 20 20.68 -50.09 28.82
N THR C 21 21.39 -49.94 27.71
CA THR C 21 22.02 -48.67 27.39
C THR C 21 21.88 -48.40 25.89
N SER C 22 20.77 -48.84 25.31
CA SER C 22 20.52 -48.62 23.89
C SER C 22 19.99 -47.20 23.71
N VAL C 23 19.37 -46.67 24.76
CA VAL C 23 18.83 -45.33 24.71
C VAL C 23 19.77 -44.40 25.49
N ASP C 24 20.69 -43.77 24.77
CA ASP C 24 21.63 -42.84 25.35
C ASP C 24 21.37 -41.52 24.65
N LEU C 25 21.20 -40.44 25.42
CA LEU C 25 20.90 -39.11 24.89
C LEU C 25 21.93 -38.60 23.88
N GLU C 26 22.91 -39.44 23.51
CA GLU C 26 23.92 -39.04 22.55
C GLU C 26 23.52 -39.57 21.17
N GLU C 27 22.90 -40.74 21.14
CA GLU C 27 22.49 -41.36 19.87
C GLU C 27 20.97 -41.37 19.77
N THR C 28 20.30 -41.15 20.90
CA THR C 28 18.85 -41.13 20.90
C THR C 28 18.41 -39.88 21.64
N GLY C 29 17.11 -39.59 21.61
CA GLY C 29 16.60 -38.42 22.28
C GLY C 29 15.16 -38.64 22.67
N ARG C 30 14.57 -37.68 23.37
CA ARG C 30 13.18 -37.80 23.79
C ARG C 30 12.48 -36.47 23.53
N VAL C 31 11.36 -36.56 22.83
CA VAL C 31 10.56 -35.40 22.46
C VAL C 31 10.08 -34.66 23.71
N LEU C 32 10.43 -33.38 23.80
CA LEU C 32 10.04 -32.54 24.93
C LEU C 32 8.62 -32.05 24.65
N SER C 33 8.44 -31.46 23.47
CA SER C 33 7.17 -30.93 23.05
C SER C 33 7.00 -31.26 21.58
N ILE C 34 5.75 -31.40 21.14
CA ILE C 34 5.44 -31.73 19.76
C ILE C 34 4.17 -30.96 19.39
N GLY C 35 4.24 -30.23 18.29
CA GLY C 35 3.09 -29.47 17.84
C GLY C 35 3.34 -28.81 16.50
N ASP C 36 2.33 -28.84 15.63
CA ASP C 36 2.40 -28.26 14.30
C ASP C 36 3.61 -28.81 13.54
N GLY C 37 3.91 -30.08 13.76
CA GLY C 37 5.02 -30.71 13.07
C GLY C 37 6.40 -30.42 13.62
N ILE C 38 6.51 -29.50 14.56
CA ILE C 38 7.81 -29.18 15.13
C ILE C 38 7.93 -29.98 16.42
N ALA C 39 8.98 -30.78 16.50
CA ALA C 39 9.23 -31.60 17.68
C ALA C 39 10.55 -31.14 18.27
N ARG C 40 10.50 -30.55 19.46
CA ARG C 40 11.71 -30.10 20.13
C ARG C 40 12.25 -31.31 20.88
N VAL C 41 13.02 -32.13 20.18
CA VAL C 41 13.59 -33.34 20.78
C VAL C 41 14.71 -32.95 21.73
N HIS C 42 14.81 -33.70 22.82
CA HIS C 42 15.83 -33.48 23.84
C HIS C 42 16.90 -34.56 23.64
N GLY C 43 18.15 -34.21 23.90
CA GLY C 43 19.23 -35.17 23.74
C GLY C 43 19.81 -35.07 22.34
N LEU C 44 20.04 -36.21 21.71
CA LEU C 44 20.60 -36.25 20.36
C LEU C 44 21.87 -35.38 20.32
N ARG C 45 22.77 -35.61 21.27
CA ARG C 45 24.00 -34.83 21.37
C ARG C 45 25.01 -35.23 20.27
N ASN C 46 24.59 -36.04 19.31
CA ASN C 46 25.50 -36.45 18.22
C ASN C 46 24.80 -36.31 16.88
N VAL C 47 23.69 -35.58 16.82
CA VAL C 47 22.98 -35.41 15.55
C VAL C 47 23.71 -34.36 14.73
N GLN C 48 23.58 -34.51 13.42
CA GLN C 48 24.18 -33.59 12.48
C GLN C 48 23.07 -32.66 12.02
N ALA C 49 23.43 -31.47 11.58
CA ALA C 49 22.44 -30.54 11.09
C ALA C 49 21.92 -31.14 9.78
N GLU C 50 20.59 -31.11 9.61
CA GLU C 50 19.93 -31.63 8.41
C GLU C 50 20.00 -33.16 8.36
N GLU C 51 20.24 -33.80 9.51
CA GLU C 51 20.31 -35.26 9.57
C GLU C 51 18.90 -35.78 9.81
N MET C 52 18.55 -36.85 9.12
CA MET C 52 17.23 -37.44 9.26
C MET C 52 17.25 -38.29 10.54
N VAL C 53 16.12 -38.29 11.24
CA VAL C 53 15.96 -39.05 12.47
C VAL C 53 14.70 -39.91 12.31
N GLU C 54 14.46 -40.78 13.28
CA GLU C 54 13.30 -41.67 13.26
C GLU C 54 12.68 -41.64 14.65
N PHE C 55 11.37 -41.45 14.71
CA PHE C 55 10.64 -41.41 15.96
C PHE C 55 10.21 -42.84 16.30
N SER C 56 9.81 -43.05 17.55
CA SER C 56 9.39 -44.36 18.04
C SER C 56 8.25 -44.89 17.17
N SER C 57 7.39 -43.99 16.69
CA SER C 57 6.24 -44.36 15.87
C SER C 57 6.69 -44.72 14.45
N GLY C 58 8.00 -44.81 14.21
CA GLY C 58 8.49 -45.12 12.89
C GLY C 58 8.36 -43.94 11.94
N LEU C 59 7.82 -42.84 12.46
CA LEU C 59 7.63 -41.62 11.69
C LEU C 59 8.98 -40.94 11.61
N LYS C 60 9.43 -40.64 10.39
CA LYS C 60 10.73 -40.01 10.19
C LYS C 60 10.62 -38.48 10.33
N GLY C 61 11.76 -37.85 10.60
CA GLY C 61 11.81 -36.41 10.75
C GLY C 61 13.19 -35.90 10.37
N MET C 62 13.37 -34.58 10.33
CA MET C 62 14.67 -34.01 9.97
C MET C 62 15.08 -32.98 11.02
N SER C 63 16.31 -33.12 11.51
CA SER C 63 16.87 -32.21 12.50
C SER C 63 17.26 -30.96 11.72
N LEU C 64 16.55 -29.87 11.95
CA LEU C 64 16.82 -28.63 11.22
C LEU C 64 17.45 -27.59 12.14
N ASN C 65 17.05 -27.57 13.41
CA ASN C 65 17.59 -26.61 14.37
C ASN C 65 18.36 -27.33 15.45
N LEU C 66 19.64 -27.02 15.59
CA LEU C 66 20.48 -27.62 16.62
C LEU C 66 20.67 -26.53 17.67
N GLU C 67 20.02 -26.70 18.82
CA GLU C 67 20.12 -25.72 19.89
C GLU C 67 20.78 -26.40 21.08
N PRO C 68 21.33 -25.61 22.01
CA PRO C 68 22.01 -26.12 23.22
C PRO C 68 21.16 -26.98 24.15
N ASP C 69 19.84 -26.88 24.06
CA ASP C 69 18.97 -27.64 24.96
C ASP C 69 17.95 -28.48 24.20
N ASN C 70 17.76 -28.22 22.90
CA ASN C 70 16.77 -28.99 22.14
C ASN C 70 17.20 -29.05 20.68
N VAL C 71 16.48 -29.89 19.93
CA VAL C 71 16.72 -30.08 18.52
C VAL C 71 15.37 -29.89 17.82
N GLY C 72 15.30 -28.93 16.91
CA GLY C 72 14.07 -28.67 16.19
C GLY C 72 13.94 -29.65 15.05
N VAL C 73 13.20 -30.73 15.26
CA VAL C 73 13.00 -31.75 14.24
C VAL C 73 11.67 -31.48 13.56
N VAL C 74 11.68 -31.50 12.23
CA VAL C 74 10.47 -31.27 11.44
C VAL C 74 9.94 -32.65 11.06
N VAL C 75 8.71 -32.95 11.46
CA VAL C 75 8.08 -34.25 11.21
C VAL C 75 7.66 -34.34 9.74
N PHE C 76 8.10 -35.41 9.08
CA PHE C 76 7.78 -35.63 7.66
C PHE C 76 6.48 -36.45 7.56
N GLY C 77 5.49 -36.11 8.38
CA GLY C 77 4.24 -36.84 8.34
C GLY C 77 3.23 -36.38 9.37
N ASN C 78 2.21 -37.21 9.60
CA ASN C 78 1.16 -36.88 10.56
C ASN C 78 1.73 -37.07 11.96
N ASP C 79 2.03 -35.95 12.62
CA ASP C 79 2.61 -35.97 13.96
C ASP C 79 1.55 -36.22 15.03
N LYS C 80 0.39 -36.74 14.67
CA LYS C 80 -0.66 -37.01 15.66
C LYS C 80 -0.21 -38.17 16.55
N LEU C 81 0.68 -39.01 16.01
CA LEU C 81 1.18 -40.18 16.71
C LEU C 81 2.34 -39.81 17.64
N ILE C 82 2.88 -38.60 17.51
CA ILE C 82 4.02 -38.20 18.34
C ILE C 82 3.52 -37.55 19.63
N LYS C 83 4.13 -37.96 20.74
CA LYS C 83 3.79 -37.44 22.04
C LYS C 83 5.10 -37.09 22.76
N GLU C 84 4.97 -36.63 24.01
CA GLU C 84 6.10 -36.25 24.83
C GLU C 84 6.76 -37.54 25.33
N GLY C 85 8.09 -37.48 25.47
CA GLY C 85 8.83 -38.63 25.95
C GLY C 85 9.18 -39.66 24.89
N ASP C 86 8.64 -39.47 23.68
CA ASP C 86 8.89 -40.40 22.58
C ASP C 86 10.38 -40.44 22.29
N ILE C 87 10.90 -41.66 22.12
CA ILE C 87 12.30 -41.87 21.84
C ILE C 87 12.51 -41.64 20.35
N VAL C 88 13.56 -40.88 20.04
CA VAL C 88 13.91 -40.57 18.66
C VAL C 88 15.32 -41.10 18.46
N LYS C 89 15.50 -41.88 17.41
CA LYS C 89 16.79 -42.46 17.09
C LYS C 89 17.34 -41.73 15.87
N ARG C 90 18.65 -41.61 15.78
CA ARG C 90 19.29 -40.94 14.65
C ARG C 90 19.41 -41.95 13.52
N THR C 91 19.08 -41.51 12.30
CA THR C 91 19.21 -42.39 11.13
C THR C 91 20.69 -42.41 10.74
N GLY C 92 21.43 -41.43 11.25
CA GLY C 92 22.87 -41.34 10.99
C GLY C 92 23.27 -40.92 9.59
N ALA C 93 22.33 -40.38 8.81
CA ALA C 93 22.64 -39.95 7.45
C ALA C 93 21.65 -38.87 7.03
N ILE C 94 22.01 -38.14 5.99
CA ILE C 94 21.18 -37.07 5.43
C ILE C 94 20.07 -37.74 4.64
N VAL C 95 19.01 -36.98 4.35
CA VAL C 95 17.86 -37.51 3.61
C VAL C 95 18.28 -37.86 2.19
N ASP C 96 17.97 -39.09 1.78
CA ASP C 96 18.29 -39.57 0.44
C ASP C 96 17.04 -40.26 -0.12
N VAL C 97 16.86 -40.17 -1.43
CA VAL C 97 15.70 -40.75 -2.10
C VAL C 97 16.17 -41.82 -3.09
N PRO C 98 15.32 -42.83 -3.33
CA PRO C 98 15.65 -43.92 -4.26
C PRO C 98 15.75 -43.36 -5.67
N VAL C 99 16.91 -43.53 -6.30
CA VAL C 99 17.11 -43.01 -7.64
C VAL C 99 17.40 -44.18 -8.57
N GLY C 100 17.03 -44.01 -9.84
CA GLY C 100 17.25 -45.03 -10.84
C GLY C 100 16.14 -45.00 -11.87
N GLU C 101 16.34 -45.72 -12.97
CA GLU C 101 15.35 -45.77 -14.05
C GLU C 101 14.17 -46.65 -13.63
N GLU C 102 14.22 -47.17 -12.41
CA GLU C 102 13.17 -48.03 -11.88
C GLU C 102 12.02 -47.15 -11.37
N LEU C 103 12.13 -45.84 -11.58
CA LEU C 103 11.11 -44.89 -11.14
C LEU C 103 10.31 -44.40 -12.35
N LEU C 104 10.83 -44.64 -13.55
CA LEU C 104 10.18 -44.20 -14.78
C LEU C 104 8.81 -44.86 -14.88
N GLY C 105 7.82 -44.09 -15.29
CA GLY C 105 6.47 -44.59 -15.43
C GLY C 105 5.81 -44.99 -14.12
N ARG C 106 6.29 -44.40 -13.02
CA ARG C 106 5.76 -44.71 -11.72
C ARG C 106 5.56 -43.42 -10.96
N VAL C 107 4.44 -43.32 -10.26
CA VAL C 107 4.13 -42.15 -9.46
C VAL C 107 4.61 -42.47 -8.05
N VAL C 108 5.52 -41.66 -7.54
CA VAL C 108 6.08 -41.84 -6.21
C VAL C 108 5.87 -40.57 -5.40
N ASP C 109 6.03 -40.66 -4.09
CA ASP C 109 5.85 -39.50 -3.22
C ASP C 109 7.17 -38.75 -3.11
N ALA C 110 7.21 -37.76 -2.23
CA ALA C 110 8.40 -36.92 -2.02
C ALA C 110 9.61 -37.75 -1.56
N LEU C 111 9.39 -38.98 -1.10
CA LEU C 111 10.51 -39.80 -0.64
C LEU C 111 10.71 -41.01 -1.54
N GLY C 112 10.24 -40.93 -2.77
CA GLY C 112 10.40 -42.04 -3.69
C GLY C 112 9.49 -43.24 -3.50
N ASN C 113 8.83 -43.33 -2.34
CA ASN C 113 7.91 -44.42 -2.05
C ASN C 113 6.84 -44.42 -3.13
N ALA C 114 6.62 -45.58 -3.75
CA ALA C 114 5.63 -45.71 -4.82
C ALA C 114 4.26 -45.43 -4.22
N ILE C 115 3.48 -44.61 -4.91
CA ILE C 115 2.12 -44.27 -4.44
C ILE C 115 1.11 -44.63 -5.53
N ASP C 116 1.60 -45.22 -6.62
CA ASP C 116 0.74 -45.63 -7.74
C ASP C 116 0.21 -47.04 -7.50
N GLY C 117 0.63 -47.65 -6.39
CA GLY C 117 0.18 -49.00 -6.06
C GLY C 117 0.69 -50.13 -6.93
N LYS C 118 1.52 -49.83 -7.91
CA LYS C 118 2.05 -50.87 -8.80
C LYS C 118 3.25 -51.56 -8.17
N GLY C 119 3.18 -51.83 -6.86
CA GLY C 119 4.27 -52.49 -6.17
C GLY C 119 5.46 -51.60 -5.82
N PRO C 120 6.36 -52.10 -4.96
CA PRO C 120 7.55 -51.37 -4.52
C PRO C 120 8.50 -51.05 -5.68
N ILE C 121 9.30 -50.00 -5.51
CA ILE C 121 10.27 -49.59 -6.52
C ILE C 121 11.52 -50.43 -6.30
N GLY C 122 12.22 -50.76 -7.39
CA GLY C 122 13.42 -51.55 -7.26
C GLY C 122 14.68 -50.74 -7.50
N SER C 123 14.73 -49.55 -6.90
CA SER C 123 15.89 -48.68 -7.07
C SER C 123 17.06 -49.29 -6.30
N LYS C 124 18.10 -49.67 -7.03
CA LYS C 124 19.28 -50.26 -6.43
C LYS C 124 20.20 -49.15 -5.92
N ALA C 125 19.93 -47.93 -6.36
CA ALA C 125 20.75 -46.79 -5.95
C ALA C 125 19.85 -45.75 -5.30
N ARG C 126 20.45 -44.91 -4.46
CA ARG C 126 19.76 -43.84 -3.77
C ARG C 126 20.74 -42.67 -3.77
N ARG C 127 20.22 -41.46 -3.94
CA ARG C 127 21.06 -40.27 -3.98
C ARG C 127 20.52 -39.28 -2.95
N ARG C 128 21.41 -38.52 -2.33
CA ARG C 128 21.03 -37.53 -1.33
C ARG C 128 20.21 -36.46 -2.03
N VAL C 129 19.22 -35.92 -1.33
CA VAL C 129 18.38 -34.88 -1.89
C VAL C 129 19.15 -33.56 -1.84
N GLY C 130 19.83 -33.31 -0.73
CA GLY C 130 20.59 -32.08 -0.58
C GLY C 130 21.97 -32.15 -1.20
N LEU C 131 22.07 -31.77 -2.47
CA LEU C 131 23.36 -31.79 -3.16
C LEU C 131 23.61 -30.39 -3.70
N LYS C 132 24.88 -30.01 -3.72
CA LYS C 132 25.28 -28.69 -4.19
C LYS C 132 25.44 -28.73 -5.71
N ALA C 133 25.11 -27.62 -6.36
CA ALA C 133 25.17 -27.50 -7.81
C ALA C 133 26.64 -27.58 -8.24
N PRO C 134 26.89 -28.21 -9.40
CA PRO C 134 28.25 -28.36 -9.95
C PRO C 134 28.93 -27.02 -10.17
N GLY C 135 30.25 -27.01 -10.03
CA GLY C 135 31.01 -25.79 -10.21
C GLY C 135 31.06 -25.24 -11.62
N ILE C 136 32.10 -24.47 -11.90
CA ILE C 136 32.29 -23.82 -13.20
C ILE C 136 32.84 -24.84 -14.20
N ILE C 137 33.96 -25.47 -13.84
CA ILE C 137 34.67 -26.42 -14.70
C ILE C 137 33.75 -27.56 -15.22
N PRO C 138 32.97 -28.20 -14.33
CA PRO C 138 32.10 -29.30 -14.77
C PRO C 138 31.03 -28.96 -15.81
N ARG C 139 30.77 -27.69 -16.04
CA ARG C 139 29.71 -27.30 -16.97
C ARG C 139 30.27 -26.90 -18.33
N ILE C 140 29.36 -26.80 -19.30
CA ILE C 140 29.70 -26.40 -20.65
C ILE C 140 28.51 -25.56 -21.15
N SER C 141 28.77 -24.70 -22.12
CA SER C 141 27.74 -23.83 -22.69
C SER C 141 26.61 -24.68 -23.26
N VAL C 142 25.37 -24.23 -23.00
CA VAL C 142 24.17 -24.94 -23.49
C VAL C 142 24.16 -24.80 -25.01
N ARG C 143 24.08 -25.93 -25.71
CA ARG C 143 24.08 -25.94 -27.17
C ARG C 143 23.00 -26.91 -27.65
N GLU C 144 22.81 -28.01 -26.93
CA GLU C 144 21.82 -29.01 -27.29
C GLU C 144 20.43 -28.43 -27.02
N PRO C 145 19.57 -28.41 -28.05
CA PRO C 145 18.21 -27.87 -27.92
C PRO C 145 17.31 -28.79 -27.11
N MET C 146 16.29 -28.21 -26.49
CA MET C 146 15.32 -28.96 -25.72
C MET C 146 13.98 -28.60 -26.35
N GLN C 147 13.69 -29.25 -27.47
CA GLN C 147 12.48 -29.01 -28.23
C GLN C 147 11.25 -29.31 -27.37
N THR C 148 10.43 -28.28 -27.16
CA THR C 148 9.22 -28.39 -26.38
C THR C 148 8.13 -28.90 -27.31
N GLY C 149 8.11 -28.37 -28.53
CA GLY C 149 7.11 -28.77 -29.51
C GLY C 149 6.15 -27.63 -29.75
N ILE C 150 6.28 -26.58 -28.94
CA ILE C 150 5.43 -25.40 -29.06
C ILE C 150 6.23 -24.36 -29.85
N LYS C 151 5.69 -23.98 -31.01
CA LYS C 151 6.33 -23.02 -31.91
C LYS C 151 6.77 -21.77 -31.17
N ALA C 152 5.81 -21.07 -30.55
CA ALA C 152 6.04 -19.83 -29.81
C ALA C 152 7.28 -19.94 -28.92
N VAL C 153 7.47 -21.11 -28.31
CA VAL C 153 8.61 -21.29 -27.43
C VAL C 153 9.87 -21.52 -28.25
N ASP C 154 9.88 -22.60 -29.04
CA ASP C 154 11.04 -23.00 -29.84
C ASP C 154 11.59 -21.87 -30.73
N SER C 155 10.75 -20.89 -31.10
CA SER C 155 11.20 -19.82 -31.97
C SER C 155 11.55 -18.55 -31.17
N LEU C 156 10.63 -18.09 -30.33
CA LEU C 156 10.84 -16.86 -29.57
C LEU C 156 11.63 -17.09 -28.28
N VAL C 157 11.23 -18.07 -27.47
CA VAL C 157 11.94 -18.34 -26.21
C VAL C 157 12.47 -19.78 -26.26
N PRO C 158 13.54 -20.02 -27.03
CA PRO C 158 14.11 -21.36 -27.14
C PRO C 158 14.63 -21.88 -25.80
N ILE C 159 14.43 -23.18 -25.57
CA ILE C 159 14.88 -23.80 -24.35
C ILE C 159 15.95 -24.80 -24.74
N GLY C 160 17.07 -24.78 -24.03
CA GLY C 160 18.16 -25.69 -24.32
C GLY C 160 18.35 -26.66 -23.16
N ARG C 161 19.07 -27.74 -23.43
CA ARG C 161 19.34 -28.75 -22.42
C ARG C 161 20.39 -28.19 -21.47
N GLY C 162 20.02 -28.12 -20.20
CA GLY C 162 20.92 -27.59 -19.19
C GLY C 162 20.56 -26.15 -18.88
N GLN C 163 19.40 -25.73 -19.36
CA GLN C 163 18.91 -24.39 -19.15
C GLN C 163 17.75 -24.50 -18.17
N ARG C 164 17.31 -23.36 -17.65
CA ARG C 164 16.20 -23.31 -16.72
C ARG C 164 15.29 -22.21 -17.22
N GLU C 165 14.20 -22.60 -17.87
CA GLU C 165 13.24 -21.65 -18.40
C GLU C 165 12.13 -21.58 -17.37
N LEU C 166 11.72 -20.37 -17.01
CA LEU C 166 10.67 -20.19 -16.04
C LEU C 166 9.32 -20.08 -16.74
N ILE C 167 8.33 -20.78 -16.21
CA ILE C 167 6.98 -20.72 -16.73
C ILE C 167 6.24 -19.95 -15.63
N ILE C 168 5.87 -18.71 -15.92
CA ILE C 168 5.22 -17.88 -14.92
C ILE C 168 3.96 -17.25 -15.51
N GLY C 169 2.94 -17.12 -14.66
CA GLY C 169 1.69 -16.53 -15.08
C GLY C 169 0.67 -16.65 -13.97
N ASP C 170 -0.52 -16.11 -14.18
CA ASP C 170 -1.58 -16.17 -13.19
C ASP C 170 -2.20 -17.56 -13.26
N ARG C 171 -3.23 -17.78 -12.45
CA ARG C 171 -3.91 -19.04 -12.42
C ARG C 171 -4.65 -19.21 -13.74
N GLN C 172 -4.67 -20.44 -14.24
CA GLN C 172 -5.36 -20.79 -15.49
C GLN C 172 -4.86 -19.97 -16.69
N THR C 173 -3.55 -19.88 -16.86
CA THR C 173 -2.96 -19.17 -17.98
C THR C 173 -2.38 -20.19 -18.96
N GLY C 174 -2.25 -21.44 -18.50
CA GLY C 174 -1.72 -22.51 -19.33
C GLY C 174 -0.34 -23.00 -18.94
N LYS C 175 0.19 -22.46 -17.84
CA LYS C 175 1.52 -22.80 -17.33
C LYS C 175 1.82 -24.30 -17.36
N THR C 176 0.98 -25.08 -16.68
CA THR C 176 1.19 -26.53 -16.60
C THR C 176 1.15 -27.16 -18.01
N SER C 177 0.20 -26.74 -18.83
CA SER C 177 0.04 -27.28 -20.19
C SER C 177 1.35 -27.17 -20.98
N ILE C 178 2.06 -26.05 -20.82
CA ILE C 178 3.33 -25.84 -21.53
C ILE C 178 4.26 -26.99 -21.16
N ALA C 179 4.35 -27.28 -19.87
CA ALA C 179 5.22 -28.34 -19.36
C ALA C 179 4.76 -29.69 -19.92
N ILE C 180 3.47 -29.95 -19.87
CA ILE C 180 2.90 -31.23 -20.33
C ILE C 180 3.25 -31.48 -21.80
N ASP C 181 2.95 -30.53 -22.68
CA ASP C 181 3.22 -30.70 -24.11
C ASP C 181 4.69 -31.04 -24.32
N THR C 182 5.57 -30.36 -23.60
CA THR C 182 7.00 -30.58 -23.73
C THR C 182 7.31 -32.04 -23.40
N ILE C 183 6.74 -32.53 -22.31
CA ILE C 183 6.96 -33.92 -21.87
C ILE C 183 6.46 -34.90 -22.94
N ILE C 184 5.22 -34.72 -23.37
CA ILE C 184 4.62 -35.60 -24.39
C ILE C 184 5.47 -35.61 -25.66
N ASN C 185 5.93 -34.43 -26.07
CA ASN C 185 6.73 -34.30 -27.30
C ASN C 185 7.97 -35.20 -27.28
N GLN C 186 8.56 -35.39 -26.10
CA GLN C 186 9.78 -36.19 -25.96
C GLN C 186 9.60 -37.62 -26.49
N LYS C 187 8.35 -38.07 -26.64
CA LYS C 187 8.07 -39.42 -27.13
C LYS C 187 8.74 -39.62 -28.50
N ARG C 188 8.81 -38.55 -29.28
CA ARG C 188 9.41 -38.58 -30.62
C ARG C 188 10.84 -39.14 -30.56
N PHE C 189 11.66 -38.56 -29.70
CA PHE C 189 13.06 -38.93 -29.57
C PHE C 189 13.22 -40.20 -28.72
N ASN C 190 12.44 -40.32 -27.67
CA ASN C 190 12.53 -41.46 -26.76
C ASN C 190 12.19 -42.78 -27.46
N ASP C 191 11.52 -42.71 -28.60
CA ASP C 191 11.19 -43.92 -29.35
C ASP C 191 12.09 -43.97 -30.58
N GLY C 192 13.08 -43.09 -30.60
CA GLY C 192 14.02 -43.03 -31.71
C GLY C 192 15.28 -43.82 -31.42
N THR C 193 16.23 -43.77 -32.35
CA THR C 193 17.49 -44.50 -32.20
C THR C 193 18.52 -43.59 -31.51
N ASP C 194 18.48 -42.31 -31.83
CA ASP C 194 19.44 -41.35 -31.27
C ASP C 194 19.23 -41.23 -29.76
N GLU C 195 20.01 -42.02 -29.01
CA GLU C 195 19.95 -42.05 -27.56
C GLU C 195 20.32 -40.66 -27.01
N LYS C 196 21.17 -39.95 -27.72
CA LYS C 196 21.62 -38.62 -27.30
C LYS C 196 20.46 -37.62 -27.29
N LYS C 197 19.52 -37.76 -28.23
CA LYS C 197 18.40 -36.83 -28.30
C LYS C 197 17.30 -37.21 -27.32
N LYS C 198 17.35 -38.41 -26.75
CA LYS C 198 16.32 -38.82 -25.81
C LYS C 198 16.34 -37.88 -24.62
N LEU C 199 15.19 -37.75 -23.96
CA LEU C 199 15.05 -36.88 -22.82
C LEU C 199 14.02 -37.48 -21.87
N TYR C 200 14.49 -37.90 -20.70
CA TYR C 200 13.62 -38.48 -19.68
C TYR C 200 13.03 -37.31 -18.91
N CYS C 201 11.70 -37.30 -18.77
CA CYS C 201 11.01 -36.21 -18.11
C CYS C 201 10.60 -36.61 -16.69
N ILE C 202 10.41 -35.60 -15.85
CA ILE C 202 10.01 -35.76 -14.45
C ILE C 202 9.03 -34.62 -14.14
N TYR C 203 8.02 -34.91 -13.33
CA TYR C 203 7.02 -33.90 -12.95
C TYR C 203 6.87 -33.93 -11.44
N VAL C 204 7.19 -32.81 -10.79
CA VAL C 204 7.09 -32.71 -9.33
C VAL C 204 5.85 -31.87 -9.02
N ALA C 205 4.91 -32.48 -8.30
CA ALA C 205 3.68 -31.82 -7.92
C ALA C 205 3.85 -31.35 -6.48
N ILE C 206 3.77 -30.04 -6.28
CA ILE C 206 3.94 -29.44 -4.96
C ILE C 206 2.65 -28.70 -4.65
N GLY C 207 2.00 -29.10 -3.56
CA GLY C 207 0.75 -28.46 -3.13
C GLY C 207 -0.44 -28.64 -4.07
N GLN C 208 -0.21 -29.29 -5.20
CA GLN C 208 -1.26 -29.52 -6.20
C GLN C 208 -2.27 -30.51 -5.61
N LYS C 209 -3.46 -30.56 -6.20
CA LYS C 209 -4.52 -31.45 -5.74
C LYS C 209 -4.29 -32.82 -6.39
N ARG C 210 -4.51 -33.90 -5.63
CA ARG C 210 -4.30 -35.26 -6.12
C ARG C 210 -5.17 -35.53 -7.35
N SER C 211 -6.42 -35.08 -7.30
CA SER C 211 -7.37 -35.28 -8.41
C SER C 211 -6.72 -34.77 -9.70
N THR C 212 -5.94 -33.70 -9.59
CA THR C 212 -5.27 -33.10 -10.72
C THR C 212 -4.11 -34.00 -11.16
N VAL C 213 -3.27 -34.39 -10.20
CA VAL C 213 -2.11 -35.24 -10.48
C VAL C 213 -2.59 -36.57 -11.10
N ALA C 214 -3.79 -37.00 -10.75
CA ALA C 214 -4.35 -38.25 -11.28
C ALA C 214 -4.67 -38.04 -12.76
N GLN C 215 -5.36 -36.95 -13.08
CA GLN C 215 -5.72 -36.64 -14.45
C GLN C 215 -4.44 -36.39 -15.25
N LEU C 216 -3.43 -35.86 -14.57
CA LEU C 216 -2.14 -35.55 -15.17
C LEU C 216 -1.51 -36.85 -15.66
N VAL C 217 -1.32 -37.81 -14.75
CA VAL C 217 -0.71 -39.08 -15.10
C VAL C 217 -1.58 -39.80 -16.14
N LYS C 218 -2.89 -39.63 -16.05
CA LYS C 218 -3.80 -40.27 -17.00
C LYS C 218 -3.51 -39.76 -18.40
N ARG C 219 -3.44 -38.44 -18.57
CA ARG C 219 -3.18 -37.83 -19.86
C ARG C 219 -1.84 -38.32 -20.37
N LEU C 220 -0.84 -38.32 -19.50
CA LEU C 220 0.50 -38.75 -19.87
C LEU C 220 0.47 -40.22 -20.27
N THR C 221 -0.39 -41.02 -19.65
CA THR C 221 -0.50 -42.43 -19.97
C THR C 221 -1.09 -42.55 -21.37
N ASP C 222 -2.13 -41.77 -21.66
CA ASP C 222 -2.80 -41.79 -22.95
C ASP C 222 -1.80 -41.32 -24.01
N ALA C 223 -0.92 -40.40 -23.63
CA ALA C 223 0.09 -39.85 -24.52
C ALA C 223 1.25 -40.84 -24.63
N ASP C 224 1.27 -41.82 -23.73
CA ASP C 224 2.31 -42.85 -23.69
C ASP C 224 3.64 -42.18 -23.33
N ALA C 225 3.55 -41.03 -22.67
CA ALA C 225 4.73 -40.28 -22.25
C ALA C 225 5.19 -40.79 -20.89
N MET C 226 4.26 -41.37 -20.13
CA MET C 226 4.55 -41.89 -18.79
C MET C 226 5.73 -42.87 -18.83
N LYS C 227 5.90 -43.61 -19.92
CA LYS C 227 6.97 -44.59 -20.04
C LYS C 227 8.35 -43.98 -19.74
N TYR C 228 8.46 -42.66 -19.82
CA TYR C 228 9.74 -41.99 -19.55
C TYR C 228 9.50 -40.78 -18.65
N THR C 229 8.53 -40.89 -17.75
CA THR C 229 8.22 -39.78 -16.87
C THR C 229 8.04 -40.28 -15.44
N ILE C 230 8.69 -39.62 -14.50
CA ILE C 230 8.59 -39.96 -13.08
C ILE C 230 7.73 -38.85 -12.47
N VAL C 231 6.71 -39.24 -11.72
CA VAL C 231 5.82 -38.26 -11.10
C VAL C 231 6.06 -38.26 -9.60
N VAL C 232 6.68 -37.20 -9.09
CA VAL C 232 6.94 -37.07 -7.67
C VAL C 232 5.81 -36.21 -7.14
N SER C 233 4.88 -36.82 -6.41
CA SER C 233 3.73 -36.09 -5.88
C SER C 233 3.94 -35.76 -4.40
N ALA C 234 3.62 -34.50 -4.06
CA ALA C 234 3.71 -33.98 -2.70
C ALA C 234 2.57 -32.99 -2.61
N THR C 235 1.36 -33.53 -2.69
CA THR C 235 0.12 -32.76 -2.68
C THR C 235 -0.09 -32.10 -1.33
N ALA C 236 -1.13 -31.27 -1.27
CA ALA C 236 -1.50 -30.50 -0.07
C ALA C 236 -1.74 -31.42 1.13
N SER C 237 -2.12 -32.67 0.87
CA SER C 237 -2.37 -33.64 1.94
C SER C 237 -1.09 -33.89 2.72
N ASP C 238 0.04 -33.92 2.02
CA ASP C 238 1.33 -34.19 2.63
C ASP C 238 1.78 -33.01 3.48
N ALA C 239 2.53 -33.32 4.54
CA ALA C 239 3.05 -32.33 5.47
C ALA C 239 4.01 -31.41 4.72
N ALA C 240 4.16 -30.20 5.26
CA ALA C 240 5.02 -29.17 4.68
C ALA C 240 6.40 -29.72 4.29
N PRO C 241 7.10 -30.42 5.21
CA PRO C 241 8.42 -30.97 4.89
C PRO C 241 8.48 -31.75 3.59
N LEU C 242 7.43 -32.51 3.29
CA LEU C 242 7.37 -33.32 2.09
C LEU C 242 7.27 -32.40 0.87
N GLN C 243 6.38 -31.42 0.93
CA GLN C 243 6.18 -30.48 -0.18
C GLN C 243 7.45 -29.65 -0.38
N TYR C 244 8.19 -29.45 0.69
CA TYR C 244 9.43 -28.68 0.65
C TYR C 244 10.53 -29.50 0.00
N LEU C 245 10.64 -30.77 0.37
CA LEU C 245 11.69 -31.65 -0.13
C LEU C 245 11.42 -32.12 -1.55
N ALA C 246 10.15 -32.37 -1.88
CA ALA C 246 9.73 -32.87 -3.20
C ALA C 246 10.57 -32.31 -4.36
N PRO C 247 10.67 -30.98 -4.49
CA PRO C 247 11.47 -30.41 -5.58
C PRO C 247 12.91 -30.90 -5.66
N TYR C 248 13.55 -31.07 -4.50
CA TYR C 248 14.93 -31.52 -4.44
C TYR C 248 14.98 -33.00 -4.74
N SER C 249 14.02 -33.76 -4.20
CA SER C 249 13.97 -35.21 -4.43
C SER C 249 13.94 -35.46 -5.93
N GLY C 250 13.00 -34.83 -6.62
CA GLY C 250 12.89 -35.01 -8.05
C GLY C 250 14.15 -34.60 -8.79
N CYS C 251 14.84 -33.59 -8.26
CA CYS C 251 16.06 -33.06 -8.86
C CYS C 251 17.12 -34.16 -8.84
N SER C 252 17.31 -34.80 -7.69
CA SER C 252 18.30 -35.85 -7.53
C SER C 252 17.99 -37.00 -8.49
N MET C 253 16.71 -37.31 -8.63
CA MET C 253 16.28 -38.39 -9.52
C MET C 253 16.72 -38.03 -10.94
N GLY C 254 16.66 -36.74 -11.25
CA GLY C 254 17.06 -36.26 -12.58
C GLY C 254 18.56 -36.13 -12.75
N GLU C 255 19.25 -35.73 -11.68
CA GLU C 255 20.70 -35.55 -11.71
C GLU C 255 21.36 -36.88 -12.06
N TYR C 256 20.70 -37.98 -11.73
CA TYR C 256 21.21 -39.31 -12.01
C TYR C 256 21.52 -39.40 -13.50
N PHE C 257 20.47 -39.17 -14.31
CA PHE C 257 20.56 -39.22 -15.76
C PHE C 257 21.66 -38.25 -16.23
N ARG C 258 21.64 -37.04 -15.68
CA ARG C 258 22.60 -36.00 -16.04
C ARG C 258 24.04 -36.49 -15.86
N ASP C 259 24.37 -36.94 -14.65
CA ASP C 259 25.71 -37.39 -14.34
C ASP C 259 25.99 -38.78 -14.94
N ASN C 260 25.11 -39.25 -15.82
CA ASN C 260 25.30 -40.55 -16.45
C ASN C 260 25.18 -40.38 -17.96
N GLY C 261 25.48 -39.20 -18.46
CA GLY C 261 25.42 -38.94 -19.89
C GLY C 261 24.01 -38.79 -20.46
N LYS C 262 23.02 -39.27 -19.74
CA LYS C 262 21.63 -39.17 -20.18
C LYS C 262 21.18 -37.75 -19.96
N HIS C 263 20.07 -37.38 -20.60
CA HIS C 263 19.53 -36.03 -20.49
C HIS C 263 18.15 -36.15 -19.87
N ALA C 264 17.87 -35.32 -18.86
CA ALA C 264 16.59 -35.35 -18.17
C ALA C 264 15.94 -33.97 -18.21
N LEU C 265 14.65 -33.95 -17.91
CA LEU C 265 13.84 -32.75 -17.90
C LEU C 265 13.01 -32.83 -16.62
N ILE C 266 12.89 -31.73 -15.90
CA ILE C 266 12.12 -31.73 -14.67
C ILE C 266 11.29 -30.45 -14.60
N ILE C 267 10.03 -30.62 -14.20
CA ILE C 267 9.11 -29.51 -14.06
C ILE C 267 8.80 -29.40 -12.58
N TYR C 268 8.86 -28.19 -12.03
CA TYR C 268 8.57 -27.96 -10.62
C TYR C 268 7.24 -27.21 -10.55
N ASP C 269 6.15 -27.96 -10.40
CA ASP C 269 4.82 -27.36 -10.32
C ASP C 269 4.28 -27.73 -8.94
N ASP C 270 4.10 -26.75 -8.06
CA ASP C 270 4.35 -25.34 -8.33
C ASP C 270 5.36 -24.85 -7.29
N LEU C 271 6.40 -24.13 -7.72
CA LEU C 271 7.43 -23.62 -6.80
C LEU C 271 6.86 -22.63 -5.78
N SER C 272 5.82 -21.92 -6.15
CA SER C 272 5.22 -20.95 -5.23
C SER C 272 4.62 -21.71 -4.04
N LYS C 273 4.06 -22.89 -4.30
CA LYS C 273 3.44 -23.70 -3.25
C LYS C 273 4.51 -24.30 -2.34
N GLN C 274 5.67 -24.62 -2.92
CA GLN C 274 6.79 -25.17 -2.13
C GLN C 274 7.24 -24.09 -1.14
N ALA C 275 7.41 -22.87 -1.65
CA ALA C 275 7.85 -21.74 -0.85
C ALA C 275 6.91 -21.55 0.33
N VAL C 276 5.61 -21.52 0.06
CA VAL C 276 4.60 -21.34 1.12
C VAL C 276 4.82 -22.39 2.21
N ALA C 277 4.97 -23.65 1.80
CA ALA C 277 5.19 -24.77 2.73
C ALA C 277 6.44 -24.49 3.56
N TYR C 278 7.50 -24.04 2.89
CA TYR C 278 8.76 -23.76 3.57
C TYR C 278 8.54 -22.64 4.59
N ARG C 279 7.75 -21.64 4.21
CA ARG C 279 7.46 -20.51 5.09
C ARG C 279 6.85 -21.04 6.38
N GLN C 280 5.92 -21.97 6.24
CA GLN C 280 5.24 -22.55 7.40
C GLN C 280 6.27 -23.24 8.28
N MET C 281 7.07 -24.11 7.67
CA MET C 281 8.10 -24.87 8.36
C MET C 281 9.01 -23.94 9.14
N SER C 282 9.54 -22.92 8.47
CA SER C 282 10.46 -21.96 9.08
C SER C 282 9.78 -21.18 10.21
N LEU C 283 8.59 -20.64 9.97
CA LEU C 283 7.88 -19.86 10.97
C LEU C 283 7.61 -20.70 12.22
N LEU C 284 7.20 -21.95 12.02
CA LEU C 284 6.90 -22.84 13.13
C LEU C 284 8.19 -23.18 13.90
N LEU C 285 9.33 -23.06 13.22
CA LEU C 285 10.61 -23.32 13.86
C LEU C 285 10.96 -22.08 14.71
N ARG C 286 10.03 -21.12 14.75
CA ARG C 286 10.13 -19.88 15.50
C ARG C 286 11.12 -18.92 14.84
N ARG C 287 11.54 -19.24 13.62
CA ARG C 287 12.48 -18.38 12.90
C ARG C 287 11.70 -17.14 12.44
N PRO C 288 12.24 -15.94 12.73
CA PRO C 288 11.64 -14.65 12.38
C PRO C 288 11.04 -14.55 10.98
N PRO C 289 9.82 -13.99 10.87
CA PRO C 289 9.13 -13.83 9.59
C PRO C 289 9.69 -12.62 8.83
N GLY C 290 10.02 -12.82 7.57
CA GLY C 290 10.57 -11.75 6.77
C GLY C 290 9.53 -11.04 5.93
N ARG C 291 9.96 -10.56 4.76
CA ARG C 291 9.08 -9.86 3.83
C ARG C 291 7.99 -10.85 3.44
N GLU C 292 6.73 -10.43 3.57
CA GLU C 292 5.58 -11.28 3.23
C GLU C 292 5.62 -12.56 4.07
N ALA C 293 6.22 -12.47 5.25
CA ALA C 293 6.33 -13.57 6.20
C ALA C 293 7.34 -14.62 5.70
N TYR C 294 7.72 -14.54 4.42
CA TYR C 294 8.66 -15.50 3.86
C TYR C 294 10.02 -15.31 4.53
N PRO C 295 10.73 -16.42 4.79
CA PRO C 295 12.06 -16.40 5.42
C PRO C 295 13.07 -15.68 4.53
N GLY C 296 14.12 -15.14 5.15
CA GLY C 296 15.14 -14.44 4.40
C GLY C 296 15.88 -15.28 3.37
N ASP C 297 15.84 -16.60 3.54
CA ASP C 297 16.56 -17.48 2.61
C ASP C 297 15.62 -18.10 1.57
N VAL C 298 14.47 -17.49 1.33
CA VAL C 298 13.54 -18.02 0.33
C VAL C 298 14.22 -18.01 -1.04
N PHE C 299 15.08 -17.02 -1.27
CA PHE C 299 15.80 -16.91 -2.53
C PHE C 299 16.70 -18.13 -2.68
N TYR C 300 17.48 -18.41 -1.63
CA TYR C 300 18.41 -19.55 -1.64
C TYR C 300 17.62 -20.85 -1.81
N LEU C 301 16.40 -20.88 -1.26
CA LEU C 301 15.53 -22.04 -1.33
C LEU C 301 15.35 -22.43 -2.80
N HIS C 302 15.27 -21.44 -3.68
CA HIS C 302 15.06 -21.71 -5.08
C HIS C 302 16.34 -21.64 -5.90
N SER C 303 17.28 -20.78 -5.52
CA SER C 303 18.53 -20.66 -6.27
C SER C 303 19.26 -21.99 -6.24
N ARG C 304 19.52 -22.47 -5.02
CA ARG C 304 20.23 -23.73 -4.79
C ARG C 304 19.61 -24.86 -5.62
N LEU C 305 18.30 -24.83 -5.76
CA LEU C 305 17.55 -25.85 -6.49
C LEU C 305 17.82 -25.73 -7.99
N LEU C 306 17.43 -24.60 -8.57
CA LEU C 306 17.57 -24.36 -10.01
C LEU C 306 19.02 -24.48 -10.48
N GLU C 307 19.98 -24.01 -9.68
CA GLU C 307 21.39 -24.06 -10.06
C GLU C 307 21.86 -25.51 -10.30
N ARG C 308 21.20 -26.48 -9.67
CA ARG C 308 21.58 -27.89 -9.81
C ARG C 308 21.41 -28.32 -11.28
N ALA C 309 20.44 -27.72 -11.96
CA ALA C 309 20.17 -28.02 -13.35
C ALA C 309 21.30 -27.39 -14.16
N ALA C 310 21.96 -28.19 -14.99
CA ALA C 310 23.07 -27.67 -15.78
C ALA C 310 23.38 -28.64 -16.91
N LYS C 311 24.32 -28.22 -17.76
CA LYS C 311 24.78 -29.01 -18.88
C LYS C 311 26.23 -29.36 -18.55
N MET C 312 26.49 -30.64 -18.35
CA MET C 312 27.81 -31.14 -18.00
C MET C 312 28.63 -31.26 -19.28
N ASN C 313 29.94 -31.02 -19.17
CA ASN C 313 30.82 -31.14 -20.32
C ASN C 313 31.06 -32.63 -20.55
N ASP C 314 31.59 -32.97 -21.73
CA ASP C 314 31.85 -34.37 -22.10
C ASP C 314 32.65 -35.11 -21.03
N ALA C 315 33.66 -34.45 -20.46
CA ALA C 315 34.50 -35.08 -19.44
C ALA C 315 33.61 -35.55 -18.29
N PHE C 316 32.58 -34.78 -17.98
CA PHE C 316 31.66 -35.12 -16.90
C PHE C 316 30.43 -35.83 -17.48
N GLY C 317 30.64 -36.70 -18.47
CA GLY C 317 29.54 -37.43 -19.05
C GLY C 317 28.72 -36.69 -20.09
N GLY C 318 28.79 -35.37 -20.10
CA GLY C 318 28.04 -34.59 -21.08
C GLY C 318 26.53 -34.66 -20.91
N GLY C 319 26.08 -35.11 -19.73
CA GLY C 319 24.67 -35.19 -19.47
C GLY C 319 24.13 -33.80 -19.18
N SER C 320 22.82 -33.68 -18.99
CA SER C 320 22.24 -32.37 -18.72
C SER C 320 20.93 -32.55 -17.97
N LEU C 321 20.53 -31.49 -17.27
CA LEU C 321 19.29 -31.47 -16.52
C LEU C 321 18.65 -30.12 -16.81
N THR C 322 17.58 -30.13 -17.59
CA THR C 322 16.86 -28.92 -17.94
C THR C 322 15.71 -28.79 -16.96
N ALA C 323 15.64 -27.66 -16.26
CA ALA C 323 14.59 -27.45 -15.29
C ALA C 323 13.63 -26.38 -15.78
N LEU C 324 12.34 -26.62 -15.59
CA LEU C 324 11.29 -25.67 -15.97
C LEU C 324 10.43 -25.47 -14.73
N PRO C 325 10.75 -24.44 -13.93
CA PRO C 325 9.99 -24.15 -12.71
C PRO C 325 8.72 -23.38 -13.03
N VAL C 326 7.65 -23.67 -12.30
CA VAL C 326 6.38 -23.01 -12.50
C VAL C 326 6.19 -22.07 -11.32
N ILE C 327 5.65 -20.89 -11.60
CA ILE C 327 5.39 -19.88 -10.56
C ILE C 327 4.03 -19.27 -10.86
N GLU C 328 3.22 -19.11 -9.82
CA GLU C 328 1.88 -18.54 -9.98
C GLU C 328 1.91 -17.12 -9.44
N THR C 329 1.58 -16.16 -10.29
CA THR C 329 1.56 -14.76 -9.90
C THR C 329 0.14 -14.40 -9.49
N GLN C 330 0.01 -13.53 -8.50
CA GLN C 330 -1.29 -13.10 -8.01
C GLN C 330 -1.64 -11.77 -8.66
N ALA C 331 -2.77 -11.75 -9.36
CA ALA C 331 -3.28 -10.56 -10.05
C ALA C 331 -2.20 -9.98 -10.97
N GLY C 332 -1.40 -10.85 -11.57
CA GLY C 332 -0.35 -10.40 -12.47
C GLY C 332 0.73 -9.55 -11.83
N ASP C 333 0.72 -9.47 -10.51
CA ASP C 333 1.69 -8.68 -9.77
C ASP C 333 2.99 -9.47 -9.70
N VAL C 334 3.98 -9.06 -10.50
CA VAL C 334 5.28 -9.72 -10.51
C VAL C 334 6.20 -9.01 -9.51
N SER C 335 5.68 -7.98 -8.85
CA SER C 335 6.44 -7.21 -7.87
C SER C 335 6.47 -7.98 -6.54
N ALA C 336 5.97 -9.21 -6.54
CA ALA C 336 5.94 -10.02 -5.33
C ALA C 336 7.36 -10.50 -5.02
N TYR C 337 7.54 -11.04 -3.82
CA TYR C 337 8.83 -11.52 -3.32
C TYR C 337 9.31 -12.74 -4.12
N ILE C 338 8.53 -13.83 -4.12
CA ILE C 338 8.94 -15.06 -4.82
C ILE C 338 9.09 -14.87 -6.33
N PRO C 339 8.05 -14.35 -7.02
CA PRO C 339 8.17 -14.16 -8.47
C PRO C 339 9.47 -13.50 -8.94
N THR C 340 9.86 -12.43 -8.27
CA THR C 340 11.09 -11.72 -8.63
C THR C 340 12.29 -12.64 -8.42
N ASN C 341 12.34 -13.29 -7.27
CA ASN C 341 13.43 -14.20 -6.92
C ASN C 341 13.70 -15.18 -8.07
N VAL C 342 12.70 -16.00 -8.37
CA VAL C 342 12.83 -17.02 -9.41
C VAL C 342 13.23 -16.43 -10.76
N ILE C 343 12.65 -15.29 -11.13
CA ILE C 343 12.96 -14.65 -12.42
C ILE C 343 14.45 -14.28 -12.51
N SER C 344 15.08 -14.00 -11.38
CA SER C 344 16.50 -13.62 -11.39
C SER C 344 17.40 -14.84 -11.32
N ILE C 345 16.83 -16.04 -11.28
CA ILE C 345 17.63 -17.26 -11.18
C ILE C 345 17.62 -18.01 -12.51
N THR C 346 16.44 -18.11 -13.13
CA THR C 346 16.28 -18.83 -14.38
C THR C 346 16.95 -18.09 -15.54
N ASP C 347 17.16 -18.81 -16.64
CA ASP C 347 17.80 -18.26 -17.83
C ASP C 347 16.70 -17.80 -18.77
N GLY C 348 15.71 -17.10 -18.24
CA GLY C 348 14.62 -16.62 -19.06
C GLY C 348 13.28 -17.03 -18.47
N GLN C 349 12.21 -16.45 -18.99
CA GLN C 349 10.87 -16.77 -18.49
C GLN C 349 9.88 -16.75 -19.65
N ILE C 350 8.73 -17.38 -19.42
CA ILE C 350 7.65 -17.44 -20.38
C ILE C 350 6.42 -16.98 -19.60
N PHE C 351 6.01 -15.73 -19.82
CA PHE C 351 4.87 -15.20 -19.11
C PHE C 351 3.62 -15.38 -19.97
N LEU C 352 2.59 -15.95 -19.36
CA LEU C 352 1.32 -16.19 -20.03
C LEU C 352 0.30 -15.23 -19.41
N GLU C 353 -0.61 -14.71 -20.23
CA GLU C 353 -1.62 -13.76 -19.75
C GLU C 353 -3.01 -14.26 -20.15
N THR C 354 -3.95 -14.19 -19.21
CA THR C 354 -5.33 -14.63 -19.45
C THR C 354 -5.96 -13.79 -20.57
N GLU C 355 -5.59 -12.52 -20.62
CA GLU C 355 -6.10 -11.58 -21.61
C GLU C 355 -5.86 -12.12 -23.03
N LEU C 356 -4.63 -12.56 -23.28
CA LEU C 356 -4.25 -13.08 -24.59
C LEU C 356 -5.01 -14.39 -24.85
N PHE C 357 -5.06 -15.24 -23.83
CA PHE C 357 -5.74 -16.54 -23.92
C PHE C 357 -7.14 -16.34 -24.48
N TYR C 358 -7.93 -15.49 -23.84
CA TYR C 358 -9.30 -15.24 -24.26
C TYR C 358 -9.32 -14.56 -25.63
N LYS C 359 -8.32 -13.74 -25.91
CA LYS C 359 -8.26 -13.04 -27.19
C LYS C 359 -7.83 -14.01 -28.30
N GLY C 360 -7.79 -15.30 -28.00
CA GLY C 360 -7.41 -16.29 -28.99
C GLY C 360 -5.93 -16.57 -29.10
N ILE C 361 -5.11 -15.74 -28.46
CA ILE C 361 -3.67 -15.94 -28.49
C ILE C 361 -3.38 -17.09 -27.54
N ARG C 362 -3.43 -18.32 -28.06
CA ARG C 362 -3.18 -19.51 -27.27
C ARG C 362 -2.15 -20.35 -28.02
N PRO C 363 -1.00 -20.65 -27.39
CA PRO C 363 -0.58 -20.25 -26.03
C PRO C 363 -0.63 -18.75 -25.81
N ALA C 364 -1.01 -18.35 -24.60
CA ALA C 364 -1.11 -16.94 -24.24
C ALA C 364 0.27 -16.41 -23.87
N ILE C 365 1.27 -16.77 -24.67
CA ILE C 365 2.64 -16.35 -24.42
C ILE C 365 2.79 -14.89 -24.82
N ASN C 366 3.24 -14.08 -23.86
CA ASN C 366 3.48 -12.67 -24.09
C ASN C 366 4.94 -12.56 -24.53
N VAL C 367 5.15 -12.45 -25.84
CA VAL C 367 6.48 -12.35 -26.45
C VAL C 367 7.30 -11.26 -25.77
N GLY C 368 6.68 -10.13 -25.48
CA GLY C 368 7.40 -9.02 -24.86
C GLY C 368 7.91 -9.23 -23.43
N LEU C 369 7.22 -10.05 -22.66
CA LEU C 369 7.63 -10.28 -21.28
C LEU C 369 8.26 -11.67 -21.15
N SER C 370 8.85 -12.17 -22.22
CA SER C 370 9.48 -13.48 -22.21
C SER C 370 10.80 -13.37 -22.95
N VAL C 371 11.84 -14.03 -22.44
CA VAL C 371 13.16 -13.99 -23.07
C VAL C 371 13.87 -15.30 -22.77
N SER C 372 14.90 -15.59 -23.55
CA SER C 372 15.70 -16.79 -23.38
C SER C 372 17.14 -16.33 -23.32
N ARG C 373 17.78 -16.52 -22.17
CA ARG C 373 19.14 -16.09 -21.96
C ARG C 373 20.10 -17.15 -22.51
N VAL C 374 19.76 -17.68 -23.69
CA VAL C 374 20.55 -18.70 -24.37
C VAL C 374 20.43 -18.39 -25.86
N GLY C 375 19.21 -18.07 -26.28
CA GLY C 375 18.96 -17.71 -27.67
C GLY C 375 19.12 -18.79 -28.72
N SER C 376 19.58 -18.35 -29.89
CA SER C 376 19.76 -19.22 -31.04
C SER C 376 20.73 -20.37 -30.73
N ALA C 377 21.50 -20.24 -29.65
CA ALA C 377 22.46 -21.29 -29.27
C ALA C 377 21.73 -22.56 -28.81
N ALA C 378 20.40 -22.58 -28.96
CA ALA C 378 19.61 -23.75 -28.57
C ALA C 378 18.63 -24.06 -29.69
N GLN C 379 18.89 -23.52 -30.88
CA GLN C 379 18.00 -23.73 -32.01
C GLN C 379 18.81 -24.33 -33.15
N THR C 380 18.13 -25.13 -33.98
CA THR C 380 18.78 -25.73 -35.12
C THR C 380 18.99 -24.57 -36.10
N ARG C 381 19.91 -24.74 -37.05
CA ARG C 381 20.19 -23.68 -38.03
C ARG C 381 18.88 -23.35 -38.74
N ALA C 382 18.12 -24.39 -39.06
CA ALA C 382 16.84 -24.25 -39.75
C ALA C 382 15.96 -23.25 -39.00
N MET C 383 15.76 -23.48 -37.70
CA MET C 383 14.92 -22.61 -36.89
C MET C 383 15.57 -21.23 -36.78
N LYS C 384 16.90 -21.18 -36.73
CA LYS C 384 17.62 -19.91 -36.61
C LYS C 384 17.41 -19.09 -37.89
N GLN C 385 17.26 -19.76 -39.03
CA GLN C 385 17.07 -19.09 -40.32
C GLN C 385 15.69 -18.46 -40.42
N VAL C 386 14.69 -19.08 -39.80
CA VAL C 386 13.33 -18.54 -39.85
C VAL C 386 13.07 -17.64 -38.65
N ALA C 387 13.29 -18.15 -37.45
CA ALA C 387 13.08 -17.38 -36.22
C ALA C 387 14.06 -16.21 -36.22
N GLY C 388 15.34 -16.52 -35.97
CA GLY C 388 16.38 -15.49 -35.97
C GLY C 388 16.13 -14.18 -35.23
N THR C 389 15.53 -13.21 -35.91
CA THR C 389 15.27 -11.89 -35.32
C THR C 389 13.78 -11.58 -35.36
N MET C 390 12.94 -12.59 -35.50
CA MET C 390 11.49 -12.40 -35.58
C MET C 390 10.99 -11.83 -34.25
N LYS C 391 11.70 -12.12 -33.16
CA LYS C 391 11.31 -11.63 -31.85
C LYS C 391 11.43 -10.10 -31.81
N LEU C 392 12.60 -9.59 -32.18
CA LEU C 392 12.84 -8.14 -32.19
C LEU C 392 11.83 -7.49 -33.13
N GLU C 393 11.48 -8.20 -34.20
CA GLU C 393 10.52 -7.70 -35.19
C GLU C 393 9.17 -7.51 -34.51
N LEU C 394 8.66 -8.56 -33.88
CA LEU C 394 7.36 -8.51 -33.21
C LEU C 394 7.33 -7.37 -32.20
N ALA C 395 8.44 -7.18 -31.49
CA ALA C 395 8.54 -6.12 -30.48
C ALA C 395 8.24 -4.78 -31.14
N GLN C 396 9.00 -4.44 -32.19
CA GLN C 396 8.82 -3.18 -32.90
C GLN C 396 7.39 -3.11 -33.45
N TYR C 397 6.90 -4.23 -33.97
CA TYR C 397 5.56 -4.31 -34.55
C TYR C 397 4.50 -3.89 -33.52
N ARG C 398 4.58 -4.46 -32.32
CA ARG C 398 3.62 -4.17 -31.26
C ARG C 398 3.69 -2.69 -30.90
N GLU C 399 4.90 -2.15 -30.84
CA GLU C 399 5.12 -0.74 -30.49
C GLU C 399 4.46 0.14 -31.56
N VAL C 400 4.73 -0.16 -32.82
CA VAL C 400 4.19 0.61 -33.94
C VAL C 400 2.66 0.51 -33.95
N ALA C 401 2.14 -0.68 -33.71
CA ALA C 401 0.69 -0.91 -33.69
C ALA C 401 0.06 -0.08 -32.59
N ALA C 402 0.67 -0.10 -31.41
CA ALA C 402 0.17 0.64 -30.25
C ALA C 402 0.20 2.13 -30.55
N PHE C 403 1.24 2.57 -31.25
CA PHE C 403 1.41 3.99 -31.58
C PHE C 403 0.45 4.35 -32.73
N ALA C 404 0.12 3.37 -33.57
CA ALA C 404 -0.76 3.61 -34.70
C ALA C 404 -2.09 2.90 -34.45
N GLN C 405 -2.74 3.22 -33.32
CA GLN C 405 -4.03 2.62 -32.99
C GLN C 405 -5.13 3.45 -33.66
N PHE C 406 -4.78 4.06 -34.80
CA PHE C 406 -5.69 4.90 -35.58
C PHE C 406 -4.98 5.22 -36.89
N GLY C 407 -5.67 5.93 -37.78
CA GLY C 407 -5.08 6.26 -39.07
C GLY C 407 -3.98 7.30 -38.97
N SER C 408 -2.80 6.88 -38.54
CA SER C 408 -1.67 7.79 -38.39
C SER C 408 -0.85 7.78 -39.68
N ASP C 409 -1.51 8.06 -40.80
CA ASP C 409 -0.89 8.11 -42.15
C ASP C 409 0.27 7.12 -42.25
N LEU C 410 -0.05 5.83 -42.17
CA LEU C 410 0.94 4.77 -42.23
C LEU C 410 1.54 4.69 -43.63
N ASP C 411 2.86 4.69 -43.69
CA ASP C 411 3.57 4.59 -44.96
C ASP C 411 3.78 3.10 -45.24
N ALA C 412 4.42 2.79 -46.36
CA ALA C 412 4.66 1.40 -46.77
C ALA C 412 5.40 0.61 -45.70
N ALA C 413 6.48 1.19 -45.17
CA ALA C 413 7.31 0.51 -44.16
C ALA C 413 6.50 0.08 -42.94
N THR C 414 5.84 1.04 -42.29
CA THR C 414 5.06 0.76 -41.08
C THR C 414 3.96 -0.25 -41.36
N GLN C 415 3.21 -0.04 -42.45
CA GLN C 415 2.11 -0.94 -42.81
C GLN C 415 2.64 -2.36 -43.00
N GLN C 416 3.72 -2.49 -43.77
CA GLN C 416 4.33 -3.80 -44.05
C GLN C 416 4.65 -4.49 -42.72
N LEU C 417 5.24 -3.73 -41.80
CA LEU C 417 5.62 -4.24 -40.49
C LEU C 417 4.38 -4.78 -39.78
N LEU C 418 3.30 -4.01 -39.78
CA LEU C 418 2.06 -4.43 -39.12
C LEU C 418 1.53 -5.71 -39.76
N SER C 419 1.54 -5.77 -41.08
CA SER C 419 1.05 -6.93 -41.82
C SER C 419 1.81 -8.18 -41.37
N ARG C 420 3.14 -8.12 -41.42
CA ARG C 420 3.99 -9.24 -41.03
C ARG C 420 3.65 -9.65 -39.60
N GLY C 421 3.55 -8.66 -38.72
CA GLY C 421 3.25 -8.95 -37.32
C GLY C 421 2.01 -9.78 -37.09
N VAL C 422 0.88 -9.31 -37.61
CA VAL C 422 -0.41 -10.00 -37.45
C VAL C 422 -0.30 -11.41 -38.03
N ARG C 423 0.33 -11.55 -39.19
CA ARG C 423 0.48 -12.85 -39.85
C ARG C 423 1.23 -13.81 -38.92
N LEU C 424 2.38 -13.35 -38.43
CA LEU C 424 3.23 -14.16 -37.55
C LEU C 424 2.50 -14.52 -36.26
N THR C 425 1.71 -13.60 -35.73
CA THR C 425 0.98 -13.83 -34.49
C THR C 425 0.06 -15.05 -34.65
N GLU C 426 -0.66 -15.10 -35.77
CA GLU C 426 -1.59 -16.20 -36.02
C GLU C 426 -0.84 -17.52 -36.09
N LEU C 427 0.33 -17.51 -36.73
CA LEU C 427 1.14 -18.71 -36.90
C LEU C 427 1.68 -19.20 -35.56
N LEU C 428 1.69 -18.36 -34.54
CA LEU C 428 2.21 -18.77 -33.24
C LEU C 428 1.14 -19.44 -32.39
N LYS C 429 -0.11 -19.41 -32.84
CA LYS C 429 -1.20 -20.05 -32.10
C LYS C 429 -1.03 -21.55 -32.28
N GLN C 430 -1.26 -22.32 -31.21
CA GLN C 430 -1.10 -23.76 -31.25
C GLN C 430 -1.93 -24.37 -30.11
N GLY C 431 -2.60 -25.47 -30.42
CA GLY C 431 -3.42 -26.15 -29.43
C GLY C 431 -2.63 -26.98 -28.45
N GLN C 432 -3.34 -27.79 -27.67
CA GLN C 432 -2.71 -28.64 -26.66
C GLN C 432 -2.50 -30.03 -27.23
N TYR C 433 -1.54 -30.73 -26.63
CA TYR C 433 -1.19 -32.10 -26.96
C TYR C 433 -0.93 -32.29 -28.45
N SER C 434 -0.40 -31.25 -29.10
CA SER C 434 -0.12 -31.33 -30.53
C SER C 434 1.26 -30.72 -30.81
N PRO C 435 2.32 -31.26 -30.16
CA PRO C 435 3.68 -30.74 -30.36
C PRO C 435 4.10 -30.92 -31.81
N MET C 436 4.49 -29.83 -32.47
CA MET C 436 4.90 -29.90 -33.88
C MET C 436 6.38 -30.23 -33.95
N ALA C 437 6.77 -30.88 -35.04
CA ALA C 437 8.17 -31.25 -35.26
C ALA C 437 8.90 -29.98 -35.66
N ILE C 438 10.20 -29.93 -35.35
CA ILE C 438 11.04 -28.76 -35.65
C ILE C 438 10.93 -28.40 -37.13
N GLU C 439 11.09 -29.37 -38.02
CA GLU C 439 11.05 -29.12 -39.46
C GLU C 439 9.67 -28.59 -39.86
N GLU C 440 8.62 -29.12 -39.24
CA GLU C 440 7.26 -28.69 -39.55
C GLU C 440 7.10 -27.24 -39.11
N GLN C 441 7.65 -26.92 -37.94
CA GLN C 441 7.57 -25.58 -37.40
C GLN C 441 8.32 -24.64 -38.35
N VAL C 442 9.50 -25.04 -38.78
CA VAL C 442 10.33 -24.25 -39.69
C VAL C 442 9.55 -23.96 -40.97
N ALA C 443 8.83 -24.94 -41.48
CA ALA C 443 8.05 -24.78 -42.72
C ALA C 443 6.96 -23.72 -42.52
N VAL C 444 6.13 -23.89 -41.49
CA VAL C 444 5.04 -22.95 -41.23
C VAL C 444 5.55 -21.56 -40.88
N ILE C 445 6.67 -21.48 -40.15
CA ILE C 445 7.24 -20.19 -39.77
C ILE C 445 7.89 -19.57 -41.01
N TYR C 446 8.35 -20.43 -41.92
CA TYR C 446 8.99 -19.99 -43.16
C TYR C 446 7.99 -19.19 -43.98
N ALA C 447 6.84 -19.81 -44.27
CA ALA C 447 5.79 -19.19 -45.06
C ALA C 447 5.50 -17.78 -44.54
N GLY C 448 5.46 -17.65 -43.21
CA GLY C 448 5.17 -16.36 -42.61
C GLY C 448 6.28 -15.33 -42.68
N VAL C 449 7.44 -15.67 -42.12
CA VAL C 449 8.60 -14.77 -42.07
C VAL C 449 8.99 -14.32 -43.48
N ARG C 450 9.02 -15.25 -44.43
CA ARG C 450 9.38 -14.92 -45.82
C ARG C 450 8.31 -14.01 -46.41
N GLY C 451 7.13 -13.98 -45.78
CA GLY C 451 6.05 -13.13 -46.21
C GLY C 451 5.21 -13.54 -47.40
N TYR C 452 5.07 -14.85 -47.63
CA TYR C 452 4.27 -15.34 -48.76
C TYR C 452 2.79 -15.29 -48.38
N LEU C 453 2.51 -15.03 -47.10
CA LEU C 453 1.13 -14.98 -46.62
C LEU C 453 0.73 -13.54 -46.35
N ASP C 454 1.61 -12.60 -46.69
CA ASP C 454 1.32 -11.19 -46.44
C ASP C 454 0.04 -10.78 -47.18
N LYS C 455 -0.27 -11.48 -48.27
CA LYS C 455 -1.46 -11.17 -49.06
C LYS C 455 -2.55 -12.21 -48.74
N LEU C 456 -2.69 -12.57 -47.47
CA LEU C 456 -3.70 -13.54 -47.07
C LEU C 456 -4.43 -12.97 -45.86
N GLU C 457 -5.71 -13.30 -45.76
CA GLU C 457 -6.53 -12.83 -44.64
C GLU C 457 -6.09 -13.65 -43.43
N PRO C 458 -5.74 -12.98 -42.32
CA PRO C 458 -5.30 -13.60 -41.07
C PRO C 458 -6.17 -14.76 -40.59
N SER C 459 -7.48 -14.63 -40.75
CA SER C 459 -8.42 -15.67 -40.33
C SER C 459 -8.23 -16.94 -41.17
N LYS C 460 -7.81 -16.78 -42.41
CA LYS C 460 -7.60 -17.93 -43.30
C LYS C 460 -6.30 -18.65 -42.94
N ILE C 461 -5.34 -17.92 -42.36
CA ILE C 461 -4.05 -18.48 -41.97
C ILE C 461 -4.27 -19.67 -41.04
N THR C 462 -5.23 -19.54 -40.13
CA THR C 462 -5.55 -20.57 -39.15
C THR C 462 -5.70 -21.93 -39.85
N LYS C 463 -6.41 -21.97 -40.97
CA LYS C 463 -6.63 -23.22 -41.70
C LYS C 463 -5.43 -23.49 -42.61
N PHE C 464 -4.87 -22.43 -43.19
CA PHE C 464 -3.73 -22.55 -44.10
C PHE C 464 -2.62 -23.38 -43.47
N GLU C 465 -2.30 -23.11 -42.22
CA GLU C 465 -1.23 -23.82 -41.52
C GLU C 465 -1.46 -25.33 -41.60
N ASN C 466 -2.64 -25.77 -41.18
CA ASN C 466 -2.98 -27.19 -41.17
C ASN C 466 -2.94 -27.77 -42.59
N ALA C 467 -3.60 -27.09 -43.53
CA ALA C 467 -3.65 -27.55 -44.92
C ALA C 467 -2.23 -27.72 -45.45
N PHE C 468 -1.43 -26.66 -45.35
CA PHE C 468 -0.05 -26.64 -45.82
C PHE C 468 0.74 -27.74 -45.12
N LEU C 469 0.52 -27.88 -43.81
CA LEU C 469 1.22 -28.88 -43.01
C LEU C 469 0.95 -30.27 -43.58
N SER C 470 -0.33 -30.60 -43.76
CA SER C 470 -0.73 -31.90 -44.29
C SER C 470 -0.17 -32.06 -45.71
N HIS C 471 -0.17 -30.97 -46.47
CA HIS C 471 0.30 -30.96 -47.86
C HIS C 471 1.75 -31.43 -47.94
N VAL C 472 2.60 -30.93 -47.05
CA VAL C 472 4.01 -31.30 -47.08
C VAL C 472 4.22 -32.67 -46.44
N ILE C 473 3.57 -32.91 -45.31
CA ILE C 473 3.71 -34.18 -44.59
C ILE C 473 3.34 -35.35 -45.50
N SER C 474 2.37 -35.13 -46.38
CA SER C 474 1.90 -36.18 -47.28
C SER C 474 2.86 -36.38 -48.45
N GLN C 475 2.92 -35.40 -49.34
CA GLN C 475 3.73 -35.48 -50.54
C GLN C 475 5.19 -35.10 -50.30
N HIS C 476 5.43 -33.87 -49.86
CA HIS C 476 6.79 -33.37 -49.67
C HIS C 476 7.39 -33.81 -48.32
N GLN C 477 7.16 -35.07 -47.96
CA GLN C 477 7.67 -35.62 -46.71
C GLN C 477 9.21 -35.63 -46.81
N ALA C 478 9.72 -35.83 -48.01
CA ALA C 478 11.16 -35.89 -48.27
C ALA C 478 11.84 -34.59 -47.84
N LEU C 479 11.18 -33.46 -48.12
CA LEU C 479 11.73 -32.14 -47.78
C LEU C 479 11.85 -32.07 -46.25
N LEU C 480 10.76 -32.39 -45.56
CA LEU C 480 10.73 -32.34 -44.10
C LEU C 480 11.78 -33.30 -43.55
N GLY C 481 11.91 -34.47 -44.18
CA GLY C 481 12.90 -35.45 -43.73
C GLY C 481 14.32 -34.94 -43.85
N LYS C 482 14.61 -34.25 -44.96
CA LYS C 482 15.94 -33.70 -45.21
C LYS C 482 16.25 -32.66 -44.13
N ILE C 483 15.33 -31.73 -43.91
CA ILE C 483 15.52 -30.66 -42.92
C ILE C 483 15.79 -31.27 -41.54
N ARG C 484 15.07 -32.34 -41.21
CA ARG C 484 15.22 -32.99 -39.91
C ARG C 484 16.63 -33.57 -39.77
N THR C 485 17.26 -33.90 -40.89
CA THR C 485 18.59 -34.50 -40.86
C THR C 485 19.67 -33.40 -40.94
N ASP C 486 19.60 -32.57 -41.96
CA ASP C 486 20.59 -31.50 -42.17
C ASP C 486 20.48 -30.47 -41.04
N GLY C 487 19.30 -30.34 -40.45
CA GLY C 487 19.12 -29.37 -39.39
C GLY C 487 19.31 -27.95 -39.87
N LYS C 488 19.15 -27.75 -41.18
CA LYS C 488 19.32 -26.45 -41.80
C LYS C 488 18.55 -26.44 -43.11
N ILE C 489 18.08 -25.27 -43.53
CA ILE C 489 17.36 -25.12 -44.78
C ILE C 489 18.42 -24.88 -45.85
N SER C 490 18.67 -25.88 -46.69
CA SER C 490 19.65 -25.76 -47.75
C SER C 490 19.07 -24.87 -48.84
N GLU C 491 19.89 -24.54 -49.83
CA GLU C 491 19.48 -23.68 -50.94
C GLU C 491 18.32 -24.37 -51.66
N GLU C 492 18.49 -25.66 -51.94
CA GLU C 492 17.46 -26.44 -52.63
C GLU C 492 16.19 -26.44 -51.80
N SER C 493 16.32 -26.73 -50.50
CA SER C 493 15.17 -26.78 -49.61
C SER C 493 14.47 -25.42 -49.59
N ASP C 494 15.24 -24.34 -49.66
CA ASP C 494 14.66 -23.00 -49.63
C ASP C 494 13.86 -22.77 -50.92
N ALA C 495 14.44 -23.16 -52.04
CA ALA C 495 13.79 -22.99 -53.34
C ALA C 495 12.53 -23.85 -53.42
N LYS C 496 12.63 -25.08 -52.93
CA LYS C 496 11.51 -26.03 -52.95
C LYS C 496 10.36 -25.46 -52.11
N LEU C 497 10.66 -25.03 -50.90
CA LEU C 497 9.65 -24.47 -49.99
C LEU C 497 8.96 -23.28 -50.65
N LYS C 498 9.74 -22.44 -51.32
CA LYS C 498 9.23 -21.25 -51.99
C LYS C 498 8.16 -21.65 -53.00
N GLU C 499 8.47 -22.58 -53.89
CA GLU C 499 7.55 -23.03 -54.93
C GLU C 499 6.30 -23.67 -54.29
N ILE C 500 6.49 -24.37 -53.18
CA ILE C 500 5.38 -25.04 -52.51
C ILE C 500 4.41 -24.02 -51.94
N VAL C 501 4.91 -23.12 -51.11
CA VAL C 501 4.07 -22.12 -50.44
C VAL C 501 3.39 -21.18 -51.44
N THR C 502 4.12 -20.67 -52.43
CA THR C 502 3.56 -19.73 -53.40
C THR C 502 2.37 -20.34 -54.14
N ASN C 503 2.62 -21.46 -54.82
CA ASN C 503 1.59 -22.14 -55.60
C ASN C 503 0.45 -22.63 -54.71
N PHE C 504 0.78 -23.28 -53.59
CA PHE C 504 -0.25 -23.81 -52.68
C PHE C 504 -1.14 -22.65 -52.23
N LEU C 505 -0.52 -21.60 -51.69
CA LEU C 505 -1.25 -20.44 -51.19
C LEU C 505 -2.11 -19.85 -52.32
N ALA C 506 -1.56 -19.79 -53.52
CA ALA C 506 -2.29 -19.24 -54.67
C ALA C 506 -3.57 -20.05 -54.88
N GLY C 507 -3.43 -21.37 -54.89
CA GLY C 507 -4.58 -22.25 -55.06
C GLY C 507 -5.55 -22.17 -53.91
N PHE C 508 -5.02 -21.80 -52.73
CA PHE C 508 -5.82 -21.68 -51.52
C PHE C 508 -6.74 -20.46 -51.68
N GLU C 509 -6.22 -19.40 -52.30
CA GLU C 509 -7.00 -18.19 -52.52
C GLU C 509 -7.69 -18.29 -53.88
N ALA C 510 -8.37 -19.42 -54.10
CA ALA C 510 -9.07 -19.67 -55.35
C ALA C 510 -10.35 -18.84 -55.37
N THR D 13 43.70 -21.56 20.61
CA THR D 13 42.40 -21.64 21.32
C THR D 13 41.50 -22.59 20.54
N THR D 14 40.63 -23.31 21.23
CA THR D 14 39.76 -24.27 20.58
C THR D 14 38.35 -24.07 21.12
N GLY D 15 37.39 -24.00 20.21
CA GLY D 15 36.01 -23.83 20.58
C GLY D 15 35.20 -25.04 20.15
N ARG D 16 33.92 -25.07 20.53
CA ARG D 16 33.04 -26.16 20.18
C ARG D 16 31.72 -25.55 19.73
N ILE D 17 31.13 -26.14 18.70
CA ILE D 17 29.86 -25.66 18.18
C ILE D 17 28.81 -26.02 19.22
N VAL D 18 27.97 -25.05 19.59
CA VAL D 18 26.94 -25.30 20.59
C VAL D 18 25.55 -25.16 19.97
N ALA D 19 25.45 -24.47 18.84
CA ALA D 19 24.16 -24.27 18.18
C ALA D 19 24.40 -24.03 16.70
N VAL D 20 23.55 -24.63 15.88
CA VAL D 20 23.63 -24.51 14.44
C VAL D 20 22.21 -24.30 13.92
N ILE D 21 22.01 -23.19 13.22
CA ILE D 21 20.72 -22.86 12.62
C ILE D 21 21.06 -22.13 11.33
N GLY D 22 20.83 -22.78 10.20
CA GLY D 22 21.13 -22.16 8.93
C GLY D 22 22.63 -22.00 8.78
N ALA D 23 23.05 -20.87 8.22
CA ALA D 23 24.48 -20.62 8.00
C ALA D 23 25.05 -19.90 9.21
N VAL D 24 24.30 -19.83 10.30
CA VAL D 24 24.78 -19.14 11.49
C VAL D 24 25.08 -20.20 12.55
N VAL D 25 26.34 -20.23 12.97
CA VAL D 25 26.80 -21.20 13.96
C VAL D 25 27.37 -20.43 15.14
N ASP D 26 27.14 -20.93 16.35
CA ASP D 26 27.62 -20.31 17.56
C ASP D 26 28.71 -21.23 18.13
N VAL D 27 29.85 -20.68 18.47
CA VAL D 27 30.95 -21.47 18.99
C VAL D 27 31.31 -20.93 20.37
N GLN D 28 31.62 -21.85 21.28
CA GLN D 28 31.98 -21.52 22.64
C GLN D 28 33.45 -21.91 22.83
N PHE D 29 34.26 -20.94 23.25
CA PHE D 29 35.70 -21.18 23.46
C PHE D 29 35.96 -21.28 24.95
N ASP D 30 36.78 -22.25 25.32
CA ASP D 30 37.13 -22.48 26.72
C ASP D 30 38.02 -21.34 27.20
N GLU D 31 38.97 -20.93 26.35
CA GLU D 31 39.88 -19.85 26.68
C GLU D 31 40.28 -19.17 25.37
N GLY D 32 40.57 -17.87 25.45
CA GLY D 32 40.96 -17.11 24.28
C GLY D 32 39.84 -16.97 23.27
N LEU D 33 38.97 -15.99 23.50
CA LEU D 33 37.82 -15.75 22.63
C LEU D 33 38.33 -14.99 21.40
N PRO D 34 38.20 -15.59 20.21
CA PRO D 34 38.65 -14.98 18.95
C PRO D 34 37.95 -13.65 18.64
N PRO D 35 38.72 -12.62 18.29
CA PRO D 35 38.15 -11.31 17.97
C PRO D 35 37.21 -11.39 16.77
N ILE D 36 36.38 -10.36 16.60
CA ILE D 36 35.43 -10.32 15.52
C ILE D 36 36.18 -10.26 14.19
N LEU D 37 35.51 -10.73 13.14
CA LEU D 37 36.04 -10.77 11.77
C LEU D 37 37.05 -11.91 11.59
N ASN D 38 37.48 -12.52 12.69
CA ASN D 38 38.45 -13.61 12.61
C ASN D 38 37.78 -14.84 12.00
N ALA D 39 38.58 -15.68 11.37
CA ALA D 39 38.09 -16.87 10.73
C ALA D 39 38.31 -18.03 11.70
N LEU D 40 37.49 -19.07 11.55
CA LEU D 40 37.57 -20.25 12.38
C LEU D 40 37.58 -21.43 11.43
N GLU D 41 38.46 -22.39 11.68
CA GLU D 41 38.56 -23.58 10.85
C GLU D 41 37.83 -24.70 11.58
N VAL D 42 36.64 -25.05 11.09
CA VAL D 42 35.85 -26.12 11.70
C VAL D 42 36.61 -27.42 11.47
N GLN D 43 36.99 -28.07 12.56
CA GLN D 43 37.73 -29.32 12.47
C GLN D 43 36.73 -30.46 12.25
N GLY D 44 37.17 -31.50 11.55
CA GLY D 44 36.32 -32.64 11.31
C GLY D 44 35.38 -32.55 10.12
N ARG D 45 35.89 -32.09 8.99
CA ARG D 45 35.09 -31.97 7.77
C ARG D 45 36.01 -32.30 6.60
N GLU D 46 35.46 -32.94 5.58
CA GLU D 46 36.24 -33.29 4.40
C GLU D 46 36.38 -32.04 3.54
N THR D 47 35.54 -31.04 3.81
CA THR D 47 35.55 -29.78 3.10
C THR D 47 35.94 -28.70 4.10
N ARG D 48 36.83 -27.80 3.69
CA ARG D 48 37.29 -26.72 4.55
C ARG D 48 36.14 -25.75 4.81
N LEU D 49 35.56 -25.83 6.01
CA LEU D 49 34.46 -24.95 6.38
C LEU D 49 35.03 -23.86 7.29
N VAL D 50 34.98 -22.63 6.82
CA VAL D 50 35.47 -21.50 7.58
C VAL D 50 34.27 -20.79 8.19
N LEU D 51 34.44 -20.29 9.41
CA LEU D 51 33.39 -19.55 10.11
C LEU D 51 33.97 -18.17 10.39
N GLU D 52 33.23 -17.12 10.06
CA GLU D 52 33.70 -15.77 10.31
C GLU D 52 32.99 -15.26 11.55
N VAL D 53 33.74 -14.88 12.56
CA VAL D 53 33.17 -14.37 13.81
C VAL D 53 32.49 -13.05 13.48
N ALA D 54 31.20 -12.95 13.80
CA ALA D 54 30.44 -11.75 13.51
C ALA D 54 30.00 -11.06 14.79
N GLN D 55 29.75 -11.83 15.85
CA GLN D 55 29.31 -11.23 17.10
C GLN D 55 29.90 -12.00 18.28
N HIS D 56 30.00 -11.33 19.41
CA HIS D 56 30.47 -11.92 20.65
C HIS D 56 29.26 -11.89 21.57
N LEU D 57 28.43 -12.92 21.46
CA LEU D 57 27.22 -13.05 22.23
C LEU D 57 27.52 -12.93 23.72
N GLY D 58 28.55 -13.63 24.18
CA GLY D 58 28.91 -13.58 25.58
C GLY D 58 28.99 -15.00 26.12
N GLU D 59 29.27 -15.13 27.41
CA GLU D 59 29.37 -16.44 28.06
C GLU D 59 30.39 -17.29 27.29
N SER D 60 31.49 -16.66 26.89
CA SER D 60 32.57 -17.31 26.17
C SER D 60 32.03 -17.96 24.89
N THR D 61 30.98 -17.36 24.32
CA THR D 61 30.37 -17.89 23.11
C THR D 61 30.37 -16.76 22.09
N VAL D 62 30.56 -17.11 20.82
CA VAL D 62 30.59 -16.14 19.73
C VAL D 62 29.67 -16.64 18.61
N ARG D 63 29.12 -15.70 17.86
CA ARG D 63 28.23 -16.02 16.75
C ARG D 63 29.04 -15.81 15.46
N THR D 64 28.96 -16.77 14.56
CA THR D 64 29.72 -16.72 13.33
C THR D 64 28.81 -17.03 12.13
N ILE D 65 29.27 -16.63 10.94
CA ILE D 65 28.55 -16.91 9.70
C ILE D 65 29.39 -17.97 8.98
N ALA D 66 28.73 -18.96 8.39
CA ALA D 66 29.42 -20.04 7.71
C ALA D 66 29.71 -19.61 6.28
N MET D 67 30.91 -19.92 5.81
CA MET D 67 31.31 -19.58 4.45
C MET D 67 30.93 -20.71 3.51
N ASP D 68 30.27 -21.73 4.05
CA ASP D 68 29.82 -22.88 3.26
C ASP D 68 28.67 -23.54 4.02
N GLY D 69 28.34 -24.78 3.66
CA GLY D 69 27.24 -25.46 4.33
C GLY D 69 27.52 -25.93 5.74
N THR D 70 26.54 -25.76 6.62
CA THR D 70 26.67 -26.18 8.01
C THR D 70 26.14 -27.60 8.15
N GLU D 71 25.57 -28.14 7.08
CA GLU D 71 25.02 -29.50 7.08
C GLU D 71 26.12 -30.48 7.50
N GLY D 72 25.76 -31.39 8.40
CA GLY D 72 26.72 -32.37 8.87
C GLY D 72 27.39 -32.01 10.18
N LEU D 73 27.41 -30.73 10.52
CA LEU D 73 28.04 -30.26 11.76
C LEU D 73 27.26 -30.85 12.94
N VAL D 74 27.99 -31.12 14.02
CA VAL D 74 27.39 -31.68 15.22
C VAL D 74 27.75 -30.76 16.37
N ARG D 75 26.84 -30.64 17.34
CA ARG D 75 27.06 -29.78 18.50
C ARG D 75 28.18 -30.40 19.32
N GLY D 76 29.30 -29.69 19.43
CA GLY D 76 30.43 -30.17 20.18
C GLY D 76 31.67 -30.30 19.30
N GLN D 77 31.47 -30.18 18.00
CA GLN D 77 32.55 -30.29 17.03
C GLN D 77 33.56 -29.18 17.37
N LYS D 78 34.83 -29.57 17.44
CA LYS D 78 35.90 -28.65 17.77
C LYS D 78 36.22 -27.74 16.59
N VAL D 79 36.45 -26.47 16.90
CA VAL D 79 36.76 -25.45 15.90
C VAL D 79 38.02 -24.72 16.37
N LEU D 80 38.95 -24.50 15.46
CA LEU D 80 40.19 -23.81 15.80
C LEU D 80 40.13 -22.38 15.26
N ASP D 81 40.69 -21.44 16.02
CA ASP D 81 40.71 -20.04 15.60
C ASP D 81 41.98 -19.84 14.78
N SER D 82 41.82 -19.39 13.53
CA SER D 82 42.95 -19.17 12.64
C SER D 82 43.84 -18.06 13.22
N GLY D 83 43.24 -17.17 14.01
CA GLY D 83 43.98 -16.08 14.60
C GLY D 83 44.09 -14.87 13.69
N ALA D 84 43.33 -14.89 12.59
CA ALA D 84 43.35 -13.79 11.63
C ALA D 84 42.11 -13.94 10.73
N PRO D 85 41.64 -12.83 10.14
CA PRO D 85 40.47 -12.87 9.26
C PRO D 85 40.75 -13.68 8.00
N ILE D 86 39.71 -13.97 7.23
CA ILE D 86 39.85 -14.75 6.00
C ILE D 86 40.89 -14.09 5.10
N ARG D 87 42.00 -14.79 4.87
CA ARG D 87 43.08 -14.29 4.02
C ARG D 87 43.04 -15.10 2.73
N ILE D 88 43.31 -14.43 1.62
CA ILE D 88 43.30 -15.05 0.30
C ILE D 88 44.61 -14.73 -0.41
N PRO D 89 44.98 -15.53 -1.40
CA PRO D 89 46.22 -15.31 -2.16
C PRO D 89 46.06 -14.15 -3.15
N VAL D 90 46.97 -13.19 -3.09
CA VAL D 90 46.92 -12.03 -3.98
C VAL D 90 48.25 -11.94 -4.72
N GLY D 91 48.21 -11.49 -5.96
CA GLY D 91 49.42 -11.36 -6.75
C GLY D 91 49.19 -11.85 -8.16
N PRO D 92 50.19 -11.77 -9.03
CA PRO D 92 50.04 -12.21 -10.43
C PRO D 92 49.74 -13.70 -10.58
N GLU D 93 49.91 -14.46 -9.50
CA GLU D 93 49.67 -15.91 -9.52
C GLU D 93 48.17 -16.20 -9.38
N THR D 94 47.34 -15.16 -9.47
CA THR D 94 45.90 -15.32 -9.34
C THR D 94 45.28 -15.12 -10.73
N LEU D 95 46.01 -14.41 -11.59
CA LEU D 95 45.55 -14.12 -12.95
C LEU D 95 45.34 -15.45 -13.68
N GLY D 96 44.18 -15.60 -14.30
CA GLY D 96 43.87 -16.82 -15.03
C GLY D 96 43.48 -17.97 -14.12
N ARG D 97 43.41 -17.71 -12.83
CA ARG D 97 43.03 -18.72 -11.85
C ARG D 97 41.69 -18.33 -11.26
N ILE D 98 40.77 -19.28 -11.19
CA ILE D 98 39.46 -19.03 -10.62
C ILE D 98 39.63 -19.30 -9.13
N MET D 99 39.39 -18.28 -8.32
CA MET D 99 39.56 -18.38 -6.89
C MET D 99 38.21 -18.55 -6.20
N ASN D 100 38.25 -19.21 -5.03
CA ASN D 100 37.09 -19.46 -4.20
C ASN D 100 36.98 -18.30 -3.23
N VAL D 101 35.86 -18.22 -2.51
CA VAL D 101 35.61 -17.15 -1.55
C VAL D 101 36.78 -17.06 -0.57
N ILE D 102 37.24 -18.20 -0.09
CA ILE D 102 38.35 -18.24 0.88
C ILE D 102 39.68 -18.52 0.19
N GLY D 103 39.84 -18.00 -1.02
CA GLY D 103 41.08 -18.17 -1.76
C GLY D 103 41.47 -19.54 -2.30
N GLU D 104 40.62 -20.55 -2.15
CA GLU D 104 40.93 -21.89 -2.64
C GLU D 104 40.78 -21.91 -4.17
N PRO D 105 41.66 -22.65 -4.87
CA PRO D 105 41.62 -22.75 -6.33
C PRO D 105 40.49 -23.67 -6.79
N ILE D 106 39.42 -23.09 -7.33
CA ILE D 106 38.28 -23.90 -7.79
C ILE D 106 38.35 -24.09 -9.30
N ASP D 107 39.50 -23.80 -9.90
CA ASP D 107 39.67 -23.94 -11.35
C ASP D 107 40.29 -25.29 -11.68
N GLU D 108 40.55 -26.09 -10.66
CA GLU D 108 41.13 -27.44 -10.79
C GLU D 108 42.61 -27.39 -11.16
N ARG D 109 43.13 -26.22 -11.55
CA ARG D 109 44.54 -26.07 -11.95
C ARG D 109 45.46 -26.01 -10.73
N GLY D 110 45.46 -27.05 -9.92
CA GLY D 110 46.31 -27.10 -8.74
C GLY D 110 46.14 -25.94 -7.78
N PRO D 111 47.11 -25.72 -6.88
CA PRO D 111 47.07 -24.64 -5.89
C PRO D 111 47.59 -23.31 -6.44
N ILE D 112 47.25 -22.21 -5.78
CA ILE D 112 47.70 -20.89 -6.18
C ILE D 112 48.98 -20.64 -5.40
N LYS D 113 50.11 -20.69 -6.10
CA LYS D 113 51.42 -20.51 -5.50
C LYS D 113 51.77 -19.03 -5.38
N THR D 114 51.23 -18.37 -4.36
CA THR D 114 51.49 -16.96 -4.12
C THR D 114 52.51 -16.91 -2.98
N LYS D 115 53.35 -15.88 -2.98
CA LYS D 115 54.37 -15.73 -1.95
C LYS D 115 53.73 -15.19 -0.67
N GLN D 116 52.76 -14.30 -0.82
CA GLN D 116 52.09 -13.71 0.34
C GLN D 116 50.59 -13.66 0.09
N PHE D 117 49.83 -13.66 1.18
CA PHE D 117 48.37 -13.62 1.14
C PHE D 117 47.94 -12.25 1.68
N ALA D 118 46.66 -11.95 1.59
CA ALA D 118 46.13 -10.68 2.08
C ALA D 118 44.80 -10.96 2.78
N ALA D 119 44.46 -10.11 3.76
CA ALA D 119 43.21 -10.25 4.50
C ALA D 119 42.11 -9.57 3.68
N ILE D 120 40.94 -10.19 3.59
CA ILE D 120 39.83 -9.63 2.81
C ILE D 120 39.26 -8.40 3.52
N HIS D 121 39.33 -8.39 4.85
CA HIS D 121 38.81 -7.26 5.61
C HIS D 121 39.96 -6.27 5.78
N ALA D 122 39.70 -5.03 5.40
CA ALA D 122 40.70 -3.97 5.51
C ALA D 122 39.97 -2.66 5.74
N GLU D 123 40.72 -1.58 5.95
CA GLU D 123 40.14 -0.27 6.19
C GLU D 123 40.08 0.48 4.86
N ALA D 124 39.13 1.42 4.76
CA ALA D 124 38.96 2.21 3.55
C ALA D 124 40.01 3.32 3.54
N PRO D 125 40.49 3.71 2.35
CA PRO D 125 41.49 4.76 2.16
C PRO D 125 41.06 6.08 2.81
N GLU D 126 42.01 6.75 3.45
CA GLU D 126 41.73 8.02 4.11
C GLU D 126 41.38 9.07 3.06
N PHE D 127 40.72 10.13 3.51
CA PHE D 127 40.28 11.22 2.63
C PHE D 127 41.45 11.78 1.83
N VAL D 128 42.60 11.91 2.48
CA VAL D 128 43.80 12.44 1.83
C VAL D 128 44.49 11.36 0.98
N GLU D 129 43.71 10.57 0.26
CA GLU D 129 44.25 9.51 -0.59
C GLU D 129 43.41 9.43 -1.87
N MET D 130 42.30 10.17 -1.89
CA MET D 130 41.41 10.18 -3.05
C MET D 130 42.02 11.07 -4.14
N SER D 131 41.52 10.93 -5.36
CA SER D 131 42.00 11.70 -6.49
C SER D 131 40.82 12.52 -7.01
N VAL D 132 41.12 13.58 -7.77
CA VAL D 132 40.08 14.44 -8.32
C VAL D 132 40.27 14.53 -9.84
N GLU D 133 40.96 13.56 -10.42
CA GLU D 133 41.20 13.53 -11.85
C GLU D 133 40.05 12.79 -12.51
N GLN D 134 39.51 13.36 -13.58
CA GLN D 134 38.40 12.75 -14.30
C GLN D 134 38.75 12.74 -15.78
N GLU D 135 38.88 11.56 -16.36
CA GLU D 135 39.21 11.41 -17.77
C GLU D 135 38.11 10.55 -18.39
N ILE D 136 37.67 10.90 -19.59
CA ILE D 136 36.62 10.16 -20.27
C ILE D 136 37.17 8.80 -20.73
N LEU D 137 36.37 7.76 -20.55
CA LEU D 137 36.74 6.41 -20.95
C LEU D 137 35.79 6.03 -22.08
N VAL D 138 36.28 6.09 -23.32
CA VAL D 138 35.47 5.76 -24.49
C VAL D 138 35.26 4.24 -24.50
N THR D 139 34.06 3.82 -24.11
CA THR D 139 33.73 2.41 -24.07
C THR D 139 33.26 1.94 -25.45
N GLY D 140 32.89 2.89 -26.31
CA GLY D 140 32.44 2.56 -27.64
C GLY D 140 30.93 2.36 -27.75
N ILE D 141 30.23 2.59 -26.63
CA ILE D 141 28.77 2.45 -26.60
C ILE D 141 28.21 3.85 -26.85
N LYS D 142 27.34 3.97 -27.85
CA LYS D 142 26.74 5.25 -28.23
C LYS D 142 26.06 5.94 -27.05
N VAL D 143 24.95 5.38 -26.57
CA VAL D 143 24.17 5.97 -25.47
C VAL D 143 25.09 6.41 -24.33
N VAL D 144 25.98 5.52 -23.92
CA VAL D 144 26.90 5.78 -22.83
C VAL D 144 27.81 6.97 -23.16
N ASP D 145 28.74 6.77 -24.09
CA ASP D 145 29.71 7.79 -24.49
C ASP D 145 29.06 9.14 -24.76
N LEU D 146 27.83 9.14 -25.26
CA LEU D 146 27.16 10.38 -25.60
C LEU D 146 26.57 11.05 -24.35
N LEU D 147 25.69 10.35 -23.64
CA LEU D 147 25.01 10.91 -22.48
C LEU D 147 25.76 10.70 -21.17
N ALA D 148 26.07 9.46 -20.81
CA ALA D 148 26.75 9.20 -19.54
C ALA D 148 28.10 8.52 -19.78
N PRO D 149 29.13 9.29 -20.15
CA PRO D 149 30.45 8.70 -20.39
C PRO D 149 31.10 8.26 -19.08
N TYR D 150 31.83 7.15 -19.10
CA TYR D 150 32.47 6.64 -17.90
C TYR D 150 33.80 7.37 -17.72
N ALA D 151 34.34 7.31 -16.50
CA ALA D 151 35.59 7.97 -16.18
C ALA D 151 36.66 6.90 -15.92
N LYS D 152 37.82 7.10 -16.53
CA LYS D 152 38.95 6.19 -16.39
C LYS D 152 39.40 6.25 -14.94
N GLY D 153 38.95 5.30 -14.14
CA GLY D 153 39.30 5.26 -12.74
C GLY D 153 38.16 5.71 -11.85
N GLY D 154 36.96 5.78 -12.43
CA GLY D 154 35.79 6.21 -11.66
C GLY D 154 34.83 5.05 -11.45
N LYS D 155 34.16 5.04 -10.30
CA LYS D 155 33.19 4.00 -9.96
C LYS D 155 32.02 4.12 -10.93
N ILE D 156 31.63 2.99 -11.53
CA ILE D 156 30.54 2.96 -12.50
C ILE D 156 29.51 1.95 -11.98
N GLY D 157 28.24 2.20 -12.32
CA GLY D 157 27.19 1.30 -11.88
C GLY D 157 26.14 1.07 -12.94
N LEU D 158 25.81 -0.19 -13.18
CA LEU D 158 24.81 -0.56 -14.18
C LEU D 158 23.58 -1.05 -13.41
N PHE D 159 22.53 -0.24 -13.39
CA PHE D 159 21.30 -0.60 -12.67
C PHE D 159 20.35 -1.26 -13.65
N GLY D 160 19.48 -2.12 -13.13
CA GLY D 160 18.50 -2.79 -13.97
C GLY D 160 17.78 -3.92 -13.27
N GLY D 161 16.60 -4.25 -13.78
CA GLY D 161 15.81 -5.33 -13.20
C GLY D 161 16.21 -6.65 -13.84
N ALA D 162 15.49 -7.71 -13.48
CA ALA D 162 15.77 -9.03 -14.01
C ALA D 162 15.35 -9.07 -15.47
N GLY D 163 16.33 -8.86 -16.36
CA GLY D 163 16.06 -8.89 -17.79
C GLY D 163 16.02 -7.50 -18.40
N VAL D 164 17.19 -6.89 -18.54
CA VAL D 164 17.29 -5.55 -19.12
C VAL D 164 18.61 -5.49 -19.91
N GLY D 165 19.58 -6.31 -19.50
CA GLY D 165 20.86 -6.33 -20.19
C GLY D 165 22.06 -5.87 -19.39
N LYS D 166 21.99 -5.95 -18.06
CA LYS D 166 23.11 -5.53 -17.20
C LYS D 166 24.31 -6.43 -17.46
N THR D 167 24.09 -7.72 -17.33
CA THR D 167 25.15 -8.72 -17.50
C THR D 167 25.71 -8.66 -18.92
N VAL D 168 24.85 -8.55 -19.92
CA VAL D 168 25.30 -8.51 -21.31
C VAL D 168 26.13 -7.24 -21.51
N LEU D 169 25.72 -6.15 -20.89
CA LEU D 169 26.42 -4.87 -21.02
C LEU D 169 27.79 -4.95 -20.34
N ILE D 170 27.84 -5.51 -19.13
CA ILE D 170 29.10 -5.62 -18.40
C ILE D 170 30.06 -6.51 -19.20
N MET D 171 29.52 -7.53 -19.87
CA MET D 171 30.34 -8.44 -20.67
C MET D 171 30.88 -7.69 -21.88
N GLU D 172 30.03 -6.83 -22.47
CA GLU D 172 30.41 -6.04 -23.63
C GLU D 172 31.53 -5.08 -23.23
N LEU D 173 31.36 -4.42 -22.10
CA LEU D 173 32.35 -3.47 -21.59
C LEU D 173 33.67 -4.20 -21.37
N ILE D 174 33.59 -5.45 -20.94
CA ILE D 174 34.77 -6.27 -20.70
C ILE D 174 35.46 -6.51 -22.06
N ASN D 175 34.68 -6.97 -23.03
CA ASN D 175 35.19 -7.27 -24.37
C ASN D 175 35.99 -6.08 -24.90
N ASN D 176 35.42 -4.89 -24.79
CA ASN D 176 36.08 -3.69 -25.30
C ASN D 176 37.25 -3.26 -24.41
N VAL D 177 36.94 -2.85 -23.18
CA VAL D 177 37.94 -2.33 -22.24
C VAL D 177 38.94 -3.37 -21.73
N ALA D 178 38.44 -4.43 -21.08
CA ALA D 178 39.30 -5.46 -20.48
C ALA D 178 40.33 -6.03 -21.45
N LYS D 179 39.97 -6.18 -22.72
CA LYS D 179 40.91 -6.73 -23.70
C LYS D 179 42.00 -5.70 -24.02
N ALA D 180 41.60 -4.51 -24.46
CA ALA D 180 42.55 -3.45 -24.79
C ALA D 180 42.82 -2.66 -23.52
N HIS D 181 43.30 -3.35 -22.49
CA HIS D 181 43.59 -2.72 -21.21
C HIS D 181 45.04 -2.93 -20.85
N GLY D 182 45.73 -1.82 -20.60
CA GLY D 182 47.12 -1.88 -20.18
C GLY D 182 47.12 -2.09 -18.69
N GLY D 183 47.21 -3.35 -18.26
CA GLY D 183 47.22 -3.68 -16.85
C GLY D 183 46.41 -4.93 -16.57
N TYR D 184 46.24 -5.26 -15.30
CA TYR D 184 45.48 -6.44 -14.92
C TYR D 184 44.03 -6.06 -14.68
N SER D 185 43.18 -7.07 -14.52
CA SER D 185 41.75 -6.88 -14.29
C SER D 185 41.29 -7.99 -13.35
N VAL D 186 40.18 -7.77 -12.66
CA VAL D 186 39.64 -8.73 -11.72
C VAL D 186 38.13 -8.78 -11.94
N PHE D 187 37.57 -9.99 -11.89
CA PHE D 187 36.13 -10.17 -12.07
C PHE D 187 35.64 -11.02 -10.90
N ALA D 188 34.70 -10.48 -10.15
CA ALA D 188 34.14 -11.17 -9.00
C ALA D 188 32.67 -11.44 -9.29
N GLY D 189 32.29 -12.71 -9.29
CA GLY D 189 30.92 -13.08 -9.55
C GLY D 189 30.19 -13.31 -8.24
N VAL D 190 29.49 -12.28 -7.77
CA VAL D 190 28.76 -12.37 -6.52
C VAL D 190 27.36 -12.86 -6.81
N GLY D 191 26.98 -13.95 -6.13
CA GLY D 191 25.67 -14.54 -6.26
C GLY D 191 24.96 -14.52 -7.60
N GLU D 192 25.59 -15.06 -8.63
CA GLU D 192 24.98 -15.09 -9.94
C GLU D 192 24.91 -16.52 -10.47
N ARG D 193 24.58 -16.65 -11.74
CA ARG D 193 24.44 -17.97 -12.37
C ARG D 193 25.82 -18.52 -12.71
N THR D 194 26.14 -19.67 -12.11
CA THR D 194 27.43 -20.34 -12.34
C THR D 194 27.60 -20.51 -13.85
N ARG D 195 26.48 -20.76 -14.52
CA ARG D 195 26.46 -20.96 -15.97
C ARG D 195 27.22 -19.82 -16.64
N GLU D 196 26.90 -18.59 -16.24
CA GLU D 196 27.54 -17.39 -16.78
C GLU D 196 29.03 -17.48 -16.50
N GLY D 197 29.39 -17.89 -15.29
CA GLY D 197 30.78 -18.00 -14.92
C GLY D 197 31.56 -18.91 -15.85
N ASN D 198 31.02 -20.09 -16.10
CA ASN D 198 31.66 -21.07 -16.98
C ASN D 198 31.80 -20.48 -18.38
N ASP D 199 30.75 -19.81 -18.84
CA ASP D 199 30.74 -19.20 -20.16
C ASP D 199 31.86 -18.17 -20.25
N LEU D 200 31.88 -17.23 -19.32
CA LEU D 200 32.88 -16.15 -19.30
C LEU D 200 34.28 -16.75 -19.26
N TYR D 201 34.48 -17.73 -18.40
CA TYR D 201 35.77 -18.39 -18.25
C TYR D 201 36.27 -18.90 -19.61
N HIS D 202 35.43 -19.67 -20.31
CA HIS D 202 35.82 -20.24 -21.59
C HIS D 202 35.91 -19.17 -22.67
N GLU D 203 35.07 -18.16 -22.60
CA GLU D 203 35.08 -17.09 -23.60
C GLU D 203 36.36 -16.26 -23.49
N MET D 204 36.83 -16.04 -22.26
CA MET D 204 38.05 -15.25 -22.05
C MET D 204 39.26 -16.07 -22.52
N ILE D 205 39.19 -17.38 -22.35
CA ILE D 205 40.27 -18.27 -22.77
C ILE D 205 40.40 -18.14 -24.29
N GLU D 206 39.25 -18.10 -24.97
CA GLU D 206 39.22 -17.99 -26.43
C GLU D 206 39.84 -16.65 -26.85
N SER D 207 39.54 -15.59 -26.11
CA SER D 207 40.06 -14.26 -26.43
C SER D 207 41.49 -14.10 -25.89
N GLY D 208 42.06 -15.18 -25.37
CA GLY D 208 43.42 -15.12 -24.85
C GLY D 208 43.60 -14.22 -23.64
N VAL D 209 42.50 -13.78 -23.04
CA VAL D 209 42.55 -12.90 -21.87
C VAL D 209 43.05 -13.75 -20.70
N ILE D 210 42.77 -15.04 -20.76
CA ILE D 210 43.20 -15.99 -19.74
C ILE D 210 43.93 -17.08 -20.50
N ASN D 211 45.23 -17.17 -20.31
CA ASN D 211 46.03 -18.18 -20.97
C ASN D 211 46.27 -19.29 -19.96
N LEU D 212 45.84 -20.50 -20.31
CA LEU D 212 45.98 -21.64 -19.41
C LEU D 212 47.36 -22.29 -19.57
N LYS D 213 48.21 -21.72 -20.43
CA LYS D 213 49.54 -22.27 -20.65
C LYS D 213 50.58 -21.27 -20.16
N ASP D 214 50.90 -20.29 -20.99
CA ASP D 214 51.91 -19.28 -20.62
C ASP D 214 51.26 -18.18 -19.79
N ALA D 215 52.09 -17.50 -18.99
CA ALA D 215 51.62 -16.43 -18.11
C ALA D 215 51.40 -15.15 -18.90
N THR D 216 50.19 -14.97 -19.40
CA THR D 216 49.81 -13.77 -20.15
C THR D 216 48.38 -13.39 -19.75
N SER D 217 47.86 -14.08 -18.73
CA SER D 217 46.52 -13.83 -18.24
C SER D 217 46.52 -12.48 -17.55
N LYS D 218 45.44 -11.72 -17.74
CA LYS D 218 45.33 -10.40 -17.13
C LYS D 218 44.12 -10.37 -16.21
N VAL D 219 43.11 -11.18 -16.52
CA VAL D 219 41.90 -11.21 -15.72
C VAL D 219 41.99 -12.32 -14.67
N ALA D 220 41.77 -11.93 -13.42
CA ALA D 220 41.77 -12.85 -12.28
C ALA D 220 40.30 -13.07 -11.95
N LEU D 221 39.91 -14.29 -11.65
CA LEU D 221 38.52 -14.58 -11.36
C LEU D 221 38.31 -14.97 -9.91
N VAL D 222 37.13 -14.67 -9.41
CA VAL D 222 36.70 -14.97 -8.04
C VAL D 222 35.21 -15.24 -8.19
N TYR D 223 34.71 -16.33 -7.61
CA TYR D 223 33.29 -16.63 -7.75
C TYR D 223 32.66 -17.18 -6.47
N GLY D 224 31.36 -16.95 -6.38
CA GLY D 224 30.52 -17.38 -5.27
C GLY D 224 29.13 -17.13 -5.82
N GLN D 225 28.64 -18.08 -6.61
CA GLN D 225 27.35 -17.98 -7.29
C GLN D 225 26.17 -18.27 -6.37
N MET D 226 24.97 -18.30 -6.98
CA MET D 226 23.69 -18.52 -6.31
C MET D 226 23.60 -19.91 -5.66
N ASN D 227 24.59 -20.76 -5.87
CA ASN D 227 24.56 -22.10 -5.27
C ASN D 227 25.28 -22.08 -3.92
N GLU D 228 25.91 -20.96 -3.61
CA GLU D 228 26.66 -20.82 -2.36
C GLU D 228 25.78 -20.24 -1.26
N PRO D 229 26.08 -20.58 0.01
CA PRO D 229 25.36 -20.11 1.20
C PRO D 229 25.53 -18.59 1.34
N PRO D 230 24.61 -17.92 2.06
CA PRO D 230 24.65 -16.47 2.28
C PRO D 230 26.02 -15.93 2.69
N GLY D 231 26.73 -16.68 3.53
CA GLY D 231 28.04 -16.25 3.99
C GLY D 231 29.06 -16.08 2.88
N ALA D 232 29.06 -17.00 1.92
CA ALA D 232 30.01 -16.96 0.81
C ALA D 232 29.70 -15.78 -0.10
N ARG D 233 28.43 -15.60 -0.42
CA ARG D 233 27.98 -14.52 -1.31
C ARG D 233 28.26 -13.16 -0.67
N ALA D 234 28.20 -13.11 0.66
CA ALA D 234 28.42 -11.86 1.38
C ALA D 234 29.91 -11.51 1.44
N ARG D 235 30.79 -12.44 1.05
CA ARG D 235 32.21 -12.13 1.13
C ARG D 235 32.93 -12.20 -0.22
N VAL D 236 32.45 -13.00 -1.16
CA VAL D 236 33.11 -13.12 -2.48
C VAL D 236 33.43 -11.73 -3.04
N ALA D 237 32.55 -10.77 -2.79
CA ALA D 237 32.72 -9.40 -3.27
C ALA D 237 34.00 -8.82 -2.68
N LEU D 238 34.19 -9.00 -1.38
CA LEU D 238 35.39 -8.49 -0.71
C LEU D 238 36.60 -9.20 -1.27
N THR D 239 36.49 -10.52 -1.45
CA THR D 239 37.58 -11.35 -1.97
C THR D 239 38.07 -10.76 -3.29
N GLY D 240 37.18 -10.59 -4.26
CA GLY D 240 37.57 -10.04 -5.55
C GLY D 240 38.17 -8.66 -5.42
N LEU D 241 37.62 -7.86 -4.51
CA LEU D 241 38.05 -6.50 -4.27
C LEU D 241 39.51 -6.51 -3.78
N THR D 242 39.78 -7.33 -2.77
CA THR D 242 41.12 -7.44 -2.18
C THR D 242 42.14 -7.72 -3.29
N VAL D 243 41.76 -8.58 -4.24
CA VAL D 243 42.63 -8.94 -5.35
C VAL D 243 42.97 -7.68 -6.15
N ALA D 244 41.96 -6.87 -6.46
CA ALA D 244 42.14 -5.64 -7.23
C ALA D 244 42.93 -4.62 -6.41
N GLU D 245 42.69 -4.57 -5.12
CA GLU D 245 43.36 -3.61 -4.22
C GLU D 245 44.87 -3.82 -4.27
N TYR D 246 45.30 -5.09 -4.30
CA TYR D 246 46.73 -5.41 -4.33
C TYR D 246 47.34 -4.83 -5.60
N PHE D 247 46.77 -5.19 -6.75
CA PHE D 247 47.26 -4.74 -8.05
C PHE D 247 47.26 -3.21 -8.10
N ARG D 248 46.37 -2.58 -7.34
CA ARG D 248 46.25 -1.14 -7.31
C ARG D 248 47.44 -0.54 -6.54
N ASP D 249 47.53 -0.89 -5.27
CA ASP D 249 48.56 -0.36 -4.39
C ASP D 249 49.94 -0.94 -4.69
N GLN D 250 50.20 -2.15 -4.19
CA GLN D 250 51.49 -2.81 -4.34
C GLN D 250 51.70 -3.28 -5.79
N GLU D 251 51.74 -2.34 -6.72
CA GLU D 251 51.93 -2.63 -8.14
C GLU D 251 51.77 -1.33 -8.92
N GLY D 252 50.92 -0.43 -8.43
CA GLY D 252 50.69 0.84 -9.10
C GLY D 252 50.33 0.66 -10.55
N GLN D 253 49.40 -0.25 -10.81
CA GLN D 253 48.97 -0.56 -12.17
C GLN D 253 47.48 -0.29 -12.25
N ASP D 254 46.99 0.00 -13.46
CA ASP D 254 45.57 0.26 -13.66
C ASP D 254 44.86 -1.07 -13.55
N VAL D 255 43.92 -1.15 -12.61
CA VAL D 255 43.18 -2.36 -12.37
C VAL D 255 41.72 -2.13 -12.73
N LEU D 256 41.12 -3.13 -13.38
CA LEU D 256 39.72 -3.06 -13.75
C LEU D 256 39.01 -4.00 -12.80
N LEU D 257 37.95 -3.53 -12.16
CA LEU D 257 37.21 -4.35 -11.23
C LEU D 257 35.78 -4.46 -11.72
N PHE D 258 35.41 -5.64 -12.18
CA PHE D 258 34.07 -5.91 -12.68
C PHE D 258 33.40 -6.79 -11.64
N ILE D 259 32.23 -6.37 -11.17
CA ILE D 259 31.50 -7.11 -10.16
C ILE D 259 30.07 -7.31 -10.69
N ASP D 260 29.57 -8.53 -10.57
CA ASP D 260 28.22 -8.87 -11.03
C ASP D 260 27.82 -10.11 -10.24
N ASN D 261 26.81 -10.01 -9.39
CA ASN D 261 26.07 -8.76 -9.17
C ASN D 261 26.40 -8.32 -7.74
N ILE D 262 26.66 -7.03 -7.56
CA ILE D 262 27.04 -6.52 -6.25
C ILE D 262 25.85 -6.52 -5.28
N PHE D 263 24.63 -6.47 -5.80
CA PHE D 263 23.42 -6.46 -4.97
C PHE D 263 23.41 -7.69 -4.06
N ARG D 264 23.92 -8.81 -4.58
CA ARG D 264 23.92 -10.07 -3.84
C ARG D 264 24.63 -9.93 -2.49
N PHE D 265 25.49 -8.92 -2.35
CA PHE D 265 26.20 -8.66 -1.10
C PHE D 265 25.14 -8.30 -0.05
N THR D 266 24.27 -7.37 -0.42
CA THR D 266 23.20 -6.87 0.45
C THR D 266 22.16 -7.97 0.74
N GLN D 267 21.80 -8.73 -0.30
CA GLN D 267 20.81 -9.78 -0.16
C GLN D 267 21.31 -10.85 0.82
N ALA D 268 22.56 -11.26 0.66
CA ALA D 268 23.15 -12.28 1.52
C ALA D 268 23.02 -11.81 2.96
N GLY D 269 23.29 -10.54 3.20
CA GLY D 269 23.20 -10.00 4.54
C GLY D 269 21.81 -10.02 5.15
N SER D 270 20.80 -9.72 4.34
CA SER D 270 19.42 -9.70 4.82
C SER D 270 18.97 -11.11 5.21
N GLU D 271 19.53 -12.12 4.55
CA GLU D 271 19.16 -13.51 4.84
C GLU D 271 19.60 -13.88 6.26
N VAL D 272 20.89 -13.75 6.54
CA VAL D 272 21.44 -14.10 7.85
C VAL D 272 21.04 -13.08 8.93
N SER D 273 20.65 -11.88 8.51
CA SER D 273 20.27 -10.79 9.42
C SER D 273 19.38 -11.30 10.55
N ALA D 274 18.25 -11.92 10.20
CA ALA D 274 17.30 -12.44 11.19
C ALA D 274 17.99 -13.40 12.15
N LEU D 275 18.85 -14.27 11.62
CA LEU D 275 19.54 -15.26 12.44
C LEU D 275 20.62 -14.59 13.31
N LEU D 276 20.98 -13.36 12.98
CA LEU D 276 21.98 -12.63 13.76
C LEU D 276 21.26 -11.81 14.85
N GLY D 277 19.94 -11.97 14.93
CA GLY D 277 19.14 -11.26 15.91
C GLY D 277 18.97 -9.77 15.72
N ARG D 278 18.85 -9.33 14.47
CA ARG D 278 18.68 -7.91 14.19
C ARG D 278 17.20 -7.63 13.93
N ILE D 279 16.76 -6.42 14.25
CA ILE D 279 15.39 -6.01 14.03
C ILE D 279 15.29 -5.56 12.57
N PRO D 280 14.26 -6.00 11.85
CA PRO D 280 14.07 -5.63 10.45
C PRO D 280 13.94 -4.13 10.24
N SER D 281 14.61 -3.63 9.20
CA SER D 281 14.57 -2.22 8.85
C SER D 281 13.54 -2.09 7.72
N ALA D 282 13.51 -0.94 7.07
CA ALA D 282 12.58 -0.68 5.97
C ALA D 282 12.73 -1.77 4.92
N VAL D 283 11.61 -2.21 4.38
CA VAL D 283 11.54 -3.26 3.34
C VAL D 283 12.23 -4.53 3.86
N GLY D 284 12.27 -4.71 5.17
CA GLY D 284 12.86 -5.90 5.75
C GLY D 284 14.37 -6.06 5.61
N TYR D 285 15.04 -5.06 5.06
CA TYR D 285 16.49 -5.11 4.91
C TYR D 285 17.12 -4.94 6.28
N GLN D 286 18.35 -5.43 6.42
CA GLN D 286 19.10 -5.32 7.67
C GLN D 286 19.28 -3.84 8.02
N PRO D 287 19.23 -3.49 9.32
CA PRO D 287 19.40 -2.10 9.75
C PRO D 287 20.80 -1.55 9.53
N THR D 288 21.74 -2.43 9.18
CA THR D 288 23.11 -2.02 8.95
C THR D 288 23.40 -2.05 7.45
N LEU D 289 22.38 -1.83 6.61
CA LEU D 289 22.56 -1.88 5.16
C LEU D 289 23.59 -0.83 4.71
N ALA D 290 23.28 0.44 4.93
CA ALA D 290 24.14 1.56 4.51
C ALA D 290 25.58 1.38 4.94
N THR D 291 25.82 1.20 6.24
CA THR D 291 27.17 1.05 6.76
C THR D 291 27.90 -0.14 6.12
N ASP D 292 27.23 -1.28 6.05
CA ASP D 292 27.84 -2.47 5.46
C ASP D 292 28.27 -2.16 4.03
N MET D 293 27.40 -1.47 3.29
CA MET D 293 27.69 -1.12 1.91
C MET D 293 28.85 -0.12 1.89
N GLY D 294 28.84 0.80 2.85
CA GLY D 294 29.89 1.80 2.91
C GLY D 294 31.28 1.28 3.18
N THR D 295 31.40 0.38 4.15
CA THR D 295 32.68 -0.19 4.54
C THR D 295 33.30 -0.91 3.34
N MET D 296 32.46 -1.50 2.50
CA MET D 296 32.93 -2.25 1.33
C MET D 296 33.20 -1.30 0.16
N GLN D 297 32.16 -0.64 -0.34
CA GLN D 297 32.26 0.27 -1.48
C GLN D 297 33.43 1.24 -1.33
N GLU D 298 33.59 1.83 -0.15
CA GLU D 298 34.66 2.80 0.09
C GLU D 298 36.05 2.24 -0.18
N ARG D 299 36.18 0.92 -0.17
CA ARG D 299 37.48 0.29 -0.44
C ARG D 299 37.67 0.25 -1.95
N ILE D 300 36.56 0.18 -2.67
CA ILE D 300 36.58 0.13 -4.13
C ILE D 300 36.71 1.57 -4.63
N THR D 301 37.93 2.10 -4.65
CA THR D 301 38.14 3.47 -5.10
C THR D 301 39.56 3.61 -5.62
N THR D 302 39.79 4.70 -6.35
CA THR D 302 41.08 5.02 -6.92
C THR D 302 41.83 5.86 -5.90
N THR D 303 43.08 5.51 -5.65
CA THR D 303 43.90 6.25 -4.70
C THR D 303 45.06 6.84 -5.49
N LYS D 304 45.92 7.58 -4.79
CA LYS D 304 47.09 8.20 -5.40
C LYS D 304 48.12 7.12 -5.69
N LYS D 305 47.85 5.88 -5.29
CA LYS D 305 48.76 4.76 -5.52
C LYS D 305 48.39 4.10 -6.84
N GLY D 306 47.10 3.82 -7.03
CA GLY D 306 46.64 3.18 -8.24
C GLY D 306 45.21 3.55 -8.58
N SER D 307 44.84 3.37 -9.84
CA SER D 307 43.50 3.70 -10.31
C SER D 307 42.75 2.39 -10.55
N ILE D 308 41.47 2.37 -10.21
CA ILE D 308 40.63 1.20 -10.41
C ILE D 308 39.33 1.63 -11.06
N THR D 309 39.16 1.27 -12.32
CA THR D 309 37.92 1.59 -13.04
C THR D 309 36.99 0.43 -12.73
N SER D 310 36.10 0.65 -11.77
CA SER D 310 35.17 -0.38 -11.32
C SER D 310 33.84 -0.26 -12.05
N VAL D 311 33.35 -1.40 -12.53
CA VAL D 311 32.06 -1.49 -13.22
C VAL D 311 31.27 -2.52 -12.43
N GLN D 312 30.21 -2.09 -11.76
CA GLN D 312 29.41 -2.98 -10.94
C GLN D 312 27.99 -3.06 -11.48
N ALA D 313 27.47 -4.29 -11.55
CA ALA D 313 26.11 -4.52 -12.02
C ALA D 313 25.24 -4.55 -10.75
N ILE D 314 24.34 -3.57 -10.65
CA ILE D 314 23.48 -3.43 -9.48
C ILE D 314 22.06 -3.84 -9.85
N TYR D 315 21.57 -4.88 -9.17
CA TYR D 315 20.22 -5.39 -9.40
C TYR D 315 19.22 -4.48 -8.70
N VAL D 316 18.04 -4.35 -9.30
CA VAL D 316 16.98 -3.51 -8.74
C VAL D 316 15.76 -4.41 -8.47
N PRO D 317 15.49 -4.70 -7.18
CA PRO D 317 14.38 -5.54 -6.75
C PRO D 317 13.01 -5.05 -7.23
N ALA D 318 12.34 -5.89 -8.02
CA ALA D 318 11.01 -5.58 -8.57
C ALA D 318 11.07 -4.28 -9.36
N ASP D 319 12.25 -3.96 -9.89
CA ASP D 319 12.48 -2.75 -10.69
C ASP D 319 12.23 -1.49 -9.84
N ASP D 320 11.97 -1.66 -8.56
CA ASP D 320 11.72 -0.54 -7.67
C ASP D 320 13.07 0.09 -7.33
N LEU D 321 13.41 1.16 -8.04
CA LEU D 321 14.68 1.85 -7.83
C LEU D 321 14.69 2.55 -6.47
N THR D 322 13.56 2.58 -5.76
CA THR D 322 13.49 3.22 -4.45
C THR D 322 13.79 2.18 -3.36
N ASP D 323 14.04 0.94 -3.78
CA ASP D 323 14.34 -0.14 -2.86
C ASP D 323 15.65 0.23 -2.16
N PRO D 324 15.69 0.16 -0.82
CA PRO D 324 16.87 0.50 -0.02
C PRO D 324 18.22 0.01 -0.54
N ALA D 325 18.22 -1.08 -1.30
CA ALA D 325 19.47 -1.61 -1.82
C ALA D 325 20.00 -0.72 -2.96
N PRO D 326 19.36 -0.74 -4.14
CA PRO D 326 19.89 0.12 -5.21
C PRO D 326 19.90 1.60 -4.89
N ALA D 327 18.90 2.06 -4.13
CA ALA D 327 18.77 3.47 -3.75
C ALA D 327 20.03 3.92 -3.00
N THR D 328 20.58 3.06 -2.16
CA THR D 328 21.77 3.43 -1.39
C THR D 328 23.04 3.27 -2.23
N THR D 329 22.97 2.46 -3.29
CA THR D 329 24.15 2.24 -4.14
C THR D 329 24.44 3.45 -5.02
N PHE D 330 23.40 4.15 -5.45
CA PHE D 330 23.53 5.32 -6.33
C PHE D 330 24.61 6.28 -5.84
N ALA D 331 24.59 6.62 -4.55
CA ALA D 331 25.54 7.58 -3.97
C ALA D 331 26.98 7.06 -3.94
N HIS D 332 27.23 5.87 -4.46
CA HIS D 332 28.59 5.32 -4.43
C HIS D 332 29.09 5.16 -5.87
N LEU D 333 28.57 5.96 -6.79
CA LEU D 333 28.98 5.84 -8.18
C LEU D 333 29.30 7.22 -8.73
N ASP D 334 30.00 7.23 -9.86
CA ASP D 334 30.38 8.47 -10.54
C ASP D 334 29.63 8.49 -11.87
N ALA D 335 29.20 7.31 -12.32
CA ALA D 335 28.47 7.17 -13.56
C ALA D 335 27.40 6.13 -13.30
N THR D 336 26.16 6.46 -13.65
CA THR D 336 25.05 5.57 -13.45
C THR D 336 24.38 5.31 -14.80
N THR D 337 24.26 4.04 -15.15
CA THR D 337 23.62 3.63 -16.39
C THR D 337 22.38 2.83 -15.97
N VAL D 338 21.24 3.50 -15.92
CA VAL D 338 20.01 2.85 -15.49
C VAL D 338 19.37 2.16 -16.69
N LEU D 339 19.05 0.88 -16.53
CA LEU D 339 18.43 0.11 -17.59
C LEU D 339 16.94 0.04 -17.30
N SER D 340 16.14 0.32 -18.32
CA SER D 340 14.69 0.32 -18.19
C SER D 340 14.15 -0.87 -18.96
N ARG D 341 13.19 -1.58 -18.34
CA ARG D 341 12.58 -2.74 -18.96
C ARG D 341 11.70 -2.26 -20.12
N ALA D 342 11.09 -1.08 -19.97
CA ALA D 342 10.22 -0.53 -21.00
C ALA D 342 11.00 -0.42 -22.31
N ILE D 343 12.16 0.23 -22.25
CA ILE D 343 13.01 0.42 -23.43
C ILE D 343 13.46 -0.95 -23.96
N ALA D 344 13.71 -1.89 -23.05
CA ALA D 344 14.14 -3.23 -23.43
C ALA D 344 13.01 -3.92 -24.19
N GLU D 345 11.77 -3.70 -23.75
CA GLU D 345 10.59 -4.30 -24.37
C GLU D 345 10.39 -3.72 -25.76
N LEU D 346 10.64 -2.42 -25.91
CA LEU D 346 10.49 -1.75 -27.21
C LEU D 346 11.43 -2.45 -28.20
N GLY D 347 12.61 -2.82 -27.72
CA GLY D 347 13.57 -3.49 -28.58
C GLY D 347 14.87 -2.72 -28.70
N ILE D 348 14.95 -1.59 -28.00
CA ILE D 348 16.15 -0.77 -28.04
C ILE D 348 17.15 -1.38 -27.07
N TYR D 349 18.27 -1.87 -27.60
CA TYR D 349 19.30 -2.48 -26.79
C TYR D 349 20.61 -1.78 -27.10
N PRO D 350 21.40 -1.42 -26.07
CA PRO D 350 21.12 -1.63 -24.64
C PRO D 350 19.89 -0.85 -24.18
N ALA D 351 19.18 -1.39 -23.20
CA ALA D 351 17.97 -0.77 -22.69
C ALA D 351 18.34 0.35 -21.72
N VAL D 352 19.23 1.25 -22.15
CA VAL D 352 19.65 2.35 -21.29
C VAL D 352 18.58 3.43 -21.35
N ASP D 353 18.21 3.94 -20.18
CA ASP D 353 17.21 5.00 -20.09
C ASP D 353 17.99 6.31 -20.19
N PRO D 354 17.87 7.00 -21.34
CA PRO D 354 18.56 8.28 -21.59
C PRO D 354 18.14 9.41 -20.67
N LEU D 355 17.08 9.19 -19.89
CA LEU D 355 16.59 10.21 -18.98
C LEU D 355 16.68 9.71 -17.53
N ASP D 356 17.69 8.89 -17.24
CA ASP D 356 17.87 8.38 -15.87
C ASP D 356 19.31 7.93 -15.71
N SER D 357 20.17 8.30 -16.66
CA SER D 357 21.57 7.94 -16.61
C SER D 357 22.34 9.26 -16.53
N THR D 358 23.39 9.29 -15.73
CA THR D 358 24.17 10.50 -15.57
C THR D 358 25.64 10.17 -15.36
N SER D 359 26.50 11.17 -15.53
CA SER D 359 27.94 11.03 -15.37
C SER D 359 28.46 12.28 -14.70
N ARG D 360 29.51 12.12 -13.90
CA ARG D 360 30.12 13.22 -13.18
C ARG D 360 30.98 14.07 -14.13
N ILE D 361 31.47 13.45 -15.22
CA ILE D 361 32.32 14.18 -16.16
C ILE D 361 31.48 14.85 -17.24
N MET D 362 30.14 14.81 -17.10
CA MET D 362 29.28 15.43 -18.11
C MET D 362 29.25 16.95 -17.96
N ASP D 363 30.36 17.52 -17.50
CA ASP D 363 30.47 18.96 -17.33
C ASP D 363 31.08 19.47 -18.62
N PRO D 364 30.54 20.58 -19.18
CA PRO D 364 31.05 21.16 -20.42
C PRO D 364 32.54 21.51 -20.40
N ASN D 365 33.12 21.59 -19.19
CA ASN D 365 34.53 21.92 -19.04
C ASN D 365 35.33 20.63 -18.83
N ILE D 366 34.77 19.49 -19.23
CA ILE D 366 35.44 18.20 -19.09
C ILE D 366 35.27 17.41 -20.40
N VAL D 367 34.02 17.14 -20.76
CA VAL D 367 33.74 16.40 -21.99
C VAL D 367 33.65 17.37 -23.17
N GLY D 368 33.88 18.65 -22.92
CA GLY D 368 33.80 19.64 -23.98
C GLY D 368 32.41 20.22 -24.13
N SER D 369 32.33 21.46 -24.60
CA SER D 369 31.06 22.16 -24.77
C SER D 369 30.24 21.46 -25.85
N GLU D 370 30.84 21.22 -27.01
CA GLU D 370 30.15 20.57 -28.13
C GLU D 370 29.48 19.27 -27.66
N HIS D 371 30.24 18.42 -26.98
CA HIS D 371 29.71 17.14 -26.48
C HIS D 371 28.55 17.42 -25.53
N TYR D 372 28.75 18.33 -24.59
CA TYR D 372 27.72 18.66 -23.59
C TYR D 372 26.43 19.11 -24.29
N ASP D 373 26.57 19.99 -25.28
CA ASP D 373 25.44 20.54 -26.01
C ASP D 373 24.67 19.42 -26.71
N VAL D 374 25.40 18.52 -27.37
CA VAL D 374 24.77 17.41 -28.10
C VAL D 374 24.02 16.51 -27.13
N ALA D 375 24.68 16.09 -26.06
CA ALA D 375 24.11 15.20 -25.06
C ALA D 375 22.82 15.80 -24.50
N ARG D 376 22.91 17.04 -24.01
CA ARG D 376 21.76 17.72 -23.42
C ARG D 376 20.66 17.87 -24.48
N GLY D 377 21.02 18.27 -25.69
CA GLY D 377 20.04 18.44 -26.74
C GLY D 377 19.27 17.16 -27.02
N VAL D 378 19.96 16.03 -26.97
CA VAL D 378 19.36 14.73 -27.21
C VAL D 378 18.41 14.41 -26.05
N GLN D 379 18.89 14.61 -24.83
CA GLN D 379 18.09 14.32 -23.64
C GLN D 379 16.81 15.17 -23.68
N LYS D 380 16.96 16.44 -24.01
CA LYS D 380 15.83 17.36 -24.06
C LYS D 380 14.75 16.86 -25.03
N ILE D 381 15.10 16.74 -26.30
CA ILE D 381 14.15 16.32 -27.34
C ILE D 381 13.43 15.04 -26.90
N LEU D 382 14.16 14.13 -26.25
CA LEU D 382 13.58 12.87 -25.79
C LEU D 382 12.55 13.15 -24.71
N GLN D 383 12.90 14.03 -23.76
CA GLN D 383 12.02 14.39 -22.67
C GLN D 383 10.77 15.07 -23.24
N ASP D 384 10.97 15.98 -24.19
CA ASP D 384 9.87 16.71 -24.81
C ASP D 384 8.89 15.70 -25.43
N TYR D 385 9.44 14.73 -26.15
CA TYR D 385 8.62 13.70 -26.80
C TYR D 385 7.87 12.92 -25.72
N LYS D 386 8.56 12.59 -24.63
CA LYS D 386 7.96 11.84 -23.54
C LYS D 386 6.74 12.60 -23.03
N SER D 387 6.84 13.92 -22.96
CA SER D 387 5.76 14.77 -22.48
C SER D 387 4.63 14.83 -23.51
N LEU D 388 4.97 14.75 -24.80
CA LEU D 388 3.96 14.81 -25.87
C LEU D 388 3.23 13.46 -25.97
N GLN D 389 3.87 12.39 -25.53
CA GLN D 389 3.31 11.04 -25.59
C GLN D 389 1.96 10.97 -24.87
N ASP D 390 1.98 11.17 -23.55
CA ASP D 390 0.76 11.09 -22.74
C ASP D 390 -0.27 12.12 -23.23
N ILE D 391 0.20 13.17 -23.89
CA ILE D 391 -0.66 14.22 -24.40
C ILE D 391 -1.55 13.68 -25.53
N ILE D 392 -1.00 12.88 -26.43
CA ILE D 392 -1.78 12.35 -27.55
C ILE D 392 -2.19 10.90 -27.30
N ALA D 393 -1.77 10.35 -26.16
CA ALA D 393 -2.06 8.96 -25.74
C ALA D 393 -3.39 8.47 -26.32
N ILE D 394 -4.48 9.16 -26.00
CA ILE D 394 -5.80 8.79 -26.51
C ILE D 394 -6.47 10.09 -26.95
N LEU D 395 -5.78 10.85 -27.80
CA LEU D 395 -6.32 12.13 -28.27
C LEU D 395 -5.84 12.41 -29.70
N GLY D 396 -5.97 11.42 -30.56
CA GLY D 396 -5.56 11.59 -31.95
C GLY D 396 -4.09 11.90 -32.09
N MET D 397 -3.77 12.93 -32.88
CA MET D 397 -2.37 13.32 -33.11
C MET D 397 -2.35 14.56 -34.00
N ASP D 398 -3.16 14.53 -35.06
CA ASP D 398 -3.24 15.63 -36.02
C ASP D 398 -3.78 16.87 -35.33
N GLU D 399 -2.91 17.55 -34.59
CA GLU D 399 -3.22 18.77 -33.85
C GLU D 399 -1.89 19.41 -33.49
N LEU D 400 -0.85 18.57 -33.37
CA LEU D 400 0.48 19.04 -33.03
C LEU D 400 0.99 19.91 -34.17
N SER D 401 1.75 20.94 -33.82
CA SER D 401 2.31 21.87 -34.79
C SER D 401 3.47 21.18 -35.51
N GLU D 402 3.98 21.83 -36.55
CA GLU D 402 5.09 21.33 -37.35
C GLU D 402 6.26 21.00 -36.42
N GLU D 403 6.49 21.85 -35.43
CA GLU D 403 7.59 21.68 -34.49
C GLU D 403 7.39 20.38 -33.70
N ASP D 404 6.19 20.16 -33.19
CA ASP D 404 5.88 18.98 -32.39
C ASP D 404 6.04 17.71 -33.23
N LYS D 405 5.44 17.69 -34.43
CA LYS D 405 5.52 16.51 -35.29
C LYS D 405 6.98 16.31 -35.73
N LEU D 406 7.78 17.37 -35.67
CA LEU D 406 9.18 17.28 -36.05
C LEU D 406 9.98 16.68 -34.89
N THR D 407 9.72 17.16 -33.68
CA THR D 407 10.42 16.67 -32.49
C THR D 407 10.11 15.20 -32.29
N VAL D 408 8.84 14.83 -32.43
CA VAL D 408 8.42 13.43 -32.26
C VAL D 408 9.26 12.55 -33.18
N SER D 409 9.18 12.81 -34.49
CA SER D 409 9.90 12.02 -35.48
C SER D 409 11.39 11.94 -35.15
N ARG D 410 12.02 13.08 -34.91
CA ARG D 410 13.45 13.15 -34.60
C ARG D 410 13.76 12.33 -33.34
N ALA D 411 13.05 12.61 -32.26
CA ALA D 411 13.25 11.95 -30.98
C ALA D 411 13.18 10.43 -31.16
N ARG D 412 12.19 9.95 -31.92
CA ARG D 412 12.01 8.52 -32.14
C ARG D 412 13.21 7.95 -32.89
N LYS D 413 13.70 8.69 -33.89
CA LYS D 413 14.84 8.24 -34.68
C LYS D 413 16.06 8.16 -33.75
N ILE D 414 16.24 9.18 -32.92
CA ILE D 414 17.35 9.24 -31.98
C ILE D 414 17.22 8.07 -31.01
N GLN D 415 16.00 7.82 -30.58
CA GLN D 415 15.69 6.73 -29.66
C GLN D 415 16.19 5.43 -30.27
N ARG D 416 15.81 5.19 -31.51
CA ARG D 416 16.18 3.96 -32.21
C ARG D 416 17.64 4.02 -32.65
N PHE D 417 18.25 5.19 -32.64
CA PHE D 417 19.64 5.32 -33.05
C PHE D 417 20.53 5.06 -31.82
N LEU D 418 19.92 4.93 -30.65
CA LEU D 418 20.67 4.68 -29.42
C LEU D 418 21.02 3.19 -29.36
N SER D 419 20.17 2.35 -29.94
CA SER D 419 20.40 0.91 -29.93
C SER D 419 21.62 0.60 -30.78
N GLN D 420 22.55 -0.16 -30.21
CA GLN D 420 23.78 -0.54 -30.88
C GLN D 420 23.92 -2.05 -30.75
N PRO D 421 24.06 -2.77 -31.88
CA PRO D 421 24.21 -4.22 -31.85
C PRO D 421 25.49 -4.62 -31.12
N PHE D 422 25.32 -5.28 -29.99
CA PHE D 422 26.45 -5.71 -29.17
C PHE D 422 26.97 -7.06 -29.67
N GLN D 423 28.29 -7.19 -29.68
CA GLN D 423 28.97 -8.40 -30.12
C GLN D 423 28.55 -9.53 -29.17
N VAL D 424 28.47 -9.23 -27.88
CA VAL D 424 28.11 -10.18 -26.85
C VAL D 424 26.69 -10.70 -27.09
N ALA D 425 25.78 -9.80 -27.45
CA ALA D 425 24.40 -10.18 -27.66
C ALA D 425 24.14 -10.51 -29.13
N GLU D 426 25.16 -10.95 -29.87
CA GLU D 426 24.96 -11.28 -31.29
C GLU D 426 23.93 -12.39 -31.42
N VAL D 427 23.97 -13.35 -30.51
CA VAL D 427 23.01 -14.48 -30.54
C VAL D 427 21.64 -14.03 -30.03
N PHE D 428 21.50 -12.74 -29.74
CA PHE D 428 20.24 -12.20 -29.24
C PHE D 428 19.77 -11.09 -30.18
N THR D 429 20.70 -10.48 -30.92
CA THR D 429 20.36 -9.39 -31.82
C THR D 429 20.26 -9.92 -33.25
N GLY D 430 20.88 -11.07 -33.52
CA GLY D 430 20.86 -11.62 -34.86
C GLY D 430 21.51 -10.65 -35.82
N HIS D 431 22.55 -9.98 -35.34
CA HIS D 431 23.27 -8.99 -36.14
C HIS D 431 24.74 -9.06 -35.73
N LEU D 432 25.59 -8.39 -36.50
CA LEU D 432 27.02 -8.37 -36.22
C LEU D 432 27.27 -7.27 -35.18
N GLY D 433 28.29 -7.47 -34.37
CA GLY D 433 28.62 -6.50 -33.34
C GLY D 433 29.27 -5.27 -33.91
N LYS D 434 28.80 -4.10 -33.50
CA LYS D 434 29.33 -2.84 -34.00
C LYS D 434 29.75 -1.98 -32.81
N LEU D 435 30.76 -1.14 -33.04
CA LEU D 435 31.29 -0.24 -32.04
C LEU D 435 31.39 1.11 -32.73
N VAL D 436 30.89 2.16 -32.08
CA VAL D 436 30.92 3.50 -32.67
C VAL D 436 31.81 4.39 -31.82
N PRO D 437 32.81 5.03 -32.45
CA PRO D 437 33.72 5.93 -31.74
C PRO D 437 32.99 7.20 -31.34
N LEU D 438 33.36 7.74 -30.17
CA LEU D 438 32.76 8.95 -29.61
C LEU D 438 32.53 10.02 -30.67
N LYS D 439 33.56 10.31 -31.47
CA LYS D 439 33.49 11.34 -32.51
C LYS D 439 32.28 11.11 -33.41
N GLU D 440 32.13 9.88 -33.93
CA GLU D 440 31.03 9.56 -34.83
C GLU D 440 29.70 9.64 -34.07
N THR D 441 29.73 9.31 -32.79
CA THR D 441 28.54 9.33 -31.95
C THR D 441 28.02 10.77 -31.87
N ILE D 442 28.91 11.70 -31.50
CA ILE D 442 28.54 13.11 -31.38
C ILE D 442 28.09 13.60 -32.75
N LYS D 443 28.90 13.30 -33.77
CA LYS D 443 28.66 13.69 -35.15
C LYS D 443 27.23 13.30 -35.56
N GLY D 444 26.95 12.01 -35.56
CA GLY D 444 25.64 11.52 -35.93
C GLY D 444 24.46 12.16 -35.25
N PHE D 445 24.46 12.15 -33.92
CA PHE D 445 23.36 12.73 -33.14
C PHE D 445 23.25 14.23 -33.41
N GLN D 446 24.39 14.90 -33.51
CA GLN D 446 24.43 16.35 -33.75
C GLN D 446 23.76 16.64 -35.10
N GLN D 447 24.00 15.77 -36.07
CA GLN D 447 23.43 15.92 -37.40
C GLN D 447 21.94 15.63 -37.36
N ILE D 448 21.53 14.64 -36.58
CA ILE D 448 20.12 14.28 -36.47
C ILE D 448 19.37 15.43 -35.79
N LEU D 449 20.02 16.07 -34.82
CA LEU D 449 19.41 17.21 -34.11
C LEU D 449 19.23 18.33 -35.13
N ALA D 450 20.22 18.52 -36.00
CA ALA D 450 20.19 19.55 -37.03
C ALA D 450 19.11 19.19 -38.06
N GLY D 451 18.58 17.97 -37.98
CA GLY D 451 17.55 17.53 -38.90
C GLY D 451 18.04 17.22 -40.30
N GLU D 452 19.35 17.04 -40.44
CA GLU D 452 19.95 16.74 -41.72
C GLU D 452 19.39 15.41 -42.24
N TYR D 453 19.28 14.43 -41.36
CA TYR D 453 18.79 13.11 -41.75
C TYR D 453 17.29 12.97 -41.52
N ASP D 454 16.53 14.04 -41.74
CA ASP D 454 15.08 14.00 -41.57
C ASP D 454 14.44 13.40 -42.83
N HIS D 455 15.28 12.91 -43.75
CA HIS D 455 14.78 12.32 -44.99
C HIS D 455 15.11 10.83 -44.99
N LEU D 456 15.11 10.21 -43.81
CA LEU D 456 15.41 8.79 -43.67
C LEU D 456 14.38 8.19 -42.70
N PRO D 457 13.93 6.96 -42.95
CA PRO D 457 12.94 6.31 -42.07
C PRO D 457 13.53 6.01 -40.68
N GLU D 458 12.66 5.94 -39.68
CA GLU D 458 13.07 5.66 -38.29
C GLU D 458 13.88 4.37 -38.22
N GLN D 459 13.41 3.34 -38.92
CA GLN D 459 14.04 2.02 -38.91
C GLN D 459 15.46 2.06 -39.49
N ALA D 460 15.84 3.16 -40.14
CA ALA D 460 17.18 3.26 -40.73
C ALA D 460 18.23 3.44 -39.63
N PHE D 461 17.79 3.82 -38.44
CA PHE D 461 18.71 4.04 -37.33
C PHE D 461 18.60 2.90 -36.32
N TYR D 462 17.47 2.20 -36.33
CA TYR D 462 17.22 1.11 -35.40
C TYR D 462 18.29 0.02 -35.53
N MET D 463 19.13 -0.09 -34.50
CA MET D 463 20.19 -1.11 -34.42
C MET D 463 21.17 -0.95 -35.58
N VAL D 464 22.04 0.04 -35.49
CA VAL D 464 23.04 0.28 -36.52
C VAL D 464 24.33 0.70 -35.82
N GLY D 465 25.33 1.07 -36.61
CA GLY D 465 26.60 1.51 -36.06
C GLY D 465 26.71 2.99 -36.31
N PRO D 466 27.75 3.44 -37.04
CA PRO D 466 27.89 4.88 -37.31
C PRO D 466 26.72 5.38 -38.14
N ILE D 467 26.50 6.68 -38.16
CA ILE D 467 25.39 7.28 -38.91
C ILE D 467 25.51 6.86 -40.38
N GLU D 468 26.73 6.55 -40.82
CA GLU D 468 26.98 6.11 -42.18
C GLU D 468 26.17 4.84 -42.43
N GLU D 469 26.17 3.93 -41.46
CA GLU D 469 25.44 2.68 -41.59
C GLU D 469 23.94 2.95 -41.65
N ALA D 470 23.50 4.03 -40.99
CA ALA D 470 22.08 4.39 -40.98
C ALA D 470 21.69 4.91 -42.36
N VAL D 471 22.53 5.79 -42.92
CA VAL D 471 22.26 6.37 -44.24
C VAL D 471 22.30 5.27 -45.29
N ALA D 472 23.38 4.48 -45.27
CA ALA D 472 23.57 3.38 -46.22
C ALA D 472 22.38 2.44 -46.10
N LYS D 473 21.97 2.14 -44.87
CA LYS D 473 20.85 1.25 -44.63
C LYS D 473 19.58 1.86 -45.21
N ALA D 474 19.45 3.18 -45.07
CA ALA D 474 18.28 3.90 -45.57
C ALA D 474 18.13 3.66 -47.07
N ASP D 475 19.19 3.91 -47.82
CA ASP D 475 19.17 3.71 -49.27
C ASP D 475 18.97 2.23 -49.57
N LYS D 476 19.54 1.38 -48.72
CA LYS D 476 19.42 -0.07 -48.87
C LYS D 476 17.95 -0.48 -48.65
N LEU D 477 17.26 0.26 -47.78
CA LEU D 477 15.86 -0.03 -47.47
C LEU D 477 14.99 0.61 -48.56
N ALA D 478 15.33 0.35 -49.82
CA ALA D 478 14.59 0.90 -50.96
C ALA D 478 13.21 0.25 -50.99
N GLU D 479 13.12 -0.98 -50.46
CA GLU D 479 11.87 -1.73 -50.43
C GLU D 479 12.02 -2.87 -49.43
N THR E 13 7.27 10.97 47.40
CA THR E 13 8.37 10.05 47.81
C THR E 13 9.59 10.32 46.94
N THR E 14 10.73 9.77 47.31
CA THR E 14 11.95 9.97 46.55
C THR E 14 12.37 8.64 45.95
N GLY E 15 12.29 8.57 44.62
CA GLY E 15 12.68 7.37 43.92
C GLY E 15 14.06 7.55 43.32
N ARG E 16 14.52 6.55 42.58
CA ARG E 16 15.83 6.61 41.95
C ARG E 16 15.67 6.09 40.52
N ILE E 17 16.39 6.71 39.59
CA ILE E 17 16.34 6.31 38.19
C ILE E 17 17.04 4.95 38.10
N VAL E 18 16.40 3.99 37.46
CA VAL E 18 16.97 2.66 37.32
C VAL E 18 17.31 2.37 35.85
N ALA E 19 16.84 3.21 34.94
CA ALA E 19 17.13 3.02 33.52
C ALA E 19 16.71 4.26 32.74
N VAL E 20 17.51 4.61 31.74
CA VAL E 20 17.27 5.75 30.87
C VAL E 20 17.55 5.29 29.44
N ILE E 21 16.50 5.22 28.63
CA ILE E 21 16.61 4.81 27.24
C ILE E 21 15.88 5.86 26.43
N GLY E 22 16.64 6.78 25.85
CA GLY E 22 16.01 7.84 25.07
C GLY E 22 15.23 8.74 26.00
N ALA E 23 13.97 9.02 25.63
CA ALA E 23 13.11 9.89 26.44
C ALA E 23 12.29 9.04 27.41
N VAL E 24 12.60 7.75 27.50
CA VAL E 24 11.88 6.86 28.41
C VAL E 24 12.77 6.63 29.62
N VAL E 25 12.30 7.03 30.79
CA VAL E 25 13.06 6.89 32.02
C VAL E 25 12.26 6.02 32.98
N ASP E 26 12.91 5.01 33.54
CA ASP E 26 12.27 4.12 34.49
C ASP E 26 12.79 4.49 35.87
N VAL E 27 11.87 4.80 36.78
CA VAL E 27 12.22 5.19 38.14
C VAL E 27 11.64 4.17 39.09
N GLN E 28 12.39 3.83 40.13
CA GLN E 28 11.97 2.87 41.13
C GLN E 28 11.75 3.63 42.43
N PHE E 29 10.73 3.25 43.18
CA PHE E 29 10.42 3.88 44.45
C PHE E 29 10.35 2.77 45.50
N ASP E 30 10.69 3.11 46.74
CA ASP E 30 10.65 2.12 47.82
C ASP E 30 9.25 2.15 48.40
N GLU E 31 8.92 3.25 49.09
CA GLU E 31 7.62 3.42 49.70
C GLU E 31 6.83 4.37 48.79
N GLY E 32 5.52 4.17 48.74
CA GLY E 32 4.65 5.02 47.94
C GLY E 32 4.98 5.11 46.46
N LEU E 33 4.48 4.17 45.67
CA LEU E 33 4.73 4.16 44.24
C LEU E 33 3.69 5.11 43.62
N PRO E 34 4.17 6.14 42.90
CA PRO E 34 3.31 7.13 42.25
C PRO E 34 2.39 6.55 41.19
N PRO E 35 1.13 7.02 41.16
CA PRO E 35 0.14 6.54 40.19
C PRO E 35 0.50 6.99 38.78
N ILE E 36 -0.27 6.54 37.81
CA ILE E 36 -0.05 6.89 36.41
C ILE E 36 -0.48 8.35 36.22
N LEU E 37 0.08 9.00 35.19
CA LEU E 37 -0.21 10.40 34.87
C LEU E 37 0.38 11.33 35.92
N ASN E 38 0.98 10.77 36.96
CA ASN E 38 1.56 11.58 38.03
C ASN E 38 2.88 12.13 37.53
N ALA E 39 3.27 13.29 38.04
CA ALA E 39 4.51 13.93 37.64
C ALA E 39 5.60 13.56 38.63
N LEU E 40 6.84 13.63 38.16
CA LEU E 40 8.01 13.33 38.97
C LEU E 40 9.05 14.39 38.63
N GLU E 41 9.65 14.97 39.66
CA GLU E 41 10.65 16.01 39.48
C GLU E 41 12.03 15.38 39.71
N VAL E 42 12.85 15.36 38.68
CA VAL E 42 14.20 14.80 38.79
C VAL E 42 15.04 15.82 39.54
N GLN E 43 15.83 15.35 40.50
CA GLN E 43 16.67 16.22 41.31
C GLN E 43 18.10 16.16 40.79
N GLY E 44 18.78 17.30 40.84
CA GLY E 44 20.16 17.37 40.39
C GLY E 44 20.31 17.83 38.95
N ARG E 45 19.60 18.88 38.57
CA ARG E 45 19.66 19.44 37.22
C ARG E 45 19.34 20.92 37.30
N GLU E 46 19.81 21.67 36.31
CA GLU E 46 19.55 23.11 36.25
C GLU E 46 18.15 23.30 35.69
N THR E 47 17.91 22.70 34.52
CA THR E 47 16.61 22.78 33.88
C THR E 47 15.72 21.74 34.56
N ARG E 48 14.56 22.17 35.03
CA ARG E 48 13.63 21.29 35.72
C ARG E 48 13.19 20.20 34.75
N LEU E 49 13.55 18.95 35.06
CA LEU E 49 13.18 17.81 34.23
C LEU E 49 12.03 17.09 34.91
N VAL E 50 10.88 17.09 34.27
CA VAL E 50 9.70 16.43 34.80
C VAL E 50 9.50 15.12 34.05
N LEU E 51 9.17 14.07 34.79
CA LEU E 51 8.93 12.76 34.21
C LEU E 51 7.46 12.46 34.49
N GLU E 52 6.74 11.98 33.49
CA GLU E 52 5.33 11.67 33.68
C GLU E 52 5.20 10.16 33.72
N VAL E 53 4.68 9.64 34.83
CA VAL E 53 4.47 8.20 34.99
C VAL E 53 3.38 7.81 34.00
N ALA E 54 3.59 6.72 33.27
CA ALA E 54 2.61 6.29 32.28
C ALA E 54 2.53 4.76 32.29
N GLN E 55 3.10 4.12 33.31
CA GLN E 55 3.09 2.66 33.36
C GLN E 55 3.73 2.19 34.68
N HIS E 56 3.28 1.04 35.16
CA HIS E 56 3.82 0.44 36.38
C HIS E 56 4.40 -0.90 35.96
N LEU E 57 5.71 -0.93 35.71
CA LEU E 57 6.43 -2.12 35.26
C LEU E 57 6.25 -3.24 36.29
N GLY E 58 6.34 -2.89 37.56
CA GLY E 58 6.21 -3.88 38.62
C GLY E 58 7.47 -3.86 39.45
N GLU E 59 7.46 -4.58 40.56
CA GLU E 59 8.62 -4.66 41.46
C GLU E 59 9.02 -3.24 41.89
N SER E 60 8.00 -2.45 42.24
CA SER E 60 8.17 -1.08 42.70
C SER E 60 8.88 -0.22 41.65
N THR E 61 8.54 -0.40 40.39
CA THR E 61 9.16 0.37 39.33
C THR E 61 8.06 0.95 38.44
N VAL E 62 8.30 2.14 37.90
CA VAL E 62 7.36 2.83 37.04
C VAL E 62 8.13 3.37 35.84
N ARG E 63 7.48 3.38 34.69
CA ARG E 63 8.09 3.90 33.46
C ARG E 63 7.52 5.30 33.26
N THR E 64 8.38 6.25 32.91
CA THR E 64 7.95 7.61 32.71
C THR E 64 8.46 8.10 31.36
N ILE E 65 7.88 9.21 30.90
CA ILE E 65 8.25 9.85 29.64
C ILE E 65 8.76 11.24 30.03
N ALA E 66 10.01 11.50 29.71
CA ALA E 66 10.65 12.77 30.04
C ALA E 66 9.98 13.91 29.28
N MET E 67 9.95 15.08 29.90
CA MET E 67 9.34 16.27 29.30
C MET E 67 10.42 17.12 28.66
N ASP E 68 11.67 16.70 28.78
CA ASP E 68 12.79 17.43 28.19
C ASP E 68 14.00 16.49 28.12
N GLY E 69 15.09 16.98 27.56
CA GLY E 69 16.31 16.19 27.43
C GLY E 69 16.70 15.41 28.66
N THR E 70 17.05 14.14 28.45
CA THR E 70 17.44 13.25 29.52
C THR E 70 18.98 13.15 29.54
N GLU E 71 19.63 13.95 28.72
CA GLU E 71 21.09 13.95 28.63
C GLU E 71 21.66 14.28 30.00
N GLY E 72 22.61 13.44 30.46
CA GLY E 72 23.24 13.65 31.75
C GLY E 72 22.69 12.84 32.91
N LEU E 73 21.48 12.30 32.78
CA LEU E 73 20.87 11.51 33.85
C LEU E 73 21.78 10.32 34.18
N VAL E 74 21.83 9.97 35.46
CA VAL E 74 22.65 8.86 35.93
C VAL E 74 21.73 7.95 36.76
N ARG E 75 21.97 6.65 36.67
CA ARG E 75 21.17 5.68 37.42
C ARG E 75 21.44 5.94 38.91
N GLY E 76 20.37 6.03 39.68
CA GLY E 76 20.51 6.28 41.11
C GLY E 76 20.15 7.71 41.48
N GLN E 77 20.04 8.57 40.48
CA GLN E 77 19.69 9.97 40.68
C GLN E 77 18.32 10.01 41.34
N LYS E 78 18.18 10.86 42.35
CA LYS E 78 16.93 11.00 43.10
C LYS E 78 15.86 11.67 42.24
N VAL E 79 14.62 11.24 42.43
CA VAL E 79 13.47 11.77 41.69
C VAL E 79 12.36 11.97 42.73
N LEU E 80 11.96 13.23 42.94
CA LEU E 80 10.92 13.55 43.91
C LEU E 80 9.54 13.44 43.25
N ASP E 81 8.70 12.59 43.80
CA ASP E 81 7.34 12.39 43.32
C ASP E 81 6.53 13.61 43.74
N SER E 82 6.01 14.34 42.77
CA SER E 82 5.22 15.55 43.05
C SER E 82 3.91 15.14 43.73
N GLY E 83 3.52 13.87 43.55
CA GLY E 83 2.30 13.37 44.15
C GLY E 83 1.04 13.77 43.39
N ALA E 84 1.20 14.64 42.40
CA ALA E 84 0.08 15.11 41.61
C ALA E 84 0.56 15.28 40.17
N PRO E 85 -0.36 15.19 39.19
CA PRO E 85 0.03 15.35 37.79
C PRO E 85 0.58 16.74 37.52
N ILE E 86 1.20 16.91 36.35
CA ILE E 86 1.78 18.18 35.94
C ILE E 86 0.76 19.31 36.15
N ARG E 87 1.10 20.23 37.05
CA ARG E 87 0.24 21.37 37.36
C ARG E 87 0.84 22.60 36.70
N ILE E 88 -0.04 23.52 36.30
CA ILE E 88 0.37 24.75 35.63
C ILE E 88 -0.36 25.92 36.29
N PRO E 89 0.26 27.12 36.27
CA PRO E 89 -0.31 28.34 36.85
C PRO E 89 -1.56 28.75 36.09
N VAL E 90 -2.69 28.83 36.79
CA VAL E 90 -3.94 29.22 36.16
C VAL E 90 -4.44 30.49 36.84
N GLY E 91 -5.19 31.30 36.11
CA GLY E 91 -5.71 32.54 36.64
C GLY E 91 -5.59 33.66 35.62
N PRO E 92 -6.22 34.82 35.85
CA PRO E 92 -6.15 35.94 34.90
C PRO E 92 -4.73 36.47 34.66
N GLU E 93 -3.82 36.17 35.58
CA GLU E 93 -2.44 36.64 35.50
C GLU E 93 -1.60 35.81 34.52
N THR E 94 -2.23 34.99 33.70
CA THR E 94 -1.50 34.19 32.72
C THR E 94 -1.68 34.83 31.35
N LEU E 95 -2.62 35.76 31.26
CA LEU E 95 -2.92 36.45 30.02
C LEU E 95 -1.74 37.34 29.66
N GLY E 96 -1.23 37.18 28.45
CA GLY E 96 -0.10 37.98 28.00
C GLY E 96 1.23 37.34 28.34
N ARG E 97 1.19 36.12 28.85
CA ARG E 97 2.39 35.41 29.22
C ARG E 97 2.52 34.16 28.35
N ILE E 98 3.76 33.79 28.05
CA ILE E 98 4.05 32.60 27.25
C ILE E 98 4.46 31.54 28.27
N MET E 99 3.65 30.51 28.39
CA MET E 99 3.87 29.46 29.36
C MET E 99 4.49 28.23 28.70
N ASN E 100 5.22 27.48 29.53
CA ASN E 100 5.89 26.24 29.14
C ASN E 100 4.88 25.13 29.40
N VAL E 101 5.19 23.91 28.96
CA VAL E 101 4.31 22.76 29.14
C VAL E 101 4.02 22.57 30.63
N ILE E 102 5.07 22.60 31.44
CA ILE E 102 4.93 22.42 32.89
C ILE E 102 4.68 23.75 33.60
N GLY E 103 4.15 24.73 32.87
CA GLY E 103 3.84 26.02 33.46
C GLY E 103 4.95 27.06 33.65
N GLU E 104 6.21 26.66 33.53
CA GLU E 104 7.34 27.59 33.72
C GLU E 104 7.29 28.71 32.68
N PRO E 105 7.52 29.96 33.11
CA PRO E 105 7.50 31.11 32.20
C PRO E 105 8.73 31.07 31.29
N ILE E 106 8.51 31.20 29.99
CA ILE E 106 9.63 31.17 29.05
C ILE E 106 9.78 32.51 28.34
N ASP E 107 8.90 33.46 28.64
CA ASP E 107 8.96 34.79 28.02
C ASP E 107 9.99 35.66 28.74
N GLU E 108 10.69 35.07 29.70
CA GLU E 108 11.73 35.76 30.49
C GLU E 108 11.16 36.93 31.30
N ARG E 109 9.84 37.06 31.35
CA ARG E 109 9.21 38.14 32.09
C ARG E 109 8.85 37.67 33.50
N GLY E 110 9.81 37.04 34.17
CA GLY E 110 9.59 36.57 35.52
C GLY E 110 8.56 35.47 35.69
N PRO E 111 8.30 35.04 36.94
CA PRO E 111 7.34 33.99 37.28
C PRO E 111 5.89 34.46 37.20
N ILE E 112 4.99 33.55 36.87
CA ILE E 112 3.56 33.87 36.78
C ILE E 112 3.03 33.88 38.21
N LYS E 113 2.71 35.07 38.69
CA LYS E 113 2.21 35.25 40.05
C LYS E 113 0.75 34.80 40.11
N THR E 114 0.54 33.49 40.21
CA THR E 114 -0.80 32.93 40.29
C THR E 114 -1.04 32.45 41.71
N LYS E 115 -2.31 32.29 42.07
CA LYS E 115 -2.68 31.81 43.39
C LYS E 115 -3.36 30.46 43.21
N GLN E 116 -3.88 30.22 42.01
CA GLN E 116 -4.55 28.97 41.70
C GLN E 116 -3.67 28.16 40.75
N PHE E 117 -3.59 26.86 40.99
CA PHE E 117 -2.83 25.95 40.15
C PHE E 117 -3.79 24.84 39.76
N ALA E 118 -3.66 24.35 38.54
CA ALA E 118 -4.54 23.28 38.05
C ALA E 118 -3.68 22.26 37.32
N ALA E 119 -4.16 21.02 37.29
CA ALA E 119 -3.44 19.95 36.62
C ALA E 119 -3.94 19.92 35.18
N ILE E 120 -3.06 19.52 34.26
CA ILE E 120 -3.42 19.47 32.86
C ILE E 120 -4.26 18.21 32.57
N HIS E 121 -4.25 17.24 33.47
CA HIS E 121 -5.02 16.00 33.27
C HIS E 121 -6.27 16.08 34.12
N ALA E 122 -7.43 16.08 33.47
CA ALA E 122 -8.70 16.16 34.18
C ALA E 122 -9.77 15.45 33.35
N GLU E 123 -10.74 14.85 34.05
CA GLU E 123 -11.84 14.12 33.41
C GLU E 123 -12.72 15.14 32.70
N ALA E 124 -13.30 14.74 31.59
CA ALA E 124 -14.18 15.60 30.79
C ALA E 124 -15.49 15.78 31.56
N PRO E 125 -16.27 16.83 31.21
CA PRO E 125 -17.55 17.12 31.86
C PRO E 125 -18.49 15.91 31.88
N GLU E 126 -19.18 15.73 33.01
CA GLU E 126 -20.13 14.63 33.16
C GLU E 126 -21.29 14.86 32.21
N PHE E 127 -22.04 13.80 31.92
CA PHE E 127 -23.19 13.84 31.01
C PHE E 127 -24.21 14.88 31.48
N VAL E 128 -24.41 14.98 32.80
CA VAL E 128 -25.38 15.93 33.35
C VAL E 128 -24.89 17.37 33.20
N GLU E 129 -23.61 17.56 32.90
CA GLU E 129 -23.05 18.90 32.75
C GLU E 129 -23.14 19.35 31.30
N MET E 130 -23.36 18.38 30.40
CA MET E 130 -23.44 18.67 28.98
C MET E 130 -24.65 19.52 28.67
N SER E 131 -24.42 20.60 27.93
CA SER E 131 -25.50 21.49 27.53
C SER E 131 -26.21 20.76 26.39
N VAL E 132 -27.54 20.75 26.44
CA VAL E 132 -28.32 20.05 25.43
C VAL E 132 -28.76 21.03 24.34
N GLU E 133 -28.36 22.28 24.45
CA GLU E 133 -28.76 23.27 23.46
C GLU E 133 -27.54 23.70 22.66
N GLN E 134 -27.72 23.88 21.36
CA GLN E 134 -26.65 24.29 20.47
C GLN E 134 -26.81 25.79 20.21
N GLU E 135 -25.81 26.56 20.63
CA GLU E 135 -25.83 28.01 20.44
C GLU E 135 -24.73 28.35 19.45
N ILE E 136 -24.80 29.55 18.88
CA ILE E 136 -23.81 29.99 17.91
C ILE E 136 -22.97 31.10 18.55
N LEU E 137 -21.65 30.94 18.45
CA LEU E 137 -20.71 31.92 19.00
C LEU E 137 -20.59 33.01 17.93
N VAL E 138 -21.19 34.16 18.18
CA VAL E 138 -21.14 35.28 17.24
C VAL E 138 -19.72 35.83 17.25
N THR E 139 -18.94 35.53 16.23
CA THR E 139 -17.56 36.01 16.12
C THR E 139 -17.59 37.44 15.57
N GLY E 140 -18.73 37.85 15.04
CA GLY E 140 -18.85 39.18 14.49
C GLY E 140 -18.23 39.32 13.11
N ILE E 141 -18.01 38.19 12.45
CA ILE E 141 -17.43 38.17 11.10
C ILE E 141 -18.49 37.60 10.16
N LYS E 142 -18.92 38.42 9.21
CA LYS E 142 -19.96 38.08 8.24
C LYS E 142 -19.75 36.72 7.58
N VAL E 143 -18.63 36.52 6.90
CA VAL E 143 -18.33 35.24 6.21
C VAL E 143 -18.56 34.03 7.12
N VAL E 144 -18.15 34.14 8.38
CA VAL E 144 -18.27 33.04 9.33
C VAL E 144 -19.74 32.91 9.79
N ASP E 145 -20.17 33.82 10.66
CA ASP E 145 -21.52 33.80 11.24
C ASP E 145 -22.61 33.52 10.21
N LEU E 146 -22.45 34.01 8.99
CA LEU E 146 -23.47 33.80 7.97
C LEU E 146 -23.42 32.39 7.40
N LEU E 147 -22.29 32.04 6.79
CA LEU E 147 -22.14 30.74 6.12
C LEU E 147 -21.69 29.62 7.05
N ALA E 148 -20.64 29.83 7.83
CA ALA E 148 -20.14 28.79 8.74
C ALA E 148 -20.15 29.31 10.18
N PRO E 149 -21.31 29.27 10.83
CA PRO E 149 -21.45 29.74 12.22
C PRO E 149 -20.63 28.87 13.18
N TYR E 150 -19.82 29.49 14.03
CA TYR E 150 -19.02 28.73 14.99
C TYR E 150 -19.95 28.22 16.09
N ALA E 151 -19.98 26.91 16.29
CA ALA E 151 -20.82 26.31 17.31
C ALA E 151 -20.22 26.66 18.66
N LYS E 152 -21.03 27.25 19.53
CA LYS E 152 -20.59 27.64 20.86
C LYS E 152 -20.21 26.37 21.61
N GLY E 153 -18.94 26.26 21.97
CA GLY E 153 -18.47 25.08 22.67
C GLY E 153 -18.30 23.95 21.67
N GLY E 154 -17.74 24.28 20.51
CA GLY E 154 -17.52 23.30 19.47
C GLY E 154 -16.13 23.44 18.89
N LYS E 155 -15.73 22.46 18.08
CA LYS E 155 -14.41 22.48 17.47
C LYS E 155 -14.57 22.96 16.03
N ILE E 156 -13.66 23.84 15.60
CA ILE E 156 -13.69 24.39 14.26
C ILE E 156 -12.36 24.04 13.60
N GLY E 157 -12.43 23.57 12.36
CA GLY E 157 -11.24 23.22 11.63
C GLY E 157 -10.76 24.35 10.75
N LEU E 158 -9.71 25.03 11.18
CA LEU E 158 -9.16 26.14 10.43
C LEU E 158 -8.19 25.55 9.40
N PHE E 159 -8.59 25.57 8.14
CA PHE E 159 -7.76 25.05 7.06
C PHE E 159 -7.09 26.22 6.37
N GLY E 160 -5.77 26.27 6.42
CA GLY E 160 -5.05 27.35 5.78
C GLY E 160 -3.56 27.26 6.04
N GLY E 161 -2.78 27.57 5.00
CA GLY E 161 -1.33 27.53 5.14
C GLY E 161 -0.85 28.81 5.79
N ALA E 162 0.03 29.53 5.11
CA ALA E 162 0.55 30.78 5.61
C ALA E 162 0.35 31.82 4.51
N GLY E 163 0.44 33.08 4.87
CA GLY E 163 0.26 34.15 3.90
C GLY E 163 -1.17 34.25 3.42
N VAL E 164 -2.11 33.88 4.30
CA VAL E 164 -3.53 33.92 3.98
C VAL E 164 -4.26 34.71 5.07
N GLY E 165 -3.49 35.41 5.91
CA GLY E 165 -4.07 36.20 6.97
C GLY E 165 -4.64 35.32 8.07
N LYS E 166 -4.03 34.16 8.24
CA LYS E 166 -4.45 33.18 9.24
C LYS E 166 -4.22 33.79 10.63
N THR E 167 -3.02 34.31 10.86
CA THR E 167 -2.66 34.91 12.14
C THR E 167 -3.59 36.07 12.43
N VAL E 168 -3.91 36.86 11.41
CA VAL E 168 -4.79 38.02 11.56
C VAL E 168 -6.18 37.56 11.96
N LEU E 169 -6.69 36.54 11.28
CA LEU E 169 -8.03 36.01 11.57
C LEU E 169 -8.07 35.54 13.03
N ILE E 170 -6.99 34.93 13.48
CA ILE E 170 -6.89 34.43 14.85
C ILE E 170 -6.99 35.62 15.81
N MET E 171 -6.11 36.60 15.63
CA MET E 171 -6.07 37.79 16.48
C MET E 171 -7.41 38.54 16.43
N GLU E 172 -8.13 38.45 15.32
CA GLU E 172 -9.41 39.13 15.20
C GLU E 172 -10.44 38.36 16.03
N LEU E 173 -10.49 37.05 15.84
CA LEU E 173 -11.44 36.20 16.56
C LEU E 173 -11.32 36.45 18.05
N ILE E 174 -10.08 36.53 18.54
CA ILE E 174 -9.81 36.78 19.97
C ILE E 174 -10.39 38.12 20.38
N ASN E 175 -9.95 39.18 19.70
CA ASN E 175 -10.38 40.54 19.98
C ASN E 175 -11.91 40.63 20.01
N ASN E 176 -12.54 40.09 18.97
CA ASN E 176 -13.99 40.12 18.82
C ASN E 176 -14.69 39.35 19.95
N VAL E 177 -14.30 38.10 20.15
CA VAL E 177 -14.91 37.24 21.18
C VAL E 177 -14.82 37.91 22.55
N ALA E 178 -13.64 38.41 22.92
CA ALA E 178 -13.46 39.05 24.21
C ALA E 178 -14.30 40.33 24.29
N LYS E 179 -14.25 41.14 23.23
CA LYS E 179 -14.96 42.41 23.16
C LYS E 179 -16.48 42.19 23.12
N ALA E 180 -16.92 41.04 22.62
CA ALA E 180 -18.36 40.79 22.50
C ALA E 180 -18.83 39.60 23.34
N HIS E 181 -17.99 39.06 24.21
CA HIS E 181 -18.42 37.91 25.03
C HIS E 181 -17.70 37.92 26.37
N GLY E 182 -16.82 38.90 26.58
CA GLY E 182 -16.09 38.98 27.84
C GLY E 182 -15.33 37.71 28.17
N GLY E 183 -15.02 36.93 27.13
CA GLY E 183 -14.30 35.69 27.34
C GLY E 183 -12.88 35.83 26.83
N TYR E 184 -11.92 35.39 27.62
CA TYR E 184 -10.51 35.47 27.23
C TYR E 184 -10.21 34.30 26.30
N SER E 185 -9.05 34.33 25.66
CA SER E 185 -8.66 33.27 24.74
C SER E 185 -7.30 32.72 25.16
N VAL E 186 -7.02 31.50 24.71
CA VAL E 186 -5.76 30.83 25.00
C VAL E 186 -5.25 30.26 23.68
N PHE E 187 -3.94 30.30 23.47
CA PHE E 187 -3.34 29.79 22.25
C PHE E 187 -2.32 28.74 22.65
N ALA E 188 -2.62 27.50 22.32
CA ALA E 188 -1.73 26.38 22.61
C ALA E 188 -1.08 25.98 21.29
N GLY E 189 0.19 26.31 21.16
CA GLY E 189 0.91 25.97 19.95
C GLY E 189 1.61 24.63 20.06
N VAL E 190 1.01 23.59 19.49
CA VAL E 190 1.60 22.26 19.52
C VAL E 190 2.61 22.22 18.39
N GLY E 191 3.87 22.01 18.72
CA GLY E 191 4.91 21.95 17.70
C GLY E 191 5.15 23.32 17.10
N GLU E 192 5.37 24.31 17.96
CA GLU E 192 5.59 25.68 17.51
C GLU E 192 7.06 25.84 17.10
N ARG E 193 7.28 26.48 15.97
CA ARG E 193 8.63 26.75 15.49
C ARG E 193 9.09 27.98 16.27
N THR E 194 10.13 27.82 17.07
CA THR E 194 10.68 28.89 17.91
C THR E 194 10.67 30.23 17.16
N ARG E 195 11.05 30.19 15.88
CA ARG E 195 11.09 31.39 15.05
C ARG E 195 9.69 32.01 15.02
N GLU E 196 8.71 31.23 14.56
CA GLU E 196 7.33 31.70 14.45
C GLU E 196 6.78 32.03 15.84
N GLY E 197 7.30 31.37 16.86
CA GLY E 197 6.84 31.62 18.22
C GLY E 197 7.14 33.04 18.67
N ASN E 198 8.35 33.51 18.34
CA ASN E 198 8.81 34.84 18.71
C ASN E 198 8.00 35.84 17.89
N ASP E 199 7.86 35.57 16.60
CA ASP E 199 7.13 36.45 15.69
C ASP E 199 5.72 36.64 16.19
N LEU E 200 5.01 35.53 16.42
CA LEU E 200 3.62 35.56 16.87
C LEU E 200 3.49 36.44 18.11
N TYR E 201 4.36 36.23 19.09
CA TYR E 201 4.32 36.99 20.34
C TYR E 201 4.38 38.49 20.06
N HIS E 202 5.41 38.94 19.35
CA HIS E 202 5.58 40.35 19.05
C HIS E 202 4.46 40.87 18.14
N GLU E 203 3.99 40.02 17.23
CA GLU E 203 2.93 40.39 16.28
C GLU E 203 1.65 40.59 17.06
N MET E 204 1.45 39.80 18.13
CA MET E 204 0.25 39.88 18.96
C MET E 204 0.29 41.17 19.78
N ILE E 205 1.47 41.55 20.27
CA ILE E 205 1.58 42.76 21.07
C ILE E 205 1.16 43.97 20.22
N GLU E 206 1.54 43.95 18.94
CA GLU E 206 1.20 45.04 18.02
C GLU E 206 -0.31 45.11 17.83
N SER E 207 -0.97 43.97 17.71
CA SER E 207 -2.41 43.93 17.52
C SER E 207 -3.11 44.33 18.82
N GLY E 208 -2.36 44.36 19.92
CA GLY E 208 -2.93 44.73 21.19
C GLY E 208 -3.68 43.62 21.91
N VAL E 209 -3.69 42.42 21.35
CA VAL E 209 -4.37 41.30 22.00
C VAL E 209 -3.56 40.91 23.23
N ILE E 210 -2.33 41.39 23.28
CA ILE E 210 -1.42 41.17 24.39
C ILE E 210 -0.82 42.55 24.65
N ASN E 211 -0.71 42.94 25.92
CA ASN E 211 -0.15 44.24 26.24
C ASN E 211 0.89 44.06 27.33
N LEU E 212 1.89 44.92 27.33
CA LEU E 212 2.98 44.84 28.30
C LEU E 212 2.77 45.94 29.35
N LYS E 213 2.17 47.05 28.94
CA LYS E 213 1.94 48.17 29.85
C LYS E 213 0.67 47.93 30.66
N ASP E 214 -0.48 48.12 30.02
CA ASP E 214 -1.77 47.93 30.70
C ASP E 214 -2.23 46.50 30.48
N ALA E 215 -3.02 45.99 31.42
CA ALA E 215 -3.52 44.63 31.36
C ALA E 215 -4.76 44.56 30.45
N THR E 216 -4.53 44.53 29.15
CA THR E 216 -5.62 44.40 28.19
C THR E 216 -5.39 43.12 27.39
N SER E 217 -4.45 42.30 27.88
CA SER E 217 -4.09 41.04 27.25
C SER E 217 -5.32 40.13 27.31
N LYS E 218 -5.86 39.80 26.14
CA LYS E 218 -7.04 38.95 26.04
C LYS E 218 -6.62 37.54 25.61
N VAL E 219 -5.33 37.24 25.61
CA VAL E 219 -4.86 35.92 25.19
C VAL E 219 -3.77 35.45 26.15
N ALA E 220 -3.65 34.14 26.26
CA ALA E 220 -2.64 33.48 27.09
C ALA E 220 -1.93 32.55 26.10
N LEU E 221 -0.62 32.42 26.18
CA LEU E 221 0.10 31.58 25.24
C LEU E 221 0.76 30.40 25.95
N VAL E 222 0.76 29.26 25.26
CA VAL E 222 1.38 28.02 25.74
C VAL E 222 2.13 27.49 24.52
N TYR E 223 3.44 27.36 24.63
CA TYR E 223 4.24 26.92 23.49
C TYR E 223 4.89 25.56 23.71
N GLY E 224 4.68 24.69 22.73
CA GLY E 224 5.26 23.36 22.74
C GLY E 224 6.21 23.34 21.57
N GLN E 225 7.35 24.01 21.75
CA GLN E 225 8.36 24.13 20.71
C GLN E 225 8.81 22.75 20.26
N MET E 226 9.13 22.64 18.97
CA MET E 226 9.55 21.38 18.35
C MET E 226 10.88 20.91 18.95
N ASN E 227 11.53 21.76 19.74
CA ASN E 227 12.80 21.43 20.39
C ASN E 227 12.54 20.40 21.50
N GLU E 228 11.37 20.49 22.11
CA GLU E 228 11.00 19.62 23.22
C GLU E 228 10.62 18.24 22.71
N PRO E 229 10.84 17.20 23.54
CA PRO E 229 10.54 15.79 23.23
C PRO E 229 9.06 15.55 22.95
N PRO E 230 8.73 14.40 22.33
CA PRO E 230 7.35 14.06 22.00
C PRO E 230 6.35 14.25 23.15
N GLY E 231 6.75 13.81 24.35
CA GLY E 231 5.88 13.95 25.51
C GLY E 231 5.49 15.39 25.82
N ALA E 232 6.42 16.32 25.62
CA ALA E 232 6.18 17.73 25.90
C ALA E 232 5.18 18.28 24.88
N ARG E 233 5.47 18.07 23.59
CA ARG E 233 4.61 18.57 22.51
C ARG E 233 3.21 17.95 22.58
N ALA E 234 3.12 16.72 23.05
CA ALA E 234 1.83 16.03 23.14
C ALA E 234 1.00 16.56 24.30
N ARG E 235 1.65 17.11 25.33
CA ARG E 235 0.94 17.61 26.51
C ARG E 235 0.59 19.10 26.42
N VAL E 236 1.36 19.88 25.67
CA VAL E 236 1.12 21.34 25.55
C VAL E 236 -0.33 21.65 25.20
N ALA E 237 -0.97 20.76 24.45
CA ALA E 237 -2.36 20.96 24.05
C ALA E 237 -3.20 20.97 25.32
N LEU E 238 -2.97 20.00 26.19
CA LEU E 238 -3.70 19.88 27.44
C LEU E 238 -3.44 21.13 28.28
N THR E 239 -2.17 21.47 28.44
CA THR E 239 -1.76 22.65 29.22
C THR E 239 -2.58 23.86 28.79
N GLY E 240 -2.64 24.13 27.49
CA GLY E 240 -3.42 25.26 27.00
C GLY E 240 -4.90 25.10 27.31
N LEU E 241 -5.39 23.87 27.22
CA LEU E 241 -6.79 23.56 27.47
C LEU E 241 -7.12 23.79 28.94
N THR E 242 -6.18 23.49 29.82
CA THR E 242 -6.36 23.64 31.27
C THR E 242 -6.43 25.14 31.61
N VAL E 243 -5.58 25.94 30.97
CA VAL E 243 -5.54 27.38 31.19
C VAL E 243 -6.90 27.96 30.80
N ALA E 244 -7.51 27.40 29.75
CA ALA E 244 -8.80 27.87 29.27
C ALA E 244 -9.91 27.33 30.17
N GLU E 245 -9.77 26.07 30.61
CA GLU E 245 -10.76 25.42 31.46
C GLU E 245 -11.04 26.26 32.70
N TYR E 246 -10.00 26.86 33.26
CA TYR E 246 -10.11 27.69 34.45
C TYR E 246 -11.24 28.71 34.28
N PHE E 247 -11.12 29.56 33.26
CA PHE E 247 -12.10 30.61 33.00
C PHE E 247 -13.52 30.06 32.93
N ARG E 248 -13.70 28.94 32.25
CA ARG E 248 -15.03 28.33 32.08
C ARG E 248 -15.56 27.78 33.41
N ASP E 249 -14.80 26.88 34.02
CA ASP E 249 -15.21 26.22 35.24
C ASP E 249 -15.12 27.11 36.48
N GLN E 250 -14.57 28.30 36.36
CA GLN E 250 -14.44 29.17 37.53
C GLN E 250 -15.17 30.49 37.31
N GLU E 251 -14.82 31.20 36.23
CA GLU E 251 -15.43 32.50 35.96
C GLU E 251 -16.63 32.33 35.02
N GLY E 252 -16.90 31.10 34.58
CA GLY E 252 -18.02 30.84 33.70
C GLY E 252 -18.02 31.66 32.44
N GLN E 253 -16.85 31.82 31.84
CA GLN E 253 -16.71 32.61 30.61
C GLN E 253 -16.82 31.69 29.40
N ASP E 254 -16.84 32.33 28.22
CA ASP E 254 -16.88 31.65 26.94
C ASP E 254 -15.48 31.86 26.38
N VAL E 255 -14.58 30.92 26.70
CA VAL E 255 -13.18 30.99 26.30
C VAL E 255 -13.01 30.47 24.88
N LEU E 256 -11.93 30.92 24.24
CA LEU E 256 -11.59 30.49 22.88
C LEU E 256 -10.23 29.81 22.99
N LEU E 257 -10.16 28.55 22.58
CA LEU E 257 -8.92 27.79 22.65
C LEU E 257 -8.41 27.55 21.23
N PHE E 258 -7.18 27.97 20.96
CA PHE E 258 -6.59 27.78 19.64
C PHE E 258 -5.54 26.69 19.81
N ILE E 259 -5.52 25.73 18.89
CA ILE E 259 -4.56 24.64 18.92
C ILE E 259 -3.91 24.62 17.55
N ASP E 260 -2.65 25.04 17.49
CA ASP E 260 -1.93 25.08 16.22
C ASP E 260 -0.64 24.26 16.35
N ASN E 261 -0.64 23.07 15.76
CA ASN E 261 -1.83 22.57 15.06
C ASN E 261 -2.24 21.28 15.73
N ILE E 262 -3.36 20.72 15.29
CA ILE E 262 -3.88 19.50 15.89
C ILE E 262 -3.09 18.27 15.39
N PHE E 263 -2.62 18.29 14.15
CA PHE E 263 -1.89 17.16 13.56
C PHE E 263 -0.63 16.85 14.38
N ARG E 264 0.10 17.89 14.78
CA ARG E 264 1.32 17.70 15.54
C ARG E 264 0.99 17.15 16.93
N PHE E 265 -0.25 17.33 17.35
CA PHE E 265 -0.72 16.82 18.63
C PHE E 265 -0.79 15.29 18.51
N THR E 266 -1.36 14.83 17.40
CA THR E 266 -1.50 13.40 17.12
C THR E 266 -0.12 12.77 16.91
N GLN E 267 0.72 13.44 16.11
CA GLN E 267 2.06 12.92 15.80
C GLN E 267 2.83 12.71 17.09
N ALA E 268 2.85 13.71 17.96
CA ALA E 268 3.56 13.61 19.23
C ALA E 268 3.06 12.36 19.94
N GLY E 269 1.76 12.10 19.81
CA GLY E 269 1.16 10.93 20.43
C GLY E 269 1.74 9.63 19.89
N SER E 270 1.71 9.45 18.57
CA SER E 270 2.23 8.23 17.94
C SER E 270 3.67 8.01 18.39
N GLU E 271 4.44 9.09 18.45
CA GLU E 271 5.85 9.05 18.85
C GLU E 271 5.97 8.52 20.27
N VAL E 272 5.28 9.16 21.21
CA VAL E 272 5.32 8.74 22.62
C VAL E 272 4.91 7.26 22.69
N SER E 273 3.83 6.92 22.01
CA SER E 273 3.31 5.57 21.98
C SER E 273 4.41 4.63 21.49
N ALA E 274 5.10 5.04 20.44
CA ALA E 274 6.16 4.23 19.84
C ALA E 274 7.26 3.99 20.87
N LEU E 275 7.68 5.05 21.55
CA LEU E 275 8.77 4.97 22.54
C LEU E 275 8.39 4.02 23.67
N LEU E 276 7.11 4.00 24.05
CA LEU E 276 6.64 3.14 25.13
C LEU E 276 6.62 1.69 24.67
N GLY E 277 6.84 1.47 23.38
CA GLY E 277 6.85 0.12 22.84
C GLY E 277 5.49 -0.43 22.46
N ARG E 278 4.54 0.45 22.20
CA ARG E 278 3.20 0.02 21.81
C ARG E 278 3.25 -0.26 20.30
N ILE E 279 2.56 -1.32 19.90
CA ILE E 279 2.52 -1.73 18.49
C ILE E 279 1.71 -0.72 17.69
N PRO E 280 2.30 -0.14 16.64
CA PRO E 280 1.62 0.85 15.79
C PRO E 280 0.47 0.25 14.98
N SER E 281 -0.61 1.01 14.84
CA SER E 281 -1.76 0.53 14.08
C SER E 281 -1.61 0.97 12.62
N ALA E 282 -2.73 1.22 11.95
CA ALA E 282 -2.76 1.60 10.54
C ALA E 282 -1.93 2.86 10.32
N VAL E 283 -1.11 2.83 9.27
CA VAL E 283 -0.24 3.95 8.86
C VAL E 283 0.70 4.36 10.00
N GLY E 284 0.88 3.49 10.99
CA GLY E 284 1.79 3.81 12.07
C GLY E 284 1.28 4.70 13.20
N TYR E 285 -0.01 4.98 13.23
CA TYR E 285 -0.56 5.82 14.30
C TYR E 285 -0.73 4.96 15.54
N GLN E 286 -0.67 5.60 16.71
CA GLN E 286 -0.82 4.90 17.99
C GLN E 286 -2.19 4.27 18.05
N PRO E 287 -2.31 3.12 18.72
CA PRO E 287 -3.58 2.40 18.87
C PRO E 287 -4.58 3.28 19.62
N THR E 288 -4.09 3.99 20.62
CA THR E 288 -4.91 4.87 21.43
C THR E 288 -5.20 6.17 20.69
N LEU E 289 -5.21 6.13 19.36
CA LEU E 289 -5.46 7.32 18.56
C LEU E 289 -6.87 7.83 18.88
N ALA E 290 -7.81 6.91 18.99
CA ALA E 290 -9.21 7.24 19.25
C ALA E 290 -9.36 7.89 20.63
N THR E 291 -8.77 7.27 21.65
CA THR E 291 -8.88 7.76 23.03
C THR E 291 -8.09 9.06 23.21
N ASP E 292 -6.81 9.04 22.84
CA ASP E 292 -5.92 10.21 22.99
C ASP E 292 -6.62 11.45 22.44
N MET E 293 -7.23 11.31 21.27
CA MET E 293 -7.91 12.42 20.63
C MET E 293 -9.20 12.71 21.39
N GLY E 294 -9.98 11.67 21.65
CA GLY E 294 -11.26 11.83 22.33
C GLY E 294 -11.21 12.56 23.66
N THR E 295 -10.42 12.03 24.59
CA THR E 295 -10.29 12.58 25.94
C THR E 295 -9.99 14.08 25.89
N MET E 296 -9.09 14.48 24.99
CA MET E 296 -8.69 15.88 24.88
C MET E 296 -9.85 16.72 24.31
N GLN E 297 -10.47 16.24 23.23
CA GLN E 297 -11.56 16.97 22.58
C GLN E 297 -12.79 17.05 23.50
N GLU E 298 -13.05 16.00 24.27
CA GLU E 298 -14.24 15.94 25.15
C GLU E 298 -14.21 17.02 26.23
N ARG E 299 -13.05 17.55 26.56
CA ARG E 299 -12.95 18.59 27.59
C ARG E 299 -13.45 19.90 26.99
N ILE E 300 -13.36 20.02 25.67
CA ILE E 300 -13.80 21.21 24.95
C ILE E 300 -15.31 21.06 24.70
N THR E 301 -16.11 21.59 25.62
CA THR E 301 -17.56 21.50 25.48
C THR E 301 -18.21 22.70 26.17
N THR E 302 -19.55 22.73 26.11
CA THR E 302 -20.32 23.78 26.72
C THR E 302 -20.96 23.16 27.97
N THR E 303 -20.77 23.81 29.11
CA THR E 303 -21.33 23.31 30.36
C THR E 303 -22.35 24.34 30.82
N LYS E 304 -22.97 24.09 31.97
CA LYS E 304 -23.97 25.00 32.52
C LYS E 304 -23.24 26.08 33.33
N LYS E 305 -22.12 26.55 32.80
CA LYS E 305 -21.30 27.56 33.45
C LYS E 305 -20.76 28.47 32.35
N GLY E 306 -19.97 27.88 31.45
CA GLY E 306 -19.40 28.62 30.36
C GLY E 306 -19.24 27.71 29.16
N SER E 307 -18.28 28.02 28.29
CA SER E 307 -18.04 27.21 27.11
C SER E 307 -16.62 27.44 26.65
N ILE E 308 -16.13 26.51 25.83
CA ILE E 308 -14.79 26.60 25.27
C ILE E 308 -14.91 26.16 23.81
N THR E 309 -14.74 27.11 22.89
CA THR E 309 -14.80 26.82 21.47
C THR E 309 -13.34 26.73 21.04
N SER E 310 -12.98 25.71 20.27
CA SER E 310 -11.60 25.55 19.87
C SER E 310 -11.43 25.65 18.36
N VAL E 311 -10.57 26.58 17.95
CA VAL E 311 -10.25 26.78 16.55
C VAL E 311 -8.92 26.05 16.38
N GLN E 312 -8.98 24.86 15.81
CA GLN E 312 -7.79 24.04 15.63
C GLN E 312 -7.35 24.09 14.17
N ALA E 313 -6.07 24.37 13.95
CA ALA E 313 -5.52 24.41 12.61
C ALA E 313 -5.36 22.95 12.20
N ILE E 314 -5.75 22.62 10.98
CA ILE E 314 -5.66 21.24 10.53
C ILE E 314 -4.69 21.09 9.36
N TYN E 315 -3.91 20.02 9.42
CA TYN E 315 -2.94 19.63 8.40
CB TYN E 315 -1.51 19.61 8.96
CG TYN E 315 -0.47 19.18 7.95
CD1 TYN E 315 -0.57 19.55 6.59
CE1 TYN E 315 0.40 19.13 5.66
CD2 TYN E 315 0.61 18.39 8.34
CE2 TYN E 315 1.58 17.97 7.42
CZ TYN E 315 1.47 18.34 6.08
OC TYN E 315 2.45 17.90 5.19
C TYN E 315 -3.33 18.23 7.94
O TYN E 315 -3.21 17.26 8.69
O1 TYN E 315 4.10 20.12 1.83
N1 TYN E 315 3.33 19.55 0.84
N2 TYN E 315 3.82 19.62 3.09
N3 TYN E 315 1.17 17.70 -0.36
C1 TYN E 315 2.54 18.70 1.49
C2 TYN E 315 1.53 17.78 1.05
C3 TYN E 315 0.90 17.02 1.97
C4 TYN E 315 1.23 17.08 3.36
C5 TYN E 315 2.19 17.92 3.82
C6 TYN E 315 2.88 18.73 2.88
N VAL E 316 -3.80 18.14 6.69
CA VAL E 316 -4.23 16.87 6.11
C VAL E 316 -3.01 16.24 5.42
N PRO E 317 -2.40 15.24 6.07
CA PRO E 317 -1.23 14.54 5.53
C PRO E 317 -1.46 13.88 4.18
N ALA E 318 -0.55 14.13 3.25
CA ALA E 318 -0.60 13.59 1.90
C ALA E 318 -1.92 13.97 1.24
N ASP E 319 -2.56 15.04 1.74
CA ASP E 319 -3.84 15.51 1.21
C ASP E 319 -4.83 14.34 1.19
N ASP E 320 -4.69 13.46 2.18
CA ASP E 320 -5.55 12.30 2.29
C ASP E 320 -6.48 12.51 3.47
N LEU E 321 -7.76 12.75 3.19
CA LEU E 321 -8.74 13.00 4.25
C LEU E 321 -9.15 11.67 4.90
N THR E 322 -8.94 10.55 4.21
CA THR E 322 -9.30 9.24 4.75
C THR E 322 -8.20 8.72 5.67
N ASP E 323 -7.07 9.42 5.70
CA ASP E 323 -5.94 9.03 6.55
C ASP E 323 -6.44 9.13 7.99
N PRO E 324 -6.05 8.18 8.85
CA PRO E 324 -6.48 8.17 10.26
C PRO E 324 -6.44 9.50 11.01
N ALA E 325 -5.33 10.23 10.95
CA ALA E 325 -5.20 11.50 11.67
C ALA E 325 -6.38 12.43 11.31
N PRO E 326 -6.48 12.91 10.06
CA PRO E 326 -7.61 13.80 9.77
C PRO E 326 -8.97 13.14 9.93
N ALA E 327 -9.06 11.85 9.63
CA ALA E 327 -10.30 11.09 9.73
C ALA E 327 -10.83 11.17 11.17
N THR E 328 -9.92 11.08 12.13
CA THR E 328 -10.29 11.12 13.54
C THR E 328 -10.69 12.56 13.92
N THR E 329 -9.88 13.53 13.53
CA THR E 329 -10.14 14.94 13.88
C THR E 329 -11.51 15.38 13.39
N PHE E 330 -11.84 15.06 12.14
CA PHE E 330 -13.13 15.45 11.55
C PHE E 330 -14.29 14.94 12.41
N ALA E 331 -14.07 13.84 13.12
CA ALA E 331 -15.12 13.25 13.96
C ALA E 331 -15.42 14.13 15.17
N HIS E 332 -14.67 15.22 15.36
CA HIS E 332 -14.90 16.10 16.51
C HIS E 332 -15.09 17.55 16.06
N LEU E 333 -15.09 17.78 14.75
CA LEU E 333 -15.25 19.14 14.22
C LEU E 333 -16.75 19.47 14.11
N ASP E 334 -17.06 20.75 14.15
CA ASP E 334 -18.44 21.22 14.04
C ASP E 334 -18.54 22.18 12.86
N ALA E 335 -17.44 22.82 12.51
CA ALA E 335 -17.42 23.76 11.39
C ALA E 335 -16.01 23.77 10.80
N THR E 336 -15.83 24.47 9.68
CA THR E 336 -14.54 24.56 9.00
C THR E 336 -14.42 25.97 8.41
N THR E 337 -13.19 26.44 8.29
CA THR E 337 -12.91 27.75 7.73
C THR E 337 -11.71 27.54 6.80
N VAL E 338 -11.98 27.43 5.51
CA VAL E 338 -10.92 27.19 4.53
C VAL E 338 -10.38 28.50 3.98
N LEU E 339 -9.20 28.89 4.44
CA LEU E 339 -8.55 30.11 3.98
C LEU E 339 -7.91 29.76 2.64
N SER E 340 -8.48 30.31 1.57
CA SER E 340 -7.99 30.04 0.22
C SER E 340 -7.18 31.25 -0.26
N ARG E 341 -6.00 30.97 -0.79
CA ARG E 341 -5.09 32.00 -1.28
C ARG E 341 -5.73 32.69 -2.49
N ALA E 342 -6.40 31.91 -3.34
CA ALA E 342 -7.05 32.44 -4.54
C ALA E 342 -8.01 33.56 -4.14
N ILE E 343 -8.77 33.33 -3.08
CA ILE E 343 -9.74 34.32 -2.59
C ILE E 343 -8.97 35.55 -2.10
N ALA E 344 -7.84 35.31 -1.43
CA ALA E 344 -7.02 36.39 -0.89
C ALA E 344 -6.46 37.22 -2.05
N GLU E 345 -6.11 36.56 -3.15
CA GLU E 345 -5.55 37.23 -4.32
C GLU E 345 -6.60 38.15 -4.93
N LEU E 346 -7.87 37.75 -4.85
CA LEU E 346 -8.97 38.56 -5.39
C LEU E 346 -9.18 39.77 -4.46
N GLY E 347 -8.41 39.84 -3.39
CA GLY E 347 -8.51 40.94 -2.46
C GLY E 347 -9.60 40.76 -1.40
N ILE E 348 -10.26 39.62 -1.42
CA ILE E 348 -11.32 39.36 -0.45
C ILE E 348 -10.66 38.93 0.86
N TYR E 349 -10.67 39.83 1.84
CA TYR E 349 -10.09 39.56 3.15
C TYR E 349 -11.18 39.77 4.20
N PRO E 350 -11.38 38.80 5.11
CA PRO E 350 -10.64 37.54 5.21
C PRO E 350 -10.84 36.60 4.02
N ALA E 351 -9.80 35.84 3.69
CA ALA E 351 -9.83 34.92 2.56
C ALA E 351 -10.55 33.63 2.97
N VAL E 352 -11.82 33.76 3.33
CA VAL E 352 -12.60 32.60 3.75
C VAL E 352 -13.41 32.15 2.54
N ASP E 353 -13.12 30.94 2.04
CA ASP E 353 -13.80 30.38 0.88
C ASP E 353 -15.26 30.12 1.28
N PRO E 354 -16.20 30.90 0.73
CA PRO E 354 -17.63 30.79 1.01
C PRO E 354 -18.34 29.53 0.47
N LEU E 355 -17.58 28.54 0.00
CA LEU E 355 -18.19 27.33 -0.54
C LEU E 355 -17.63 26.08 0.15
N ASP E 356 -16.45 26.21 0.76
CA ASP E 356 -15.83 25.08 1.45
C ASP E 356 -16.16 25.17 2.93
N SER E 357 -16.06 26.38 3.48
CA SER E 357 -16.34 26.61 4.89
C SER E 357 -17.78 26.22 5.14
N THR E 358 -17.98 25.23 6.00
CA THR E 358 -19.30 24.72 6.32
C THR E 358 -19.44 24.60 7.83
N SER E 359 -20.67 24.43 8.29
CA SER E 359 -20.97 24.29 9.71
C SER E 359 -22.15 23.34 9.85
N ARG E 360 -22.11 22.52 10.89
CA ARG E 360 -23.16 21.56 11.14
C ARG E 360 -24.37 22.26 11.75
N ILE E 361 -24.11 23.23 12.62
CA ILE E 361 -25.19 23.96 13.28
C ILE E 361 -25.94 24.84 12.28
N MET E 362 -25.51 24.85 11.02
CA MET E 362 -26.19 25.65 10.01
C MET E 362 -27.42 24.86 9.57
N ASP E 363 -28.32 24.63 10.52
CA ASP E 363 -29.55 23.89 10.33
C ASP E 363 -30.65 24.80 10.84
N PRO E 364 -31.80 24.84 10.15
CA PRO E 364 -32.92 25.70 10.57
C PRO E 364 -33.37 25.53 12.03
N ASN E 365 -33.27 24.31 12.55
CA ASN E 365 -33.69 24.04 13.93
C ASN E 365 -32.59 24.50 14.90
N ILE E 366 -31.62 25.27 14.41
CA ILE E 366 -30.51 25.73 15.28
C ILE E 366 -30.25 27.22 15.01
N VAL E 367 -29.79 27.56 13.81
CA VAL E 367 -29.48 28.95 13.47
C VAL E 367 -30.73 29.69 13.01
N GLY E 368 -31.87 29.01 13.00
CA GLY E 368 -33.09 29.66 12.58
C GLY E 368 -33.35 29.52 11.09
N SER E 369 -34.63 29.62 10.72
CA SER E 369 -35.06 29.49 9.34
C SER E 369 -34.48 30.64 8.49
N GLU E 370 -34.77 31.88 8.89
CA GLU E 370 -34.30 33.07 8.15
C GLU E 370 -32.80 32.96 7.87
N HIS E 371 -32.01 32.80 8.92
CA HIS E 371 -30.54 32.70 8.80
C HIS E 371 -30.19 31.58 7.82
N TYR E 372 -30.83 30.44 7.95
CA TYR E 372 -30.55 29.28 7.09
C TYR E 372 -30.79 29.64 5.63
N ASP E 373 -31.99 30.09 5.31
CA ASP E 373 -32.36 30.43 3.94
C ASP E 373 -31.48 31.54 3.38
N VAL E 374 -31.15 32.54 4.19
CA VAL E 374 -30.31 33.65 3.71
C VAL E 374 -28.93 33.10 3.37
N ALA E 375 -28.37 32.29 4.29
CA ALA E 375 -27.05 31.70 4.10
C ALA E 375 -27.08 30.86 2.83
N ARG E 376 -28.14 30.07 2.68
CA ARG E 376 -28.29 29.19 1.52
C ARG E 376 -28.28 30.05 0.25
N GLY E 377 -29.10 31.09 0.24
CA GLY E 377 -29.17 31.96 -0.91
C GLY E 377 -27.81 32.49 -1.34
N VAL E 378 -27.00 32.87 -0.36
CA VAL E 378 -25.68 33.41 -0.61
C VAL E 378 -24.82 32.33 -1.28
N GLN E 379 -24.82 31.13 -0.71
CA GLN E 379 -24.02 30.02 -1.24
C GLN E 379 -24.48 29.68 -2.67
N LYS E 380 -25.79 29.68 -2.88
CA LYS E 380 -26.37 29.31 -4.18
C LYS E 380 -26.04 30.36 -5.24
N ILE E 381 -26.29 31.63 -4.95
CA ILE E 381 -26.03 32.70 -5.92
C ILE E 381 -24.57 32.65 -6.35
N LEU E 382 -23.67 32.38 -5.41
CA LEU E 382 -22.24 32.32 -5.69
C LEU E 382 -21.94 31.13 -6.61
N GLN E 383 -22.60 30.00 -6.35
CA GLN E 383 -22.39 28.80 -7.15
C GLN E 383 -22.88 29.05 -8.58
N ASP E 384 -24.06 29.64 -8.72
CA ASP E 384 -24.65 29.93 -10.03
C ASP E 384 -23.67 30.82 -10.82
N TYR E 385 -23.20 31.87 -10.18
CA TYR E 385 -22.27 32.82 -10.79
C TYR E 385 -21.03 32.06 -11.25
N LYS E 386 -20.57 31.12 -10.43
CA LYS E 386 -19.38 30.33 -10.73
C LYS E 386 -19.61 29.56 -12.03
N SER E 387 -20.81 28.99 -12.19
CA SER E 387 -21.14 28.24 -13.39
C SER E 387 -21.02 29.16 -14.61
N LEU E 388 -21.44 30.41 -14.45
CA LEU E 388 -21.41 31.38 -15.54
C LEU E 388 -19.99 31.86 -15.82
N GLN E 389 -19.10 31.75 -14.84
CA GLN E 389 -17.70 32.19 -14.98
C GLN E 389 -17.12 31.74 -16.33
N ASP E 390 -17.43 30.50 -16.71
CA ASP E 390 -16.94 29.92 -17.96
C ASP E 390 -17.56 30.64 -19.16
N ILE E 391 -18.88 30.67 -19.23
CA ILE E 391 -19.61 31.29 -20.35
C ILE E 391 -19.18 32.74 -20.55
N ILE E 392 -18.84 33.43 -19.45
CA ILE E 392 -18.43 34.83 -19.50
C ILE E 392 -17.37 35.06 -20.58
N ALA E 393 -16.20 34.43 -20.41
CA ALA E 393 -15.11 34.60 -21.36
C ALA E 393 -15.15 33.50 -22.42
N ILE E 394 -16.31 33.27 -23.01
CA ILE E 394 -16.47 32.24 -24.04
C ILE E 394 -17.50 32.71 -25.06
N LEU E 395 -18.74 32.91 -24.61
CA LEU E 395 -19.81 33.34 -25.49
C LEU E 395 -19.93 34.86 -25.43
N GLY E 396 -19.65 35.43 -24.25
CA GLY E 396 -19.73 36.87 -24.10
C GLY E 396 -20.73 37.28 -23.05
N MET E 397 -20.28 38.07 -22.07
CA MET E 397 -21.13 38.54 -20.98
C MET E 397 -22.09 39.57 -21.55
N ASP E 398 -23.19 39.08 -22.12
CA ASP E 398 -24.24 39.90 -22.71
C ASP E 398 -25.32 38.95 -23.23
N GLU E 399 -24.90 37.76 -23.65
CA GLU E 399 -25.80 36.73 -24.15
C GLU E 399 -26.62 36.21 -22.97
N LEU E 400 -26.09 36.39 -21.76
CA LEU E 400 -26.74 35.96 -20.54
C LEU E 400 -28.07 36.70 -20.41
N SER E 401 -29.10 35.98 -19.97
CA SER E 401 -30.43 36.55 -19.81
C SER E 401 -30.38 37.54 -18.64
N GLU E 402 -31.42 38.35 -18.55
CA GLU E 402 -31.55 39.37 -17.49
C GLU E 402 -31.22 38.76 -16.14
N GLU E 403 -31.89 37.67 -15.79
CA GLU E 403 -31.69 36.98 -14.52
C GLU E 403 -30.21 36.63 -14.35
N ASP E 404 -29.59 36.14 -15.40
CA ASP E 404 -28.18 35.74 -15.34
C ASP E 404 -27.31 36.97 -15.11
N LYS E 405 -27.65 38.08 -15.76
CA LYS E 405 -26.87 39.30 -15.61
C LYS E 405 -27.09 39.85 -14.20
N LEU E 406 -28.25 39.58 -13.63
CA LEU E 406 -28.59 40.04 -12.29
C LEU E 406 -27.84 39.19 -11.27
N THR E 407 -27.76 37.88 -11.51
CA THR E 407 -27.07 36.98 -10.60
C THR E 407 -25.59 37.33 -10.57
N VAL E 408 -25.05 37.69 -11.74
CA VAL E 408 -23.64 38.05 -11.85
C VAL E 408 -23.34 39.24 -10.95
N SER E 409 -24.06 40.34 -11.17
CA SER E 409 -23.86 41.57 -10.40
C SER E 409 -24.07 41.30 -8.91
N ARG E 410 -25.21 40.74 -8.55
CA ARG E 410 -25.56 40.45 -7.16
C ARG E 410 -24.48 39.58 -6.51
N ALA E 411 -24.10 38.50 -7.17
CA ALA E 411 -23.10 37.56 -6.65
C ALA E 411 -21.78 38.31 -6.41
N ARG E 412 -21.42 39.20 -7.31
CA ARG E 412 -20.19 39.97 -7.18
C ARG E 412 -20.32 40.94 -6.00
N LYS E 413 -21.51 41.51 -5.83
CA LYS E 413 -21.77 42.45 -4.75
C LYS E 413 -21.64 41.70 -3.41
N ILE E 414 -22.26 40.52 -3.34
CA ILE E 414 -22.23 39.69 -2.14
C ILE E 414 -20.79 39.26 -1.87
N GLN E 415 -20.13 38.77 -2.91
CA GLN E 415 -18.75 38.31 -2.84
C GLN E 415 -17.89 39.38 -2.19
N ARG E 416 -18.12 40.64 -2.58
CA ARG E 416 -17.37 41.76 -2.05
C ARG E 416 -17.85 42.06 -0.63
N PHE E 417 -19.16 41.95 -0.39
CA PHE E 417 -19.75 42.24 0.92
C PHE E 417 -19.30 41.18 1.94
N LEU E 418 -18.54 40.19 1.49
CA LEU E 418 -18.04 39.15 2.38
C LEU E 418 -16.76 39.64 3.06
N SER E 419 -16.06 40.59 2.43
CA SER E 419 -14.83 41.13 3.01
C SER E 419 -15.22 42.06 4.15
N GLN E 420 -14.43 42.06 5.21
CA GLN E 420 -14.72 42.89 6.38
C GLN E 420 -13.39 43.35 6.98
N PRO E 421 -13.25 44.66 7.25
CA PRO E 421 -12.03 45.21 7.82
C PRO E 421 -11.82 44.75 9.27
N PHE E 422 -10.71 44.09 9.54
CA PHE E 422 -10.41 43.60 10.88
C PHE E 422 -9.72 44.69 11.69
N GLN E 423 -10.00 44.74 12.99
CA GLN E 423 -9.41 45.74 13.89
C GLN E 423 -7.90 45.55 13.96
N VAL E 424 -7.43 44.33 13.72
CA VAL E 424 -6.00 44.04 13.75
C VAL E 424 -5.32 44.80 12.61
N ALA E 425 -6.05 45.03 11.53
CA ALA E 425 -5.49 45.72 10.37
C ALA E 425 -5.53 47.25 10.57
N GLU E 426 -6.08 47.71 11.70
CA GLU E 426 -6.17 49.14 11.97
C GLU E 426 -4.76 49.72 12.06
N VAL E 427 -3.89 49.06 12.82
CA VAL E 427 -2.52 49.53 13.02
C VAL E 427 -1.65 49.18 11.81
N PHE E 428 -2.25 49.11 10.62
CA PHE E 428 -1.50 48.78 9.41
C PHE E 428 -2.14 49.46 8.21
N THR E 429 -3.31 48.98 7.80
CA THR E 429 -4.01 49.53 6.62
C THR E 429 -4.65 50.87 6.94
N GLY E 430 -4.64 51.26 8.22
CA GLY E 430 -5.25 52.53 8.61
C GLY E 430 -6.73 52.58 8.32
N HIS E 431 -7.45 51.52 8.69
CA HIS E 431 -8.90 51.45 8.48
C HIS E 431 -9.51 50.94 9.77
N LEU E 432 -10.65 51.52 10.14
CA LEU E 432 -11.35 51.15 11.36
C LEU E 432 -11.94 49.75 11.19
N GLY E 433 -11.68 48.89 12.17
CA GLY E 433 -12.18 47.52 12.12
C GLY E 433 -13.66 47.51 12.48
N LYS E 434 -14.40 46.56 11.94
CA LYS E 434 -15.83 46.47 12.20
C LYS E 434 -16.17 45.15 12.88
N LEU E 435 -17.24 45.18 13.68
CA LEU E 435 -17.76 44.03 14.41
C LEU E 435 -19.23 43.96 14.01
N VAL E 436 -19.51 43.33 12.88
CA VAL E 436 -20.88 43.24 12.37
C VAL E 436 -21.64 42.18 13.14
N PRO E 437 -22.72 42.58 13.84
CA PRO E 437 -23.54 41.64 14.60
C PRO E 437 -24.28 40.71 13.64
N LEU E 438 -24.58 39.50 14.11
CA LEU E 438 -25.26 38.47 13.30
C LEU E 438 -26.51 39.03 12.62
N LYS E 439 -27.30 39.79 13.37
CA LYS E 439 -28.55 40.36 12.84
C LYS E 439 -28.29 41.18 11.57
N GLU E 440 -27.37 42.13 11.64
CA GLU E 440 -27.06 42.99 10.50
C GLU E 440 -26.42 42.18 9.37
N THR E 441 -25.70 41.13 9.72
CA THR E 441 -25.05 40.29 8.71
C THR E 441 -26.15 39.63 7.86
N ILE E 442 -27.16 39.06 8.53
CA ILE E 442 -28.25 38.39 7.85
C ILE E 442 -29.01 39.41 7.01
N LYS E 443 -29.51 40.46 7.65
CA LYS E 443 -30.28 41.52 6.99
C LYS E 443 -29.53 42.05 5.78
N GLY E 444 -28.23 42.31 5.95
CA GLY E 444 -27.42 42.84 4.86
C GLY E 444 -27.47 42.05 3.57
N PHE E 445 -27.02 40.80 3.61
CA PHE E 445 -27.00 39.94 2.43
C PHE E 445 -28.44 39.68 1.98
N GLN E 446 -29.36 39.64 2.95
CA GLN E 446 -30.77 39.39 2.68
C GLN E 446 -31.28 40.46 1.71
N GLN E 447 -30.87 41.70 1.93
CA GLN E 447 -31.29 42.81 1.08
C GLN E 447 -30.63 42.72 -0.29
N ILE E 448 -29.36 42.33 -0.32
CA ILE E 448 -28.61 42.21 -1.58
C ILE E 448 -29.33 41.20 -2.47
N LEU E 449 -29.70 40.06 -1.90
CA LEU E 449 -30.38 39.00 -2.63
C LEU E 449 -31.72 39.54 -3.13
N ALA E 450 -32.38 40.35 -2.30
CA ALA E 450 -33.67 40.94 -2.67
C ALA E 450 -33.45 41.92 -3.83
N GLY E 451 -32.21 42.38 -3.98
CA GLY E 451 -31.88 43.30 -5.05
C GLY E 451 -32.24 44.73 -4.70
N GLU E 452 -32.46 44.99 -3.42
CA GLU E 452 -32.83 46.32 -2.94
C GLU E 452 -31.72 47.32 -3.25
N TYR E 453 -30.50 46.85 -3.47
CA TYR E 453 -29.40 47.74 -3.74
C TYR E 453 -28.92 47.63 -5.18
N ASP E 454 -29.74 47.04 -6.05
CA ASP E 454 -29.38 46.91 -7.46
C ASP E 454 -29.47 48.31 -8.07
N HIS E 455 -28.42 49.10 -7.87
CA HIS E 455 -28.31 50.48 -8.37
C HIS E 455 -27.07 51.13 -7.76
N LEU E 456 -26.37 50.39 -6.91
CA LEU E 456 -25.16 50.90 -6.27
C LEU E 456 -23.96 50.17 -6.87
N PRO E 457 -22.79 50.85 -6.92
CA PRO E 457 -21.58 50.25 -7.46
C PRO E 457 -21.08 49.11 -6.57
N GLU E 458 -20.52 48.08 -7.20
CA GLU E 458 -20.02 46.90 -6.49
C GLU E 458 -18.96 47.29 -5.46
N GLN E 459 -18.11 48.26 -5.80
CA GLN E 459 -17.03 48.70 -4.91
C GLN E 459 -17.61 49.18 -3.57
N ALA E 460 -18.85 49.66 -3.58
CA ALA E 460 -19.48 50.14 -2.36
C ALA E 460 -19.58 49.02 -1.32
N PHE E 461 -19.74 47.79 -1.79
CA PHE E 461 -19.88 46.64 -0.89
C PHE E 461 -18.51 46.01 -0.62
N TYR E 462 -17.43 46.77 -0.73
CA TYR E 462 -16.11 46.21 -0.51
C TYR E 462 -15.52 46.79 0.77
N MET E 463 -15.01 45.90 1.62
CA MET E 463 -14.39 46.25 2.90
C MET E 463 -15.28 47.22 3.68
N VAL E 464 -16.47 46.77 4.01
CA VAL E 464 -17.44 47.57 4.76
C VAL E 464 -18.00 46.68 5.86
N GLY E 465 -18.72 47.29 6.79
CA GLY E 465 -19.31 46.53 7.87
C GLY E 465 -20.79 46.38 7.57
N PRO E 466 -21.67 47.04 8.33
CA PRO E 466 -23.11 46.95 8.09
C PRO E 466 -23.43 47.47 6.69
N ILE E 467 -24.48 46.94 6.09
CA ILE E 467 -24.88 47.34 4.73
C ILE E 467 -25.04 48.86 4.64
N GLU E 468 -25.47 49.50 5.73
CA GLU E 468 -25.67 50.95 5.77
C GLU E 468 -24.38 51.66 5.37
N GLU E 469 -23.24 51.19 5.87
CA GLU E 469 -21.95 51.79 5.58
C GLU E 469 -21.67 51.68 4.08
N ALA E 470 -22.04 50.56 3.48
CA ALA E 470 -21.82 50.32 2.05
C ALA E 470 -22.61 51.36 1.26
N VAL E 471 -23.82 51.66 1.72
CA VAL E 471 -24.70 52.63 1.06
C VAL E 471 -24.01 54.00 1.08
N ALA E 472 -23.56 54.40 2.26
CA ALA E 472 -22.89 55.69 2.44
C ALA E 472 -21.67 55.75 1.52
N LYS E 473 -20.91 54.66 1.48
CA LYS E 473 -19.70 54.58 0.64
C LYS E 473 -20.09 54.76 -0.81
N ALA E 474 -21.22 54.19 -1.21
CA ALA E 474 -21.71 54.30 -2.59
C ALA E 474 -21.91 55.77 -2.92
N ASP E 475 -22.49 56.52 -1.98
CA ASP E 475 -22.74 57.94 -2.18
C ASP E 475 -21.41 58.66 -2.35
N LYS E 476 -20.40 58.25 -1.58
CA LYS E 476 -19.08 58.86 -1.64
C LYS E 476 -18.45 58.57 -3.01
N LEU E 477 -18.75 57.40 -3.56
CA LEU E 477 -18.22 57.00 -4.86
C LEU E 477 -18.95 57.78 -5.95
N ALA E 478 -20.17 58.20 -5.65
CA ALA E 478 -21.00 58.96 -6.58
C ALA E 478 -21.27 58.10 -7.82
N THR F 13 -4.87 -39.31 32.84
CA THR F 13 -5.86 -39.44 33.94
C THR F 13 -6.72 -38.18 33.96
N THR F 14 -7.18 -37.79 35.14
CA THR F 14 -8.00 -36.59 35.28
C THR F 14 -7.05 -35.39 35.22
N GLY F 15 -7.05 -34.71 34.07
CA GLY F 15 -6.21 -33.54 33.90
C GLY F 15 -6.88 -32.32 34.52
N ARG F 16 -6.15 -31.22 34.60
CA ARG F 16 -6.68 -29.99 35.18
C ARG F 16 -6.28 -28.82 34.30
N ILE F 17 -7.19 -27.88 34.14
CA ILE F 17 -6.97 -26.68 33.33
C ILE F 17 -5.92 -25.83 34.05
N VAL F 18 -4.82 -25.54 33.37
CA VAL F 18 -3.76 -24.73 33.97
C VAL F 18 -3.80 -23.31 33.40
N ALA F 19 -4.47 -23.12 32.27
CA ALA F 19 -4.55 -21.79 31.66
C ALA F 19 -5.73 -21.72 30.70
N VAL F 20 -6.41 -20.58 30.70
CA VAL F 20 -7.57 -20.36 29.84
C VAL F 20 -7.37 -19.01 29.15
N ILE F 21 -7.14 -19.04 27.85
CA ILE F 21 -6.95 -17.82 27.07
C ILE F 21 -7.88 -17.92 25.87
N GLY F 22 -9.07 -17.35 26.00
CA GLY F 22 -10.02 -17.40 24.90
C GLY F 22 -10.45 -18.83 24.59
N ALA F 23 -10.28 -19.25 23.35
CA ALA F 23 -10.68 -20.60 22.94
C ALA F 23 -9.56 -21.59 23.26
N VAL F 24 -8.36 -21.12 23.53
CA VAL F 24 -7.25 -22.02 23.83
C VAL F 24 -7.22 -22.28 25.33
N VAL F 25 -7.18 -23.56 25.71
CA VAL F 25 -7.14 -23.94 27.10
C VAL F 25 -6.01 -24.95 27.27
N ASP F 26 -5.08 -24.67 28.17
CA ASP F 26 -3.96 -25.56 28.42
C ASP F 26 -4.35 -26.46 29.60
N VAL F 27 -4.21 -27.76 29.40
CA VAL F 27 -4.56 -28.73 30.44
C VAL F 27 -3.31 -29.55 30.76
N GLN F 28 -3.09 -29.80 32.04
CA GLN F 28 -1.95 -30.58 32.49
C GLN F 28 -2.47 -31.93 32.98
N PHE F 29 -1.85 -33.00 32.53
CA PHE F 29 -2.24 -34.35 32.92
C PHE F 29 -1.07 -34.96 33.69
N ASP F 30 -1.32 -35.38 34.92
CA ASP F 30 -0.28 -35.96 35.77
C ASP F 30 0.20 -37.28 35.14
N GLU F 31 -0.71 -38.22 34.95
CA GLU F 31 -0.37 -39.51 34.37
C GLU F 31 -1.23 -39.72 33.14
N GLY F 32 -0.61 -40.18 32.05
CA GLY F 32 -1.35 -40.41 30.83
C GLY F 32 -1.67 -39.11 30.11
N LEU F 33 -0.84 -38.77 29.14
CA LEU F 33 -1.00 -37.54 28.37
C LEU F 33 -1.74 -37.90 27.08
N PRO F 34 -2.84 -37.20 26.77
CA PRO F 34 -3.65 -37.44 25.58
C PRO F 34 -2.97 -37.00 24.28
N PRO F 35 -3.06 -37.84 23.23
CA PRO F 35 -2.45 -37.56 21.93
C PRO F 35 -3.14 -36.37 21.26
N ILE F 36 -2.55 -35.86 20.19
CA ILE F 36 -3.11 -34.72 19.46
C ILE F 36 -4.37 -35.21 18.74
N LEU F 37 -5.35 -34.31 18.64
CA LEU F 37 -6.64 -34.56 17.98
C LEU F 37 -7.61 -35.28 18.92
N ASN F 38 -7.16 -35.62 20.13
CA ASN F 38 -8.05 -36.30 21.07
C ASN F 38 -9.00 -35.29 21.68
N ALA F 39 -10.25 -35.71 21.87
CA ALA F 39 -11.28 -34.85 22.44
C ALA F 39 -11.26 -35.04 23.95
N LEU F 40 -11.32 -33.93 24.67
CA LEU F 40 -11.31 -33.97 26.12
C LEU F 40 -12.67 -33.48 26.56
N GLU F 41 -13.11 -33.92 27.73
CA GLU F 41 -14.39 -33.54 28.28
C GLU F 41 -14.12 -32.81 29.60
N VAL F 42 -14.48 -31.54 29.66
CA VAL F 42 -14.30 -30.74 30.86
C VAL F 42 -15.42 -31.12 31.82
N GLN F 43 -15.06 -31.44 33.06
CA GLN F 43 -16.05 -31.84 34.05
C GLN F 43 -16.58 -30.61 34.78
N GLY F 44 -17.75 -30.76 35.38
CA GLY F 44 -18.36 -29.68 36.12
C GLY F 44 -19.01 -28.61 35.26
N ARG F 45 -19.53 -29.00 34.10
CA ARG F 45 -20.18 -28.05 33.20
C ARG F 45 -21.43 -28.72 32.67
N GLU F 46 -22.54 -27.97 32.63
CA GLU F 46 -23.81 -28.49 32.12
C GLU F 46 -23.65 -28.59 30.61
N THR F 47 -22.98 -27.61 30.03
CA THR F 47 -22.73 -27.60 28.60
C THR F 47 -21.53 -28.51 28.35
N ARG F 48 -21.77 -29.61 27.65
CA ARG F 48 -20.71 -30.57 27.33
C ARG F 48 -19.61 -29.83 26.55
N LEU F 49 -18.60 -29.36 27.25
CA LEU F 49 -17.50 -28.64 26.61
C LEU F 49 -16.41 -29.65 26.25
N VAL F 50 -16.11 -29.72 24.96
CA VAL F 50 -15.08 -30.61 24.47
C VAL F 50 -13.85 -29.75 24.16
N LEU F 51 -12.68 -30.31 24.41
CA LEU F 51 -11.41 -29.62 24.14
C LEU F 51 -10.61 -30.55 23.23
N GLU F 52 -10.26 -30.04 22.05
CA GLU F 52 -9.49 -30.84 21.11
C GLU F 52 -8.01 -30.56 21.36
N VAL F 53 -7.27 -31.59 21.74
CA VAL F 53 -5.83 -31.46 22.00
C VAL F 53 -5.17 -31.02 20.69
N ALA F 54 -4.61 -29.83 20.69
CA ALA F 54 -3.95 -29.28 19.51
C ALA F 54 -2.48 -29.66 19.49
N GLN F 55 -1.80 -29.49 20.62
CA GLN F 55 -0.36 -29.79 20.66
C GLN F 55 0.08 -30.08 22.10
N HIS F 56 1.26 -30.67 22.23
CA HIS F 56 1.85 -30.99 23.52
C HIS F 56 2.91 -29.93 23.79
N LEU F 57 2.70 -29.13 24.82
CA LEU F 57 3.62 -28.05 25.17
C LEU F 57 4.77 -28.62 25.99
N GLY F 58 4.55 -29.75 26.63
CA GLY F 58 5.59 -30.35 27.44
C GLY F 58 5.19 -30.26 28.90
N GLU F 59 6.07 -30.69 29.79
CA GLU F 59 5.80 -30.66 31.24
C GLU F 59 4.42 -31.25 31.50
N SER F 60 4.09 -32.30 30.75
CA SER F 60 2.82 -33.00 30.87
C SER F 60 1.67 -32.01 30.70
N THR F 61 1.84 -31.06 29.78
CA THR F 61 0.83 -30.06 29.52
C THR F 61 0.52 -30.09 28.03
N VAL F 62 -0.75 -29.90 27.70
CA VAL F 62 -1.19 -29.90 26.31
C VAL F 62 -2.04 -28.66 26.09
N ARG F 63 -2.00 -28.14 24.86
CA ARG F 63 -2.77 -26.97 24.49
C ARG F 63 -3.98 -27.51 23.73
N THR F 64 -5.17 -27.16 24.21
CA THR F 64 -6.39 -27.64 23.58
C THR F 64 -7.21 -26.45 23.05
N ILE F 65 -8.16 -26.77 22.17
CA ILE F 65 -9.05 -25.77 21.58
C ILE F 65 -10.45 -26.14 22.04
N ALA F 66 -11.15 -25.18 22.64
CA ALA F 66 -12.50 -25.41 23.13
C ALA F 66 -13.46 -25.43 21.95
N MET F 67 -14.45 -26.31 22.01
CA MET F 67 -15.45 -26.43 20.96
C MET F 67 -16.72 -25.70 21.39
N ASP F 68 -16.61 -24.87 22.43
CA ASP F 68 -17.76 -24.12 22.93
C ASP F 68 -17.23 -23.00 23.84
N GLY F 69 -18.14 -22.19 24.37
CA GLY F 69 -17.75 -21.09 25.23
C GLY F 69 -16.98 -21.52 26.46
N THR F 70 -15.81 -20.93 26.66
CA THR F 70 -14.95 -21.25 27.80
C THR F 70 -15.31 -20.37 29.00
N GLU F 71 -16.30 -19.49 28.83
CA GLU F 71 -16.71 -18.61 29.92
C GLU F 71 -17.15 -19.47 31.10
N GLY F 72 -16.67 -19.13 32.28
CA GLY F 72 -17.02 -19.87 33.48
C GLY F 72 -15.96 -20.84 33.94
N LEU F 73 -15.02 -21.18 33.07
CA LEU F 73 -13.95 -22.13 33.42
C LEU F 73 -13.10 -21.51 34.51
N VAL F 74 -12.61 -22.36 35.42
CA VAL F 74 -11.77 -21.94 36.54
C VAL F 74 -10.51 -22.79 36.50
N ARG F 75 -9.37 -22.19 36.85
CA ARG F 75 -8.11 -22.90 36.85
C ARG F 75 -8.20 -24.05 37.84
N GLY F 76 -7.70 -25.21 37.43
CA GLY F 76 -7.74 -26.40 38.26
C GLY F 76 -8.96 -27.28 37.99
N GLN F 77 -9.83 -26.84 37.08
CA GLN F 77 -11.04 -27.57 36.73
C GLN F 77 -10.65 -28.91 36.14
N LYS F 78 -11.42 -29.94 36.50
CA LYS F 78 -11.17 -31.32 36.06
C LYS F 78 -11.40 -31.43 34.55
N VAL F 79 -10.53 -32.19 33.90
CA VAL F 79 -10.61 -32.44 32.47
C VAL F 79 -10.30 -33.92 32.29
N LEU F 80 -11.23 -34.64 31.67
CA LEU F 80 -11.06 -36.08 31.46
C LEU F 80 -10.94 -36.34 29.97
N ASP F 81 -9.94 -37.14 29.59
CA ASP F 81 -9.70 -37.48 28.19
C ASP F 81 -10.67 -38.59 27.81
N SER F 82 -11.33 -38.41 26.66
CA SER F 82 -12.29 -39.40 26.18
C SER F 82 -11.50 -40.62 25.69
N GLY F 83 -10.37 -40.35 25.04
CA GLY F 83 -9.53 -41.41 24.53
C GLY F 83 -9.62 -41.55 23.02
N ALA F 84 -10.42 -40.69 22.39
CA ALA F 84 -10.58 -40.72 20.94
C ALA F 84 -10.92 -39.31 20.47
N PRO F 85 -10.73 -39.04 19.16
CA PRO F 85 -11.02 -37.73 18.59
C PRO F 85 -12.53 -37.45 18.64
N ILE F 86 -12.93 -36.26 18.16
CA ILE F 86 -14.34 -35.91 18.16
C ILE F 86 -15.03 -36.84 17.18
N ARG F 87 -15.87 -37.72 17.70
CA ARG F 87 -16.62 -38.68 16.90
C ARG F 87 -18.06 -38.18 16.84
N ILE F 88 -18.66 -38.22 15.66
CA ILE F 88 -20.02 -37.76 15.47
C ILE F 88 -20.85 -38.89 14.86
N PRO F 89 -22.18 -38.88 15.10
CA PRO F 89 -23.10 -39.88 14.57
C PRO F 89 -23.12 -39.83 13.05
N VAL F 90 -23.10 -41.01 12.42
CA VAL F 90 -23.13 -41.10 10.98
C VAL F 90 -24.05 -42.25 10.62
N GLY F 91 -24.62 -42.19 9.42
CA GLY F 91 -25.54 -43.22 8.99
C GLY F 91 -26.85 -42.58 8.56
N PRO F 92 -27.80 -43.36 8.05
CA PRO F 92 -29.10 -42.85 7.60
C PRO F 92 -29.95 -42.20 8.70
N GLU F 93 -29.43 -42.20 9.92
CA GLU F 93 -30.16 -41.60 11.05
C GLU F 93 -29.78 -40.13 11.19
N THR F 94 -28.92 -39.64 10.31
CA THR F 94 -28.50 -38.23 10.34
C THR F 94 -29.37 -37.44 9.37
N LEU F 95 -30.04 -38.16 8.46
CA LEU F 95 -30.90 -37.54 7.48
C LEU F 95 -32.06 -36.87 8.21
N GLY F 96 -32.29 -35.59 7.91
CA GLY F 96 -33.36 -34.85 8.54
C GLY F 96 -33.00 -34.31 9.91
N ARG F 97 -31.77 -34.57 10.36
CA ARG F 97 -31.34 -34.11 11.66
C ARG F 97 -30.28 -33.02 11.48
N ILE F 98 -30.14 -32.19 12.52
CA ILE F 98 -29.15 -31.12 12.52
C ILE F 98 -28.20 -31.43 13.68
N MET F 99 -26.89 -31.37 13.43
CA MET F 99 -25.90 -31.68 14.46
C MET F 99 -24.94 -30.51 14.64
N ASN F 100 -24.19 -30.59 15.74
CA ASN F 100 -23.17 -29.60 16.09
C ASN F 100 -21.83 -30.21 15.67
N VAL F 101 -20.74 -29.57 16.09
CA VAL F 101 -19.39 -30.05 15.78
C VAL F 101 -19.19 -31.41 16.43
N ILE F 102 -19.83 -31.62 17.59
CA ILE F 102 -19.70 -32.86 18.34
C ILE F 102 -20.88 -33.81 18.08
N GLY F 103 -21.62 -33.55 17.01
CA GLY F 103 -22.75 -34.39 16.67
C GLY F 103 -24.02 -34.30 17.50
N GLU F 104 -24.00 -33.51 18.57
CA GLU F 104 -25.18 -33.37 19.42
C GLU F 104 -26.30 -32.72 18.58
N PRO F 105 -27.50 -33.32 18.60
CA PRO F 105 -28.62 -32.78 17.82
C PRO F 105 -29.10 -31.44 18.37
N ILE F 106 -29.37 -30.50 17.47
CA ILE F 106 -29.83 -29.17 17.86
C ILE F 106 -31.17 -28.89 17.19
N ASP F 107 -31.85 -29.94 16.74
CA ASP F 107 -33.14 -29.77 16.09
C ASP F 107 -34.26 -30.03 17.08
N GLU F 108 -33.89 -30.34 18.33
CA GLU F 108 -34.86 -30.62 19.40
C GLU F 108 -35.81 -31.74 18.96
N ARG F 109 -35.25 -32.81 18.39
CA ARG F 109 -36.06 -33.95 17.94
C ARG F 109 -35.45 -35.23 18.49
N GLY F 110 -35.20 -35.26 19.80
CA GLY F 110 -34.62 -36.43 20.44
C GLY F 110 -33.18 -36.71 20.04
N PRO F 111 -32.61 -37.82 20.55
CA PRO F 111 -31.23 -38.23 20.25
C PRO F 111 -31.13 -38.93 18.90
N ILE F 112 -29.93 -38.91 18.33
CA ILE F 112 -29.68 -39.54 17.04
C ILE F 112 -29.17 -40.96 17.35
N LYS F 113 -30.04 -41.94 17.16
CA LYS F 113 -29.69 -43.34 17.43
C LYS F 113 -28.98 -43.91 16.21
N THR F 114 -27.65 -43.80 16.20
CA THR F 114 -26.86 -44.34 15.10
C THR F 114 -26.10 -45.54 15.63
N LYS F 115 -25.79 -46.48 14.75
CA LYS F 115 -25.05 -47.68 15.12
C LYS F 115 -23.57 -47.37 14.97
N GLN F 116 -23.24 -46.44 14.08
CA GLN F 116 -21.85 -46.08 13.84
C GLN F 116 -21.58 -44.69 14.40
N PHE F 117 -20.30 -44.42 14.63
CA PHE F 117 -19.83 -43.14 15.14
C PHE F 117 -18.43 -42.96 14.54
N ALA F 118 -18.35 -42.17 13.48
CA ALA F 118 -17.08 -41.92 12.81
C ALA F 118 -16.46 -40.66 13.38
N ALA F 119 -15.12 -40.59 13.34
CA ALA F 119 -14.38 -39.45 13.84
C ALA F 119 -14.31 -38.42 12.71
N ILE F 120 -14.36 -37.14 13.07
CA ILE F 120 -14.31 -36.06 12.08
C ILE F 120 -12.89 -35.93 11.53
N HIS F 121 -11.92 -36.56 12.18
CA HIS F 121 -10.54 -36.50 11.74
C HIS F 121 -10.19 -37.82 11.11
N ALA F 122 -9.87 -37.78 9.82
CA ALA F 122 -9.50 -38.96 9.05
C ALA F 122 -8.51 -38.50 8.00
N GLU F 123 -7.60 -39.39 7.59
CA GLU F 123 -6.60 -39.04 6.59
C GLU F 123 -7.27 -38.97 5.23
N ALA F 124 -6.73 -38.11 4.37
CA ALA F 124 -7.26 -37.89 3.03
C ALA F 124 -7.05 -39.16 2.20
N PRO F 125 -7.97 -39.45 1.26
CA PRO F 125 -7.91 -40.61 0.38
C PRO F 125 -6.58 -40.69 -0.36
N GLU F 126 -5.99 -41.89 -0.36
CA GLU F 126 -4.70 -42.10 -1.01
C GLU F 126 -4.83 -41.86 -2.52
N PHE F 127 -3.69 -41.63 -3.16
CA PHE F 127 -3.62 -41.37 -4.61
C PHE F 127 -4.41 -42.42 -5.37
N VAL F 128 -4.18 -43.69 -5.02
CA VAL F 128 -4.87 -44.82 -5.69
C VAL F 128 -6.31 -44.95 -5.22
N GLU F 129 -7.05 -43.84 -5.24
CA GLU F 129 -8.45 -43.83 -4.84
C GLU F 129 -9.16 -42.75 -5.65
N MET F 130 -8.39 -41.91 -6.34
CA MET F 130 -8.96 -40.82 -7.13
C MET F 130 -9.66 -41.42 -8.34
N SER F 131 -10.64 -40.70 -8.85
CA SER F 131 -11.41 -41.12 -10.02
C SER F 131 -11.11 -40.13 -11.13
N VAL F 132 -11.63 -40.39 -12.32
CA VAL F 132 -11.40 -39.53 -13.48
C VAL F 132 -12.69 -39.43 -14.31
N GLU F 133 -13.83 -39.44 -13.63
CA GLU F 133 -15.13 -39.37 -14.31
C GLU F 133 -15.37 -37.94 -14.77
N GLN F 134 -14.84 -37.59 -15.94
CA GLN F 134 -15.01 -36.25 -16.51
C GLN F 134 -16.40 -36.17 -17.14
N GLU F 135 -17.43 -36.13 -16.29
CA GLU F 135 -18.81 -36.04 -16.77
C GLU F 135 -19.36 -34.68 -16.39
N ILE F 136 -19.93 -33.99 -17.38
CA ILE F 136 -20.49 -32.66 -17.18
C ILE F 136 -21.77 -32.73 -16.34
N LEU F 137 -22.02 -31.68 -15.57
CA LEU F 137 -23.20 -31.57 -14.73
C LEU F 137 -23.91 -30.28 -15.14
N VAL F 138 -25.07 -30.43 -15.77
CA VAL F 138 -25.85 -29.27 -16.21
C VAL F 138 -26.63 -28.77 -14.99
N THR F 139 -26.69 -27.45 -14.83
CA THR F 139 -27.40 -26.87 -13.69
C THR F 139 -28.52 -25.95 -14.20
N GLY F 140 -28.57 -25.73 -15.50
CA GLY F 140 -29.60 -24.88 -16.06
C GLY F 140 -29.21 -23.40 -16.08
N ILE F 141 -28.07 -23.09 -15.47
CA ILE F 141 -27.57 -21.72 -15.44
C ILE F 141 -26.79 -21.53 -16.74
N LYS F 142 -27.24 -20.62 -17.59
CA LYS F 142 -26.62 -20.35 -18.90
C LYS F 142 -25.13 -20.06 -18.77
N VAL F 143 -24.78 -19.05 -17.99
CA VAL F 143 -23.37 -18.64 -17.80
C VAL F 143 -22.50 -19.85 -17.47
N VAL F 144 -22.83 -20.51 -16.37
CA VAL F 144 -22.10 -21.67 -15.88
C VAL F 144 -21.94 -22.72 -16.97
N ASP F 145 -23.04 -23.36 -17.35
CA ASP F 145 -23.03 -24.42 -18.35
C ASP F 145 -22.29 -24.04 -19.63
N LEU F 146 -22.36 -22.78 -20.03
CA LEU F 146 -21.71 -22.35 -21.26
C LEU F 146 -20.19 -22.21 -21.11
N LEU F 147 -19.74 -21.40 -20.15
CA LEU F 147 -18.30 -21.14 -19.98
C LEU F 147 -17.64 -22.04 -18.94
N ALA F 148 -18.26 -22.23 -17.77
CA ALA F 148 -17.66 -23.05 -16.73
C ALA F 148 -18.62 -24.17 -16.35
N PRO F 149 -18.76 -25.19 -17.21
CA PRO F 149 -19.66 -26.31 -16.93
C PRO F 149 -19.20 -27.14 -15.72
N TYR F 150 -20.10 -27.36 -14.76
CA TYR F 150 -19.77 -28.14 -13.57
C TYR F 150 -19.58 -29.59 -13.98
N ALA F 151 -19.13 -30.40 -13.03
CA ALA F 151 -18.90 -31.82 -13.30
C ALA F 151 -19.56 -32.65 -12.20
N LYS F 152 -20.07 -33.82 -12.58
CA LYS F 152 -20.72 -34.71 -11.63
C LYS F 152 -19.62 -35.30 -10.76
N GLY F 153 -19.72 -35.09 -9.45
CA GLY F 153 -18.72 -35.60 -8.54
C GLY F 153 -17.45 -34.77 -8.59
N GLY F 154 -17.61 -33.47 -8.81
CA GLY F 154 -16.46 -32.58 -8.87
C GLY F 154 -16.55 -31.51 -7.81
N LYS F 155 -15.41 -30.90 -7.50
CA LYS F 155 -15.35 -29.84 -6.49
C LYS F 155 -15.68 -28.54 -7.21
N ILE F 156 -16.69 -27.85 -6.71
CA ILE F 156 -17.15 -26.58 -7.27
C ILE F 156 -16.96 -25.51 -6.22
N GLY F 157 -16.54 -24.32 -6.66
CA GLY F 157 -16.34 -23.22 -5.74
C GLY F 157 -17.01 -21.95 -6.20
N LEU F 158 -17.94 -21.46 -5.39
CA LEU F 158 -18.67 -20.25 -5.72
C LEU F 158 -18.04 -19.10 -4.92
N PHE F 159 -17.13 -18.38 -5.55
CA PHE F 159 -16.45 -17.27 -4.91
C PHE F 159 -17.41 -16.09 -4.91
N GLY F 160 -17.18 -15.16 -3.98
CA GLY F 160 -18.02 -13.99 -3.92
C GLY F 160 -17.75 -13.14 -2.70
N GLY F 161 -17.83 -11.82 -2.89
CA GLY F 161 -17.62 -10.89 -1.80
C GLY F 161 -18.89 -10.74 -0.98
N ALA F 162 -18.85 -9.84 -0.01
CA ALA F 162 -20.00 -9.61 0.86
C ALA F 162 -21.21 -9.15 0.04
N GLY F 163 -22.30 -9.89 0.18
CA GLY F 163 -23.55 -9.58 -0.50
C GLY F 163 -23.63 -9.71 -2.01
N VAL F 164 -22.67 -10.38 -2.62
CA VAL F 164 -22.69 -10.53 -4.08
C VAL F 164 -23.77 -11.53 -4.50
N GLY F 165 -23.90 -12.65 -3.79
CA GLY F 165 -24.93 -13.61 -4.14
C GLY F 165 -24.56 -15.08 -4.12
N LYS F 166 -23.51 -15.43 -3.39
CA LYS F 166 -23.04 -16.82 -3.30
C LYS F 166 -24.16 -17.72 -2.76
N THR F 167 -24.79 -17.28 -1.68
CA THR F 167 -25.85 -18.04 -1.03
C THR F 167 -27.05 -18.28 -1.97
N VAL F 168 -27.48 -17.26 -2.69
CA VAL F 168 -28.64 -17.42 -3.60
C VAL F 168 -28.26 -18.40 -4.70
N LEU F 169 -27.03 -18.30 -5.20
CA LEU F 169 -26.54 -19.18 -6.25
C LEU F 169 -26.64 -20.62 -5.76
N ILE F 170 -26.15 -20.87 -4.54
CA ILE F 170 -26.19 -22.21 -3.97
C ILE F 170 -27.64 -22.66 -3.83
N MET F 171 -28.50 -21.76 -3.34
CA MET F 171 -29.91 -22.06 -3.15
C MET F 171 -30.53 -22.50 -4.48
N GLU F 172 -30.14 -21.83 -5.56
CA GLU F 172 -30.64 -22.17 -6.89
C GLU F 172 -30.13 -23.56 -7.26
N LEU F 173 -28.84 -23.81 -7.04
CA LEU F 173 -28.24 -25.09 -7.38
C LEU F 173 -28.92 -26.22 -6.61
N ILE F 174 -29.16 -26.00 -5.31
CA ILE F 174 -29.81 -27.00 -4.48
C ILE F 174 -31.21 -27.25 -5.04
N ASN F 175 -31.96 -26.16 -5.23
CA ASN F 175 -33.33 -26.23 -5.74
C ASN F 175 -33.37 -27.02 -7.04
N ASN F 176 -32.34 -26.89 -7.88
CA ASN F 176 -32.30 -27.58 -9.15
C ASN F 176 -31.75 -29.00 -8.99
N VAL F 177 -30.43 -29.10 -8.84
CA VAL F 177 -29.72 -30.37 -8.74
C VAL F 177 -30.21 -31.21 -7.55
N ALA F 178 -29.98 -30.71 -6.34
CA ALA F 178 -30.34 -31.44 -5.11
C ALA F 178 -31.76 -31.99 -5.16
N LYS F 179 -32.73 -31.17 -5.56
CA LYS F 179 -34.12 -31.62 -5.60
C LYS F 179 -34.31 -32.75 -6.62
N ALA F 180 -33.63 -32.65 -7.76
CA ALA F 180 -33.76 -33.68 -8.80
C ALA F 180 -32.57 -34.63 -8.67
N HIS F 181 -32.18 -34.93 -7.44
CA HIS F 181 -31.03 -35.80 -7.20
C HIS F 181 -31.48 -37.06 -6.46
N GLY F 182 -31.37 -38.20 -7.14
CA GLY F 182 -31.73 -39.45 -6.51
C GLY F 182 -30.56 -39.88 -5.67
N GLY F 183 -30.60 -39.59 -4.38
CA GLY F 183 -29.51 -39.96 -3.49
C GLY F 183 -29.55 -39.13 -2.22
N TYR F 184 -28.45 -39.10 -1.48
CA TYR F 184 -28.38 -38.35 -0.23
C TYR F 184 -27.60 -37.07 -0.48
N SER F 185 -27.84 -36.08 0.37
CA SER F 185 -27.18 -34.78 0.29
C SER F 185 -26.83 -34.36 1.71
N VAL F 186 -25.78 -33.56 1.83
CA VAL F 186 -25.33 -33.06 3.13
C VAL F 186 -25.05 -31.57 2.95
N PHE F 187 -25.60 -30.76 3.86
CA PHE F 187 -25.40 -29.33 3.82
C PHE F 187 -24.75 -28.94 5.14
N ALA F 188 -23.53 -28.45 5.08
CA ALA F 188 -22.78 -28.05 6.26
C ALA F 188 -22.69 -26.53 6.30
N GLY F 189 -23.41 -25.92 7.24
CA GLY F 189 -23.39 -24.49 7.39
C GLY F 189 -22.24 -24.08 8.27
N VAL F 190 -21.20 -23.49 7.67
CA VAL F 190 -20.02 -23.07 8.41
C VAL F 190 -20.03 -21.55 8.54
N GLY F 191 -19.93 -21.08 9.78
CA GLY F 191 -19.90 -19.66 10.09
C GLY F 191 -20.75 -18.69 9.28
N GLU F 192 -22.02 -19.01 9.07
CA GLU F 192 -22.89 -18.11 8.31
C GLU F 192 -24.04 -17.64 9.20
N ARG F 193 -25.08 -17.11 8.58
CA ARG F 193 -26.24 -16.59 9.31
C ARG F 193 -27.15 -17.74 9.73
N THR F 194 -27.34 -17.88 11.03
CA THR F 194 -28.19 -18.92 11.59
C THR F 194 -29.59 -18.83 10.97
N ARG F 195 -30.06 -17.61 10.71
CA ARG F 195 -31.39 -17.43 10.14
C ARG F 195 -31.45 -18.14 8.79
N GLU F 196 -30.36 -18.10 8.03
CA GLU F 196 -30.31 -18.74 6.72
C GLU F 196 -30.57 -20.23 6.92
N GLY F 197 -29.93 -20.80 7.94
CA GLY F 197 -30.12 -22.21 8.23
C GLY F 197 -31.55 -22.48 8.67
N ASN F 198 -32.11 -21.51 9.41
CA ASN F 198 -33.48 -21.60 9.91
C ASN F 198 -34.43 -21.62 8.72
N ASP F 199 -34.08 -20.88 7.68
CA ASP F 199 -34.89 -20.81 6.47
C ASP F 199 -34.76 -22.14 5.72
N LEU F 200 -33.52 -22.56 5.51
CA LEU F 200 -33.21 -23.80 4.79
C LEU F 200 -33.96 -24.97 5.40
N TYR F 201 -33.80 -25.17 6.71
CA TYR F 201 -34.43 -26.28 7.43
C TYR F 201 -35.93 -26.31 7.11
N HIS F 202 -36.61 -25.19 7.30
CA HIS F 202 -38.05 -25.11 7.05
C HIS F 202 -38.34 -25.29 5.56
N GLU F 203 -37.47 -24.79 4.70
CA GLU F 203 -37.64 -24.90 3.25
C GLU F 203 -37.59 -26.37 2.87
N MET F 204 -36.64 -27.09 3.46
CA MET F 204 -36.45 -28.51 3.20
C MET F 204 -37.70 -29.28 3.60
N ILE F 205 -38.30 -28.88 4.72
CA ILE F 205 -39.50 -29.54 5.23
C ILE F 205 -40.67 -29.26 4.28
N GLU F 206 -40.67 -28.07 3.68
CA GLU F 206 -41.74 -27.69 2.77
C GLU F 206 -41.59 -28.47 1.46
N SER F 207 -40.36 -28.64 0.99
CA SER F 207 -40.10 -29.36 -0.25
C SER F 207 -40.24 -30.86 0.01
N GLY F 208 -40.18 -31.25 1.28
CA GLY F 208 -40.32 -32.65 1.63
C GLY F 208 -39.03 -33.44 1.63
N VAL F 209 -37.92 -32.82 1.27
CA VAL F 209 -36.62 -33.51 1.26
C VAL F 209 -36.26 -33.87 2.70
N ILE F 210 -36.85 -33.15 3.64
CA ILE F 210 -36.66 -33.38 5.06
C ILE F 210 -38.06 -33.64 5.60
N ASN F 211 -38.34 -34.88 5.96
CA ASN F 211 -39.64 -35.25 6.48
C ASN F 211 -39.52 -35.46 7.99
N LEU F 212 -40.57 -35.10 8.72
CA LEU F 212 -40.58 -35.23 10.17
C LEU F 212 -41.43 -36.45 10.55
N LYS F 213 -42.07 -37.07 9.57
CA LYS F 213 -42.90 -38.24 9.82
C LYS F 213 -42.31 -39.42 9.07
N ASP F 214 -42.67 -39.54 7.79
CA ASP F 214 -42.18 -40.64 6.95
C ASP F 214 -40.68 -40.48 6.81
N ALA F 215 -39.96 -41.59 6.85
CA ALA F 215 -38.51 -41.57 6.72
C ALA F 215 -38.19 -41.41 5.24
N THR F 216 -38.37 -40.19 4.72
CA THR F 216 -38.09 -39.88 3.32
C THR F 216 -37.12 -38.70 3.26
N SER F 217 -36.39 -38.49 4.34
CA SER F 217 -35.41 -37.41 4.43
C SER F 217 -34.15 -37.87 3.71
N LYS F 218 -33.61 -37.03 2.83
CA LYS F 218 -32.40 -37.39 2.09
C LYS F 218 -31.31 -36.32 2.28
N VAL F 219 -31.45 -35.46 3.28
CA VAL F 219 -30.46 -34.41 3.51
C VAL F 219 -30.06 -34.40 4.99
N ALA F 220 -28.76 -34.30 5.25
CA ALA F 220 -28.23 -34.25 6.61
C ALA F 220 -27.79 -32.82 6.82
N LEU F 221 -28.09 -32.24 7.98
CA LEU F 221 -27.72 -30.86 8.25
C LEU F 221 -26.73 -30.78 9.41
N VAL F 222 -25.71 -29.95 9.24
CA VAL F 222 -24.67 -29.73 10.24
C VAL F 222 -24.49 -28.21 10.29
N TYR F 223 -24.34 -27.63 11.48
CA TYR F 223 -24.21 -26.19 11.56
C TYR F 223 -23.20 -25.76 12.63
N GLY F 224 -22.72 -24.53 12.45
CA GLY F 224 -21.77 -23.87 13.34
C GLY F 224 -21.66 -22.48 12.76
N GLN F 225 -22.69 -21.67 13.00
CA GLN F 225 -22.81 -20.31 12.47
C GLN F 225 -21.93 -19.28 13.18
N MET F 226 -22.02 -18.04 12.70
CA MET F 226 -21.27 -16.86 13.18
C MET F 226 -21.33 -16.69 14.71
N ASN F 227 -22.38 -17.20 15.33
CA ASN F 227 -22.55 -17.05 16.77
C ASN F 227 -21.55 -17.94 17.54
N GLU F 228 -21.21 -19.08 16.95
CA GLU F 228 -20.29 -20.03 17.60
C GLU F 228 -18.88 -19.45 17.69
N PRO F 229 -18.16 -19.81 18.76
CA PRO F 229 -16.79 -19.34 18.98
C PRO F 229 -15.86 -19.98 17.94
N PRO F 230 -14.67 -19.39 17.71
CA PRO F 230 -13.68 -19.88 16.74
C PRO F 230 -13.50 -21.38 16.64
N GLY F 231 -13.47 -22.07 17.78
CA GLY F 231 -13.27 -23.50 17.78
C GLY F 231 -14.29 -24.28 16.97
N ALA F 232 -15.57 -24.05 17.25
CA ALA F 232 -16.66 -24.75 16.56
C ALA F 232 -16.59 -24.46 15.06
N ARG F 233 -16.53 -23.18 14.70
CA ARG F 233 -16.50 -22.77 13.29
C ARG F 233 -15.31 -23.39 12.56
N ALA F 234 -14.21 -23.61 13.25
CA ALA F 234 -13.00 -24.17 12.64
C ALA F 234 -13.07 -25.69 12.60
N ARG F 235 -14.24 -26.28 12.83
CA ARG F 235 -14.34 -27.75 12.82
C ARG F 235 -15.66 -28.21 12.19
N VAL F 236 -16.71 -27.39 12.25
CA VAL F 236 -18.03 -27.73 11.69
C VAL F 236 -17.88 -28.29 10.27
N ALA F 237 -16.94 -27.74 9.51
CA ALA F 237 -16.71 -28.17 8.14
C ALA F 237 -16.32 -29.65 8.15
N LEU F 238 -15.43 -30.03 9.07
CA LEU F 238 -14.98 -31.40 9.17
C LEU F 238 -16.17 -32.28 9.57
N THR F 239 -16.99 -31.80 10.50
CA THR F 239 -18.14 -32.55 10.97
C THR F 239 -19.04 -32.88 9.77
N GLY F 240 -19.47 -31.86 9.04
CA GLY F 240 -20.33 -32.08 7.88
C GLY F 240 -19.69 -32.95 6.83
N LEU F 241 -18.36 -32.85 6.72
CA LEU F 241 -17.57 -33.61 5.76
C LEU F 241 -17.65 -35.10 6.08
N THR F 242 -17.44 -35.45 7.35
CA THR F 242 -17.46 -36.83 7.81
C THR F 242 -18.79 -37.49 7.41
N VAL F 243 -19.88 -36.77 7.64
CA VAL F 243 -21.23 -37.27 7.32
C VAL F 243 -21.30 -37.66 5.85
N ALA F 244 -20.74 -36.82 4.97
CA ALA F 244 -20.77 -37.08 3.54
C ALA F 244 -19.92 -38.31 3.23
N GLU F 245 -18.73 -38.37 3.81
CA GLU F 245 -17.78 -39.48 3.59
C GLU F 245 -18.48 -40.82 3.75
N TYR F 246 -19.29 -40.94 4.79
CA TYR F 246 -20.01 -42.18 5.09
C TYR F 246 -20.85 -42.63 3.89
N PHE F 247 -21.80 -41.78 3.48
CA PHE F 247 -22.70 -42.11 2.37
C PHE F 247 -21.89 -42.43 1.11
N ARG F 248 -20.84 -41.66 0.87
CA ARG F 248 -19.98 -41.84 -0.29
C ARG F 248 -19.40 -43.24 -0.34
N ASP F 249 -18.72 -43.63 0.73
CA ASP F 249 -18.07 -44.93 0.79
C ASP F 249 -19.00 -46.03 1.25
N GLN F 250 -19.30 -46.03 2.55
CA GLN F 250 -20.12 -47.06 3.20
C GLN F 250 -21.48 -47.30 2.53
N GLU F 251 -21.92 -46.41 1.64
CA GLU F 251 -23.22 -46.64 1.00
C GLU F 251 -23.13 -46.38 -0.50
N GLY F 252 -21.97 -45.94 -0.98
CA GLY F 252 -21.80 -45.66 -2.40
C GLY F 252 -22.83 -44.71 -2.99
N GLN F 253 -23.60 -44.07 -2.12
CA GLN F 253 -24.65 -43.15 -2.54
C GLN F 253 -23.97 -41.89 -3.07
N ASP F 254 -24.47 -41.39 -4.20
CA ASP F 254 -23.93 -40.17 -4.78
C ASP F 254 -24.30 -39.05 -3.82
N VAL F 255 -23.31 -38.55 -3.10
CA VAL F 255 -23.53 -37.50 -2.12
C VAL F 255 -23.35 -36.14 -2.75
N LEU F 256 -24.18 -35.19 -2.33
CA LEU F 256 -24.10 -33.82 -2.78
C LEU F 256 -23.72 -33.04 -1.53
N LEU F 257 -22.51 -32.51 -1.50
CA LEU F 257 -22.06 -31.78 -0.33
C LEU F 257 -22.10 -30.29 -0.64
N PHE F 258 -22.86 -29.56 0.16
CA PHE F 258 -23.00 -28.11 0.01
C PHE F 258 -22.51 -27.50 1.30
N ILE F 259 -21.53 -26.61 1.20
CA ILE F 259 -20.95 -25.97 2.38
C ILE F 259 -21.06 -24.46 2.17
N ASP F 260 -21.51 -23.76 3.20
CA ASP F 260 -21.65 -22.30 3.15
C ASP F 260 -21.45 -21.80 4.57
N ASN F 261 -20.38 -21.06 4.83
CA ASN F 261 -19.36 -20.71 3.84
C ASN F 261 -18.08 -21.40 4.29
N ILE F 262 -17.36 -22.01 3.36
CA ILE F 262 -16.13 -22.73 3.70
C ILE F 262 -15.04 -21.76 4.17
N PHE F 263 -15.02 -20.55 3.63
CA PHE F 263 -14.01 -19.55 4.00
C PHE F 263 -13.95 -19.38 5.51
N ARG F 264 -15.11 -19.45 6.16
CA ARG F 264 -15.20 -19.28 7.60
C ARG F 264 -14.26 -20.24 8.33
N PHE F 265 -14.00 -21.40 7.72
CA PHE F 265 -13.12 -22.42 8.30
C PHE F 265 -11.73 -21.81 8.51
N THR F 266 -11.23 -21.11 7.49
CA THR F 266 -9.90 -20.51 7.55
C THR F 266 -9.93 -19.31 8.51
N GLN F 267 -11.00 -18.53 8.44
CA GLN F 267 -11.16 -17.33 9.27
C GLN F 267 -11.09 -17.72 10.75
N ALA F 268 -11.81 -18.78 11.11
CA ALA F 268 -11.84 -19.26 12.49
C ALA F 268 -10.41 -19.66 12.88
N GLY F 269 -9.68 -20.22 11.92
CA GLY F 269 -8.31 -20.63 12.18
C GLY F 269 -7.45 -19.49 12.67
N SER F 270 -7.51 -18.35 11.98
CA SER F 270 -6.72 -17.18 12.34
C SER F 270 -7.03 -16.75 13.78
N GLU F 271 -8.31 -16.80 14.15
CA GLU F 271 -8.75 -16.41 15.49
C GLU F 271 -8.06 -17.23 16.57
N VAL F 272 -8.03 -18.55 16.41
CA VAL F 272 -7.41 -19.42 17.41
C VAL F 272 -5.89 -19.48 17.23
N SER F 273 -5.41 -19.35 16.00
CA SER F 273 -3.98 -19.43 15.71
C SER F 273 -3.19 -18.46 16.55
N ALA F 274 -3.70 -17.24 16.70
CA ALA F 274 -3.03 -16.23 17.49
C ALA F 274 -2.87 -16.78 18.92
N LEU F 275 -3.95 -17.33 19.44
CA LEU F 275 -3.99 -17.87 20.81
C LEU F 275 -3.14 -19.13 20.93
N LEU F 276 -2.91 -19.83 19.82
CA LEU F 276 -2.11 -21.06 19.85
C LEU F 276 -0.64 -20.72 20.09
N GLY F 277 -0.29 -19.45 19.92
CA GLY F 277 1.08 -19.02 20.15
C GLY F 277 1.99 -19.21 18.96
N ARG F 278 1.42 -19.13 17.76
CA ARG F 278 2.18 -19.29 16.53
C ARG F 278 2.55 -17.90 16.04
N ILE F 279 3.56 -17.82 15.17
CA ILE F 279 3.98 -16.57 14.58
C ILE F 279 3.07 -16.35 13.39
N PRO F 280 2.43 -15.17 13.30
CA PRO F 280 1.53 -14.89 12.18
C PRO F 280 2.24 -14.85 10.83
N SER F 281 1.52 -15.29 9.80
CA SER F 281 2.05 -15.31 8.45
C SER F 281 1.51 -14.05 7.74
N ALA F 282 1.49 -14.09 6.41
CA ALA F 282 1.02 -12.96 5.62
C ALA F 282 -0.42 -12.62 6.01
N VAL F 283 -0.70 -11.32 6.07
CA VAL F 283 -2.02 -10.78 6.41
C VAL F 283 -2.45 -11.29 7.79
N GLY F 284 -1.48 -11.69 8.60
CA GLY F 284 -1.79 -12.19 9.93
C GLY F 284 -2.47 -13.54 10.00
N TYR F 285 -2.65 -14.18 8.85
CA TYR F 285 -3.29 -15.49 8.80
C TYR F 285 -2.36 -16.50 9.46
N GLN F 286 -2.94 -17.63 9.86
CA GLN F 286 -2.16 -18.70 10.50
C GLN F 286 -1.16 -19.24 9.48
N PRO F 287 0.08 -19.45 9.91
CA PRO F 287 1.15 -19.97 9.04
C PRO F 287 0.83 -21.34 8.46
N THR F 288 -0.14 -22.02 9.06
CA THR F 288 -0.56 -23.36 8.63
C THR F 288 -1.80 -23.25 7.74
N LEU F 289 -2.05 -22.08 7.18
CA LEU F 289 -3.23 -21.87 6.33
C LEU F 289 -3.27 -22.88 5.18
N ALA F 290 -2.16 -23.02 4.46
CA ALA F 290 -2.10 -23.93 3.31
C ALA F 290 -2.34 -25.39 3.69
N THR F 291 -1.63 -25.90 4.69
CA THR F 291 -1.77 -27.30 5.09
C THR F 291 -3.17 -27.61 5.61
N ASP F 292 -3.66 -26.79 6.54
CA ASP F 292 -4.99 -26.99 7.13
C ASP F 292 -6.01 -27.13 6.01
N MET F 293 -6.03 -26.17 5.09
CA MET F 293 -6.98 -26.18 3.98
C MET F 293 -6.79 -27.47 3.18
N GLY F 294 -5.55 -27.90 3.04
CA GLY F 294 -5.27 -29.12 2.29
C GLY F 294 -5.84 -30.40 2.88
N THR F 295 -5.51 -30.70 4.13
CA THR F 295 -5.98 -31.93 4.77
C THR F 295 -7.50 -31.99 4.76
N MET F 296 -8.16 -30.83 4.87
CA MET F 296 -9.62 -30.78 4.87
C MET F 296 -10.17 -30.99 3.45
N GLN F 297 -9.79 -30.12 2.53
CA GLN F 297 -10.26 -30.17 1.14
C GLN F 297 -10.01 -31.52 0.50
N GLU F 298 -8.84 -32.12 0.76
CA GLU F 298 -8.50 -33.41 0.16
C GLU F 298 -9.44 -34.52 0.63
N ARG F 299 -10.18 -34.28 1.71
CA ARG F 299 -11.12 -35.29 2.21
C ARG F 299 -12.45 -35.12 1.49
N ILE F 300 -12.68 -33.95 0.90
CA ILE F 300 -13.92 -33.67 0.17
C ILE F 300 -13.63 -33.97 -1.30
N THR F 301 -13.56 -35.25 -1.66
CA THR F 301 -13.29 -35.59 -3.04
C THR F 301 -13.95 -36.92 -3.39
N THR F 302 -14.11 -37.15 -4.69
CA THR F 302 -14.73 -38.36 -5.22
C THR F 302 -13.67 -39.46 -5.28
N THR F 303 -13.99 -40.60 -4.69
CA THR F 303 -13.11 -41.75 -4.67
C THR F 303 -13.68 -42.80 -5.62
N LYS F 304 -12.91 -43.85 -5.88
CA LYS F 304 -13.34 -44.93 -6.76
C LYS F 304 -14.51 -45.69 -6.12
N LYS F 305 -14.70 -45.50 -4.82
CA LYS F 305 -15.76 -46.19 -4.09
C LYS F 305 -17.04 -45.34 -4.06
N GLY F 306 -16.92 -44.05 -4.31
CA GLY F 306 -18.10 -43.19 -4.29
C GLY F 306 -17.82 -41.81 -4.86
N SER F 307 -18.87 -41.13 -5.32
CA SER F 307 -18.74 -39.81 -5.90
C SER F 307 -19.42 -38.78 -5.00
N ILE F 308 -18.85 -37.57 -4.97
CA ILE F 308 -19.38 -36.47 -4.16
C ILE F 308 -19.28 -35.18 -4.98
N THR F 309 -20.41 -34.52 -5.20
CA THR F 309 -20.41 -33.26 -5.91
C THR F 309 -20.46 -32.21 -4.80
N SER F 310 -19.37 -31.47 -4.64
CA SER F 310 -19.30 -30.47 -3.59
C SER F 310 -19.41 -29.07 -4.17
N VAL F 311 -20.26 -28.27 -3.55
CA VAL F 311 -20.47 -26.88 -3.96
C VAL F 311 -20.17 -26.07 -2.70
N GLN F 312 -18.99 -25.48 -2.65
CA GLN F 312 -18.56 -24.71 -1.48
C GLN F 312 -18.58 -23.21 -1.80
N ALA F 313 -19.26 -22.45 -0.95
CA ALA F 313 -19.31 -21.00 -1.11
C ALA F 313 -18.01 -20.50 -0.49
N ILE F 314 -17.33 -19.58 -1.16
CA ILE F 314 -16.07 -19.07 -0.66
C ILE F 314 -16.16 -17.55 -0.57
N TYR F 315 -16.23 -17.03 0.64
CA TYR F 315 -16.33 -15.60 0.89
C TYR F 315 -14.96 -14.98 0.63
N VAL F 316 -14.95 -13.88 -0.12
CA VAL F 316 -13.72 -13.18 -0.45
C VAL F 316 -13.70 -11.91 0.39
N PRO F 317 -12.86 -11.88 1.43
CA PRO F 317 -12.73 -10.72 2.32
C PRO F 317 -12.22 -9.46 1.62
N ALA F 318 -12.94 -8.36 1.82
CA ALA F 318 -12.59 -7.07 1.22
C ALA F 318 -12.52 -7.22 -0.31
N ASP F 319 -13.26 -8.19 -0.85
CA ASP F 319 -13.30 -8.47 -2.29
C ASP F 319 -11.89 -8.69 -2.83
N ASP F 320 -10.97 -9.08 -1.95
CA ASP F 320 -9.59 -9.30 -2.36
C ASP F 320 -9.40 -10.79 -2.68
N LEU F 321 -9.46 -11.12 -3.97
CA LEU F 321 -9.29 -12.51 -4.40
C LEU F 321 -7.84 -12.97 -4.14
N THR F 322 -6.91 -12.02 -4.12
CA THR F 322 -5.49 -12.35 -3.89
C THR F 322 -5.25 -12.65 -2.42
N ASP F 323 -6.26 -12.46 -1.58
CA ASP F 323 -6.13 -12.72 -0.16
C ASP F 323 -5.77 -14.19 0.01
N PRO F 324 -4.83 -14.49 0.90
CA PRO F 324 -4.37 -15.86 1.18
C PRO F 324 -5.46 -16.92 1.35
N ALA F 325 -6.70 -16.51 1.64
CA ALA F 325 -7.78 -17.46 1.83
C ALA F 325 -8.34 -17.95 0.49
N PRO F 326 -9.04 -17.08 -0.27
CA PRO F 326 -9.57 -17.57 -1.55
C PRO F 326 -8.51 -18.04 -2.53
N ALA F 327 -7.38 -17.34 -2.57
CA ALA F 327 -6.27 -17.66 -3.47
C ALA F 327 -5.80 -19.09 -3.25
N THR F 328 -5.78 -19.54 -2.00
CA THR F 328 -5.32 -20.89 -1.68
C THR F 328 -6.41 -21.92 -1.99
N THR F 329 -7.66 -21.48 -2.05
CA THR F 329 -8.78 -22.39 -2.31
C THR F 329 -8.86 -22.76 -3.80
N PHE F 330 -8.62 -21.79 -4.67
CA PHE F 330 -8.70 -21.96 -6.14
C PHE F 330 -8.19 -23.32 -6.62
N ALA F 331 -6.95 -23.67 -6.30
CA ALA F 331 -6.34 -24.93 -6.75
C ALA F 331 -7.02 -26.19 -6.19
N HIS F 332 -8.13 -26.04 -5.47
CA HIS F 332 -8.80 -27.20 -4.89
C HIS F 332 -10.11 -27.46 -5.64
N LEU F 333 -10.45 -26.60 -6.59
CA LEU F 333 -11.71 -26.75 -7.30
C LEU F 333 -11.48 -27.18 -8.74
N ASP F 334 -12.47 -27.86 -9.29
CA ASP F 334 -12.45 -28.34 -10.66
C ASP F 334 -13.22 -27.33 -11.51
N ALA F 335 -14.11 -26.57 -10.85
CA ALA F 335 -14.92 -25.54 -11.51
C ALA F 335 -15.02 -24.38 -10.53
N THR F 336 -14.76 -23.17 -11.01
CA THR F 336 -14.82 -21.98 -10.17
C THR F 336 -15.83 -21.01 -10.75
N THR F 337 -16.57 -20.35 -9.85
CA THR F 337 -17.57 -19.38 -10.26
C THR F 337 -17.30 -18.14 -9.41
N VAL F 338 -16.56 -17.19 -9.98
CA VAL F 338 -16.21 -15.97 -9.28
C VAL F 338 -17.29 -14.94 -9.51
N LEU F 339 -17.91 -14.50 -8.41
CA LEU F 339 -18.97 -13.51 -8.49
C LEU F 339 -18.31 -12.14 -8.41
N SER F 340 -18.65 -11.28 -9.36
CA SER F 340 -18.10 -9.94 -9.43
C SER F 340 -19.12 -8.96 -8.85
N ARG F 341 -18.67 -8.16 -7.89
CA ARG F 341 -19.54 -7.17 -7.25
C ARG F 341 -19.92 -6.12 -8.29
N ALA F 342 -18.97 -5.75 -9.15
CA ALA F 342 -19.19 -4.75 -10.18
C ALA F 342 -20.34 -5.20 -11.08
N ILE F 343 -20.29 -6.46 -11.52
CA ILE F 343 -21.33 -7.01 -12.40
C ILE F 343 -22.67 -6.98 -11.66
N ALA F 344 -22.65 -7.28 -10.36
CA ALA F 344 -23.87 -7.28 -9.57
C ALA F 344 -24.44 -5.87 -9.57
N GLU F 345 -23.56 -4.88 -9.41
CA GLU F 345 -23.97 -3.49 -9.37
C GLU F 345 -24.55 -3.08 -10.72
N LEU F 346 -24.25 -3.86 -11.75
CA LEU F 346 -24.78 -3.59 -13.09
C LEU F 346 -26.08 -4.36 -13.26
N GLY F 347 -26.66 -4.81 -12.16
CA GLY F 347 -27.91 -5.55 -12.20
C GLY F 347 -27.85 -6.92 -12.84
N ILE F 348 -26.69 -7.29 -13.38
CA ILE F 348 -26.53 -8.57 -14.05
C ILE F 348 -26.42 -9.65 -12.97
N TYR F 349 -27.42 -10.53 -12.93
CA TYR F 349 -27.45 -11.63 -11.96
C TYR F 349 -27.78 -12.91 -12.73
N PRO F 350 -27.09 -14.02 -12.42
CA PRO F 350 -26.01 -14.10 -11.41
C PRO F 350 -24.79 -13.30 -11.85
N ALA F 351 -24.22 -12.55 -10.91
CA ALA F 351 -23.05 -11.71 -11.16
C ALA F 351 -21.82 -12.58 -11.31
N VAL F 352 -21.77 -13.37 -12.37
CA VAL F 352 -20.65 -14.25 -12.64
C VAL F 352 -19.76 -13.56 -13.66
N ASP F 353 -18.46 -13.52 -13.40
CA ASP F 353 -17.52 -12.90 -14.32
C ASP F 353 -17.11 -13.98 -15.32
N PRO F 354 -17.61 -13.87 -16.56
CA PRO F 354 -17.36 -14.80 -17.67
C PRO F 354 -15.90 -14.92 -18.12
N LEU F 355 -15.03 -14.08 -17.58
CA LEU F 355 -13.63 -14.12 -17.97
C LEU F 355 -12.76 -14.44 -16.75
N ASP F 356 -13.36 -14.98 -15.70
CA ASP F 356 -12.60 -15.31 -14.50
C ASP F 356 -13.00 -16.71 -14.04
N SER F 357 -14.25 -17.08 -14.31
CA SER F 357 -14.74 -18.40 -13.94
C SER F 357 -14.10 -19.41 -14.90
N THR F 358 -13.61 -20.52 -14.36
CA THR F 358 -12.95 -21.54 -15.17
C THR F 358 -13.48 -22.93 -14.79
N SER F 359 -13.16 -23.92 -15.61
CA SER F 359 -13.58 -25.30 -15.37
C SER F 359 -12.69 -26.21 -16.19
N ARG F 360 -12.33 -27.35 -15.62
CA ARG F 360 -11.45 -28.31 -16.27
C ARG F 360 -12.26 -29.22 -17.22
N ILE F 361 -13.55 -28.93 -17.37
CA ILE F 361 -14.41 -29.73 -18.25
C ILE F 361 -14.48 -29.04 -19.62
N MET F 362 -14.01 -27.80 -19.69
CA MET F 362 -14.04 -27.03 -20.93
C MET F 362 -12.98 -27.57 -21.88
N ASP F 363 -13.29 -28.67 -22.54
CA ASP F 363 -12.38 -29.29 -23.49
C ASP F 363 -13.25 -29.85 -24.61
N PRO F 364 -12.87 -29.57 -25.88
CA PRO F 364 -13.59 -30.04 -27.08
C PRO F 364 -13.95 -31.52 -27.08
N ASN F 365 -13.03 -32.35 -26.60
CA ASN F 365 -13.22 -33.80 -26.57
C ASN F 365 -14.12 -34.21 -25.40
N ILE F 366 -14.68 -33.24 -24.69
CA ILE F 366 -15.54 -33.54 -23.56
C ILE F 366 -16.90 -32.86 -23.77
N VAL F 367 -16.91 -31.53 -23.69
CA VAL F 367 -18.14 -30.76 -23.85
C VAL F 367 -18.49 -30.60 -25.33
N GLY F 368 -17.66 -31.12 -26.22
CA GLY F 368 -17.92 -31.01 -27.64
C GLY F 368 -17.30 -29.76 -28.25
N SER F 369 -17.02 -29.83 -29.55
CA SER F 369 -16.41 -28.72 -30.29
C SER F 369 -17.37 -27.54 -30.37
N GLU F 370 -18.64 -27.81 -30.64
CA GLU F 370 -19.64 -26.76 -30.76
C GLU F 370 -19.68 -25.95 -29.46
N HIS F 371 -19.76 -26.63 -28.33
CA HIS F 371 -19.84 -25.98 -27.02
C HIS F 371 -18.57 -25.15 -26.80
N TYR F 372 -17.41 -25.75 -27.01
CA TYR F 372 -16.12 -25.08 -26.80
C TYR F 372 -16.01 -23.83 -27.68
N ASP F 373 -16.30 -23.97 -28.97
CA ASP F 373 -16.19 -22.86 -29.92
C ASP F 373 -17.06 -21.69 -29.50
N VAL F 374 -18.32 -21.96 -29.16
CA VAL F 374 -19.25 -20.91 -28.75
C VAL F 374 -18.75 -20.26 -27.46
N ALA F 375 -18.31 -21.09 -26.51
CA ALA F 375 -17.82 -20.62 -25.22
C ALA F 375 -16.66 -19.64 -25.44
N ARG F 376 -15.66 -20.08 -26.21
CA ARG F 376 -14.49 -19.25 -26.48
C ARG F 376 -14.89 -18.00 -27.28
N GLY F 377 -15.81 -18.17 -28.22
CA GLY F 377 -16.25 -17.04 -29.02
C GLY F 377 -16.86 -15.95 -28.16
N VAL F 378 -17.67 -16.36 -27.20
CA VAL F 378 -18.34 -15.44 -26.28
C VAL F 378 -17.28 -14.78 -25.41
N GLN F 379 -16.39 -15.58 -24.85
CA GLN F 379 -15.34 -15.06 -23.98
C GLN F 379 -14.44 -14.10 -24.74
N LYS F 380 -14.20 -14.39 -26.03
CA LYS F 380 -13.32 -13.54 -26.84
C LYS F 380 -13.93 -12.15 -27.02
N ILE F 381 -15.16 -12.08 -27.52
CA ILE F 381 -15.81 -10.78 -27.76
C ILE F 381 -15.88 -9.97 -26.46
N LEU F 382 -16.23 -10.61 -25.36
CA LEU F 382 -16.33 -9.95 -24.06
C LEU F 382 -14.96 -9.41 -23.68
N GLN F 383 -13.92 -10.19 -23.97
CA GLN F 383 -12.54 -9.80 -23.67
C GLN F 383 -12.15 -8.62 -24.55
N ASP F 384 -12.57 -8.62 -25.80
CA ASP F 384 -12.23 -7.54 -26.73
C ASP F 384 -12.99 -6.27 -26.35
N TYR F 385 -14.10 -6.41 -25.62
CA TYR F 385 -14.88 -5.25 -25.20
C TYR F 385 -14.13 -4.56 -24.05
N LYS F 386 -13.67 -5.36 -23.09
CA LYS F 386 -12.95 -4.83 -21.91
C LYS F 386 -11.80 -3.91 -22.32
N SER F 387 -11.07 -4.27 -23.37
CA SER F 387 -9.94 -3.47 -23.82
C SER F 387 -10.45 -2.12 -24.34
N LEU F 388 -11.59 -2.15 -25.04
CA LEU F 388 -12.17 -0.94 -25.60
C LEU F 388 -12.77 -0.06 -24.49
N GLN F 389 -13.19 -0.68 -23.39
CA GLN F 389 -13.81 0.03 -22.25
C GLN F 389 -13.00 1.26 -21.84
N ASP F 390 -11.67 1.19 -21.96
CA ASP F 390 -10.83 2.31 -21.56
C ASP F 390 -11.12 3.54 -22.41
N ILE F 391 -10.95 3.41 -23.73
CA ILE F 391 -11.17 4.52 -24.66
C ILE F 391 -12.61 5.01 -24.52
N ILE F 392 -13.53 4.07 -24.33
CA ILE F 392 -14.96 4.39 -24.20
C ILE F 392 -15.19 5.27 -22.97
N ALA F 393 -14.49 4.97 -21.88
CA ALA F 393 -14.63 5.70 -20.63
C ALA F 393 -14.17 7.16 -20.76
N ILE F 394 -13.45 7.49 -21.82
CA ILE F 394 -12.98 8.86 -21.98
C ILE F 394 -13.62 9.52 -23.20
N LEU F 395 -13.23 9.09 -24.40
CA LEU F 395 -13.74 9.67 -25.64
C LEU F 395 -15.06 9.04 -26.06
N GLY F 396 -15.82 8.55 -25.08
CA GLY F 396 -17.10 7.93 -25.38
C GLY F 396 -16.97 6.79 -26.37
N MET F 397 -18.05 6.52 -27.09
CA MET F 397 -18.06 5.43 -28.06
C MET F 397 -18.12 6.04 -29.46
N ASP F 398 -17.62 7.27 -29.59
CA ASP F 398 -17.63 7.96 -30.88
C ASP F 398 -16.35 7.65 -31.63
N GLU F 399 -15.22 7.70 -30.93
CA GLU F 399 -13.93 7.44 -31.56
C GLU F 399 -13.71 5.93 -31.66
N LEU F 400 -14.67 5.22 -32.22
CA LEU F 400 -14.55 3.77 -32.39
C LEU F 400 -14.85 3.44 -33.84
N SER F 401 -14.15 2.43 -34.34
CA SER F 401 -14.36 1.97 -35.70
C SER F 401 -15.73 1.28 -35.69
N GLU F 402 -16.44 1.35 -36.81
CA GLU F 402 -17.75 0.73 -36.93
C GLU F 402 -17.65 -0.74 -36.51
N GLU F 403 -16.47 -1.33 -36.74
CA GLU F 403 -16.21 -2.71 -36.39
C GLU F 403 -16.29 -2.84 -34.87
N ASP F 404 -15.59 -1.96 -34.17
CA ASP F 404 -15.55 -1.98 -32.70
C ASP F 404 -16.95 -1.74 -32.16
N LYS F 405 -17.71 -0.86 -32.81
CA LYS F 405 -19.07 -0.57 -32.37
C LYS F 405 -19.90 -1.85 -32.45
N LEU F 406 -19.61 -2.68 -33.46
CA LEU F 406 -20.32 -3.94 -33.65
C LEU F 406 -20.00 -4.89 -32.50
N THR F 407 -18.71 -5.00 -32.16
CA THR F 407 -18.28 -5.89 -31.08
C THR F 407 -18.89 -5.42 -29.76
N VAL F 408 -18.90 -4.10 -29.53
CA VAL F 408 -19.46 -3.53 -28.31
C VAL F 408 -20.94 -3.88 -28.20
N SER F 409 -21.70 -3.64 -29.26
CA SER F 409 -23.14 -3.92 -29.26
C SER F 409 -23.39 -5.39 -28.94
N ARG F 410 -22.81 -6.29 -29.74
CA ARG F 410 -22.98 -7.73 -29.56
C ARG F 410 -22.54 -8.14 -28.15
N ALA F 411 -21.38 -7.65 -27.72
CA ALA F 411 -20.82 -7.98 -26.41
C ALA F 411 -21.82 -7.62 -25.32
N ARG F 412 -22.47 -6.46 -25.45
CA ARG F 412 -23.43 -6.01 -24.44
C ARG F 412 -24.69 -6.88 -24.47
N LYS F 413 -25.09 -7.36 -25.64
CA LYS F 413 -26.27 -8.21 -25.74
C LYS F 413 -25.95 -9.55 -25.10
N ILE F 414 -24.77 -10.09 -25.38
CA ILE F 414 -24.33 -11.36 -24.82
C ILE F 414 -24.22 -11.19 -23.31
N GLN F 415 -23.55 -10.11 -22.92
CA GLN F 415 -23.31 -9.74 -21.53
C GLN F 415 -24.63 -9.82 -20.75
N ARG F 416 -25.69 -9.30 -21.33
CA ARG F 416 -27.00 -9.30 -20.69
C ARG F 416 -27.67 -10.67 -20.82
N PHE F 417 -27.47 -11.34 -21.95
CA PHE F 417 -28.08 -12.66 -22.17
C PHE F 417 -27.51 -13.66 -21.15
N LEU F 418 -26.37 -13.33 -20.56
CA LEU F 418 -25.77 -14.21 -19.56
C LEU F 418 -26.59 -14.13 -18.27
N SER F 419 -27.23 -12.99 -18.03
CA SER F 419 -28.06 -12.82 -16.82
C SER F 419 -29.28 -13.72 -16.98
N GLN F 420 -29.64 -14.41 -15.90
CA GLN F 420 -30.78 -15.32 -15.92
C GLN F 420 -31.50 -15.19 -14.58
N PRO F 421 -32.84 -15.00 -14.63
CA PRO F 421 -33.66 -14.85 -13.43
C PRO F 421 -33.73 -16.12 -12.58
N PHE F 422 -33.38 -16.00 -11.31
CA PHE F 422 -33.38 -17.12 -10.38
C PHE F 422 -34.69 -17.12 -9.59
N GLN F 423 -35.22 -18.31 -9.39
CA GLN F 423 -36.48 -18.51 -8.66
C GLN F 423 -36.27 -18.09 -7.22
N VAL F 424 -35.09 -18.39 -6.68
CA VAL F 424 -34.76 -18.06 -5.30
C VAL F 424 -34.52 -16.55 -5.17
N ALA F 425 -34.57 -15.83 -6.28
CA ALA F 425 -34.34 -14.39 -6.24
C ALA F 425 -35.47 -13.66 -6.97
N GLU F 426 -36.62 -14.31 -7.14
CA GLU F 426 -37.77 -13.71 -7.83
C GLU F 426 -38.21 -12.43 -7.13
N VAL F 427 -38.06 -12.40 -5.81
CA VAL F 427 -38.48 -11.24 -5.02
C VAL F 427 -37.61 -10.03 -5.37
N PHE F 428 -36.52 -10.24 -6.09
CA PHE F 428 -35.63 -9.14 -6.44
C PHE F 428 -35.63 -8.95 -7.97
N THR F 429 -35.56 -10.05 -8.69
CA THR F 429 -35.53 -10.02 -10.15
C THR F 429 -36.89 -9.56 -10.66
N GLY F 430 -37.94 -9.97 -9.98
CA GLY F 430 -39.29 -9.62 -10.39
C GLY F 430 -39.61 -10.36 -11.67
N HIS F 431 -39.03 -11.56 -11.80
CA HIS F 431 -39.23 -12.40 -12.97
C HIS F 431 -39.40 -13.83 -12.49
N LEU F 432 -40.24 -14.59 -13.18
CA LEU F 432 -40.47 -15.99 -12.82
C LEU F 432 -39.15 -16.74 -13.04
N GLY F 433 -38.91 -17.77 -12.24
CA GLY F 433 -37.70 -18.54 -12.36
C GLY F 433 -37.63 -19.27 -13.68
N LYS F 434 -36.59 -18.99 -14.46
CA LYS F 434 -36.43 -19.62 -15.77
C LYS F 434 -35.19 -20.50 -15.73
N LEU F 435 -35.29 -21.67 -16.37
CA LEU F 435 -34.19 -22.62 -16.44
C LEU F 435 -33.93 -22.82 -17.92
N VAL F 436 -32.68 -22.79 -18.35
CA VAL F 436 -32.36 -22.94 -19.76
C VAL F 436 -31.46 -24.16 -19.99
N PRO F 437 -31.88 -25.05 -20.90
CA PRO F 437 -31.15 -26.27 -21.26
C PRO F 437 -29.87 -25.92 -22.00
N LEU F 438 -28.82 -26.70 -21.78
CA LEU F 438 -27.52 -26.48 -22.41
C LEU F 438 -27.68 -26.28 -23.92
N LYS F 439 -28.50 -27.10 -24.56
CA LYS F 439 -28.70 -27.02 -26.01
C LYS F 439 -29.18 -25.62 -26.41
N GLU F 440 -30.11 -25.06 -25.63
CA GLU F 440 -30.67 -23.74 -25.90
C GLU F 440 -29.65 -22.65 -25.59
N THR F 441 -28.84 -22.87 -24.56
CA THR F 441 -27.83 -21.90 -24.16
C THR F 441 -26.81 -21.74 -25.30
N ILE F 442 -26.32 -22.86 -25.82
CA ILE F 442 -25.34 -22.86 -26.90
C ILE F 442 -25.93 -22.15 -28.12
N LYS F 443 -27.12 -22.56 -28.51
CA LYS F 443 -27.82 -22.00 -29.68
C LYS F 443 -27.97 -20.48 -29.50
N GLY F 444 -28.50 -20.08 -28.36
CA GLY F 444 -28.72 -18.67 -28.09
C GLY F 444 -27.52 -17.77 -28.34
N PHE F 445 -26.36 -18.18 -27.84
CA PHE F 445 -25.14 -17.39 -28.00
C PHE F 445 -24.59 -17.53 -29.42
N GLN F 446 -24.83 -18.67 -30.08
CA GLN F 446 -24.36 -18.88 -31.45
C GLN F 446 -25.02 -17.83 -32.36
N GLN F 447 -26.33 -17.68 -32.20
CA GLN F 447 -27.12 -16.76 -32.99
C GLN F 447 -26.66 -15.32 -32.77
N ILE F 448 -26.45 -14.93 -31.52
CA ILE F 448 -26.03 -13.57 -31.20
C ILE F 448 -24.65 -13.31 -31.80
N LEU F 449 -23.75 -14.27 -31.68
CA LEU F 449 -22.40 -14.13 -32.23
C LEU F 449 -22.49 -13.99 -33.74
N ALA F 450 -23.41 -14.74 -34.35
CA ALA F 450 -23.60 -14.71 -35.80
C ALA F 450 -24.21 -13.36 -36.19
N GLY F 451 -24.59 -12.57 -35.20
CA GLY F 451 -25.18 -11.27 -35.46
C GLY F 451 -26.62 -11.33 -35.93
N GLU F 452 -27.24 -12.49 -35.77
CA GLU F 452 -28.62 -12.70 -36.19
C GLU F 452 -29.56 -11.78 -35.42
N TYR F 453 -29.10 -11.21 -34.31
CA TYR F 453 -29.98 -10.33 -33.53
C TYR F 453 -29.45 -8.90 -33.49
N ASP F 454 -28.56 -8.55 -34.42
CA ASP F 454 -28.01 -7.18 -34.45
C ASP F 454 -29.10 -6.22 -34.93
N HIS F 455 -30.06 -5.93 -34.07
CA HIS F 455 -31.17 -5.01 -34.36
C HIS F 455 -32.17 -5.06 -33.21
N LEU F 456 -31.96 -5.97 -32.26
CA LEU F 456 -32.84 -6.07 -31.10
C LEU F 456 -32.20 -5.30 -29.95
N PRO F 457 -33.02 -4.63 -29.14
CA PRO F 457 -32.52 -3.85 -28.00
C PRO F 457 -31.85 -4.77 -26.97
N GLU F 458 -30.71 -4.31 -26.45
CA GLU F 458 -29.92 -5.07 -25.49
C GLU F 458 -30.78 -5.49 -24.30
N GLN F 459 -31.66 -4.60 -23.85
CA GLN F 459 -32.53 -4.88 -22.71
C GLN F 459 -33.40 -6.11 -22.96
N ALA F 460 -33.60 -6.46 -24.23
CA ALA F 460 -34.43 -7.61 -24.59
C ALA F 460 -33.72 -8.90 -24.15
N PHE F 461 -32.44 -8.81 -23.83
CA PHE F 461 -31.68 -9.98 -23.41
C PHE F 461 -31.46 -9.95 -21.90
N TYR F 462 -31.99 -8.93 -21.24
CA TYR F 462 -31.81 -8.81 -19.79
C TYR F 462 -32.90 -9.61 -19.07
N MET F 463 -32.48 -10.44 -18.13
CA MET F 463 -33.37 -11.26 -17.31
C MET F 463 -34.33 -12.08 -18.19
N VAL F 464 -33.76 -12.92 -19.05
CA VAL F 464 -34.54 -13.78 -19.93
C VAL F 464 -34.05 -15.20 -19.75
N GLY F 465 -34.81 -16.15 -20.30
CA GLY F 465 -34.42 -17.55 -20.22
C GLY F 465 -33.88 -17.91 -21.58
N PRO F 466 -34.53 -18.83 -22.30
CA PRO F 466 -34.04 -19.21 -23.64
C PRO F 466 -34.06 -17.98 -24.55
N ILE F 467 -33.23 -17.98 -25.58
CA ILE F 467 -33.13 -16.86 -26.53
C ILE F 467 -34.52 -16.44 -27.03
N GLU F 468 -35.45 -17.37 -27.07
CA GLU F 468 -36.82 -17.11 -27.53
C GLU F 468 -37.40 -15.92 -26.76
N GLU F 469 -37.25 -15.95 -25.43
CA GLU F 469 -37.80 -14.88 -24.57
C GLU F 469 -37.18 -13.53 -24.91
N ALA F 470 -35.93 -13.53 -25.37
CA ALA F 470 -35.24 -12.30 -25.72
C ALA F 470 -35.96 -11.64 -26.89
N VAL F 471 -36.24 -12.43 -27.94
CA VAL F 471 -36.93 -11.92 -29.12
C VAL F 471 -38.34 -11.49 -28.73
N ALA F 472 -39.03 -12.35 -27.99
CA ALA F 472 -40.40 -12.08 -27.54
C ALA F 472 -40.44 -10.75 -26.79
N LYS F 473 -39.51 -10.56 -25.86
CA LYS F 473 -39.46 -9.35 -25.06
C LYS F 473 -39.17 -8.16 -25.99
N ALA F 474 -38.33 -8.39 -26.99
CA ALA F 474 -37.98 -7.34 -27.95
C ALA F 474 -39.27 -6.87 -28.65
N ASP F 475 -40.11 -7.82 -29.04
CA ASP F 475 -41.35 -7.50 -29.73
C ASP F 475 -42.25 -6.70 -28.78
N LYS F 476 -42.37 -7.15 -27.53
CA LYS F 476 -43.22 -6.48 -26.55
C LYS F 476 -42.73 -5.04 -26.36
N LEU F 477 -41.43 -4.83 -26.47
CA LEU F 477 -40.84 -3.50 -26.30
C LEU F 477 -41.17 -2.65 -27.53
N ALA F 478 -41.08 -3.26 -28.71
CA ALA F 478 -41.38 -2.60 -29.98
C ALA F 478 -40.49 -1.37 -30.13
N ALA G 1 -2.79 -3.31 -7.26
CA ALA G 1 -2.49 -1.92 -7.68
C ALA G 1 -1.08 -1.61 -7.21
N THR G 2 -0.38 -0.77 -7.97
CA THR G 2 0.99 -0.39 -7.64
C THR G 2 1.04 1.13 -7.72
N LEU G 3 1.48 1.76 -6.64
CA LEU G 3 1.57 3.23 -6.55
C LEU G 3 2.26 3.78 -7.79
N LYS G 4 3.35 3.14 -8.21
CA LYS G 4 4.12 3.59 -9.37
C LYS G 4 3.20 3.62 -10.61
N ASP G 5 2.38 2.59 -10.75
CA ASP G 5 1.47 2.48 -11.89
C ASP G 5 0.34 3.51 -11.77
N ILE G 6 -0.22 3.63 -10.57
CA ILE G 6 -1.32 4.56 -10.32
C ILE G 6 -0.86 5.98 -10.64
N THR G 7 0.33 6.34 -10.16
CA THR G 7 0.89 7.67 -10.38
C THR G 7 0.98 7.94 -11.88
N ARG G 8 1.42 6.94 -12.65
CA ARG G 8 1.57 7.09 -14.09
C ARG G 8 0.22 7.41 -14.73
N ARG G 9 -0.78 6.58 -14.47
CA ARG G 9 -2.12 6.76 -15.03
C ARG G 9 -2.71 8.09 -14.58
N LEU G 10 -2.43 8.48 -13.34
CA LEU G 10 -2.93 9.73 -12.80
C LEU G 10 -2.43 10.88 -13.66
N LYS G 11 -1.12 10.91 -13.90
CA LYS G 11 -0.51 11.98 -14.69
C LYS G 11 -1.11 12.05 -16.09
N SER G 12 -1.20 10.91 -16.77
CA SER G 12 -1.74 10.87 -18.14
C SER G 12 -3.17 11.42 -18.18
N ILE G 13 -4.05 10.89 -17.34
CA ILE G 13 -5.44 11.32 -17.32
C ILE G 13 -5.51 12.80 -16.96
N LYS G 14 -4.57 13.28 -16.16
CA LYS G 14 -4.54 14.69 -15.78
C LYS G 14 -4.21 15.51 -17.02
N ASN G 15 -3.31 15.00 -17.86
CA ASN G 15 -2.92 15.69 -19.09
C ASN G 15 -4.16 15.80 -19.96
N ILE G 16 -4.79 14.66 -20.21
CA ILE G 16 -5.99 14.56 -21.04
C ILE G 16 -7.05 15.53 -20.52
N GLN G 17 -7.13 15.69 -19.20
CA GLN G 17 -8.11 16.58 -18.57
C GLN G 17 -7.88 18.00 -19.09
N LYS G 18 -6.65 18.50 -18.93
CA LYS G 18 -6.27 19.85 -19.36
C LYS G 18 -6.51 20.01 -20.86
N ILE G 19 -5.98 19.08 -21.64
CA ILE G 19 -6.09 19.09 -23.10
C ILE G 19 -7.56 19.23 -23.51
N THR G 20 -8.39 18.31 -23.03
CA THR G 20 -9.79 18.28 -23.35
C THR G 20 -10.45 19.62 -22.96
N LYS G 21 -10.19 20.08 -21.75
CA LYS G 21 -10.77 21.33 -21.26
C LYS G 21 -10.39 22.47 -22.22
N SER G 22 -9.16 22.42 -22.71
CA SER G 22 -8.64 23.44 -23.61
C SER G 22 -9.46 23.42 -24.92
N MET G 23 -9.43 22.27 -25.60
CA MET G 23 -10.14 22.09 -26.88
C MET G 23 -11.59 22.53 -26.74
N LYS G 24 -12.20 22.25 -25.60
CA LYS G 24 -13.59 22.61 -25.35
C LYS G 24 -13.79 24.11 -25.55
N MET G 25 -12.99 24.91 -24.87
CA MET G 25 -13.10 26.37 -24.96
C MET G 25 -12.73 26.86 -26.36
N VAL G 26 -11.74 26.25 -26.98
CA VAL G 26 -11.30 26.64 -28.32
C VAL G 26 -12.48 26.49 -29.28
N ALA G 27 -13.06 25.29 -29.30
CA ALA G 27 -14.20 25.01 -30.17
C ALA G 27 -15.37 25.91 -29.80
N ALA G 28 -15.57 26.14 -28.51
CA ALA G 28 -16.66 26.97 -28.02
C ALA G 28 -16.53 28.39 -28.59
N ALA G 29 -15.30 28.90 -28.63
CA ALA G 29 -15.02 30.24 -29.15
C ALA G 29 -15.43 30.29 -30.62
N LYS G 30 -15.14 29.22 -31.35
CA LYS G 30 -15.48 29.14 -32.77
C LYS G 30 -17.00 29.08 -32.90
N TYR G 31 -17.63 28.24 -32.07
CA TYR G 31 -19.08 28.06 -32.08
C TYR G 31 -19.78 29.39 -31.83
N ALA G 32 -19.20 30.21 -30.96
CA ALA G 32 -19.78 31.52 -30.64
C ALA G 32 -19.93 32.33 -31.93
N ARG G 33 -18.86 32.42 -32.70
CA ARG G 33 -18.85 33.17 -33.96
C ARG G 33 -19.80 32.49 -34.95
N ALA G 34 -19.71 31.17 -35.04
CA ALA G 34 -20.52 30.39 -35.97
C ALA G 34 -22.01 30.65 -35.75
N GLU G 35 -22.45 30.60 -34.48
CA GLU G 35 -23.87 30.82 -34.15
C GLU G 35 -24.33 32.16 -34.70
N ARG G 36 -23.45 33.16 -34.65
CA ARG G 36 -23.78 34.49 -35.13
C ARG G 36 -23.81 34.49 -36.66
N GLU G 37 -22.83 33.84 -37.27
CA GLU G 37 -22.74 33.78 -38.74
C GLU G 37 -23.86 32.91 -39.28
N LEU G 38 -24.52 32.15 -38.41
CA LEU G 38 -25.62 31.27 -38.81
C LEU G 38 -26.75 32.11 -39.41
N LYS G 39 -26.94 33.31 -38.86
CA LYS G 39 -28.01 34.20 -39.35
C LYS G 39 -27.73 34.60 -40.81
N PRO G 40 -26.59 35.27 -41.07
CA PRO G 40 -26.28 35.68 -42.45
C PRO G 40 -26.18 34.51 -43.42
N ALA G 41 -25.78 33.35 -42.91
CA ALA G 41 -25.63 32.15 -43.73
C ALA G 41 -26.99 31.72 -44.26
N ARG G 42 -28.00 31.72 -43.40
CA ARG G 42 -29.34 31.29 -43.79
C ARG G 42 -30.11 32.43 -44.46
N VAL G 43 -29.40 33.47 -44.89
CA VAL G 43 -30.04 34.60 -45.57
C VAL G 43 -30.09 34.26 -47.06
N TYR G 44 -29.20 33.37 -47.50
CA TYR G 44 -29.14 32.97 -48.89
C TYR G 44 -30.10 31.79 -49.08
N LEU G 77 -11.74 14.03 -33.12
CA LEU G 77 -12.85 13.93 -32.13
C LEU G 77 -13.72 15.18 -32.23
N CYS G 78 -14.92 15.00 -32.79
CA CYS G 78 -15.85 16.11 -32.98
C CYS G 78 -17.26 15.56 -32.78
N GLY G 79 -17.39 14.59 -31.88
CA GLY G 79 -18.69 13.98 -31.63
C GLY G 79 -19.16 13.13 -32.81
N ALA G 80 -20.45 12.81 -32.82
CA ALA G 80 -21.02 12.00 -33.89
C ALA G 80 -21.49 12.95 -34.99
N ILE G 81 -20.54 13.38 -35.81
CA ILE G 81 -20.83 14.28 -36.93
C ILE G 81 -20.44 13.56 -38.21
N HIS G 82 -19.16 13.16 -38.29
CA HIS G 82 -18.62 12.48 -39.47
C HIS G 82 -19.34 11.16 -39.70
N SER G 83 -19.33 10.28 -38.70
CA SER G 83 -19.97 8.97 -38.81
C SER G 83 -21.43 9.12 -39.21
N SER G 84 -22.13 10.00 -38.50
CA SER G 84 -23.55 10.25 -38.72
C SER G 84 -23.83 10.55 -40.20
N VAL G 85 -23.13 11.52 -40.77
CA VAL G 85 -23.36 11.89 -42.17
C VAL G 85 -22.71 10.87 -43.10
N ALA G 86 -21.71 10.13 -42.60
CA ALA G 86 -21.02 9.12 -43.39
C ALA G 86 -21.99 7.98 -43.70
N LYS G 87 -22.73 7.55 -42.69
CA LYS G 87 -23.70 6.45 -42.83
C LYS G 87 -24.98 7.01 -43.46
N GLN G 88 -24.81 7.77 -44.53
CA GLN G 88 -25.92 8.37 -45.25
C GLN G 88 -25.36 8.90 -46.57
N MET G 89 -24.10 9.31 -46.55
CA MET G 89 -23.46 9.83 -47.76
C MET G 89 -23.14 8.64 -48.67
N LYS G 90 -22.73 7.52 -48.07
CA LYS G 90 -22.40 6.32 -48.81
C LYS G 90 -22.79 5.12 -47.95
N LEU G 209 -26.63 26.13 -56.88
CA LEU G 209 -25.29 25.56 -56.58
C LEU G 209 -24.66 26.23 -55.36
N ALA G 210 -23.88 27.29 -55.60
CA ALA G 210 -23.18 28.03 -54.55
C ALA G 210 -24.07 28.26 -53.33
N ASN G 211 -25.32 28.65 -53.56
CA ASN G 211 -26.28 28.90 -52.48
C ASN G 211 -26.31 27.72 -51.51
N ILE G 212 -26.60 26.52 -52.04
CA ILE G 212 -26.70 25.31 -51.23
C ILE G 212 -25.34 24.96 -50.62
N ILE G 213 -24.28 25.01 -51.43
CA ILE G 213 -22.94 24.67 -50.96
C ILE G 213 -22.55 25.54 -49.78
N TYR G 214 -22.75 26.85 -49.92
CA TYR G 214 -22.42 27.81 -48.87
C TYR G 214 -23.27 27.51 -47.64
N TYR G 215 -24.54 27.20 -47.88
CA TYR G 215 -25.50 26.89 -46.82
C TYR G 215 -24.97 25.73 -45.97
N SER G 216 -24.80 24.58 -46.60
CA SER G 216 -24.33 23.38 -45.92
C SER G 216 -22.97 23.62 -45.25
N LEU G 217 -22.07 24.27 -45.98
CA LEU G 217 -20.72 24.56 -45.48
C LEU G 217 -20.81 25.32 -44.16
N LYS G 218 -21.68 26.32 -44.10
CA LYS G 218 -21.84 27.13 -42.89
C LYS G 218 -22.48 26.30 -41.78
N GLU G 219 -23.32 25.34 -42.14
CA GLU G 219 -23.95 24.50 -41.14
C GLU G 219 -22.93 23.49 -40.61
N SER G 220 -22.02 23.08 -41.48
CA SER G 220 -20.98 22.12 -41.14
C SER G 220 -20.14 22.62 -39.98
N THR G 221 -19.53 23.80 -40.14
CA THR G 221 -18.66 24.38 -39.12
C THR G 221 -19.40 24.49 -37.79
N THR G 222 -20.63 25.02 -37.83
CA THR G 222 -21.43 25.19 -36.62
C THR G 222 -21.63 23.85 -35.92
N SER G 223 -22.29 22.91 -36.59
CA SER G 223 -22.58 21.59 -36.03
C SER G 223 -21.29 20.94 -35.50
N GLU G 224 -20.20 21.10 -36.24
CA GLU G 224 -18.92 20.52 -35.86
C GLU G 224 -18.45 21.09 -34.53
N GLN G 225 -18.52 22.41 -34.37
CA GLN G 225 -18.08 23.06 -33.13
C GLN G 225 -19.05 22.73 -32.00
N SER G 226 -20.32 22.54 -32.34
CA SER G 226 -21.34 22.22 -31.35
C SER G 226 -21.01 20.85 -30.73
N ALA G 227 -20.96 19.82 -31.58
CA ALA G 227 -20.70 18.46 -31.14
C ALA G 227 -19.35 18.37 -30.44
N ARG G 228 -18.34 19.06 -30.97
CA ARG G 228 -16.99 19.03 -30.40
C ARG G 228 -17.01 19.66 -29.00
N MET G 229 -17.66 20.81 -28.88
CA MET G 229 -17.75 21.51 -27.60
C MET G 229 -18.38 20.58 -26.57
N THR G 230 -19.53 20.01 -26.91
CA THR G 230 -20.25 19.11 -26.02
C THR G 230 -19.41 17.86 -25.75
N ALA G 231 -18.70 17.38 -26.76
CA ALA G 231 -17.88 16.17 -26.63
C ALA G 231 -16.81 16.41 -25.57
N MET G 232 -15.92 17.36 -25.84
CA MET G 232 -14.83 17.69 -24.93
C MET G 232 -15.38 18.06 -23.56
N ASP G 233 -16.50 18.77 -23.55
CA ASP G 233 -17.14 19.19 -22.30
C ASP G 233 -17.26 17.97 -21.39
N ASN G 234 -17.96 16.95 -21.89
CA ASN G 234 -18.19 15.74 -21.12
C ASN G 234 -16.91 14.93 -20.98
N ALA G 235 -16.02 15.01 -21.96
CA ALA G 235 -14.76 14.25 -21.94
C ALA G 235 -13.92 14.68 -20.72
N SER G 236 -13.73 15.99 -20.54
CA SER G 236 -12.94 16.49 -19.42
C SER G 236 -13.64 16.12 -18.10
N LYS G 237 -14.97 16.17 -18.11
CA LYS G 237 -15.76 15.84 -16.92
C LYS G 237 -15.48 14.39 -16.53
N ASN G 238 -15.49 13.50 -17.52
CA ASN G 238 -15.23 12.07 -17.29
C ASN G 238 -13.80 11.91 -16.79
N ALA G 239 -12.88 12.65 -17.40
CA ALA G 239 -11.47 12.59 -17.02
C ALA G 239 -11.31 12.95 -15.55
N SER G 240 -11.93 14.06 -15.14
CA SER G 240 -11.86 14.56 -13.77
C SER G 240 -12.32 13.46 -12.80
N GLU G 241 -13.45 12.83 -13.10
CA GLU G 241 -14.01 11.78 -12.24
C GLU G 241 -13.01 10.64 -12.14
N MET G 242 -12.44 10.25 -13.27
CA MET G 242 -11.48 9.17 -13.32
C MET G 242 -10.29 9.50 -12.44
N ILE G 243 -9.89 10.78 -12.42
CA ILE G 243 -8.76 11.22 -11.61
C ILE G 243 -9.09 11.01 -10.13
N ASP G 244 -10.19 11.59 -9.67
CA ASP G 244 -10.61 11.50 -8.27
C ASP G 244 -10.66 10.03 -7.84
N LYS G 245 -11.17 9.18 -8.72
CA LYS G 245 -11.29 7.74 -8.44
C LYS G 245 -9.89 7.15 -8.24
N LEU G 246 -8.95 7.53 -9.10
CA LEU G 246 -7.57 7.02 -9.01
C LEU G 246 -6.89 7.56 -7.76
N THR G 247 -7.17 8.82 -7.41
CA THR G 247 -6.56 9.43 -6.23
C THR G 247 -7.01 8.65 -4.99
N LEU G 248 -8.29 8.26 -4.96
CA LEU G 248 -8.83 7.51 -3.83
C LEU G 248 -8.15 6.14 -3.76
N THR G 249 -8.08 5.45 -4.89
CA THR G 249 -7.46 4.13 -4.95
C THR G 249 -5.98 4.27 -4.58
N PHE G 250 -5.38 5.38 -4.98
CA PHE G 250 -3.98 5.65 -4.71
C PHE G 250 -3.79 5.72 -3.20
N ASN G 251 -4.53 6.60 -2.55
CA ASN G 251 -4.45 6.80 -1.10
C ASN G 251 -4.68 5.48 -0.36
N ARG G 252 -5.55 4.63 -0.90
CA ARG G 252 -5.83 3.34 -0.27
C ARG G 252 -4.56 2.49 -0.32
N THR G 253 -3.96 2.40 -1.51
CA THR G 253 -2.74 1.62 -1.71
C THR G 253 -1.64 2.21 -0.84
N ARG G 254 -1.60 3.54 -0.74
CA ARG G 254 -0.59 4.25 0.04
C ARG G 254 -0.64 3.81 1.50
N GLN G 255 -1.83 3.89 2.10
CA GLN G 255 -1.99 3.51 3.51
C GLN G 255 -1.64 2.03 3.68
N ALA G 256 -2.19 1.19 2.80
CA ALA G 256 -1.98 -0.24 2.86
C ALA G 256 -0.49 -0.55 2.88
N VAL G 257 0.26 0.07 1.97
CA VAL G 257 1.69 -0.13 1.85
C VAL G 257 2.37 0.07 3.21
N ILE G 258 2.19 1.26 3.78
CA ILE G 258 2.80 1.61 5.06
C ILE G 258 2.45 0.55 6.10
N THR G 259 1.16 0.24 6.23
CA THR G 259 0.69 -0.73 7.22
C THR G 259 1.35 -2.08 7.01
N LYS G 260 1.44 -2.53 5.76
CA LYS G 260 2.03 -3.84 5.44
C LYS G 260 3.47 -3.89 5.93
N GLU G 261 4.32 -2.99 5.41
CA GLU G 261 5.74 -2.95 5.78
C GLU G 261 5.88 -2.91 7.29
N LEU G 262 5.17 -1.97 7.91
CA LEU G 262 5.22 -1.79 9.35
C LEU G 262 4.91 -3.10 10.07
N ILE G 263 3.86 -3.80 9.64
CA ILE G 263 3.47 -5.06 10.26
C ILE G 263 4.63 -6.05 10.11
N GLU G 264 5.21 -6.12 8.93
CA GLU G 264 6.31 -7.03 8.65
C GLU G 264 7.48 -6.73 9.59
N ILE G 265 7.69 -5.45 9.91
CA ILE G 265 8.78 -5.01 10.79
C ILE G 265 8.48 -5.46 12.23
N ILE G 266 7.28 -5.15 12.71
CA ILE G 266 6.85 -5.49 14.07
C ILE G 266 6.98 -6.99 14.28
N SER G 267 6.39 -7.79 13.39
CA SER G 267 6.42 -9.24 13.47
C SER G 267 7.87 -9.72 13.52
N GLY G 268 8.66 -9.31 12.53
CA GLY G 268 10.06 -9.69 12.46
C GLY G 268 10.81 -9.43 13.75
N ALA G 269 10.50 -8.31 14.40
CA ALA G 269 11.14 -7.93 15.64
C ALA G 269 10.62 -8.82 16.77
N ALA G 270 9.30 -9.01 16.80
CA ALA G 270 8.66 -9.81 17.85
C ALA G 270 8.81 -11.30 17.55
N ALA G 271 10.03 -11.74 17.25
CA ALA G 271 10.30 -13.14 16.95
C ALA G 271 11.77 -13.41 17.23
N LEU G 272 12.40 -12.48 17.96
CA LEU G 272 13.80 -12.60 18.30
C LEU G 272 13.89 -13.09 19.75
MG MG H . 24.79 15.78 -2.88
PG ATP I . 23.24 13.70 -5.05
O1G ATP I . 21.83 13.40 -4.76
O2G ATP I . 23.93 14.66 -4.09
O3G ATP I . 24.07 12.60 -5.58
PB ATP I . 22.24 15.96 -6.28
O1B ATP I . 20.79 15.65 -6.45
O2B ATP I . 22.70 16.72 -5.08
O3B ATP I . 23.07 14.62 -6.34
PA ATP I . 24.12 17.39 -7.74
O1A ATP I . 24.16 18.62 -6.90
O2A ATP I . 25.14 16.32 -7.54
O3A ATP I . 22.68 16.76 -7.59
O5' ATP I . 24.05 17.80 -9.28
C5' ATP I . 23.71 16.83 -10.26
C4' ATP I . 24.03 17.35 -11.64
O4' ATP I . 23.13 18.43 -11.97
C3' ATP I . 25.41 17.93 -11.83
O3' ATP I . 26.36 16.92 -12.10
C2' ATP I . 25.22 18.83 -13.05
O2' ATP I . 25.33 18.11 -14.26
C1' ATP I . 23.78 19.31 -12.87
N9 ATP I . 23.64 20.68 -12.38
C8 ATP I . 23.64 21.12 -11.07
N7 ATP I . 23.47 22.42 -10.95
C5 ATP I . 23.35 22.85 -12.26
C6 ATP I . 23.15 24.14 -12.82
N6 ATP I . 23.03 25.25 -12.09
N1 ATP I . 23.10 24.23 -14.17
C2 ATP I . 23.22 23.11 -14.89
N3 ATP I . 23.40 21.85 -14.49
C4 ATP I . 23.47 21.79 -13.15
MG MG J . -24.29 9.66 13.95
PG ATP K . -22.10 11.63 11.96
O1G ATP K . -21.31 10.99 10.88
O2G ATP K . -22.81 10.71 12.91
O3G ATP K . -21.55 12.89 12.52
PB ATP K . -24.41 11.21 10.44
O1B ATP K . -23.80 10.54 9.27
O2B ATP K . -24.99 10.38 11.55
O3B ATP K . -23.33 12.19 11.09
PA ATP K . -26.69 12.76 10.79
O1A ATP K . -27.76 11.73 10.83
O2A ATP K . -26.08 13.21 12.07
O3A ATP K . -25.53 12.19 9.87
O5' ATP K . -27.19 14.02 9.96
C5' ATP K . -26.36 15.16 9.84
C4' ATP K . -27.19 16.36 9.44
O4' ATP K . -27.76 16.12 8.13
C3' ATP K . -28.40 16.64 10.32
O3' ATP K . -28.03 17.40 11.47
C2' ATP K . -29.30 17.43 9.39
O2' ATP K . -28.92 18.79 9.27
C1' ATP K . -29.04 16.72 8.06
N9 ATP K . -30.01 15.66 7.76
C8 ATP K . -29.90 14.33 8.04
N7 ATP K . -30.94 13.62 7.67
C5 ATP K . -31.79 14.56 7.10
C6 ATP K . -33.06 14.45 6.51
N6 ATP K . -33.73 13.30 6.39
N1 ATP K . -33.64 15.58 6.05
C2 ATP K . -32.98 16.73 6.18
N3 ATP K . -31.78 16.96 6.71
C4 ATP K . -31.23 15.82 7.15
MG MG L . -0.98 -26.36 -13.20
PG ATP M . -3.37 -24.18 -12.73
O1G ATP M . -2.91 -22.85 -12.29
O2G ATP M . -2.31 -25.24 -12.86
O3G ATP M . -4.69 -24.62 -12.23
PB ATP M . -2.55 -23.43 -15.27
O1B ATP M . -2.25 -22.00 -15.03
O2B ATP M . -1.45 -24.43 -15.17
O3B ATP M . -3.69 -23.87 -14.26
PA ATP M . -3.50 -24.91 -17.41
O1A ATP M . -2.23 -25.45 -17.94
O2A ATP M . -4.32 -25.73 -16.49
O3A ATP M . -3.20 -23.52 -16.72
O5' ATP M . -4.40 -24.44 -18.64
C5' ATP M . -5.76 -24.09 -18.45
C4' ATP M . -6.57 -24.45 -19.67
O4' ATP M . -6.13 -23.64 -20.78
C3' ATP M . -6.39 -25.88 -20.16
O3' ATP M . -7.23 -26.78 -19.43
C2' ATP M . -6.81 -25.76 -21.62
O2' ATP M . -8.20 -25.84 -21.83
C1' ATP M . -6.29 -24.38 -21.98
N9 ATP M . -5.01 -24.39 -22.69
C8 ATP M . -3.75 -24.50 -22.16
N7 ATP M . -2.80 -24.51 -23.08
C5 ATP M . -3.49 -24.40 -24.28
C6 ATP M . -3.05 -24.36 -25.61
N6 ATP M . -1.77 -24.43 -25.98
N1 ATP M . -3.99 -24.26 -26.58
C2 ATP M . -5.28 -24.19 -26.20
N3 ATP M . -5.81 -24.22 -24.99
C4 ATP M . -4.84 -24.33 -24.05
MG MG N . 22.71 -10.51 -15.03
PB ADP O . 20.17 -9.35 -16.58
O1B ADP O . 20.15 -7.89 -16.84
O2B ADP O . 21.40 -9.98 -15.99
O3B ADP O . 18.94 -9.71 -15.64
PA ADP O . 20.79 -10.19 -19.15
O1A ADP O . 21.65 -8.97 -19.11
O2A ADP O . 21.43 -11.52 -19.12
O3A ADP O . 19.78 -10.10 -17.93
O5' ADP O . 19.85 -10.10 -20.44
C5' ADP O . 18.67 -10.90 -20.52
C4' ADP O . 18.29 -11.13 -21.96
O4' ADP O . 18.01 -9.86 -22.59
C3' ADP O . 19.37 -11.75 -22.82
O3' ADP O . 19.36 -13.17 -22.72
C2' ADP O . 18.98 -11.29 -24.22
O2' ADP O . 17.95 -12.08 -24.80
C1' ADP O . 18.46 -9.88 -23.94
N9 ADP O . 19.50 -8.86 -24.07
C8 ADP O . 20.26 -8.29 -23.09
N7 ADP O . 21.11 -7.39 -23.53
C5 ADP O . 20.90 -7.36 -24.89
C6 ADP O . 21.48 -6.62 -25.93
N6 ADP O . 22.45 -5.72 -25.74
N1 ADP O . 21.05 -6.84 -27.19
C2 ADP O . 20.07 -7.75 -27.38
N3 ADP O . 19.44 -8.51 -26.49
C4 ADP O . 19.91 -8.26 -25.25
P PO4 P . -0.81 34.31 7.48
O1 PO4 P . -1.37 34.79 8.76
O2 PO4 P . 0.55 33.76 7.69
O3 PO4 P . -1.68 33.25 6.93
O4 PO4 P . -0.74 35.43 6.52
MG MG Q . -24.62 -15.98 2.09
PG ATP R . -23.21 -12.98 2.21
O1G ATP R . -21.79 -12.96 1.82
O2G ATP R . -23.83 -14.34 2.43
O3G ATP R . -23.65 -11.90 3.13
PB ATP R . -24.04 -13.53 -0.38
O1B ATP R . -22.82 -13.45 -1.23
O2B ATP R . -24.50 -14.85 0.14
O3B ATP R . -23.90 -12.52 0.85
PA ATP R . -26.72 -13.35 -1.02
O1A ATP R . -26.83 -14.65 -1.72
O2A ATP R . -27.05 -13.27 0.43
O3A ATP R . -25.23 -12.86 -1.21
O5' ATP R . -27.55 -12.24 -1.80
C5' ATP R . -27.57 -10.89 -1.35
C4' ATP R . -28.51 -10.07 -2.20
O4' ATP R . -28.03 -10.05 -3.56
C3' ATP R . -29.93 -10.62 -2.31
O3' ATP R . -30.73 -10.20 -1.20
C2' ATP R . -30.41 -10.00 -3.61
O2' ATP R . -30.86 -8.67 -3.45
C1' ATP R . -29.14 -10.03 -4.45
N9 ATP R . -29.04 -11.19 -5.33
C8 ATP R . -28.24 -12.29 -5.21
N7 ATP R . -28.38 -13.17 -6.18
C5 ATP R . -29.34 -12.60 -6.99
C6 ATP R . -29.94 -13.02 -8.19
N6 ATP R . -29.64 -14.18 -8.79
N1 ATP R . -30.87 -12.22 -8.76
C2 ATP R . -31.18 -11.07 -8.14
N3 ATP R . -30.68 -10.56 -7.02
C4 ATP R . -29.76 -11.38 -6.48
#